data_7S5J
#
_entry.id   7S5J
#
loop_
_entity.id
_entity.type
_entity.pdbx_description
1 polymer 'Peptidase C39'
2 polymer 'CtA peptide'
#
loop_
_entity_poly.entity_id
_entity_poly.type
_entity_poly.pdbx_seq_one_letter_code
_entity_poly.pdbx_strand_id
1 'polypeptide(L)'
;SNAMLRRLFKKKYVCVRQYDLTDAGAACLSSIAQYYGLKMSLAKIREMTGTDTQGTNAYGLIHAAKQLGFSAKGVKASKE
DLLKDFRLPAIANVIVDNRLAHFVVIYSIKNRIITVADPGKGIVRYSMDDFCSIWTGGLVLLEPGEAFQKG
;
A
2 'polypeptide(L)' LNIGRELTDEELMEMTGGSTFSIQ B
#
# COMPACT_ATOMS: atom_id res chain seq x y z
N SER A 1 -12.64 22.57 27.98
CA SER A 1 -11.97 21.30 27.65
C SER A 1 -13.00 20.31 27.10
N ASN A 2 -12.51 19.20 26.55
CA ASN A 2 -13.38 18.18 25.96
C ASN A 2 -14.22 18.76 24.82
N ALA A 3 -13.57 19.51 23.94
CA ALA A 3 -14.24 20.15 22.82
C ALA A 3 -14.65 19.12 21.78
N MET A 4 -13.80 18.13 21.57
CA MET A 4 -14.06 17.08 20.59
C MET A 4 -13.37 15.79 21.00
N LEU A 5 -14.07 14.68 20.90
CA LEU A 5 -13.48 13.39 21.19
C LEU A 5 -12.75 12.87 19.95
N ARG A 6 -11.51 13.32 19.80
CA ARG A 6 -10.69 12.91 18.68
C ARG A 6 -10.34 11.44 18.76
N ARG A 7 -10.92 10.65 17.87
CA ARG A 7 -10.66 9.23 17.83
C ARG A 7 -9.29 8.96 17.24
N LEU A 8 -8.44 8.28 18.02
CA LEU A 8 -7.07 8.00 17.63
C LEU A 8 -6.33 9.30 17.35
N PHE A 9 -6.18 10.11 18.39
CA PHE A 9 -5.53 11.43 18.28
C PHE A 9 -4.02 11.30 18.46
N LYS A 10 -3.50 10.12 18.17
CA LYS A 10 -2.09 9.83 18.34
C LYS A 10 -1.62 8.87 17.26
N LYS A 11 -0.35 8.95 16.92
CA LYS A 11 0.22 8.07 15.93
C LYS A 11 0.87 6.87 16.60
N LYS A 12 0.65 5.70 16.05
CA LYS A 12 1.18 4.47 16.63
C LYS A 12 1.97 3.70 15.59
N TYR A 13 2.76 2.75 16.07
CA TYR A 13 3.53 1.88 15.20
C TYR A 13 2.81 0.55 15.06
N VAL A 14 2.50 0.18 13.83
CA VAL A 14 1.82 -1.08 13.56
C VAL A 14 2.86 -2.19 13.42
N CYS A 15 2.94 -3.05 14.43
CA CYS A 15 3.93 -4.12 14.43
C CYS A 15 3.38 -5.34 13.70
N VAL A 16 3.57 -5.35 12.39
CA VAL A 16 3.13 -6.46 11.56
C VAL A 16 4.22 -7.52 11.48
N ARG A 17 3.88 -8.75 11.80
CA ARG A 17 4.87 -9.83 11.81
C ARG A 17 5.06 -10.36 10.40
N GLN A 18 6.27 -10.19 9.88
CA GLN A 18 6.58 -10.59 8.52
C GLN A 18 6.92 -12.07 8.44
N TYR A 19 6.41 -12.73 7.42
CA TYR A 19 6.68 -14.14 7.22
C TYR A 19 7.58 -14.33 6.01
N ASP A 20 7.07 -14.02 4.84
CA ASP A 20 7.86 -14.06 3.62
C ASP A 20 7.76 -12.72 2.89
N LEU A 21 8.67 -12.48 1.96
CA LEU A 21 8.69 -11.22 1.22
C LEU A 21 7.51 -11.11 0.26
N THR A 22 6.90 -12.25 -0.04
CA THR A 22 5.71 -12.26 -0.89
C THR A 22 4.47 -11.82 -0.10
N ASP A 23 4.55 -11.93 1.22
CA ASP A 23 3.47 -11.49 2.10
C ASP A 23 3.34 -9.97 2.08
N ALA A 24 4.38 -9.31 1.57
CA ALA A 24 4.44 -7.85 1.53
C ALA A 24 3.14 -7.22 1.05
N GLY A 25 2.52 -7.82 0.02
CA GLY A 25 1.28 -7.29 -0.49
C GLY A 25 0.16 -7.30 0.54
N ALA A 26 0.03 -8.43 1.24
CA ALA A 26 -0.98 -8.57 2.27
C ALA A 26 -0.62 -7.74 3.51
N ALA A 27 0.69 -7.64 3.76
CA ALA A 27 1.20 -6.87 4.89
C ALA A 27 0.86 -5.40 4.73
N CYS A 28 0.89 -4.91 3.51
CA CYS A 28 0.52 -3.54 3.22
C CYS A 28 -0.94 -3.28 3.60
N LEU A 29 -1.83 -4.11 3.07
CA LEU A 29 -3.26 -4.00 3.36
C LEU A 29 -3.50 -4.06 4.86
N SER A 30 -2.77 -4.95 5.52
CA SER A 30 -2.86 -5.11 6.97
C SER A 30 -2.45 -3.83 7.69
N SER A 31 -1.35 -3.22 7.24
CA SER A 31 -0.80 -2.04 7.88
C SER A 31 -1.81 -0.90 7.94
N ILE A 32 -2.48 -0.62 6.84
CA ILE A 32 -3.45 0.47 6.80
C ILE A 32 -4.66 0.15 7.67
N ALA A 33 -5.15 -1.07 7.55
CA ALA A 33 -6.33 -1.50 8.31
C ALA A 33 -6.09 -1.37 9.81
N GLN A 34 -5.00 -1.95 10.28
CA GLN A 34 -4.68 -1.95 11.71
C GLN A 34 -4.32 -0.55 12.20
N TYR A 35 -3.89 0.30 11.26
CA TYR A 35 -3.55 1.68 11.59
C TYR A 35 -4.80 2.43 12.06
N TYR A 36 -5.94 2.09 11.47
CA TYR A 36 -7.20 2.72 11.83
C TYR A 36 -7.97 1.91 12.87
N GLY A 37 -7.32 0.88 13.40
CA GLY A 37 -7.92 0.10 14.47
C GLY A 37 -8.61 -1.16 13.99
N LEU A 38 -8.66 -1.35 12.68
CA LEU A 38 -9.30 -2.54 12.11
C LEU A 38 -8.39 -3.74 12.27
N LYS A 39 -8.86 -4.76 12.96
CA LYS A 39 -8.04 -5.91 13.28
C LYS A 39 -7.98 -6.88 12.10
N MET A 40 -7.19 -6.54 11.11
CA MET A 40 -7.00 -7.39 9.95
C MET A 40 -5.53 -7.75 9.80
N SER A 41 -5.20 -9.00 10.11
CA SER A 41 -3.83 -9.47 10.09
C SER A 41 -3.45 -9.95 8.69
N LEU A 42 -2.19 -9.74 8.32
CA LEU A 42 -1.68 -10.09 7.00
C LEU A 42 -1.86 -11.57 6.69
N ALA A 43 -1.92 -12.39 7.73
CA ALA A 43 -2.15 -13.82 7.56
C ALA A 43 -3.54 -14.06 7.00
N LYS A 44 -4.54 -13.45 7.62
CA LYS A 44 -5.92 -13.57 7.17
C LYS A 44 -6.11 -12.86 5.84
N ILE A 45 -5.37 -11.77 5.66
CA ILE A 45 -5.43 -11.00 4.42
C ILE A 45 -4.85 -11.80 3.26
N ARG A 46 -3.89 -12.67 3.55
CA ARG A 46 -3.27 -13.49 2.52
C ARG A 46 -4.29 -14.39 1.85
N GLU A 47 -5.06 -15.12 2.66
CA GLU A 47 -6.10 -16.01 2.13
C GLU A 47 -7.27 -15.20 1.59
N MET A 48 -7.43 -13.99 2.08
CA MET A 48 -8.47 -13.09 1.59
C MET A 48 -8.18 -12.60 0.18
N THR A 49 -6.94 -12.18 -0.05
CA THR A 49 -6.58 -11.56 -1.32
C THR A 49 -6.16 -12.60 -2.37
N GLY A 50 -6.14 -13.86 -1.97
CA GLY A 50 -5.71 -14.91 -2.86
C GLY A 50 -4.24 -14.76 -3.20
N THR A 51 -3.44 -14.40 -2.19
CA THR A 51 -2.03 -14.07 -2.38
C THR A 51 -1.30 -15.14 -3.17
N ASP A 52 -0.76 -14.74 -4.31
CA ASP A 52 0.04 -15.63 -5.12
C ASP A 52 1.51 -15.49 -4.73
N THR A 53 2.15 -16.60 -4.40
CA THR A 53 3.50 -16.58 -3.89
C THR A 53 4.53 -16.34 -5.00
N GLN A 54 4.07 -16.29 -6.23
CA GLN A 54 4.95 -16.00 -7.36
C GLN A 54 4.64 -14.64 -7.93
N GLY A 55 3.43 -14.15 -7.67
CA GLY A 55 3.05 -12.85 -8.16
C GLY A 55 1.80 -12.31 -7.49
N THR A 56 1.95 -11.78 -6.28
CA THR A 56 0.85 -11.12 -5.60
C THR A 56 0.48 -9.84 -6.34
N ASN A 57 -0.63 -9.88 -7.04
CA ASN A 57 -1.06 -8.76 -7.86
C ASN A 57 -2.04 -7.87 -7.10
N ALA A 58 -2.12 -6.63 -7.56
CA ALA A 58 -2.95 -5.62 -6.92
C ALA A 58 -4.43 -5.85 -7.22
N TYR A 59 -4.68 -6.66 -8.25
CA TYR A 59 -6.04 -6.98 -8.67
C TYR A 59 -6.77 -7.75 -7.58
N GLY A 60 -6.07 -8.69 -6.95
CA GLY A 60 -6.66 -9.46 -5.88
C GLY A 60 -6.76 -8.66 -4.58
N LEU A 61 -5.75 -7.83 -4.33
CA LEU A 61 -5.69 -7.04 -3.10
C LEU A 61 -6.93 -6.15 -2.96
N ILE A 62 -7.19 -5.34 -3.98
CA ILE A 62 -8.26 -4.35 -3.95
C ILE A 62 -9.64 -5.01 -3.75
N HIS A 63 -9.89 -6.10 -4.47
CA HIS A 63 -11.16 -6.80 -4.39
C HIS A 63 -11.41 -7.35 -2.99
N ALA A 64 -10.39 -7.92 -2.40
CA ALA A 64 -10.51 -8.52 -1.08
C ALA A 64 -10.74 -7.47 0.00
N ALA A 65 -10.07 -6.32 -0.15
CA ALA A 65 -10.27 -5.21 0.76
C ALA A 65 -11.72 -4.77 0.76
N LYS A 66 -12.29 -4.66 -0.42
CA LYS A 66 -13.67 -4.24 -0.58
C LYS A 66 -14.63 -5.29 -0.05
N GLN A 67 -14.18 -6.54 0.02
CA GLN A 67 -14.97 -7.62 0.61
C GLN A 67 -15.10 -7.42 2.12
N LEU A 68 -14.14 -6.70 2.69
CA LEU A 68 -14.16 -6.38 4.11
C LEU A 68 -14.99 -5.15 4.37
N GLY A 69 -15.46 -4.53 3.29
CA GLY A 69 -16.15 -3.26 3.39
C GLY A 69 -15.17 -2.11 3.37
N PHE A 70 -13.89 -2.44 3.30
CA PHE A 70 -12.84 -1.44 3.25
C PHE A 70 -12.65 -0.97 1.81
N SER A 71 -13.25 0.17 1.49
CA SER A 71 -13.24 0.68 0.13
C SER A 71 -11.83 1.00 -0.36
N ALA A 72 -11.53 0.53 -1.56
CA ALA A 72 -10.23 0.72 -2.17
C ALA A 72 -10.38 0.99 -3.66
N LYS A 73 -9.49 1.79 -4.21
CA LYS A 73 -9.52 2.08 -5.64
C LYS A 73 -8.11 2.00 -6.23
N GLY A 74 -8.04 1.47 -7.44
CA GLY A 74 -6.77 1.33 -8.12
C GLY A 74 -6.58 2.41 -9.15
N VAL A 75 -5.79 3.41 -8.81
CA VAL A 75 -5.65 4.58 -9.64
C VAL A 75 -4.21 4.77 -10.10
N LYS A 76 -4.03 5.62 -11.10
CA LYS A 76 -2.70 5.93 -11.61
C LYS A 76 -2.41 7.41 -11.44
N ALA A 77 -1.36 7.71 -10.69
CA ALA A 77 -0.98 9.08 -10.40
C ALA A 77 0.50 9.27 -10.63
N SER A 78 0.88 10.44 -11.09
CA SER A 78 2.28 10.73 -11.40
C SER A 78 2.97 11.37 -10.21
N LYS A 79 4.29 11.53 -10.29
CA LYS A 79 5.07 12.11 -9.21
C LYS A 79 4.56 13.49 -8.82
N GLU A 80 4.03 14.23 -9.79
CA GLU A 80 3.50 15.57 -9.54
C GLU A 80 2.25 15.51 -8.67
N ASP A 81 1.54 14.39 -8.74
CA ASP A 81 0.31 14.21 -7.97
C ASP A 81 0.63 13.98 -6.51
N LEU A 82 1.83 13.51 -6.25
CA LEU A 82 2.28 13.23 -4.89
C LEU A 82 2.30 14.49 -4.03
N LEU A 83 2.45 15.64 -4.67
CA LEU A 83 2.49 16.91 -3.95
C LEU A 83 1.12 17.58 -3.93
N LYS A 84 0.10 16.87 -4.38
CA LYS A 84 -1.24 17.43 -4.44
C LYS A 84 -2.06 17.06 -3.20
N ASP A 85 -2.89 16.03 -3.32
CA ASP A 85 -3.80 15.67 -2.24
C ASP A 85 -3.40 14.34 -1.62
N PHE A 86 -2.10 14.09 -1.55
CA PHE A 86 -1.62 12.83 -1.02
C PHE A 86 -1.45 12.91 0.48
N ARG A 87 -2.36 12.27 1.16
CA ARG A 87 -2.42 12.25 2.60
C ARG A 87 -2.94 10.90 3.06
N LEU A 88 -2.78 9.91 2.20
CA LEU A 88 -3.35 8.60 2.42
C LEU A 88 -2.28 7.59 2.74
N PRO A 89 -2.55 6.69 3.68
CA PRO A 89 -1.87 5.42 3.72
C PRO A 89 -2.31 4.62 2.48
N ALA A 90 -1.37 4.25 1.64
CA ALA A 90 -1.73 3.68 0.34
C ALA A 90 -0.76 2.60 -0.08
N ILE A 91 -1.28 1.63 -0.82
CA ILE A 91 -0.47 0.55 -1.35
C ILE A 91 0.03 0.90 -2.74
N ALA A 92 1.30 1.28 -2.83
CA ALA A 92 1.89 1.67 -4.11
C ALA A 92 2.76 0.57 -4.68
N ASN A 93 2.87 0.54 -6.01
CA ASN A 93 3.64 -0.49 -6.69
C ASN A 93 5.04 0.01 -7.03
N VAL A 94 6.05 -0.65 -6.47
CA VAL A 94 7.43 -0.31 -6.74
C VAL A 94 8.19 -1.53 -7.22
N ILE A 95 9.03 -1.34 -8.23
CA ILE A 95 9.83 -2.42 -8.79
C ILE A 95 11.30 -2.03 -8.78
N VAL A 96 12.09 -2.76 -8.01
CA VAL A 96 13.50 -2.41 -7.84
C VAL A 96 14.31 -2.92 -9.01
N ASP A 97 14.86 -1.99 -9.77
CA ASP A 97 15.79 -2.30 -10.85
C ASP A 97 15.15 -3.22 -11.90
N ASN A 98 13.82 -3.13 -12.00
CA ASN A 98 13.05 -3.92 -12.95
C ASN A 98 13.18 -5.42 -12.66
N ARG A 99 13.46 -5.74 -11.39
CA ARG A 99 13.66 -7.14 -11.01
C ARG A 99 12.64 -7.58 -9.98
N LEU A 100 12.71 -6.97 -8.81
CA LEU A 100 11.87 -7.37 -7.69
C LEU A 100 10.72 -6.41 -7.52
N ALA A 101 9.50 -6.91 -7.61
CA ALA A 101 8.31 -6.08 -7.46
C ALA A 101 7.72 -6.22 -6.06
N HIS A 102 7.50 -5.10 -5.41
CA HIS A 102 6.93 -5.07 -4.06
C HIS A 102 5.94 -3.94 -3.91
N PHE A 103 5.08 -4.06 -2.92
CA PHE A 103 4.19 -2.97 -2.56
C PHE A 103 4.73 -2.24 -1.33
N VAL A 104 4.69 -0.92 -1.38
CA VAL A 104 5.07 -0.11 -0.23
C VAL A 104 3.91 0.79 0.18
N VAL A 105 3.79 1.02 1.48
CA VAL A 105 2.71 1.85 2.00
C VAL A 105 3.14 3.31 2.08
N ILE A 106 2.51 4.15 1.29
CA ILE A 106 2.80 5.57 1.32
C ILE A 106 2.07 6.20 2.51
N TYR A 107 2.74 7.09 3.21
CA TYR A 107 2.10 7.83 4.29
C TYR A 107 1.83 9.28 3.85
N SER A 108 2.89 9.95 3.42
CA SER A 108 2.77 11.33 2.96
C SER A 108 4.00 11.70 2.14
N ILE A 109 3.84 12.68 1.26
CA ILE A 109 4.95 13.15 0.45
C ILE A 109 5.18 14.63 0.71
N LYS A 110 6.36 14.96 1.22
CA LYS A 110 6.68 16.34 1.55
C LYS A 110 8.17 16.60 1.37
N ASN A 111 8.49 17.80 0.88
CA ASN A 111 9.87 18.21 0.61
C ASN A 111 10.51 17.29 -0.41
N ARG A 112 9.68 16.81 -1.35
CA ARG A 112 10.10 15.89 -2.41
C ARG A 112 10.50 14.54 -1.83
N ILE A 113 10.14 14.29 -0.58
CA ILE A 113 10.46 13.04 0.07
C ILE A 113 9.20 12.23 0.31
N ILE A 114 9.23 10.98 -0.15
CA ILE A 114 8.08 10.10 -0.02
C ILE A 114 8.30 9.15 1.16
N THR A 115 7.49 9.30 2.19
CA THR A 115 7.57 8.45 3.36
C THR A 115 6.81 7.16 3.12
N VAL A 116 7.54 6.05 3.05
CA VAL A 116 6.93 4.76 2.77
C VAL A 116 7.22 3.76 3.89
N ALA A 117 6.28 2.84 4.08
CA ALA A 117 6.47 1.73 4.99
C ALA A 117 6.62 0.45 4.18
N ASP A 118 7.86 0.05 4.00
CA ASP A 118 8.19 -1.13 3.24
C ASP A 118 8.10 -2.36 4.14
N PRO A 119 7.28 -3.35 3.79
CA PRO A 119 7.11 -4.58 4.59
C PRO A 119 8.40 -5.36 4.79
N GLY A 120 9.37 -5.14 3.90
CA GLY A 120 10.64 -5.82 4.01
C GLY A 120 11.67 -5.01 4.77
N LYS A 121 11.37 -3.73 4.94
CA LYS A 121 12.28 -2.81 5.62
C LYS A 121 11.57 -2.18 6.81
N GLY A 122 12.22 -1.21 7.45
CA GLY A 122 11.53 -0.44 8.46
C GLY A 122 10.73 0.69 7.86
N ILE A 123 10.93 1.90 8.36
CA ILE A 123 10.31 3.07 7.78
C ILE A 123 11.35 3.85 6.98
N VAL A 124 11.29 3.72 5.67
CA VAL A 124 12.29 4.31 4.80
C VAL A 124 11.69 5.47 4.01
N ARG A 125 12.45 6.54 3.90
CA ARG A 125 12.00 7.72 3.18
C ARG A 125 12.87 7.95 1.96
N TYR A 126 12.26 7.83 0.79
CA TYR A 126 12.97 8.00 -0.47
C TYR A 126 12.68 9.36 -1.06
N SER A 127 13.69 9.97 -1.65
CA SER A 127 13.51 11.22 -2.36
C SER A 127 12.78 10.94 -3.67
N MET A 128 12.30 11.98 -4.35
CA MET A 128 11.66 11.81 -5.64
C MET A 128 12.59 11.07 -6.59
N ASP A 129 13.86 11.44 -6.53
CA ASP A 129 14.88 10.82 -7.38
C ASP A 129 14.95 9.32 -7.12
N ASP A 130 15.02 8.94 -5.85
CA ASP A 130 15.09 7.53 -5.48
C ASP A 130 13.79 6.81 -5.78
N PHE A 131 12.69 7.41 -5.36
CA PHE A 131 11.37 6.79 -5.44
C PHE A 131 10.97 6.53 -6.88
N CYS A 132 11.05 7.56 -7.72
CA CYS A 132 10.62 7.43 -9.12
C CYS A 132 11.47 6.43 -9.89
N SER A 133 12.67 6.16 -9.39
CA SER A 133 13.57 5.20 -10.02
C SER A 133 13.00 3.78 -9.95
N ILE A 134 12.32 3.47 -8.85
CA ILE A 134 11.76 2.13 -8.66
C ILE A 134 10.24 2.14 -8.82
N TRP A 135 9.62 3.27 -8.53
CA TRP A 135 8.18 3.40 -8.64
C TRP A 135 7.79 3.72 -10.07
N THR A 136 7.30 2.72 -10.78
CA THR A 136 6.85 2.89 -12.14
C THR A 136 5.48 3.57 -12.15
N GLY A 137 4.58 3.08 -11.32
CA GLY A 137 3.25 3.65 -11.23
C GLY A 137 2.24 2.67 -10.69
N GLY A 138 1.14 3.18 -10.19
CA GLY A 138 0.11 2.32 -9.65
C GLY A 138 -0.06 2.49 -8.15
N LEU A 139 -1.17 3.08 -7.75
CA LEU A 139 -1.46 3.27 -6.35
C LEU A 139 -2.85 2.76 -6.02
N VAL A 140 -2.92 1.85 -5.06
CA VAL A 140 -4.20 1.41 -4.55
C VAL A 140 -4.55 2.25 -3.34
N LEU A 141 -5.34 3.30 -3.57
CA LEU A 141 -5.71 4.21 -2.51
C LEU A 141 -6.80 3.59 -1.66
N LEU A 142 -6.70 3.79 -0.36
CA LEU A 142 -7.58 3.12 0.57
C LEU A 142 -8.41 4.13 1.35
N GLU A 143 -9.69 3.84 1.45
CA GLU A 143 -10.60 4.67 2.23
C GLU A 143 -10.77 4.09 3.63
N PRO A 144 -10.55 4.90 4.66
CA PRO A 144 -10.71 4.48 6.06
C PRO A 144 -12.15 4.11 6.40
N GLY A 145 -13.06 4.36 5.46
CA GLY A 145 -14.45 4.02 5.67
C GLY A 145 -15.35 4.80 4.74
N GLU A 146 -16.66 4.64 4.92
CA GLU A 146 -17.64 5.32 4.09
C GLU A 146 -18.01 6.64 4.72
N ALA A 147 -18.72 6.56 5.84
CA ALA A 147 -19.10 7.73 6.62
C ALA A 147 -18.44 7.66 7.98
N PHE A 148 -17.22 7.13 7.99
CA PHE A 148 -16.45 6.91 9.22
C PHE A 148 -16.20 8.20 10.00
N GLN A 149 -16.37 9.35 9.36
CA GLN A 149 -16.21 10.62 10.03
C GLN A 149 -17.30 10.83 11.08
N LYS A 150 -18.45 10.20 10.86
CA LYS A 150 -19.55 10.30 11.80
C LYS A 150 -19.37 9.30 12.93
N GLY A 151 -20.29 9.31 13.88
CA GLY A 151 -20.21 8.39 14.99
C GLY A 151 -21.57 8.09 15.57
N LEU B 1 -11.04 8.99 -0.31
CA LEU B 1 -10.56 10.15 -1.10
C LEU B 1 -10.81 9.91 -2.59
N ASN B 2 -11.07 10.99 -3.30
CA ASN B 2 -11.33 10.90 -4.73
C ASN B 2 -10.24 11.64 -5.51
N ILE B 3 -9.27 10.88 -6.00
CA ILE B 3 -8.17 11.43 -6.77
C ILE B 3 -8.45 11.28 -8.26
N GLY B 4 -9.30 10.31 -8.58
CA GLY B 4 -9.60 10.00 -9.96
C GLY B 4 -10.34 8.68 -10.06
N ARG B 5 -10.44 8.15 -11.26
CA ARG B 5 -11.16 6.91 -11.49
C ARG B 5 -10.20 5.74 -11.63
N GLU B 6 -10.70 4.56 -11.29
CA GLU B 6 -9.90 3.35 -11.35
C GLU B 6 -9.77 2.88 -12.80
N LEU B 7 -8.62 2.29 -13.12
CA LEU B 7 -8.32 1.91 -14.50
C LEU B 7 -8.77 0.48 -14.78
N THR B 8 -8.31 -0.07 -15.89
CA THR B 8 -8.69 -1.41 -16.30
C THR B 8 -8.05 -2.47 -15.40
N ASP B 9 -8.61 -3.66 -15.42
CA ASP B 9 -8.15 -4.77 -14.59
C ASP B 9 -6.71 -5.15 -14.96
N GLU B 10 -6.37 -4.98 -16.23
CA GLU B 10 -5.05 -5.35 -16.71
C GLU B 10 -3.95 -4.52 -16.03
N GLU B 11 -4.29 -3.30 -15.63
CA GLU B 11 -3.35 -2.46 -14.90
C GLU B 11 -3.07 -3.05 -13.53
N LEU B 12 -4.13 -3.52 -12.88
CA LEU B 12 -4.03 -4.13 -11.56
C LEU B 12 -3.32 -5.48 -11.64
N MET B 13 -3.52 -6.18 -12.75
CA MET B 13 -2.84 -7.45 -12.99
C MET B 13 -1.35 -7.22 -13.23
N GLU B 14 -1.03 -6.06 -13.80
CA GLU B 14 0.34 -5.67 -14.04
C GLU B 14 1.02 -5.28 -12.73
N MET B 15 0.28 -4.62 -11.86
CA MET B 15 0.81 -4.18 -10.58
C MET B 15 0.94 -5.38 -9.64
N THR B 16 2.11 -5.52 -9.05
CA THR B 16 2.40 -6.66 -8.20
C THR B 16 3.33 -6.26 -7.06
N GLY B 17 3.21 -6.97 -5.95
CA GLY B 17 3.98 -6.64 -4.78
C GLY B 17 4.76 -7.82 -4.26
N GLY B 18 4.65 -8.93 -4.96
CA GLY B 18 5.40 -10.13 -4.62
C GLY B 18 5.73 -10.92 -5.87
N SER B 19 6.13 -10.22 -6.91
CA SER B 19 6.43 -10.86 -8.19
C SER B 19 7.84 -10.51 -8.64
N THR B 20 8.31 -11.17 -9.69
CA THR B 20 9.63 -10.94 -10.22
C THR B 20 9.57 -10.63 -11.71
N PHE B 21 10.22 -9.54 -12.11
CA PHE B 21 10.28 -9.14 -13.50
C PHE B 21 11.67 -9.41 -14.07
N SER B 22 11.82 -9.23 -15.38
CA SER B 22 13.06 -9.56 -16.07
C SER B 22 13.41 -11.03 -15.83
N ILE B 23 12.46 -11.91 -16.12
CA ILE B 23 12.63 -13.34 -15.92
C ILE B 23 13.55 -13.93 -16.99
N GLN B 24 14.84 -13.97 -16.67
CA GLN B 24 15.85 -14.49 -17.58
C GLN B 24 17.19 -14.58 -16.86
N SER A 1 -1.82 4.22 35.71
CA SER A 1 -0.87 5.31 35.40
C SER A 1 0.49 4.74 35.03
N ASN A 2 1.03 5.18 33.91
CA ASN A 2 2.33 4.70 33.43
C ASN A 2 3.02 5.79 32.63
N ALA A 3 2.34 6.28 31.60
CA ALA A 3 2.88 7.33 30.75
C ALA A 3 2.19 8.65 31.02
N MET A 4 2.81 9.49 31.83
CA MET A 4 2.26 10.80 32.14
C MET A 4 2.82 11.84 31.17
N LEU A 5 4.00 11.55 30.63
CA LEU A 5 4.60 12.41 29.62
C LEU A 5 4.63 11.65 28.30
N ARG A 6 4.46 12.38 27.20
CA ARG A 6 4.37 11.79 25.88
C ARG A 6 3.29 10.71 25.85
N ARG A 7 2.08 11.10 26.23
CA ARG A 7 0.98 10.16 26.33
C ARG A 7 0.49 9.75 24.94
N LEU A 8 1.17 8.77 24.37
CA LEU A 8 0.80 8.21 23.08
C LEU A 8 -0.52 7.46 23.21
N PHE A 9 -1.37 7.59 22.19
CA PHE A 9 -2.62 6.86 22.15
C PHE A 9 -2.36 5.41 21.75
N LYS A 10 -1.49 4.77 22.52
CA LYS A 10 -1.08 3.41 22.25
C LYS A 10 -2.11 2.43 22.80
N LYS A 11 -3.04 2.07 21.93
CA LYS A 11 -4.13 1.18 22.29
C LYS A 11 -3.87 -0.22 21.76
N LYS A 12 -2.85 -0.32 20.92
CA LYS A 12 -2.48 -1.57 20.28
C LYS A 12 -1.20 -1.36 19.47
N TYR A 13 -0.80 -2.38 18.73
CA TYR A 13 0.40 -2.29 17.91
C TYR A 13 0.06 -2.39 16.43
N VAL A 14 0.88 -1.76 15.61
CA VAL A 14 0.82 -1.95 14.17
C VAL A 14 2.14 -2.55 13.70
N CYS A 15 2.13 -3.83 13.40
CA CYS A 15 3.35 -4.53 13.01
C CYS A 15 3.01 -5.78 12.23
N VAL A 16 3.50 -5.86 11.02
CA VAL A 16 3.24 -7.00 10.16
C VAL A 16 4.46 -7.93 10.12
N ARG A 17 4.23 -9.21 10.34
CA ARG A 17 5.31 -10.20 10.27
C ARG A 17 5.11 -11.08 9.04
N GLN A 18 5.99 -10.94 8.06
CA GLN A 18 5.93 -11.76 6.86
C GLN A 18 6.42 -13.16 7.15
N TYR A 19 5.85 -14.13 6.46
CA TYR A 19 6.24 -15.51 6.60
C TYR A 19 6.97 -15.93 5.33
N ASP A 20 6.58 -15.31 4.24
CA ASP A 20 7.22 -15.49 2.96
C ASP A 20 7.49 -14.13 2.35
N LEU A 21 8.48 -14.05 1.47
CA LEU A 21 8.90 -12.78 0.88
C LEU A 21 7.81 -12.21 -0.03
N THR A 22 6.85 -13.05 -0.37
CA THR A 22 5.77 -12.65 -1.26
C THR A 22 4.57 -12.11 -0.47
N ASP A 23 4.67 -12.12 0.86
CA ASP A 23 3.60 -11.63 1.73
C ASP A 23 3.39 -10.13 1.59
N ALA A 24 4.38 -9.45 1.00
CA ALA A 24 4.40 -8.00 0.89
C ALA A 24 3.04 -7.40 0.51
N GLY A 25 2.31 -8.07 -0.36
CA GLY A 25 1.01 -7.58 -0.76
C GLY A 25 0.02 -7.56 0.39
N ALA A 26 -0.19 -8.72 1.00
CA ALA A 26 -1.09 -8.85 2.13
C ALA A 26 -0.60 -8.01 3.30
N ALA A 27 0.73 -7.93 3.44
CA ALA A 27 1.36 -7.15 4.49
C ALA A 27 1.01 -5.67 4.38
N CYS A 28 1.11 -5.14 3.17
CA CYS A 28 0.81 -3.73 2.96
C CYS A 28 -0.66 -3.44 3.23
N LEU A 29 -1.54 -4.29 2.73
CA LEU A 29 -2.98 -4.11 2.94
C LEU A 29 -3.30 -4.12 4.43
N SER A 30 -2.65 -5.01 5.16
CA SER A 30 -2.82 -5.09 6.60
C SER A 30 -2.31 -3.82 7.28
N SER A 31 -1.22 -3.27 6.75
CA SER A 31 -0.58 -2.09 7.33
C SER A 31 -1.55 -0.90 7.37
N ILE A 32 -2.19 -0.61 6.23
CA ILE A 32 -3.12 0.51 6.15
C ILE A 32 -4.31 0.29 7.08
N ALA A 33 -4.87 -0.92 7.03
CA ALA A 33 -6.03 -1.25 7.84
C ALA A 33 -5.71 -1.16 9.34
N GLN A 34 -4.57 -1.70 9.72
CA GLN A 34 -4.14 -1.68 11.11
C GLN A 34 -3.87 -0.25 11.58
N TYR A 35 -3.48 0.61 10.64
CA TYR A 35 -3.24 2.02 10.94
C TYR A 35 -4.56 2.73 11.25
N TYR A 36 -5.59 2.44 10.45
CA TYR A 36 -6.91 3.01 10.69
C TYR A 36 -7.59 2.36 11.90
N GLY A 37 -7.06 1.23 12.33
CA GLY A 37 -7.58 0.60 13.53
C GLY A 37 -8.44 -0.62 13.26
N LEU A 38 -8.29 -1.20 12.07
CA LEU A 38 -9.01 -2.41 11.73
C LEU A 38 -8.22 -3.63 12.20
N LYS A 39 -8.91 -4.74 12.44
CA LYS A 39 -8.26 -5.94 12.96
C LYS A 39 -8.15 -7.00 11.87
N MET A 40 -6.96 -7.15 11.30
CA MET A 40 -6.73 -8.16 10.29
C MET A 40 -5.30 -8.69 10.36
N SER A 41 -5.15 -10.00 10.24
CA SER A 41 -3.85 -10.63 10.20
C SER A 41 -3.47 -10.92 8.74
N LEU A 42 -2.21 -10.66 8.40
CA LEU A 42 -1.74 -10.80 7.02
C LEU A 42 -1.87 -12.23 6.51
N ALA A 43 -1.84 -13.19 7.44
CA ALA A 43 -2.01 -14.60 7.07
C ALA A 43 -3.42 -14.85 6.55
N LYS A 44 -4.39 -14.17 7.15
CA LYS A 44 -5.78 -14.28 6.71
C LYS A 44 -5.99 -13.47 5.44
N ILE A 45 -5.25 -12.37 5.33
CA ILE A 45 -5.32 -11.53 4.15
C ILE A 45 -4.67 -12.23 2.95
N ARG A 46 -3.69 -13.09 3.24
CA ARG A 46 -3.01 -13.87 2.20
C ARG A 46 -4.03 -14.67 1.39
N GLU A 47 -4.88 -15.42 2.08
CA GLU A 47 -5.89 -16.24 1.41
C GLU A 47 -7.00 -15.37 0.81
N MET A 48 -7.31 -14.25 1.47
CA MET A 48 -8.35 -13.34 0.98
C MET A 48 -7.94 -12.68 -0.32
N THR A 49 -6.65 -12.39 -0.47
CA THR A 49 -6.17 -11.68 -1.65
C THR A 49 -5.76 -12.65 -2.74
N GLY A 50 -5.85 -13.95 -2.46
CA GLY A 50 -5.44 -14.95 -3.41
C GLY A 50 -3.94 -14.91 -3.65
N THR A 51 -3.20 -14.58 -2.59
CA THR A 51 -1.75 -14.41 -2.68
C THR A 51 -1.07 -15.63 -3.29
N ASP A 52 -0.41 -15.40 -4.40
CA ASP A 52 0.33 -16.42 -5.11
C ASP A 52 1.72 -16.56 -4.51
N THR A 53 2.17 -17.80 -4.38
CA THR A 53 3.49 -18.10 -3.83
C THR A 53 4.62 -17.37 -4.58
N GLN A 54 4.33 -16.90 -5.80
CA GLN A 54 5.30 -16.12 -6.56
C GLN A 54 5.02 -14.62 -6.46
N GLY A 55 4.03 -14.25 -5.65
CA GLY A 55 3.79 -12.84 -5.39
C GLY A 55 2.33 -12.47 -5.39
N THR A 56 1.94 -11.61 -4.46
CA THR A 56 0.58 -11.09 -4.42
C THR A 56 0.36 -10.12 -5.57
N ASN A 57 -0.80 -10.22 -6.20
CA ASN A 57 -1.18 -9.31 -7.27
C ASN A 57 -2.07 -8.20 -6.70
N ALA A 58 -1.98 -7.02 -7.31
CA ALA A 58 -2.68 -5.84 -6.81
C ALA A 58 -4.19 -5.99 -6.90
N TYR A 59 -4.65 -6.88 -7.79
CA TYR A 59 -6.07 -7.15 -7.92
C TYR A 59 -6.62 -7.79 -6.64
N GLY A 60 -5.82 -8.69 -6.07
CA GLY A 60 -6.24 -9.36 -4.86
C GLY A 60 -6.42 -8.40 -3.70
N LEU A 61 -5.60 -7.34 -3.70
CA LEU A 61 -5.65 -6.35 -2.65
C LEU A 61 -6.96 -5.56 -2.70
N ILE A 62 -7.26 -4.98 -3.85
CA ILE A 62 -8.45 -4.16 -4.02
C ILE A 62 -9.72 -4.99 -3.80
N HIS A 63 -9.70 -6.22 -4.28
CA HIS A 63 -10.88 -7.09 -4.18
C HIS A 63 -11.10 -7.55 -2.74
N ALA A 64 -10.02 -7.62 -1.96
CA ALA A 64 -10.13 -8.07 -0.57
C ALA A 64 -10.62 -6.96 0.34
N ALA A 65 -10.10 -5.75 0.12
CA ALA A 65 -10.46 -4.61 0.94
C ALA A 65 -11.94 -4.26 0.79
N LYS A 66 -12.42 -4.27 -0.44
CA LYS A 66 -13.80 -3.88 -0.74
C LYS A 66 -14.80 -4.85 -0.10
N GLN A 67 -14.36 -6.06 0.22
CA GLN A 67 -15.22 -7.02 0.89
C GLN A 67 -15.63 -6.50 2.27
N LEU A 68 -14.75 -5.72 2.87
CA LEU A 68 -14.99 -5.17 4.20
C LEU A 68 -15.64 -3.80 4.10
N GLY A 69 -15.89 -3.36 2.88
CA GLY A 69 -16.42 -2.03 2.68
C GLY A 69 -15.32 -0.99 2.72
N PHE A 70 -14.09 -1.47 2.85
CA PHE A 70 -12.92 -0.62 2.83
C PHE A 70 -12.56 -0.30 1.39
N SER A 71 -12.78 0.93 0.97
CA SER A 71 -12.66 1.30 -0.43
C SER A 71 -11.20 1.34 -0.89
N ALA A 72 -10.82 0.32 -1.64
CA ALA A 72 -9.52 0.28 -2.29
C ALA A 72 -9.70 0.56 -3.77
N LYS A 73 -8.67 1.11 -4.41
CA LYS A 73 -8.75 1.40 -5.83
C LYS A 73 -7.37 1.52 -6.45
N GLY A 74 -7.24 0.99 -7.67
CA GLY A 74 -5.99 1.09 -8.39
C GLY A 74 -6.01 2.25 -9.36
N VAL A 75 -5.25 3.28 -9.04
CA VAL A 75 -5.21 4.49 -9.84
C VAL A 75 -3.82 4.73 -10.39
N LYS A 76 -3.72 5.70 -11.30
CA LYS A 76 -2.44 6.06 -11.89
C LYS A 76 -2.28 7.56 -11.89
N ALA A 77 -1.25 8.04 -11.22
CA ALA A 77 -0.99 9.46 -11.10
C ALA A 77 0.48 9.73 -11.33
N SER A 78 0.85 11.00 -11.42
CA SER A 78 2.23 11.37 -11.69
C SER A 78 2.99 11.65 -10.41
N LYS A 79 4.30 11.82 -10.52
CA LYS A 79 5.14 12.17 -9.38
C LYS A 79 4.74 13.53 -8.79
N GLU A 80 4.12 14.36 -9.62
CA GLU A 80 3.66 15.67 -9.17
C GLU A 80 2.42 15.53 -8.31
N ASP A 81 1.62 14.51 -8.59
CA ASP A 81 0.37 14.28 -7.86
C ASP A 81 0.65 13.90 -6.43
N LEU A 82 1.86 13.42 -6.16
CA LEU A 82 2.28 13.04 -4.83
C LEU A 82 2.24 14.24 -3.89
N LEU A 83 2.43 15.43 -4.44
CA LEU A 83 2.41 16.65 -3.64
C LEU A 83 1.04 17.31 -3.69
N LYS A 84 0.22 16.88 -4.63
CA LYS A 84 -1.07 17.53 -4.85
C LYS A 84 -2.10 17.09 -3.81
N ASP A 85 -2.47 15.82 -3.84
CA ASP A 85 -3.51 15.32 -2.94
C ASP A 85 -3.12 13.96 -2.37
N PHE A 86 -2.58 13.98 -1.16
CA PHE A 86 -2.24 12.75 -0.44
C PHE A 86 -2.30 12.96 1.05
N ARG A 87 -3.31 12.38 1.65
CA ARG A 87 -3.46 12.37 3.09
C ARG A 87 -3.86 10.97 3.52
N LEU A 88 -3.53 10.01 2.67
CA LEU A 88 -3.99 8.65 2.83
C LEU A 88 -2.82 7.68 2.79
N PRO A 89 -2.79 6.72 3.73
CA PRO A 89 -1.91 5.57 3.64
C PRO A 89 -2.30 4.70 2.45
N ALA A 90 -1.38 4.50 1.54
CA ALA A 90 -1.69 3.79 0.31
C ALA A 90 -0.62 2.76 -0.03
N ILE A 91 -0.98 1.86 -0.94
CA ILE A 91 -0.07 0.82 -1.38
C ILE A 91 0.47 1.17 -2.77
N ALA A 92 1.72 1.59 -2.83
CA ALA A 92 2.33 1.96 -4.09
C ALA A 92 3.04 0.76 -4.71
N ASN A 93 2.98 0.67 -6.02
CA ASN A 93 3.65 -0.41 -6.73
C ASN A 93 4.99 0.07 -7.25
N VAL A 94 6.05 -0.35 -6.58
CA VAL A 94 7.39 0.05 -6.98
C VAL A 94 8.14 -1.14 -7.54
N ILE A 95 8.85 -0.91 -8.62
CA ILE A 95 9.59 -1.98 -9.28
C ILE A 95 11.08 -1.72 -9.19
N VAL A 96 11.74 -2.43 -8.30
CA VAL A 96 13.15 -2.22 -8.06
C VAL A 96 14.00 -2.91 -9.12
N ASP A 97 14.93 -2.14 -9.70
CA ASP A 97 15.81 -2.61 -10.78
C ASP A 97 15.01 -2.88 -12.04
N ASN A 98 13.78 -2.35 -12.08
CA ASN A 98 12.83 -2.63 -13.16
C ASN A 98 12.59 -4.13 -13.30
N ARG A 99 12.81 -4.85 -12.22
CA ARG A 99 12.61 -6.29 -12.20
C ARG A 99 11.55 -6.67 -11.18
N LEU A 100 11.93 -6.65 -9.92
CA LEU A 100 11.06 -7.09 -8.84
C LEU A 100 10.01 -6.03 -8.53
N ALA A 101 8.76 -6.39 -8.72
CA ALA A 101 7.65 -5.54 -8.35
C ALA A 101 7.30 -5.77 -6.89
N HIS A 102 7.33 -4.71 -6.11
CA HIS A 102 7.11 -4.82 -4.68
C HIS A 102 6.19 -3.72 -4.21
N PHE A 103 5.34 -4.03 -3.26
CA PHE A 103 4.44 -3.02 -2.72
C PHE A 103 5.07 -2.34 -1.51
N VAL A 104 4.98 -1.02 -1.49
CA VAL A 104 5.39 -0.25 -0.32
C VAL A 104 4.24 0.64 0.15
N VAL A 105 4.19 0.89 1.45
CA VAL A 105 3.12 1.69 2.03
C VAL A 105 3.52 3.16 2.10
N ILE A 106 2.72 4.00 1.47
CA ILE A 106 2.98 5.44 1.48
C ILE A 106 2.13 6.11 2.54
N TYR A 107 2.80 6.82 3.46
CA TYR A 107 2.09 7.53 4.53
C TYR A 107 1.90 9.00 4.20
N SER A 108 3.00 9.67 3.87
CA SER A 108 2.95 11.10 3.60
C SER A 108 4.06 11.50 2.63
N ILE A 109 3.76 12.45 1.76
CA ILE A 109 4.75 12.97 0.82
C ILE A 109 4.93 14.46 1.02
N LYS A 110 6.13 14.87 1.40
CA LYS A 110 6.41 16.28 1.64
C LYS A 110 7.90 16.57 1.54
N ASN A 111 8.22 17.80 1.12
CA ASN A 111 9.60 18.26 0.98
C ASN A 111 10.40 17.37 0.04
N ARG A 112 9.74 16.95 -1.05
CA ARG A 112 10.36 16.08 -2.06
C ARG A 112 10.62 14.68 -1.52
N ILE A 113 10.20 14.43 -0.28
CA ILE A 113 10.48 13.16 0.37
C ILE A 113 9.21 12.35 0.56
N ILE A 114 9.23 11.11 0.09
CA ILE A 114 8.11 10.22 0.25
C ILE A 114 8.34 9.34 1.49
N THR A 115 7.51 9.52 2.50
CA THR A 115 7.61 8.75 3.72
C THR A 115 6.95 7.39 3.51
N VAL A 116 7.79 6.36 3.36
CA VAL A 116 7.32 5.02 3.03
C VAL A 116 7.47 4.08 4.23
N ALA A 117 6.65 3.05 4.26
CA ALA A 117 6.78 2.00 5.25
C ALA A 117 6.94 0.67 4.55
N ASP A 118 7.91 -0.11 4.99
CA ASP A 118 8.23 -1.37 4.36
C ASP A 118 7.61 -2.52 5.14
N PRO A 119 7.16 -3.57 4.44
CA PRO A 119 6.64 -4.79 5.08
C PRO A 119 7.72 -5.54 5.86
N GLY A 120 8.96 -5.43 5.40
CA GLY A 120 10.05 -6.15 6.02
C GLY A 120 10.79 -5.31 7.04
N LYS A 121 11.27 -4.15 6.60
CA LYS A 121 11.93 -3.23 7.50
C LYS A 121 10.93 -2.20 8.02
N GLY A 122 11.40 -1.24 8.81
CA GLY A 122 10.49 -0.27 9.38
C GLY A 122 10.14 0.87 8.43
N ILE A 123 10.10 2.08 8.97
CA ILE A 123 9.83 3.25 8.17
C ILE A 123 11.05 3.62 7.34
N VAL A 124 10.85 3.86 6.06
CA VAL A 124 11.94 4.18 5.17
C VAL A 124 11.50 5.28 4.19
N ARG A 125 12.27 6.35 4.10
CA ARG A 125 11.87 7.47 3.27
C ARG A 125 12.72 7.52 2.00
N TYR A 126 12.09 7.87 0.90
CA TYR A 126 12.77 7.97 -0.38
C TYR A 126 12.57 9.35 -0.97
N SER A 127 13.64 9.89 -1.53
CA SER A 127 13.57 11.16 -2.22
C SER A 127 12.97 10.96 -3.61
N MET A 128 12.36 12.00 -4.16
CA MET A 128 11.65 11.90 -5.45
C MET A 128 12.46 11.15 -6.50
N ASP A 129 13.71 11.54 -6.68
CA ASP A 129 14.58 10.91 -7.67
C ASP A 129 14.69 9.42 -7.43
N ASP A 130 15.06 9.04 -6.22
CA ASP A 130 15.26 7.63 -5.87
C ASP A 130 13.95 6.86 -5.97
N PHE A 131 12.86 7.47 -5.54
CA PHE A 131 11.56 6.84 -5.54
C PHE A 131 11.06 6.60 -6.97
N CYS A 132 11.13 7.63 -7.79
CA CYS A 132 10.66 7.55 -9.17
C CYS A 132 11.50 6.58 -10.00
N SER A 133 12.72 6.34 -9.54
CA SER A 133 13.62 5.40 -10.21
C SER A 133 13.04 3.98 -10.18
N ILE A 134 12.33 3.64 -9.12
CA ILE A 134 11.73 2.32 -9.01
C ILE A 134 10.23 2.39 -9.27
N TRP A 135 9.63 3.54 -8.99
CA TRP A 135 8.21 3.72 -9.22
C TRP A 135 7.96 4.15 -10.66
N THR A 136 7.62 3.19 -11.50
CA THR A 136 7.31 3.47 -12.89
C THR A 136 5.87 3.98 -13.00
N GLY A 137 4.98 3.33 -12.26
CA GLY A 137 3.59 3.73 -12.25
C GLY A 137 2.72 2.71 -11.55
N GLY A 138 1.74 3.18 -10.81
CA GLY A 138 0.84 2.28 -10.10
C GLY A 138 0.62 2.72 -8.66
N LEU A 139 -0.60 3.13 -8.37
CA LEU A 139 -0.95 3.60 -7.03
C LEU A 139 -2.26 2.97 -6.56
N VAL A 140 -2.17 2.12 -5.56
CA VAL A 140 -3.37 1.55 -4.96
C VAL A 140 -3.70 2.30 -3.67
N LEU A 141 -4.59 3.27 -3.76
CA LEU A 141 -4.92 4.09 -2.60
C LEU A 141 -6.05 3.46 -1.79
N LEU A 142 -6.02 3.73 -0.50
CA LEU A 142 -6.99 3.18 0.42
C LEU A 142 -7.81 4.28 1.07
N GLU A 143 -9.12 4.14 0.97
CA GLU A 143 -10.04 5.01 1.68
C GLU A 143 -10.67 4.24 2.82
N PRO A 144 -11.20 4.93 3.85
CA PRO A 144 -11.95 4.28 4.91
C PRO A 144 -13.20 3.58 4.38
N GLY A 145 -13.59 3.97 3.17
CA GLY A 145 -14.71 3.32 2.51
C GLY A 145 -16.03 3.84 3.00
N GLU A 146 -16.94 2.93 3.26
CA GLU A 146 -18.27 3.29 3.73
C GLU A 146 -18.65 2.46 4.95
N ALA A 147 -18.34 1.16 4.91
CA ALA A 147 -18.71 0.26 5.99
C ALA A 147 -17.64 0.26 7.09
N PHE A 148 -17.13 1.44 7.40
CA PHE A 148 -16.15 1.58 8.47
C PHE A 148 -16.82 2.01 9.76
N GLN A 149 -18.06 2.49 9.64
CA GLN A 149 -18.84 2.89 10.79
C GLN A 149 -19.93 1.86 11.07
N LYS A 150 -20.80 1.68 10.09
CA LYS A 150 -21.86 0.68 10.19
C LYS A 150 -21.59 -0.46 9.23
N GLY A 151 -22.41 -1.49 9.27
CA GLY A 151 -22.25 -2.61 8.36
C GLY A 151 -22.19 -3.94 9.09
N LEU B 1 -12.24 9.81 -3.13
CA LEU B 1 -10.82 9.86 -3.57
C LEU B 1 -10.68 10.69 -4.85
N ASN B 2 -10.92 10.03 -5.99
CA ASN B 2 -10.78 10.66 -7.31
C ASN B 2 -9.41 11.33 -7.47
N ILE B 3 -8.38 10.50 -7.55
CA ILE B 3 -7.03 11.00 -7.78
C ILE B 3 -6.56 10.66 -9.19
N GLY B 4 -6.25 11.69 -9.98
CA GLY B 4 -5.82 11.48 -11.34
C GLY B 4 -6.83 10.69 -12.13
N ARG B 5 -6.49 9.44 -12.43
CA ARG B 5 -7.40 8.54 -13.11
C ARG B 5 -7.28 7.13 -12.55
N GLU B 6 -8.41 6.44 -12.50
CA GLU B 6 -8.45 5.09 -11.97
C GLU B 6 -8.42 4.07 -13.12
N LEU B 7 -7.76 2.95 -12.88
CA LEU B 7 -7.58 1.95 -13.92
C LEU B 7 -8.56 0.79 -13.73
N THR B 8 -8.32 -0.30 -14.44
CA THR B 8 -9.23 -1.43 -14.44
C THR B 8 -8.69 -2.60 -13.63
N ASP B 9 -9.56 -3.56 -13.35
CA ASP B 9 -9.17 -4.78 -12.62
C ASP B 9 -8.03 -5.48 -13.33
N GLU B 10 -8.01 -5.37 -14.65
CA GLU B 10 -6.98 -5.96 -15.48
C GLU B 10 -5.62 -5.35 -15.16
N GLU B 11 -5.61 -4.03 -14.97
CA GLU B 11 -4.40 -3.30 -14.65
C GLU B 11 -3.90 -3.65 -13.26
N LEU B 12 -4.83 -3.89 -12.35
CA LEU B 12 -4.48 -4.34 -10.99
C LEU B 12 -3.73 -5.65 -11.02
N MET B 13 -4.15 -6.56 -11.90
CA MET B 13 -3.54 -7.88 -11.98
C MET B 13 -2.16 -7.80 -12.63
N GLU B 14 -1.90 -6.73 -13.36
CA GLU B 14 -0.59 -6.52 -13.97
C GLU B 14 0.45 -6.24 -12.90
N MET B 15 0.04 -5.55 -11.85
CA MET B 15 0.96 -5.17 -10.79
C MET B 15 1.01 -6.24 -9.71
N THR B 16 2.15 -6.36 -9.05
CA THR B 16 2.38 -7.38 -8.04
C THR B 16 3.31 -6.84 -6.95
N GLY B 17 3.36 -7.53 -5.82
CA GLY B 17 4.15 -7.06 -4.70
C GLY B 17 5.28 -7.98 -4.34
N GLY B 18 5.42 -9.07 -5.08
CA GLY B 18 6.50 -10.00 -4.84
C GLY B 18 6.85 -10.77 -6.09
N SER B 19 6.50 -10.21 -7.24
CA SER B 19 6.72 -10.88 -8.52
C SER B 19 7.65 -10.05 -9.39
N THR B 20 7.85 -10.47 -10.62
CA THR B 20 8.74 -9.77 -11.52
C THR B 20 8.12 -9.60 -12.91
N PHE B 21 8.01 -8.35 -13.35
CA PHE B 21 7.50 -8.05 -14.68
C PHE B 21 8.39 -8.67 -15.74
N SER B 22 7.75 -9.22 -16.78
CA SER B 22 8.42 -9.92 -17.87
C SER B 22 8.89 -11.31 -17.43
N ILE B 23 8.80 -12.28 -18.33
CA ILE B 23 9.19 -13.64 -18.02
C ILE B 23 10.70 -13.79 -18.15
N GLN B 24 11.36 -13.79 -17.00
CA GLN B 24 12.81 -13.92 -16.96
C GLN B 24 13.22 -14.99 -15.96
N SER A 1 -17.21 5.01 27.95
CA SER A 1 -16.83 5.37 26.57
C SER A 1 -16.63 6.88 26.46
N ASN A 2 -15.39 7.30 26.23
CA ASN A 2 -15.09 8.72 26.09
C ASN A 2 -15.01 9.10 24.63
N ALA A 3 -14.69 8.11 23.80
CA ALA A 3 -14.60 8.26 22.35
C ALA A 3 -13.50 9.25 21.95
N MET A 4 -12.49 9.35 22.80
CA MET A 4 -11.37 10.28 22.60
C MET A 4 -11.86 11.72 22.57
N LEU A 5 -11.91 12.34 23.74
CA LEU A 5 -12.35 13.72 23.87
C LEU A 5 -11.30 14.67 23.31
N ARG A 6 -10.08 14.54 23.82
CA ARG A 6 -8.99 15.40 23.40
C ARG A 6 -7.71 14.58 23.29
N ARG A 7 -7.87 13.33 22.92
CA ARG A 7 -6.74 12.44 22.70
C ARG A 7 -6.83 11.81 21.32
N LEU A 8 -6.95 12.66 20.31
CA LEU A 8 -7.11 12.23 18.93
C LEU A 8 -5.77 11.84 18.32
N PHE A 9 -5.04 11.00 19.03
CA PHE A 9 -3.78 10.45 18.56
C PHE A 9 -3.80 8.95 18.78
N LYS A 10 -3.12 8.21 17.92
CA LYS A 10 -3.16 6.77 17.99
C LYS A 10 -1.88 6.20 18.58
N LYS A 11 -1.99 5.67 19.80
CA LYS A 11 -0.88 4.98 20.43
C LYS A 11 -1.01 3.49 20.22
N LYS A 12 -2.05 3.10 19.52
CA LYS A 12 -2.23 1.70 19.15
C LYS A 12 -1.35 1.36 17.96
N TYR A 13 -0.12 0.99 18.24
CA TYR A 13 0.82 0.60 17.20
C TYR A 13 0.85 -0.90 17.03
N VAL A 14 0.88 -1.35 15.79
CA VAL A 14 0.95 -2.78 15.50
C VAL A 14 2.24 -3.10 14.74
N CYS A 15 2.97 -4.09 15.21
CA CYS A 15 4.18 -4.52 14.53
C CYS A 15 3.82 -5.50 13.42
N VAL A 16 3.78 -5.01 12.20
CA VAL A 16 3.47 -5.84 11.06
C VAL A 16 4.66 -6.76 10.76
N ARG A 17 4.43 -8.06 10.85
CA ARG A 17 5.50 -9.02 10.66
C ARG A 17 5.42 -9.65 9.28
N GLN A 18 6.40 -9.32 8.44
CA GLN A 18 6.48 -9.84 7.09
C GLN A 18 7.09 -11.23 7.10
N TYR A 19 6.60 -12.09 6.22
CA TYR A 19 7.05 -13.47 6.19
C TYR A 19 7.89 -13.76 4.95
N ASP A 20 7.36 -13.43 3.77
CA ASP A 20 8.03 -13.77 2.52
C ASP A 20 7.99 -12.60 1.53
N LEU A 21 8.64 -12.76 0.39
CA LEU A 21 8.68 -11.70 -0.61
C LEU A 21 7.31 -11.54 -1.27
N THR A 22 6.74 -12.65 -1.71
CA THR A 22 5.42 -12.67 -2.32
C THR A 22 4.35 -12.32 -1.29
N ASP A 23 4.68 -12.61 -0.03
CA ASP A 23 3.82 -12.36 1.11
C ASP A 23 3.60 -10.86 1.35
N ALA A 24 4.49 -10.05 0.76
CA ALA A 24 4.45 -8.59 0.95
C ALA A 24 3.08 -8.01 0.63
N GLY A 25 2.35 -8.65 -0.29
CA GLY A 25 1.04 -8.17 -0.67
C GLY A 25 0.09 -8.13 0.51
N ALA A 26 0.14 -9.17 1.34
CA ALA A 26 -0.74 -9.28 2.49
C ALA A 26 -0.37 -8.23 3.54
N ALA A 27 0.92 -8.08 3.77
CA ALA A 27 1.43 -7.14 4.76
C ALA A 27 1.01 -5.71 4.43
N CYS A 28 1.11 -5.36 3.15
CA CYS A 28 0.77 -4.01 2.70
C CYS A 28 -0.69 -3.67 2.98
N LEU A 29 -1.58 -4.57 2.62
CA LEU A 29 -3.01 -4.34 2.80
C LEU A 29 -3.35 -4.25 4.30
N SER A 30 -2.67 -5.07 5.09
CA SER A 30 -2.93 -5.15 6.52
C SER A 30 -2.46 -3.90 7.26
N SER A 31 -1.35 -3.32 6.80
CA SER A 31 -0.72 -2.20 7.51
C SER A 31 -1.71 -1.04 7.72
N ILE A 32 -2.45 -0.68 6.67
CA ILE A 32 -3.41 0.40 6.76
C ILE A 32 -4.52 0.06 7.76
N ALA A 33 -5.05 -1.15 7.64
CA ALA A 33 -6.12 -1.60 8.53
C ALA A 33 -5.67 -1.58 9.99
N GLN A 34 -4.53 -2.19 10.27
CA GLN A 34 -4.01 -2.28 11.62
C GLN A 34 -3.69 -0.89 12.18
N TYR A 35 -3.26 -0.01 11.29
CA TYR A 35 -2.88 1.36 11.65
C TYR A 35 -4.03 2.11 12.32
N TYR A 36 -5.26 1.85 11.87
CA TYR A 36 -6.41 2.58 12.38
C TYR A 36 -7.15 1.82 13.48
N GLY A 37 -6.57 0.73 13.94
CA GLY A 37 -7.12 0.03 15.08
C GLY A 37 -7.80 -1.28 14.73
N LEU A 38 -7.80 -1.64 13.45
CA LEU A 38 -8.39 -2.91 13.03
C LEU A 38 -7.42 -4.04 13.34
N LYS A 39 -7.75 -4.85 14.33
CA LYS A 39 -6.88 -5.93 14.77
C LYS A 39 -7.04 -7.15 13.88
N MET A 40 -6.44 -7.10 12.71
CA MET A 40 -6.48 -8.21 11.78
C MET A 40 -5.07 -8.69 11.46
N SER A 41 -4.86 -9.99 11.55
CA SER A 41 -3.56 -10.57 11.26
C SER A 41 -3.40 -10.74 9.75
N LEU A 42 -2.24 -10.32 9.24
CA LEU A 42 -1.98 -10.30 7.80
C LEU A 42 -2.14 -11.67 7.16
N ALA A 43 -1.98 -12.73 7.96
CA ALA A 43 -2.19 -14.09 7.49
C ALA A 43 -3.61 -14.28 6.97
N LYS A 44 -4.56 -13.57 7.58
CA LYS A 44 -5.95 -13.65 7.18
C LYS A 44 -6.19 -12.79 5.94
N ILE A 45 -5.42 -11.71 5.83
CA ILE A 45 -5.49 -10.84 4.67
C ILE A 45 -4.88 -11.51 3.45
N ARG A 46 -3.90 -12.38 3.70
CA ARG A 46 -3.26 -13.14 2.64
C ARG A 46 -4.27 -13.96 1.84
N GLU A 47 -5.14 -14.66 2.56
CA GLU A 47 -6.15 -15.50 1.93
C GLU A 47 -7.31 -14.63 1.41
N MET A 48 -7.43 -13.43 1.94
CA MET A 48 -8.44 -12.48 1.49
C MET A 48 -8.07 -11.88 0.15
N THR A 49 -6.77 -11.68 -0.07
CA THR A 49 -6.29 -11.07 -1.30
C THR A 49 -6.01 -12.11 -2.36
N GLY A 50 -6.17 -13.38 -2.00
CA GLY A 50 -5.88 -14.46 -2.93
C GLY A 50 -4.41 -14.52 -3.25
N THR A 51 -3.57 -14.28 -2.24
CA THR A 51 -2.13 -14.19 -2.43
C THR A 51 -1.56 -15.43 -3.15
N ASP A 52 -0.95 -15.17 -4.29
CA ASP A 52 -0.33 -16.20 -5.09
C ASP A 52 1.13 -16.35 -4.69
N THR A 53 1.58 -17.61 -4.59
CA THR A 53 2.94 -17.90 -4.18
C THR A 53 3.96 -17.35 -5.17
N GLN A 54 3.51 -16.95 -6.35
CA GLN A 54 4.37 -16.33 -7.33
C GLN A 54 4.18 -14.82 -7.35
N GLY A 55 3.34 -14.32 -6.45
CA GLY A 55 3.20 -12.89 -6.29
C GLY A 55 1.76 -12.43 -6.16
N THR A 56 1.46 -11.72 -5.09
CA THR A 56 0.14 -11.11 -4.90
C THR A 56 -0.09 -10.01 -5.95
N ASN A 57 -1.18 -10.13 -6.70
CA ASN A 57 -1.52 -9.14 -7.70
C ASN A 57 -2.24 -7.95 -7.05
N ALA A 58 -2.12 -6.79 -7.67
CA ALA A 58 -2.69 -5.56 -7.13
C ALA A 58 -4.20 -5.60 -7.12
N TYR A 59 -4.78 -6.45 -7.96
CA TYR A 59 -6.22 -6.61 -7.99
C TYR A 59 -6.71 -7.32 -6.73
N GLY A 60 -5.88 -8.21 -6.20
CA GLY A 60 -6.22 -8.89 -4.97
C GLY A 60 -6.39 -7.94 -3.81
N LEU A 61 -5.57 -6.90 -3.80
CA LEU A 61 -5.62 -5.88 -2.75
C LEU A 61 -6.96 -5.16 -2.76
N ILE A 62 -7.31 -4.59 -3.92
CA ILE A 62 -8.54 -3.82 -4.05
C ILE A 62 -9.77 -4.71 -3.86
N HIS A 63 -9.71 -5.92 -4.39
CA HIS A 63 -10.83 -6.86 -4.28
C HIS A 63 -11.03 -7.29 -2.83
N ALA A 64 -9.94 -7.44 -2.09
CA ALA A 64 -10.01 -7.82 -0.68
C ALA A 64 -10.60 -6.70 0.16
N ALA A 65 -10.09 -5.49 -0.04
CA ALA A 65 -10.53 -4.33 0.71
C ALA A 65 -12.01 -4.07 0.52
N LYS A 66 -12.45 -4.12 -0.74
CA LYS A 66 -13.84 -3.81 -1.06
C LYS A 66 -14.80 -4.84 -0.48
N GLN A 67 -14.33 -6.06 -0.25
CA GLN A 67 -15.14 -7.09 0.38
C GLN A 67 -15.43 -6.72 1.83
N LEU A 68 -14.53 -5.96 2.43
CA LEU A 68 -14.67 -5.52 3.80
C LEU A 68 -15.45 -4.21 3.86
N GLY A 69 -15.77 -3.68 2.69
CA GLY A 69 -16.40 -2.38 2.61
C GLY A 69 -15.36 -1.28 2.69
N PHE A 70 -14.11 -1.68 2.80
CA PHE A 70 -12.99 -0.76 2.86
C PHE A 70 -12.76 -0.14 1.48
N SER A 71 -12.65 1.17 1.44
CA SER A 71 -12.48 1.89 0.17
C SER A 71 -11.12 1.59 -0.44
N ALA A 72 -11.13 1.12 -1.68
CA ALA A 72 -9.89 0.86 -2.41
C ALA A 72 -10.07 1.28 -3.87
N LYS A 73 -9.12 2.06 -4.37
CA LYS A 73 -9.20 2.57 -5.73
C LYS A 73 -7.83 2.48 -6.43
N GLY A 74 -7.79 1.82 -7.57
CA GLY A 74 -6.54 1.66 -8.30
C GLY A 74 -6.38 2.70 -9.39
N VAL A 75 -5.43 3.61 -9.18
CA VAL A 75 -5.18 4.69 -10.12
C VAL A 75 -3.70 4.75 -10.50
N LYS A 76 -3.39 5.55 -11.50
CA LYS A 76 -2.01 5.80 -11.85
C LYS A 76 -1.79 7.29 -12.11
N ALA A 77 -0.76 7.83 -11.47
CA ALA A 77 -0.44 9.25 -11.58
C ALA A 77 1.07 9.43 -11.69
N SER A 78 1.53 10.67 -11.71
CA SER A 78 2.96 10.94 -11.81
C SER A 78 3.52 11.41 -10.48
N LYS A 79 4.84 11.59 -10.41
CA LYS A 79 5.50 12.05 -9.20
C LYS A 79 4.95 13.41 -8.76
N GLU A 80 4.61 14.25 -9.73
CA GLU A 80 4.09 15.59 -9.44
C GLU A 80 2.72 15.52 -8.78
N ASP A 81 2.02 14.42 -9.00
CA ASP A 81 0.68 14.23 -8.46
C ASP A 81 0.74 13.81 -7.00
N LEU A 82 1.90 13.31 -6.58
CA LEU A 82 2.07 12.81 -5.22
C LEU A 82 1.96 13.97 -4.22
N LEU A 83 2.19 15.17 -4.74
CA LEU A 83 2.13 16.38 -3.93
C LEU A 83 0.75 17.03 -4.03
N LYS A 84 -0.14 16.38 -4.79
CA LYS A 84 -1.46 16.93 -5.03
C LYS A 84 -2.50 16.29 -4.11
N ASP A 85 -2.92 15.09 -4.46
CA ASP A 85 -4.04 14.45 -3.78
C ASP A 85 -3.58 13.25 -2.97
N PHE A 86 -3.02 13.52 -1.80
CA PHE A 86 -2.63 12.48 -0.86
C PHE A 86 -2.72 12.94 0.58
N ARG A 87 -3.64 12.34 1.29
CA ARG A 87 -3.75 12.50 2.73
C ARG A 87 -4.08 11.14 3.33
N LEU A 88 -3.84 10.10 2.54
CA LEU A 88 -4.25 8.75 2.91
C LEU A 88 -3.14 7.76 2.60
N PRO A 89 -3.00 6.75 3.45
CA PRO A 89 -2.15 5.59 3.18
C PRO A 89 -2.57 4.88 1.89
N ALA A 90 -1.63 4.76 0.96
CA ALA A 90 -1.92 4.12 -0.33
C ALA A 90 -0.83 3.12 -0.67
N ILE A 91 -1.21 2.04 -1.35
CA ILE A 91 -0.25 1.01 -1.73
C ILE A 91 0.31 1.29 -3.12
N ALA A 92 1.60 1.50 -3.20
CA ALA A 92 2.24 1.82 -4.46
C ALA A 92 3.01 0.62 -5.00
N ASN A 93 3.04 0.50 -6.32
CA ASN A 93 3.78 -0.58 -6.97
C ASN A 93 5.13 -0.10 -7.44
N VAL A 94 6.17 -0.56 -6.76
CA VAL A 94 7.53 -0.22 -7.12
C VAL A 94 8.20 -1.43 -7.74
N ILE A 95 9.05 -1.21 -8.73
CA ILE A 95 9.71 -2.30 -9.43
C ILE A 95 11.21 -2.07 -9.44
N VAL A 96 11.91 -2.83 -8.62
CA VAL A 96 13.35 -2.70 -8.50
C VAL A 96 14.04 -3.45 -9.63
N ASP A 97 15.07 -2.83 -10.20
CA ASP A 97 15.83 -3.39 -11.33
C ASP A 97 14.94 -3.52 -12.56
N ASN A 98 13.76 -2.90 -12.51
CA ASN A 98 12.75 -3.06 -13.55
C ASN A 98 12.38 -4.53 -13.73
N ARG A 99 12.55 -5.31 -12.66
CA ARG A 99 12.27 -6.73 -12.70
C ARG A 99 11.32 -7.13 -11.58
N LEU A 100 11.78 -6.97 -10.34
CA LEU A 100 10.99 -7.40 -9.19
C LEU A 100 9.96 -6.34 -8.82
N ALA A 101 8.70 -6.67 -9.08
CA ALA A 101 7.59 -5.82 -8.68
C ALA A 101 7.27 -6.05 -7.21
N HIS A 102 7.16 -4.97 -6.47
CA HIS A 102 7.00 -5.04 -5.03
C HIS A 102 6.06 -3.94 -4.56
N PHE A 103 5.28 -4.22 -3.53
CA PHE A 103 4.37 -3.22 -3.00
C PHE A 103 4.99 -2.52 -1.80
N VAL A 104 4.88 -1.20 -1.80
CA VAL A 104 5.26 -0.39 -0.64
C VAL A 104 4.07 0.46 -0.20
N VAL A 105 4.00 0.75 1.10
CA VAL A 105 2.89 1.53 1.63
C VAL A 105 3.30 3.00 1.77
N ILE A 106 2.55 3.87 1.11
CA ILE A 106 2.80 5.29 1.17
C ILE A 106 1.92 5.94 2.23
N TYR A 107 2.53 6.62 3.18
CA TYR A 107 1.78 7.26 4.26
C TYR A 107 1.58 8.75 4.03
N SER A 108 2.66 9.46 3.73
CA SER A 108 2.59 10.91 3.55
C SER A 108 3.63 11.38 2.56
N ILE A 109 3.29 12.38 1.76
CA ILE A 109 4.22 12.95 0.80
C ILE A 109 4.29 14.46 0.98
N LYS A 110 5.44 14.96 1.41
CA LYS A 110 5.62 16.40 1.61
C LYS A 110 7.10 16.76 1.59
N ASN A 111 7.39 17.96 1.08
CA ASN A 111 8.77 18.48 1.02
C ASN A 111 9.65 17.56 0.19
N ARG A 112 9.10 17.05 -0.92
CA ARG A 112 9.81 16.18 -1.85
C ARG A 112 10.13 14.82 -1.21
N ILE A 113 9.58 14.58 -0.03
CA ILE A 113 9.87 13.36 0.70
C ILE A 113 8.63 12.47 0.78
N ILE A 114 8.81 11.20 0.48
CA ILE A 114 7.72 10.24 0.52
C ILE A 114 7.91 9.27 1.67
N THR A 115 7.03 9.35 2.66
CA THR A 115 7.09 8.45 3.81
C THR A 115 6.55 7.08 3.42
N VAL A 116 7.44 6.12 3.31
CA VAL A 116 7.08 4.79 2.83
C VAL A 116 7.31 3.73 3.91
N ALA A 117 6.50 2.70 3.87
CA ALA A 117 6.70 1.53 4.71
C ALA A 117 6.93 0.31 3.83
N ASP A 118 8.19 -0.04 3.65
CA ASP A 118 8.55 -1.19 2.82
C ASP A 118 8.60 -2.44 3.68
N PRO A 119 7.90 -3.50 3.24
CA PRO A 119 7.86 -4.80 3.91
C PRO A 119 9.23 -5.31 4.38
N GLY A 120 10.30 -4.94 3.69
CA GLY A 120 11.63 -5.41 4.06
C GLY A 120 12.36 -4.42 4.94
N LYS A 121 11.68 -3.34 5.31
CA LYS A 121 12.25 -2.29 6.14
C LYS A 121 11.25 -1.86 7.21
N GLY A 122 11.58 -0.84 7.96
CA GLY A 122 10.61 -0.24 8.86
C GLY A 122 9.90 0.93 8.20
N ILE A 123 9.96 2.09 8.83
CA ILE A 123 9.42 3.31 8.24
C ILE A 123 10.53 4.05 7.52
N VAL A 124 10.55 3.94 6.21
CA VAL A 124 11.64 4.49 5.42
C VAL A 124 11.14 5.62 4.52
N ARG A 125 11.79 6.77 4.62
CA ARG A 125 11.40 7.91 3.81
C ARG A 125 12.32 8.06 2.62
N TYR A 126 11.74 7.99 1.43
CA TYR A 126 12.50 8.16 0.20
C TYR A 126 12.28 9.54 -0.36
N SER A 127 13.32 10.13 -0.92
CA SER A 127 13.19 11.40 -1.60
C SER A 127 12.59 11.16 -2.98
N MET A 128 12.13 12.21 -3.65
CA MET A 128 11.56 12.06 -4.99
C MET A 128 12.57 11.37 -5.91
N ASP A 129 13.84 11.74 -5.76
CA ASP A 129 14.92 11.17 -6.56
C ASP A 129 15.02 9.67 -6.34
N ASP A 130 14.90 9.24 -5.09
CA ASP A 130 14.97 7.81 -4.77
C ASP A 130 13.71 7.10 -5.20
N PHE A 131 12.56 7.69 -4.88
CA PHE A 131 11.27 7.06 -5.13
C PHE A 131 11.06 6.83 -6.62
N CYS A 132 11.40 7.81 -7.43
CA CYS A 132 11.24 7.70 -8.88
C CYS A 132 12.14 6.62 -9.47
N SER A 133 13.20 6.26 -8.75
CA SER A 133 14.15 5.28 -9.22
C SER A 133 13.57 3.86 -9.10
N ILE A 134 12.63 3.67 -8.16
CA ILE A 134 12.05 2.35 -7.95
C ILE A 134 10.58 2.31 -8.33
N TRP A 135 9.90 3.44 -8.24
CA TRP A 135 8.47 3.49 -8.53
C TRP A 135 8.22 3.59 -10.02
N THR A 136 7.88 2.46 -10.62
CA THR A 136 7.58 2.40 -12.04
C THR A 136 6.20 2.98 -12.33
N GLY A 137 5.21 2.54 -11.57
CA GLY A 137 3.88 3.07 -11.75
C GLY A 137 2.82 2.21 -11.09
N GLY A 138 1.80 2.87 -10.57
CA GLY A 138 0.72 2.17 -9.92
C GLY A 138 0.47 2.67 -8.51
N LEU A 139 -0.72 3.20 -8.28
CA LEU A 139 -1.09 3.74 -6.96
C LEU A 139 -2.47 3.25 -6.56
N VAL A 140 -2.51 2.40 -5.55
CA VAL A 140 -3.79 1.94 -5.01
C VAL A 140 -4.16 2.78 -3.79
N LEU A 141 -4.96 3.81 -4.01
CA LEU A 141 -5.37 4.69 -2.93
C LEU A 141 -6.49 4.06 -2.13
N LEU A 142 -6.28 4.00 -0.81
CA LEU A 142 -7.24 3.37 0.08
C LEU A 142 -7.98 4.42 0.90
N GLU A 143 -8.99 3.96 1.64
CA GLU A 143 -9.79 4.81 2.55
C GLU A 143 -10.71 5.75 1.77
N PRO A 144 -11.82 6.17 2.40
CA PRO A 144 -12.76 7.11 1.81
C PRO A 144 -12.30 8.56 1.96
N GLY A 145 -11.38 8.98 1.10
CA GLY A 145 -10.88 10.33 1.12
C GLY A 145 -11.89 11.32 0.57
N GLU A 146 -12.56 10.94 -0.51
CA GLU A 146 -13.53 11.82 -1.14
C GLU A 146 -14.63 10.99 -1.79
N ALA A 147 -15.70 11.67 -2.22
CA ALA A 147 -16.82 11.02 -2.89
C ALA A 147 -17.43 9.92 -2.03
N PHE A 148 -17.52 10.18 -0.72
CA PHE A 148 -18.12 9.22 0.20
C PHE A 148 -19.20 9.89 1.05
N GLN A 149 -19.05 11.19 1.29
CA GLN A 149 -20.08 11.97 1.96
C GLN A 149 -21.01 12.57 0.93
N LYS A 150 -20.42 13.02 -0.18
CA LYS A 150 -21.18 13.52 -1.30
C LYS A 150 -20.59 13.00 -2.60
N GLY A 151 -21.38 13.00 -3.65
CA GLY A 151 -20.94 12.49 -4.92
C GLY A 151 -22.07 12.45 -5.91
N LEU B 1 -8.70 10.98 -3.61
CA LEU B 1 -8.64 9.64 -4.24
C LEU B 1 -8.56 9.75 -5.75
N ASN B 2 -9.25 10.73 -6.32
CA ASN B 2 -9.23 10.95 -7.77
C ASN B 2 -7.99 11.75 -8.15
N ILE B 3 -6.85 11.26 -7.69
CA ILE B 3 -5.56 11.90 -7.88
C ILE B 3 -5.14 11.87 -9.35
N GLY B 4 -5.56 10.84 -10.06
CA GLY B 4 -5.21 10.70 -11.45
C GLY B 4 -6.22 9.88 -12.21
N ARG B 5 -5.74 9.04 -13.11
CA ARG B 5 -6.62 8.22 -13.93
C ARG B 5 -6.82 6.85 -13.31
N GLU B 6 -8.06 6.38 -13.41
CA GLU B 6 -8.43 5.08 -12.88
C GLU B 6 -7.97 4.00 -13.85
N LEU B 7 -7.42 2.92 -13.33
CA LEU B 7 -6.86 1.89 -14.16
C LEU B 7 -7.87 0.80 -14.48
N THR B 8 -7.36 -0.28 -15.04
CA THR B 8 -8.16 -1.45 -15.34
C THR B 8 -7.62 -2.65 -14.58
N ASP B 9 -8.45 -3.66 -14.39
CA ASP B 9 -8.03 -4.87 -13.69
C ASP B 9 -6.86 -5.53 -14.41
N GLU B 10 -6.75 -5.27 -15.71
CA GLU B 10 -5.64 -5.78 -16.51
C GLU B 10 -4.31 -5.25 -16.01
N GLU B 11 -4.24 -3.95 -15.74
CA GLU B 11 -3.01 -3.33 -15.25
C GLU B 11 -2.73 -3.76 -13.82
N LEU B 12 -3.81 -4.04 -13.09
CA LEU B 12 -3.69 -4.52 -11.72
C LEU B 12 -3.10 -5.93 -11.70
N MET B 13 -3.33 -6.69 -12.77
CA MET B 13 -2.78 -8.03 -12.90
C MET B 13 -1.28 -7.97 -13.15
N GLU B 14 -0.84 -6.90 -13.80
CA GLU B 14 0.58 -6.68 -14.04
C GLU B 14 1.27 -6.30 -12.75
N MET B 15 0.59 -5.48 -11.97
CA MET B 15 1.14 -4.99 -10.71
C MET B 15 1.09 -6.09 -9.66
N THR B 16 2.20 -6.31 -8.99
CA THR B 16 2.31 -7.40 -8.03
C THR B 16 3.24 -7.00 -6.89
N GLY B 17 3.10 -7.68 -5.76
CA GLY B 17 3.84 -7.30 -4.57
C GLY B 17 5.09 -8.10 -4.35
N GLY B 18 5.36 -9.04 -5.24
CA GLY B 18 6.54 -9.87 -5.11
C GLY B 18 6.75 -10.76 -6.30
N SER B 19 6.59 -10.22 -7.48
CA SER B 19 6.71 -10.99 -8.71
C SER B 19 7.61 -10.28 -9.70
N THR B 20 8.40 -11.03 -10.44
CA THR B 20 9.32 -10.43 -11.40
C THR B 20 8.72 -10.40 -12.79
N PHE B 21 8.81 -9.25 -13.43
CA PHE B 21 8.40 -9.11 -14.83
C PHE B 21 9.37 -9.89 -15.71
N SER B 22 8.88 -10.98 -16.27
CA SER B 22 9.68 -11.82 -17.14
C SER B 22 9.04 -11.88 -18.52
N ILE B 23 9.84 -12.28 -19.52
CA ILE B 23 9.37 -12.36 -20.89
C ILE B 23 9.13 -10.96 -21.47
N GLN B 24 10.21 -10.36 -21.95
CA GLN B 24 10.16 -9.04 -22.56
C GLN B 24 11.05 -9.01 -23.80
N SER A 1 21.20 8.45 32.10
CA SER A 1 21.43 8.30 30.66
C SER A 1 20.18 8.66 29.87
N ASN A 2 19.05 8.81 30.56
CA ASN A 2 17.80 9.17 29.92
C ASN A 2 17.39 10.59 30.29
N ALA A 3 17.13 11.40 29.28
CA ALA A 3 16.71 12.78 29.49
C ALA A 3 15.20 12.90 29.43
N MET A 4 14.56 12.85 30.60
CA MET A 4 13.10 12.90 30.70
C MET A 4 12.46 11.75 29.94
N LEU A 5 12.74 10.54 30.41
CA LEU A 5 12.21 9.33 29.80
C LEU A 5 10.68 9.36 29.78
N ARG A 6 10.12 9.24 28.60
CA ARG A 6 8.67 9.28 28.44
C ARG A 6 8.22 8.15 27.52
N ARG A 7 7.02 7.65 27.77
CA ARG A 7 6.47 6.59 26.95
C ARG A 7 5.11 6.98 26.41
N LEU A 8 4.84 6.64 25.16
CA LEU A 8 3.55 6.92 24.56
C LEU A 8 2.54 5.86 24.97
N PHE A 9 1.68 6.21 25.90
CA PHE A 9 0.67 5.28 26.40
C PHE A 9 -0.56 5.31 25.50
N LYS A 10 -0.80 6.46 24.88
CA LYS A 10 -1.93 6.59 23.97
C LYS A 10 -1.59 5.97 22.62
N LYS A 11 -2.37 4.96 22.24
CA LYS A 11 -2.20 4.25 20.97
C LYS A 11 -0.90 3.45 20.94
N LYS A 12 -0.78 2.60 19.93
CA LYS A 12 0.41 1.78 19.76
C LYS A 12 0.85 1.77 18.31
N TYR A 13 1.97 1.11 18.06
CA TYR A 13 2.54 1.05 16.72
C TYR A 13 2.30 -0.31 16.10
N VAL A 14 2.17 -0.35 14.78
CA VAL A 14 1.96 -1.59 14.07
C VAL A 14 3.27 -2.37 13.99
N CYS A 15 3.36 -3.44 14.77
CA CYS A 15 4.58 -4.22 14.86
C CYS A 15 4.34 -5.63 14.33
N VAL A 16 3.45 -5.74 13.36
CA VAL A 16 3.16 -7.02 12.73
C VAL A 16 4.37 -7.48 11.93
N ARG A 17 4.71 -8.75 12.04
CA ARG A 17 5.90 -9.28 11.40
C ARG A 17 5.61 -9.74 9.98
N GLN A 18 6.29 -9.11 9.03
CA GLN A 18 6.18 -9.49 7.62
C GLN A 18 7.06 -10.70 7.36
N TYR A 19 6.62 -11.57 6.48
CA TYR A 19 7.31 -12.83 6.28
C TYR A 19 8.02 -12.90 4.93
N ASP A 20 7.28 -12.72 3.85
CA ASP A 20 7.86 -12.89 2.52
C ASP A 20 7.48 -11.76 1.58
N LEU A 21 8.07 -11.75 0.39
CA LEU A 21 7.76 -10.73 -0.60
C LEU A 21 6.31 -10.83 -1.05
N THR A 22 5.79 -12.05 -1.11
CA THR A 22 4.41 -12.29 -1.47
C THR A 22 3.49 -11.89 -0.33
N ASP A 23 3.88 -12.27 0.88
CA ASP A 23 3.15 -11.93 2.10
C ASP A 23 3.08 -10.41 2.29
N ALA A 24 4.11 -9.72 1.79
CA ALA A 24 4.18 -8.27 1.88
C ALA A 24 2.93 -7.60 1.32
N GLY A 25 2.34 -8.19 0.29
CA GLY A 25 1.14 -7.63 -0.29
C GLY A 25 -0.01 -7.58 0.69
N ALA A 26 -0.18 -8.67 1.43
CA ALA A 26 -1.22 -8.75 2.44
C ALA A 26 -0.87 -7.90 3.64
N ALA A 27 0.41 -7.82 3.94
CA ALA A 27 0.91 -7.01 5.04
C ALA A 27 0.67 -5.53 4.76
N CYS A 28 0.86 -5.13 3.52
CA CYS A 28 0.62 -3.74 3.13
C CYS A 28 -0.86 -3.38 3.30
N LEU A 29 -1.74 -4.26 2.85
CA LEU A 29 -3.17 -4.01 2.96
C LEU A 29 -3.61 -3.95 4.43
N SER A 30 -3.04 -4.83 5.25
CA SER A 30 -3.37 -4.86 6.66
C SER A 30 -2.77 -3.66 7.38
N SER A 31 -1.67 -3.13 6.86
CA SER A 31 -1.00 -1.98 7.48
C SER A 31 -1.97 -0.79 7.60
N ILE A 32 -2.64 -0.45 6.51
CA ILE A 32 -3.59 0.65 6.51
C ILE A 32 -4.78 0.33 7.40
N ALA A 33 -5.26 -0.91 7.30
CA ALA A 33 -6.41 -1.35 8.07
C ALA A 33 -6.14 -1.27 9.57
N GLN A 34 -5.02 -1.83 9.99
CA GLN A 34 -4.64 -1.86 11.40
C GLN A 34 -4.32 -0.45 11.89
N TYR A 35 -3.85 0.39 10.98
CA TYR A 35 -3.55 1.79 11.29
C TYR A 35 -4.78 2.49 11.84
N TYR A 36 -5.94 2.15 11.29
CA TYR A 36 -7.19 2.76 11.72
C TYR A 36 -7.87 1.93 12.81
N GLY A 37 -7.14 0.97 13.36
CA GLY A 37 -7.62 0.24 14.52
C GLY A 37 -8.28 -1.08 14.18
N LEU A 38 -8.32 -1.44 12.91
CA LEU A 38 -8.90 -2.71 12.50
C LEU A 38 -7.95 -3.85 12.85
N LYS A 39 -8.30 -4.62 13.85
CA LYS A 39 -7.41 -5.67 14.35
C LYS A 39 -7.60 -6.96 13.55
N MET A 40 -7.05 -6.97 12.35
CA MET A 40 -7.12 -8.15 11.50
C MET A 40 -5.72 -8.71 11.29
N SER A 41 -5.64 -9.99 11.00
CA SER A 41 -4.36 -10.65 10.83
C SER A 41 -3.98 -10.71 9.35
N LEU A 42 -2.71 -10.40 9.08
CA LEU A 42 -2.19 -10.36 7.71
C LEU A 42 -2.29 -11.75 7.07
N ALA A 43 -2.25 -12.79 7.90
CA ALA A 43 -2.38 -14.15 7.42
C ALA A 43 -3.76 -14.40 6.84
N LYS A 44 -4.75 -13.71 7.39
CA LYS A 44 -6.12 -13.81 6.90
C LYS A 44 -6.25 -13.02 5.61
N ILE A 45 -5.48 -11.93 5.53
CA ILE A 45 -5.50 -11.08 4.35
C ILE A 45 -4.87 -11.80 3.15
N ARG A 46 -3.92 -12.70 3.42
CA ARG A 46 -3.28 -13.46 2.36
C ARG A 46 -4.30 -14.34 1.62
N GLU A 47 -5.09 -15.07 2.38
CA GLU A 47 -6.11 -15.95 1.79
C GLU A 47 -7.28 -15.14 1.22
N MET A 48 -7.40 -13.90 1.68
CA MET A 48 -8.45 -13.01 1.17
C MET A 48 -8.04 -12.38 -0.15
N THR A 49 -6.76 -12.08 -0.29
CA THR A 49 -6.27 -11.41 -1.50
C THR A 49 -5.88 -12.43 -2.56
N GLY A 50 -5.96 -13.71 -2.22
CA GLY A 50 -5.59 -14.74 -3.14
C GLY A 50 -4.10 -14.69 -3.43
N THR A 51 -3.30 -14.56 -2.36
CA THR A 51 -1.87 -14.38 -2.49
C THR A 51 -1.25 -15.45 -3.40
N ASP A 52 -0.65 -14.98 -4.49
CA ASP A 52 -0.06 -15.87 -5.47
C ASP A 52 1.43 -16.04 -5.17
N THR A 53 1.86 -17.29 -5.05
CA THR A 53 3.24 -17.57 -4.65
C THR A 53 4.23 -17.18 -5.75
N GLN A 54 3.72 -17.00 -6.96
CA GLN A 54 4.55 -16.54 -8.08
C GLN A 54 4.62 -15.02 -8.06
N GLY A 55 3.69 -14.40 -7.34
CA GLY A 55 3.67 -12.96 -7.24
C GLY A 55 2.31 -12.43 -6.89
N THR A 56 2.16 -11.97 -5.65
CA THR A 56 0.92 -11.36 -5.19
C THR A 56 0.55 -10.17 -6.08
N ASN A 57 -0.54 -10.31 -6.81
CA ASN A 57 -1.00 -9.27 -7.71
C ASN A 57 -1.91 -8.30 -6.98
N ALA A 58 -1.89 -7.06 -7.44
CA ALA A 58 -2.64 -5.98 -6.81
C ALA A 58 -4.14 -6.16 -7.00
N TYR A 59 -4.50 -6.99 -7.96
CA TYR A 59 -5.91 -7.30 -8.21
C TYR A 59 -6.54 -7.99 -7.01
N GLY A 60 -5.78 -8.88 -6.38
CA GLY A 60 -6.24 -9.54 -5.18
C GLY A 60 -6.37 -8.57 -4.03
N LEU A 61 -5.43 -7.63 -3.95
CA LEU A 61 -5.45 -6.63 -2.89
C LEU A 61 -6.68 -5.74 -2.99
N ILE A 62 -6.89 -5.15 -4.16
CA ILE A 62 -8.01 -4.23 -4.37
C ILE A 62 -9.36 -4.93 -4.13
N HIS A 63 -9.45 -6.19 -4.53
CA HIS A 63 -10.69 -6.93 -4.40
C HIS A 63 -11.01 -7.19 -2.92
N ALA A 64 -10.02 -7.67 -2.18
CA ALA A 64 -10.18 -7.94 -0.76
C ALA A 64 -10.38 -6.67 0.04
N ALA A 65 -9.77 -5.58 -0.42
CA ALA A 65 -9.91 -4.29 0.25
C ALA A 65 -11.35 -3.81 0.20
N LYS A 66 -11.99 -4.02 -0.96
CA LYS A 66 -13.39 -3.67 -1.13
C LYS A 66 -14.25 -4.57 -0.25
N GLN A 67 -13.75 -5.76 0.04
CA GLN A 67 -14.42 -6.70 0.94
C GLN A 67 -14.21 -6.29 2.40
N LEU A 68 -13.28 -5.36 2.61
CA LEU A 68 -13.00 -4.86 3.94
C LEU A 68 -13.85 -3.63 4.25
N GLY A 69 -14.25 -2.95 3.19
CA GLY A 69 -14.93 -1.69 3.35
C GLY A 69 -14.08 -0.53 2.87
N PHE A 70 -12.88 -0.85 2.42
CA PHE A 70 -12.00 0.16 1.84
C PHE A 70 -12.26 0.30 0.35
N SER A 71 -12.57 1.52 -0.08
CA SER A 71 -12.76 1.80 -1.49
C SER A 71 -11.41 1.86 -2.18
N ALA A 72 -10.94 0.71 -2.63
CA ALA A 72 -9.63 0.58 -3.23
C ALA A 72 -9.72 0.67 -4.74
N LYS A 73 -8.70 1.28 -5.34
CA LYS A 73 -8.62 1.40 -6.79
C LYS A 73 -7.20 1.71 -7.22
N GLY A 74 -6.84 1.22 -8.39
CA GLY A 74 -5.50 1.41 -8.91
C GLY A 74 -5.44 2.60 -9.83
N VAL A 75 -4.59 3.57 -9.50
CA VAL A 75 -4.52 4.81 -10.24
C VAL A 75 -3.08 5.11 -10.70
N LYS A 76 -2.98 6.00 -11.68
CA LYS A 76 -1.70 6.49 -12.16
C LYS A 76 -1.58 7.97 -11.90
N ALA A 77 -0.51 8.35 -11.21
CA ALA A 77 -0.26 9.76 -10.90
C ALA A 77 1.20 10.10 -11.21
N SER A 78 1.54 11.37 -11.08
CA SER A 78 2.92 11.80 -11.30
C SER A 78 3.53 12.28 -9.99
N LYS A 79 4.81 12.62 -10.01
CA LYS A 79 5.50 13.14 -8.82
C LYS A 79 4.79 14.37 -8.27
N GLU A 80 4.27 15.21 -9.17
CA GLU A 80 3.59 16.43 -8.76
C GLU A 80 2.24 16.10 -8.13
N ASP A 81 1.58 15.08 -8.65
CA ASP A 81 0.27 14.68 -8.17
C ASP A 81 0.36 14.10 -6.76
N LEU A 82 1.53 13.56 -6.43
CA LEU A 82 1.76 12.97 -5.11
C LEU A 82 1.69 14.04 -4.03
N LEU A 83 1.80 15.29 -4.47
CA LEU A 83 1.78 16.43 -3.56
C LEU A 83 0.44 17.14 -3.61
N LYS A 84 -0.51 16.53 -4.31
CA LYS A 84 -1.83 17.12 -4.49
C LYS A 84 -2.88 16.34 -3.73
N ASP A 85 -3.21 15.15 -4.23
CA ASP A 85 -4.28 14.36 -3.65
C ASP A 85 -3.72 13.25 -2.77
N PHE A 86 -2.91 13.65 -1.79
CA PHE A 86 -2.37 12.72 -0.81
C PHE A 86 -2.31 13.31 0.57
N ARG A 87 -2.85 12.52 1.49
CA ARG A 87 -2.79 12.78 2.91
C ARG A 87 -3.33 11.55 3.62
N LEU A 88 -3.15 10.41 2.94
CA LEU A 88 -3.69 9.13 3.38
C LEU A 88 -2.62 8.06 3.21
N PRO A 89 -2.65 7.03 4.07
CA PRO A 89 -1.79 5.87 3.90
C PRO A 89 -2.28 4.98 2.75
N ALA A 90 -1.41 4.74 1.77
CA ALA A 90 -1.79 4.02 0.57
C ALA A 90 -0.73 2.99 0.18
N ILE A 91 -1.12 2.05 -0.67
CA ILE A 91 -0.21 1.01 -1.12
C ILE A 91 0.39 1.37 -2.47
N ALA A 92 1.70 1.44 -2.53
CA ALA A 92 2.39 1.77 -3.77
C ALA A 92 3.08 0.55 -4.36
N ASN A 93 2.99 0.41 -5.67
CA ASN A 93 3.60 -0.72 -6.35
C ASN A 93 4.95 -0.32 -6.93
N VAL A 94 6.01 -0.65 -6.21
CA VAL A 94 7.36 -0.33 -6.64
C VAL A 94 8.01 -1.54 -7.32
N ILE A 95 8.70 -1.30 -8.42
CA ILE A 95 9.31 -2.36 -9.19
C ILE A 95 10.68 -1.92 -9.70
N VAL A 96 11.74 -2.43 -9.10
CA VAL A 96 13.09 -2.03 -9.47
C VAL A 96 13.55 -2.79 -10.72
N ASP A 97 14.00 -2.02 -11.71
CA ASP A 97 14.49 -2.55 -12.98
C ASP A 97 13.39 -3.28 -13.75
N ASN A 98 12.14 -3.07 -13.35
CA ASN A 98 11.00 -3.81 -13.90
C ASN A 98 11.17 -5.30 -13.66
N ARG A 99 11.91 -5.64 -12.62
CA ARG A 99 12.16 -7.04 -12.27
C ARG A 99 11.55 -7.37 -10.92
N LEU A 100 12.17 -6.88 -9.85
CA LEU A 100 11.67 -7.13 -8.50
C LEU A 100 10.48 -6.23 -8.22
N ALA A 101 9.30 -6.83 -8.23
CA ALA A 101 8.07 -6.10 -7.97
C ALA A 101 7.66 -6.28 -6.52
N HIS A 102 7.38 -5.17 -5.85
CA HIS A 102 7.09 -5.21 -4.42
C HIS A 102 6.12 -4.10 -4.04
N PHE A 103 5.45 -4.27 -2.91
CA PHE A 103 4.55 -3.24 -2.39
C PHE A 103 5.17 -2.53 -1.19
N VAL A 104 5.01 -1.21 -1.15
CA VAL A 104 5.37 -0.43 0.02
C VAL A 104 4.17 0.40 0.48
N VAL A 105 4.09 0.64 1.79
CA VAL A 105 3.00 1.43 2.35
C VAL A 105 3.42 2.88 2.53
N ILE A 106 2.79 3.78 1.80
CA ILE A 106 3.09 5.20 1.92
C ILE A 106 2.30 5.81 3.06
N TYR A 107 2.99 6.44 3.99
CA TYR A 107 2.33 7.08 5.12
C TYR A 107 2.20 8.58 4.92
N SER A 108 3.20 9.20 4.30
CA SER A 108 3.19 10.64 4.12
C SER A 108 4.06 11.04 2.94
N ILE A 109 3.67 12.12 2.28
CA ILE A 109 4.40 12.65 1.13
C ILE A 109 4.52 14.15 1.27
N LYS A 110 5.70 14.62 1.65
CA LYS A 110 5.91 16.05 1.86
C LYS A 110 7.36 16.42 1.54
N ASN A 111 7.55 17.64 1.06
CA ASN A 111 8.89 18.17 0.78
C ASN A 111 9.62 17.32 -0.26
N ARG A 112 8.84 16.75 -1.18
CA ARG A 112 9.38 15.86 -2.22
C ARG A 112 9.91 14.55 -1.63
N ILE A 113 9.53 14.29 -0.38
CA ILE A 113 9.98 13.07 0.29
C ILE A 113 8.80 12.15 0.58
N ILE A 114 8.90 10.92 0.13
CA ILE A 114 7.86 9.93 0.32
C ILE A 114 8.22 9.00 1.47
N THR A 115 7.48 9.11 2.56
CA THR A 115 7.72 8.30 3.74
C THR A 115 6.93 7.00 3.65
N VAL A 116 7.64 5.89 3.51
CA VAL A 116 6.98 4.61 3.34
C VAL A 116 7.42 3.59 4.40
N ALA A 117 6.63 2.55 4.54
CA ALA A 117 6.97 1.44 5.41
C ALA A 117 7.27 0.22 4.58
N ASP A 118 8.53 -0.15 4.53
CA ASP A 118 8.96 -1.32 3.77
C ASP A 118 8.82 -2.57 4.62
N PRO A 119 8.18 -3.62 4.08
CA PRO A 119 7.98 -4.90 4.78
C PRO A 119 9.26 -5.53 5.33
N GLY A 120 10.41 -5.00 4.95
CA GLY A 120 11.66 -5.52 5.46
C GLY A 120 12.34 -4.56 6.44
N LYS A 121 11.80 -3.36 6.57
CA LYS A 121 12.39 -2.34 7.43
C LYS A 121 11.31 -1.57 8.19
N GLY A 122 11.72 -0.54 8.92
CA GLY A 122 10.78 0.28 9.64
C GLY A 122 10.25 1.42 8.79
N ILE A 123 10.61 2.63 9.17
CA ILE A 123 10.17 3.81 8.45
C ILE A 123 11.28 4.31 7.54
N VAL A 124 11.14 4.07 6.24
CA VAL A 124 12.14 4.48 5.28
C VAL A 124 11.56 5.56 4.36
N ARG A 125 12.31 6.63 4.16
CA ARG A 125 11.84 7.76 3.38
C ARG A 125 12.68 7.94 2.12
N TYR A 126 12.01 7.91 0.98
CA TYR A 126 12.67 8.06 -0.31
C TYR A 126 12.39 9.45 -0.87
N SER A 127 13.37 10.01 -1.56
CA SER A 127 13.15 11.26 -2.26
C SER A 127 12.41 10.97 -3.57
N MET A 128 11.86 12.00 -4.21
CA MET A 128 11.15 11.80 -5.47
C MET A 128 12.07 11.14 -6.50
N ASP A 129 13.33 11.57 -6.51
CA ASP A 129 14.32 11.04 -7.44
C ASP A 129 14.57 9.57 -7.20
N ASP A 130 14.42 9.13 -5.95
CA ASP A 130 14.54 7.72 -5.62
C ASP A 130 13.26 6.97 -5.96
N PHE A 131 12.15 7.50 -5.47
CA PHE A 131 10.85 6.84 -5.60
C PHE A 131 10.46 6.66 -7.06
N CYS A 132 10.52 7.74 -7.83
CA CYS A 132 10.10 7.70 -9.23
C CYS A 132 10.96 6.74 -10.07
N SER A 133 12.16 6.45 -9.58
CA SER A 133 13.04 5.52 -10.28
C SER A 133 12.60 4.06 -10.04
N ILE A 134 12.26 3.74 -8.80
CA ILE A 134 11.86 2.38 -8.46
C ILE A 134 10.36 2.16 -8.71
N TRP A 135 9.61 3.24 -8.72
CA TRP A 135 8.18 3.16 -8.97
C TRP A 135 7.91 3.17 -10.46
N THR A 136 7.55 2.00 -10.98
CA THR A 136 7.26 1.85 -12.40
C THR A 136 5.89 2.46 -12.72
N GLY A 137 4.95 2.24 -11.82
CA GLY A 137 3.62 2.73 -12.01
C GLY A 137 2.59 1.87 -11.31
N GLY A 138 1.76 2.49 -10.49
CA GLY A 138 0.75 1.74 -9.77
C GLY A 138 0.56 2.27 -8.37
N LEU A 139 -0.54 2.96 -8.15
CA LEU A 139 -0.90 3.47 -6.84
C LEU A 139 -2.25 2.93 -6.43
N VAL A 140 -2.29 2.23 -5.32
CA VAL A 140 -3.55 1.74 -4.79
C VAL A 140 -3.95 2.58 -3.58
N LEU A 141 -4.77 3.58 -3.82
CA LEU A 141 -5.22 4.46 -2.75
C LEU A 141 -6.43 3.87 -2.05
N LEU A 142 -6.36 3.82 -0.73
CA LEU A 142 -7.41 3.22 0.07
C LEU A 142 -8.24 4.30 0.75
N GLU A 143 -9.55 4.16 0.65
CA GLU A 143 -10.46 5.08 1.32
C GLU A 143 -11.30 4.35 2.35
N PRO A 144 -11.04 4.62 3.63
CA PRO A 144 -11.84 4.06 4.72
C PRO A 144 -13.31 4.44 4.61
N GLY A 145 -14.18 3.45 4.72
CA GLY A 145 -15.60 3.68 4.58
C GLY A 145 -16.18 4.39 5.78
N GLU A 146 -15.79 3.94 6.97
CA GLU A 146 -16.33 4.50 8.19
C GLU A 146 -15.41 4.21 9.38
N ALA A 147 -15.66 4.89 10.50
CA ALA A 147 -14.92 4.68 11.74
C ALA A 147 -13.42 4.94 11.58
N PHE A 148 -13.08 5.94 10.78
CA PHE A 148 -11.68 6.31 10.60
C PHE A 148 -11.39 7.68 11.20
N GLN A 149 -12.44 8.40 11.55
CA GLN A 149 -12.28 9.69 12.21
C GLN A 149 -12.35 9.52 13.71
N LYS A 150 -13.09 8.52 14.14
CA LYS A 150 -13.22 8.19 15.55
C LYS A 150 -12.54 6.86 15.84
N GLY A 151 -12.11 6.68 17.08
CA GLY A 151 -11.46 5.45 17.47
C GLY A 151 -10.82 5.59 18.82
N LEU B 1 -10.47 9.50 -3.62
CA LEU B 1 -9.05 9.39 -4.01
C LEU B 1 -8.92 8.83 -5.42
N ASN B 2 -9.33 9.62 -6.40
CA ASN B 2 -9.17 9.26 -7.80
C ASN B 2 -8.06 10.09 -8.40
N ILE B 3 -6.94 10.13 -7.67
CA ILE B 3 -5.76 10.90 -8.05
C ILE B 3 -5.26 10.49 -9.44
N GLY B 4 -4.97 11.50 -10.26
CA GLY B 4 -4.54 11.24 -11.62
C GLY B 4 -5.63 10.55 -12.41
N ARG B 5 -5.31 9.42 -12.99
CA ARG B 5 -6.29 8.63 -13.72
C ARG B 5 -6.32 7.20 -13.22
N GLU B 6 -7.50 6.64 -13.16
CA GLU B 6 -7.68 5.30 -12.61
C GLU B 6 -7.58 4.25 -13.71
N LEU B 7 -7.02 3.11 -13.36
CA LEU B 7 -6.77 2.05 -14.32
C LEU B 7 -7.92 1.05 -14.33
N THR B 8 -7.69 -0.09 -14.96
CA THR B 8 -8.70 -1.13 -15.07
C THR B 8 -8.17 -2.43 -14.46
N ASP B 9 -9.05 -3.41 -14.29
CA ASP B 9 -8.69 -4.69 -13.65
C ASP B 9 -7.45 -5.31 -14.27
N GLU B 10 -7.32 -5.20 -15.59
CA GLU B 10 -6.19 -5.76 -16.33
C GLU B 10 -4.85 -5.29 -15.75
N GLU B 11 -4.77 -4.00 -15.43
CA GLU B 11 -3.55 -3.41 -14.91
C GLU B 11 -3.21 -4.00 -13.55
N LEU B 12 -4.23 -4.24 -12.74
CA LEU B 12 -4.07 -4.81 -11.41
C LEU B 12 -3.46 -6.21 -11.49
N MET B 13 -3.74 -6.90 -12.60
CA MET B 13 -3.21 -8.24 -12.81
C MET B 13 -1.71 -8.21 -13.06
N GLU B 14 -1.26 -7.18 -13.79
CA GLU B 14 0.16 -7.03 -14.09
C GLU B 14 0.91 -6.44 -12.89
N MET B 15 0.20 -5.69 -12.08
CA MET B 15 0.78 -5.10 -10.88
C MET B 15 0.95 -6.18 -9.80
N THR B 16 2.14 -6.27 -9.24
CA THR B 16 2.46 -7.31 -8.27
C THR B 16 3.43 -6.80 -7.23
N GLY B 17 3.32 -7.34 -6.02
CA GLY B 17 4.16 -6.89 -4.93
C GLY B 17 5.08 -7.96 -4.42
N GLY B 18 5.02 -9.13 -5.05
CA GLY B 18 5.89 -10.22 -4.67
C GLY B 18 6.29 -11.08 -5.85
N SER B 19 6.50 -10.44 -7.00
CA SER B 19 6.84 -11.16 -8.20
C SER B 19 8.17 -10.66 -8.76
N THR B 20 8.83 -11.47 -9.57
CA THR B 20 10.07 -11.07 -10.21
C THR B 20 9.94 -11.20 -11.72
N PHE B 21 9.65 -10.09 -12.38
CA PHE B 21 9.51 -10.07 -13.83
C PHE B 21 10.84 -10.35 -14.49
N SER B 22 10.94 -11.52 -15.10
CA SER B 22 12.16 -11.95 -15.75
C SER B 22 11.85 -12.53 -17.12
N ILE B 23 10.91 -11.89 -17.82
CA ILE B 23 10.48 -12.34 -19.13
C ILE B 23 11.54 -12.03 -20.19
N GLN B 24 12.47 -11.15 -19.84
CA GLN B 24 13.63 -10.81 -20.67
C GLN B 24 13.20 -10.24 -22.02
N SER A 1 2.96 12.22 35.56
CA SER A 1 3.77 11.43 34.61
C SER A 1 4.53 12.37 33.67
N ASN A 2 5.60 12.96 34.16
CA ASN A 2 6.40 13.91 33.38
C ASN A 2 7.55 13.19 32.70
N ALA A 3 8.13 12.23 33.38
CA ALA A 3 9.24 11.46 32.82
C ALA A 3 8.71 10.24 32.07
N MET A 4 7.80 9.53 32.70
CA MET A 4 7.16 8.38 32.10
C MET A 4 5.95 8.83 31.28
N LEU A 5 5.78 8.22 30.13
CA LEU A 5 4.69 8.58 29.23
C LEU A 5 4.18 7.34 28.52
N ARG A 6 3.03 7.47 27.88
CA ARG A 6 2.47 6.35 27.13
C ARG A 6 3.17 6.25 25.78
N ARG A 7 4.31 5.58 25.78
CA ARG A 7 5.14 5.44 24.59
C ARG A 7 4.37 4.74 23.48
N LEU A 8 3.75 3.63 23.81
CA LEU A 8 2.93 2.91 22.86
C LEU A 8 1.46 3.26 23.10
N PHE A 9 1.09 4.46 22.71
CA PHE A 9 -0.29 4.91 22.85
C PHE A 9 -1.02 4.79 21.53
N LYS A 10 -2.15 4.09 21.55
CA LYS A 10 -2.98 3.88 20.37
C LYS A 10 -2.27 2.99 19.35
N LYS A 11 -1.35 3.58 18.62
CA LYS A 11 -0.59 2.88 17.60
C LYS A 11 0.46 3.83 17.02
N LYS A 12 1.67 3.34 16.84
CA LYS A 12 2.73 4.14 16.24
C LYS A 12 3.39 3.39 15.10
N TYR A 13 4.29 2.48 15.42
CA TYR A 13 4.98 1.70 14.41
C TYR A 13 4.16 0.46 14.07
N VAL A 14 4.30 -0.01 12.85
CA VAL A 14 3.61 -1.20 12.40
C VAL A 14 4.60 -2.35 12.24
N CYS A 15 4.38 -3.44 12.96
CA CYS A 15 5.28 -4.58 12.92
C CYS A 15 4.58 -5.80 12.34
N VAL A 16 4.75 -6.00 11.04
CA VAL A 16 4.20 -7.17 10.36
C VAL A 16 5.31 -8.19 10.15
N ARG A 17 4.97 -9.46 10.29
CA ARG A 17 5.95 -10.53 10.11
C ARG A 17 5.90 -11.06 8.68
N GLN A 18 7.01 -10.92 7.97
CA GLN A 18 7.13 -11.45 6.62
C GLN A 18 7.43 -12.93 6.65
N TYR A 19 6.72 -13.68 5.84
CA TYR A 19 6.95 -15.11 5.72
C TYR A 19 7.59 -15.44 4.38
N ASP A 20 7.33 -14.60 3.39
CA ASP A 20 7.93 -14.76 2.07
C ASP A 20 8.08 -13.39 1.43
N LEU A 21 8.90 -13.28 0.39
CA LEU A 21 9.05 -12.04 -0.35
C LEU A 21 7.78 -11.73 -1.15
N THR A 22 7.04 -12.78 -1.49
CA THR A 22 5.78 -12.64 -2.19
C THR A 22 4.64 -12.36 -1.21
N ASP A 23 4.96 -12.43 0.07
CA ASP A 23 3.98 -12.28 1.13
C ASP A 23 3.75 -10.80 1.44
N ALA A 24 4.69 -9.95 1.00
CA ALA A 24 4.62 -8.51 1.24
C ALA A 24 3.29 -7.92 0.80
N GLY A 25 2.69 -8.47 -0.25
CA GLY A 25 1.44 -7.95 -0.77
C GLY A 25 0.33 -7.96 0.27
N ALA A 26 0.18 -9.10 0.94
CA ALA A 26 -0.83 -9.25 1.97
C ALA A 26 -0.47 -8.41 3.20
N ALA A 27 0.82 -8.31 3.46
CA ALA A 27 1.32 -7.55 4.59
C ALA A 27 1.04 -6.07 4.45
N CYS A 28 1.16 -5.55 3.24
CA CYS A 28 0.94 -4.12 2.99
C CYS A 28 -0.45 -3.67 3.41
N LEU A 29 -1.47 -4.39 2.96
CA LEU A 29 -2.84 -4.08 3.32
C LEU A 29 -3.05 -4.19 4.84
N SER A 30 -2.40 -5.19 5.43
CA SER A 30 -2.50 -5.42 6.85
C SER A 30 -1.79 -4.31 7.64
N SER A 31 -0.74 -3.74 7.05
CA SER A 31 0.04 -2.71 7.72
C SER A 31 -0.81 -1.46 7.93
N ILE A 32 -1.62 -1.15 6.93
CA ILE A 32 -2.47 0.01 6.98
C ILE A 32 -3.63 -0.22 7.94
N ALA A 33 -4.16 -1.45 7.93
CA ALA A 33 -5.22 -1.82 8.86
C ALA A 33 -4.72 -1.73 10.30
N GLN A 34 -3.52 -2.27 10.55
CA GLN A 34 -2.94 -2.24 11.89
C GLN A 34 -2.56 -0.82 12.30
N TYR A 35 -2.35 0.05 11.31
CA TYR A 35 -2.05 1.44 11.58
C TYR A 35 -3.25 2.13 12.21
N TYR A 36 -4.44 1.60 11.95
CA TYR A 36 -5.66 2.11 12.55
C TYR A 36 -5.96 1.38 13.85
N GLY A 37 -5.07 0.47 14.23
CA GLY A 37 -5.26 -0.28 15.45
C GLY A 37 -5.95 -1.59 15.23
N LEU A 38 -6.31 -1.87 13.99
CA LEU A 38 -6.97 -3.13 13.65
C LEU A 38 -5.94 -4.23 13.56
N LYS A 39 -5.93 -5.10 14.55
CA LYS A 39 -4.88 -6.11 14.65
C LYS A 39 -5.35 -7.43 14.05
N MET A 40 -5.30 -7.50 12.72
CA MET A 40 -5.65 -8.71 12.01
C MET A 40 -4.39 -9.38 11.47
N SER A 41 -4.49 -10.67 11.21
CA SER A 41 -3.38 -11.44 10.67
C SER A 41 -3.31 -11.28 9.16
N LEU A 42 -2.12 -10.97 8.67
CA LEU A 42 -1.88 -10.77 7.24
C LEU A 42 -2.20 -12.05 6.45
N ALA A 43 -2.13 -13.18 7.12
CA ALA A 43 -2.44 -14.47 6.51
C ALA A 43 -3.89 -14.50 6.02
N LYS A 44 -4.77 -13.84 6.77
CA LYS A 44 -6.16 -13.75 6.40
C LYS A 44 -6.32 -12.89 5.15
N ILE A 45 -5.55 -11.82 5.08
CA ILE A 45 -5.55 -10.96 3.92
C ILE A 45 -4.98 -11.70 2.72
N ARG A 46 -4.00 -12.55 2.98
CA ARG A 46 -3.38 -13.37 1.94
C ARG A 46 -4.42 -14.22 1.22
N GLU A 47 -5.24 -14.93 1.99
CA GLU A 47 -6.25 -15.81 1.43
C GLU A 47 -7.41 -15.00 0.85
N MET A 48 -7.66 -13.82 1.39
CA MET A 48 -8.73 -12.96 0.88
C MET A 48 -8.35 -12.36 -0.47
N THR A 49 -7.10 -11.95 -0.61
CA THR A 49 -6.65 -11.27 -1.82
C THR A 49 -6.28 -12.26 -2.91
N GLY A 50 -6.38 -13.55 -2.60
CA GLY A 50 -6.03 -14.57 -3.56
C GLY A 50 -4.55 -14.57 -3.85
N THR A 51 -3.75 -14.30 -2.83
CA THR A 51 -2.31 -14.16 -2.99
C THR A 51 -1.67 -15.43 -3.55
N ASP A 52 -0.98 -15.26 -4.67
CA ASP A 52 -0.16 -16.29 -5.27
C ASP A 52 1.21 -16.27 -4.64
N THR A 53 1.76 -17.43 -4.34
CA THR A 53 3.09 -17.51 -3.77
C THR A 53 4.15 -17.09 -4.79
N GLN A 54 3.70 -16.76 -6.00
CA GLN A 54 4.55 -16.16 -7.02
C GLN A 54 4.42 -14.64 -6.97
N GLY A 55 3.51 -14.15 -6.14
CA GLY A 55 3.36 -12.72 -5.94
C GLY A 55 1.91 -12.27 -5.88
N THR A 56 1.59 -11.45 -4.87
CA THR A 56 0.26 -10.87 -4.74
C THR A 56 -0.01 -9.89 -5.90
N ASN A 57 -1.16 -10.01 -6.53
CA ASN A 57 -1.55 -9.09 -7.59
C ASN A 57 -2.34 -7.93 -7.01
N ALA A 58 -2.27 -6.79 -7.69
CA ALA A 58 -2.85 -5.55 -7.19
C ALA A 58 -4.38 -5.58 -7.18
N TYR A 59 -4.96 -6.45 -8.00
CA TYR A 59 -6.42 -6.55 -8.05
C TYR A 59 -6.95 -7.24 -6.80
N GLY A 60 -6.18 -8.18 -6.26
CA GLY A 60 -6.58 -8.85 -5.05
C GLY A 60 -6.73 -7.88 -3.89
N LEU A 61 -5.83 -6.90 -3.83
CA LEU A 61 -5.86 -5.90 -2.78
C LEU A 61 -7.16 -5.09 -2.83
N ILE A 62 -7.43 -4.48 -3.98
CA ILE A 62 -8.62 -3.66 -4.15
C ILE A 62 -9.89 -4.48 -3.96
N HIS A 63 -9.88 -5.72 -4.47
CA HIS A 63 -11.03 -6.60 -4.37
C HIS A 63 -11.35 -6.91 -2.90
N ALA A 64 -10.34 -7.26 -2.13
CA ALA A 64 -10.53 -7.59 -0.73
C ALA A 64 -10.89 -6.34 0.07
N ALA A 65 -10.28 -5.22 -0.27
CA ALA A 65 -10.50 -3.96 0.43
C ALA A 65 -11.97 -3.54 0.39
N LYS A 66 -12.55 -3.55 -0.81
CA LYS A 66 -13.93 -3.11 -0.97
C LYS A 66 -14.91 -4.11 -0.35
N GLN A 67 -14.47 -5.35 -0.18
CA GLN A 67 -15.28 -6.35 0.51
C GLN A 67 -15.26 -6.11 2.01
N LEU A 68 -14.14 -5.56 2.49
CA LEU A 68 -14.01 -5.21 3.90
C LEU A 68 -14.75 -3.93 4.22
N GLY A 69 -15.06 -3.16 3.18
CA GLY A 69 -15.65 -1.84 3.37
C GLY A 69 -14.57 -0.79 3.44
N PHE A 70 -13.33 -1.24 3.30
CA PHE A 70 -12.17 -0.36 3.35
C PHE A 70 -12.17 0.56 2.13
N SER A 71 -12.65 0.04 1.01
CA SER A 71 -12.74 0.78 -0.25
C SER A 71 -11.35 1.02 -0.86
N ALA A 72 -11.25 0.83 -2.18
CA ALA A 72 -9.96 0.94 -2.86
C ALA A 72 -10.15 1.28 -4.33
N LYS A 73 -9.07 1.75 -4.96
CA LYS A 73 -9.09 2.05 -6.39
C LYS A 73 -7.67 2.14 -6.93
N GLY A 74 -7.44 1.54 -8.09
CA GLY A 74 -6.15 1.61 -8.74
C GLY A 74 -6.09 2.78 -9.71
N VAL A 75 -5.23 3.75 -9.42
CA VAL A 75 -5.14 4.95 -10.22
C VAL A 75 -3.72 5.20 -10.74
N LYS A 76 -3.60 6.18 -11.62
CA LYS A 76 -2.32 6.62 -12.14
C LYS A 76 -2.10 8.09 -11.85
N ALA A 77 -0.88 8.41 -11.42
CA ALA A 77 -0.48 9.78 -11.15
C ALA A 77 1.01 9.89 -11.38
N SER A 78 1.54 11.10 -11.35
CA SER A 78 2.98 11.30 -11.51
C SER A 78 3.59 11.83 -10.23
N LYS A 79 4.91 11.97 -10.20
CA LYS A 79 5.60 12.51 -9.03
C LYS A 79 5.04 13.88 -8.66
N GLU A 80 4.66 14.66 -9.67
CA GLU A 80 4.17 16.01 -9.47
C GLU A 80 2.79 16.00 -8.80
N ASP A 81 2.05 14.91 -8.98
CA ASP A 81 0.72 14.80 -8.40
C ASP A 81 0.80 14.45 -6.94
N LEU A 82 1.96 13.93 -6.53
CA LEU A 82 2.17 13.50 -5.15
C LEU A 82 2.16 14.72 -4.21
N LEU A 83 2.49 15.89 -4.75
CA LEU A 83 2.51 17.12 -3.97
C LEU A 83 1.20 17.88 -4.13
N LYS A 84 0.31 17.37 -4.96
CA LYS A 84 -0.94 18.05 -5.25
C LYS A 84 -2.00 17.74 -4.20
N ASP A 85 -2.45 16.49 -4.17
CA ASP A 85 -3.48 16.09 -3.22
C ASP A 85 -3.29 14.65 -2.78
N PHE A 86 -3.02 14.49 -1.49
CA PHE A 86 -2.85 13.18 -0.88
C PHE A 86 -3.12 13.24 0.61
N ARG A 87 -4.06 12.42 1.03
CA ARG A 87 -4.40 12.28 2.43
C ARG A 87 -4.87 10.87 2.67
N LEU A 88 -4.45 9.98 1.78
CA LEU A 88 -4.92 8.59 1.79
C LEU A 88 -3.73 7.65 1.80
N PRO A 89 -3.81 6.58 2.61
CA PRO A 89 -2.83 5.50 2.55
C PRO A 89 -2.85 4.80 1.19
N ALA A 90 -1.71 4.77 0.53
CA ALA A 90 -1.64 4.24 -0.82
C ALA A 90 -0.66 3.09 -0.92
N ILE A 91 -1.08 2.01 -1.54
CA ILE A 91 -0.18 0.91 -1.83
C ILE A 91 0.41 1.09 -3.22
N ALA A 92 1.68 1.43 -3.27
CA ALA A 92 2.34 1.74 -4.52
C ALA A 92 3.01 0.51 -5.12
N ASN A 93 3.01 0.42 -6.44
CA ASN A 93 3.64 -0.69 -7.14
C ASN A 93 5.04 -0.28 -7.59
N VAL A 94 6.04 -0.84 -6.92
CA VAL A 94 7.41 -0.48 -7.19
C VAL A 94 8.19 -1.71 -7.65
N ILE A 95 9.10 -1.52 -8.59
CA ILE A 95 9.87 -2.62 -9.13
C ILE A 95 11.35 -2.31 -9.03
N VAL A 96 12.06 -3.08 -8.24
CA VAL A 96 13.47 -2.85 -8.02
C VAL A 96 14.31 -3.42 -9.17
N ASP A 97 15.08 -2.54 -9.82
CA ASP A 97 15.98 -2.92 -10.91
C ASP A 97 15.21 -3.50 -12.09
N ASN A 98 13.92 -3.17 -12.17
CA ASN A 98 13.04 -3.73 -13.21
C ASN A 98 12.98 -5.25 -13.11
N ARG A 99 13.25 -5.77 -11.92
CA ARG A 99 13.26 -7.20 -11.68
C ARG A 99 12.12 -7.61 -10.75
N LEU A 100 12.33 -7.37 -9.46
CA LEU A 100 11.38 -7.80 -8.45
C LEU A 100 10.36 -6.72 -8.17
N ALA A 101 9.10 -7.04 -8.40
CA ALA A 101 8.00 -6.15 -8.13
C ALA A 101 7.58 -6.29 -6.67
N HIS A 102 7.28 -5.17 -6.04
CA HIS A 102 6.93 -5.15 -4.62
C HIS A 102 5.97 -4.02 -4.34
N PHE A 103 5.21 -4.18 -3.25
CA PHE A 103 4.31 -3.13 -2.81
C PHE A 103 4.87 -2.43 -1.58
N VAL A 104 4.80 -1.11 -1.59
CA VAL A 104 5.16 -0.32 -0.43
C VAL A 104 3.97 0.55 0.01
N VAL A 105 3.89 0.83 1.30
CA VAL A 105 2.79 1.59 1.85
C VAL A 105 3.14 3.07 1.99
N ILE A 106 2.47 3.92 1.24
CA ILE A 106 2.66 5.35 1.32
C ILE A 106 1.65 5.97 2.26
N TYR A 107 2.13 6.76 3.22
CA TYR A 107 1.24 7.43 4.16
C TYR A 107 1.02 8.89 3.79
N SER A 108 2.12 9.60 3.54
CA SER A 108 2.03 11.02 3.21
C SER A 108 3.22 11.44 2.34
N ILE A 109 2.99 12.41 1.48
CA ILE A 109 4.04 12.95 0.64
C ILE A 109 4.15 14.45 0.86
N LYS A 110 5.31 14.92 1.30
CA LYS A 110 5.51 16.33 1.56
C LYS A 110 6.97 16.72 1.39
N ASN A 111 7.18 17.93 0.86
CA ASN A 111 8.51 18.47 0.61
C ASN A 111 9.30 17.58 -0.35
N ARG A 112 8.59 17.01 -1.33
CA ARG A 112 9.18 16.14 -2.35
C ARG A 112 9.65 14.81 -1.76
N ILE A 113 9.39 14.60 -0.48
CA ILE A 113 9.83 13.40 0.18
C ILE A 113 8.62 12.51 0.50
N ILE A 114 8.67 11.27 0.05
CA ILE A 114 7.58 10.34 0.24
C ILE A 114 7.82 9.51 1.49
N THR A 115 6.92 9.63 2.45
CA THR A 115 7.03 8.88 3.69
C THR A 115 6.26 7.57 3.58
N VAL A 116 7.00 6.47 3.55
CA VAL A 116 6.41 5.17 3.28
C VAL A 116 6.74 4.17 4.40
N ALA A 117 6.17 2.99 4.27
CA ALA A 117 6.43 1.91 5.18
C ALA A 117 6.53 0.61 4.40
N ASP A 118 7.58 -0.14 4.66
CA ASP A 118 7.78 -1.42 4.01
C ASP A 118 7.64 -2.53 5.05
N PRO A 119 6.73 -3.48 4.83
CA PRO A 119 6.39 -4.51 5.82
C PRO A 119 7.58 -5.39 6.26
N GLY A 120 8.70 -5.26 5.55
CA GLY A 120 9.89 -6.00 5.93
C GLY A 120 10.76 -5.21 6.89
N LYS A 121 10.35 -3.99 7.21
CA LYS A 121 11.10 -3.11 8.08
C LYS A 121 10.16 -2.07 8.71
N GLY A 122 10.73 -1.11 9.42
CA GLY A 122 9.93 -0.05 10.00
C GLY A 122 9.58 1.03 8.98
N ILE A 123 9.36 2.25 9.47
CA ILE A 123 9.00 3.37 8.60
C ILE A 123 10.24 3.88 7.89
N VAL A 124 10.09 4.27 6.62
CA VAL A 124 11.22 4.72 5.82
C VAL A 124 10.76 5.82 4.85
N ARG A 125 11.66 6.70 4.47
CA ARG A 125 11.30 7.79 3.58
C ARG A 125 12.23 7.82 2.37
N TYR A 126 11.67 8.18 1.22
CA TYR A 126 12.44 8.25 -0.01
C TYR A 126 12.16 9.58 -0.70
N SER A 127 13.17 10.12 -1.36
CA SER A 127 12.99 11.35 -2.11
C SER A 127 12.40 11.03 -3.48
N MET A 128 11.97 12.03 -4.23
CA MET A 128 11.43 11.79 -5.57
C MET A 128 12.47 11.10 -6.45
N ASP A 129 13.72 11.51 -6.26
CA ASP A 129 14.84 10.97 -7.02
C ASP A 129 15.05 9.49 -6.71
N ASP A 130 14.67 9.07 -5.51
CA ASP A 130 14.76 7.65 -5.14
C ASP A 130 13.51 6.92 -5.60
N PHE A 131 12.36 7.48 -5.25
CA PHE A 131 11.06 6.85 -5.47
C PHE A 131 10.82 6.60 -6.96
N CYS A 132 11.01 7.61 -7.79
CA CYS A 132 10.75 7.49 -9.21
C CYS A 132 11.68 6.47 -9.88
N SER A 133 12.80 6.20 -9.23
CA SER A 133 13.78 5.27 -9.77
C SER A 133 13.35 3.81 -9.54
N ILE A 134 12.44 3.59 -8.61
CA ILE A 134 11.95 2.23 -8.34
C ILE A 134 10.46 2.11 -8.67
N TRP A 135 9.73 3.21 -8.58
CA TRP A 135 8.31 3.21 -8.87
C TRP A 135 8.07 3.30 -10.36
N THR A 136 7.72 2.17 -10.95
CA THR A 136 7.48 2.08 -12.37
C THR A 136 6.09 2.61 -12.73
N GLY A 137 5.16 2.48 -11.78
CA GLY A 137 3.82 2.98 -11.99
C GLY A 137 2.78 2.15 -11.27
N GLY A 138 1.72 2.80 -10.83
CA GLY A 138 0.64 2.09 -10.15
C GLY A 138 0.42 2.58 -8.74
N LEU A 139 -0.78 3.06 -8.47
CA LEU A 139 -1.15 3.55 -7.15
C LEU A 139 -2.48 2.94 -6.72
N VAL A 140 -2.44 2.03 -5.76
CA VAL A 140 -3.65 1.46 -5.21
C VAL A 140 -4.06 2.26 -3.97
N LEU A 141 -4.98 3.20 -4.17
CA LEU A 141 -5.41 4.06 -3.08
C LEU A 141 -6.44 3.35 -2.23
N LEU A 142 -6.32 3.52 -0.91
CA LEU A 142 -7.23 2.88 0.02
C LEU A 142 -8.00 3.95 0.80
N GLU A 143 -9.31 3.73 0.91
CA GLU A 143 -10.21 4.66 1.60
C GLU A 143 -10.30 6.01 0.89
N PRO A 144 -11.44 6.33 0.29
CA PRO A 144 -11.69 7.64 -0.28
C PRO A 144 -12.16 8.63 0.80
N GLY A 145 -12.00 8.23 2.05
CA GLY A 145 -12.52 8.98 3.16
C GLY A 145 -13.89 8.48 3.56
N GLU A 146 -14.31 8.77 4.77
CA GLU A 146 -15.63 8.34 5.22
C GLU A 146 -16.64 9.45 5.05
N ALA A 147 -17.84 9.08 4.62
CA ALA A 147 -18.90 10.03 4.29
C ALA A 147 -18.44 10.96 3.16
N PHE A 148 -17.56 10.43 2.32
CA PHE A 148 -16.94 11.20 1.24
C PHE A 148 -17.95 11.65 0.21
N GLN A 149 -19.10 10.99 0.17
CA GLN A 149 -20.14 11.32 -0.79
C GLN A 149 -21.05 12.40 -0.19
N LYS A 150 -20.79 12.73 1.06
CA LYS A 150 -21.53 13.77 1.77
C LYS A 150 -20.60 14.95 2.05
N GLY A 151 -21.18 16.08 2.42
CA GLY A 151 -20.39 17.25 2.73
C GLY A 151 -20.62 18.37 1.76
N LEU B 1 -11.86 8.99 -5.44
CA LEU B 1 -11.59 10.09 -4.48
C LEU B 1 -10.96 11.29 -5.19
N ASN B 2 -10.80 11.17 -6.51
CA ASN B 2 -10.28 12.24 -7.37
C ASN B 2 -8.79 12.48 -7.15
N ILE B 3 -7.99 12.05 -8.11
CA ILE B 3 -6.55 12.32 -8.08
C ILE B 3 -5.99 12.36 -9.50
N GLY B 4 -6.25 11.31 -10.26
CA GLY B 4 -5.75 11.21 -11.61
C GLY B 4 -6.58 10.28 -12.45
N ARG B 5 -5.92 9.41 -13.20
CA ARG B 5 -6.62 8.48 -14.08
C ARG B 5 -6.82 7.14 -13.39
N GLU B 6 -7.84 6.43 -13.83
CA GLU B 6 -8.16 5.12 -13.28
C GLU B 6 -7.60 4.02 -14.17
N LEU B 7 -7.15 2.93 -13.55
CA LEU B 7 -6.62 1.81 -14.31
C LEU B 7 -7.72 0.78 -14.56
N THR B 8 -7.32 -0.38 -15.06
CA THR B 8 -8.25 -1.45 -15.36
C THR B 8 -7.90 -2.72 -14.60
N ASP B 9 -8.72 -3.76 -14.75
CA ASP B 9 -8.43 -5.06 -14.16
C ASP B 9 -7.10 -5.58 -14.66
N GLU B 10 -6.87 -5.44 -15.96
CA GLU B 10 -5.66 -5.94 -16.62
C GLU B 10 -4.41 -5.33 -15.99
N GLU B 11 -4.44 -4.00 -15.84
CA GLU B 11 -3.30 -3.28 -15.29
C GLU B 11 -2.99 -3.74 -13.87
N LEU B 12 -4.06 -4.01 -13.11
CA LEU B 12 -3.92 -4.47 -11.75
C LEU B 12 -3.36 -5.89 -11.69
N MET B 13 -3.63 -6.67 -12.74
CA MET B 13 -3.19 -8.06 -12.78
C MET B 13 -1.69 -8.15 -13.02
N GLU B 14 -1.12 -7.21 -13.76
CA GLU B 14 0.31 -7.20 -14.00
C GLU B 14 1.04 -6.53 -12.84
N MET B 15 0.35 -5.64 -12.13
CA MET B 15 0.92 -5.02 -10.95
C MET B 15 0.94 -6.02 -9.81
N THR B 16 2.09 -6.17 -9.17
CA THR B 16 2.28 -7.24 -8.22
C THR B 16 3.23 -6.82 -7.11
N GLY B 17 3.02 -7.40 -5.93
CA GLY B 17 3.79 -7.00 -4.77
C GLY B 17 4.91 -7.96 -4.44
N GLY B 18 5.07 -8.99 -5.26
CA GLY B 18 6.11 -9.96 -5.02
C GLY B 18 6.46 -10.81 -6.22
N SER B 19 6.06 -10.36 -7.40
CA SER B 19 6.33 -11.11 -8.61
C SER B 19 7.54 -10.52 -9.33
N THR B 20 8.14 -11.29 -10.22
CA THR B 20 9.31 -10.83 -10.95
C THR B 20 9.00 -10.71 -12.43
N PHE B 21 9.44 -9.63 -13.04
CA PHE B 21 9.25 -9.41 -14.47
C PHE B 21 10.51 -9.78 -15.23
N SER B 22 10.34 -10.26 -16.45
CA SER B 22 11.46 -10.58 -17.30
C SER B 22 11.18 -10.15 -18.73
N ILE B 23 12.16 -9.52 -19.36
CA ILE B 23 12.02 -9.13 -20.75
C ILE B 23 12.67 -10.18 -21.64
N GLN B 24 11.94 -10.61 -22.65
CA GLN B 24 12.43 -11.63 -23.57
C GLN B 24 12.90 -10.98 -24.87
N SER A 1 2.55 11.62 28.51
CA SER A 1 3.29 12.90 28.54
C SER A 1 3.13 13.56 29.90
N ASN A 2 4.25 13.80 30.57
CA ASN A 2 4.24 14.41 31.89
C ASN A 2 4.30 15.92 31.80
N ALA A 3 5.42 16.45 31.32
CA ALA A 3 5.60 17.89 31.23
C ALA A 3 6.45 18.28 30.02
N MET A 4 7.66 17.72 29.94
CA MET A 4 8.62 18.13 28.92
C MET A 4 8.28 17.53 27.56
N LEU A 5 7.75 16.32 27.55
CA LEU A 5 7.50 15.62 26.29
C LEU A 5 6.16 16.05 25.66
N ARG A 6 6.01 17.35 25.45
CA ARG A 6 4.83 17.88 24.77
C ARG A 6 4.94 17.66 23.27
N ARG A 7 4.94 16.39 22.87
CA ARG A 7 5.09 16.03 21.47
C ARG A 7 4.53 14.62 21.23
N LEU A 8 4.89 13.69 22.11
CA LEU A 8 4.42 12.31 21.98
C LEU A 8 3.02 12.18 22.56
N PHE A 9 2.06 12.80 21.90
CA PHE A 9 0.67 12.77 22.35
C PHE A 9 0.03 11.43 22.02
N LYS A 10 0.55 10.78 20.99
CA LYS A 10 0.06 9.47 20.59
C LYS A 10 1.19 8.68 19.93
N LYS A 11 1.13 7.38 20.07
CA LYS A 11 2.07 6.49 19.39
C LYS A 11 1.35 5.76 18.28
N LYS A 12 0.42 4.91 18.69
CA LYS A 12 -0.39 4.12 17.76
C LYS A 12 0.48 3.42 16.74
N TYR A 13 1.31 2.51 17.24
CA TYR A 13 2.29 1.83 16.40
C TYR A 13 1.62 0.73 15.58
N VAL A 14 1.86 0.75 14.28
CA VAL A 14 1.32 -0.26 13.40
C VAL A 14 2.21 -1.49 13.42
N CYS A 15 1.74 -2.55 14.06
CA CYS A 15 2.55 -3.75 14.25
C CYS A 15 2.41 -4.70 13.06
N VAL A 16 3.04 -4.36 11.96
CA VAL A 16 3.05 -5.22 10.79
C VAL A 16 4.21 -6.20 10.88
N ARG A 17 3.92 -7.48 10.67
CA ARG A 17 4.94 -8.50 10.71
C ARG A 17 5.53 -8.70 9.31
N GLN A 18 6.84 -8.76 9.24
CA GLN A 18 7.53 -8.94 7.97
C GLN A 18 8.21 -10.31 7.92
N TYR A 19 7.66 -11.20 7.11
CA TYR A 19 8.23 -12.54 6.95
C TYR A 19 8.89 -12.70 5.59
N ASP A 20 8.06 -12.75 4.56
CA ASP A 20 8.54 -12.99 3.20
C ASP A 20 8.04 -11.90 2.27
N LEU A 21 8.76 -11.67 1.19
CA LEU A 21 8.48 -10.59 0.27
C LEU A 21 7.24 -10.86 -0.57
N THR A 22 6.77 -12.11 -0.57
CA THR A 22 5.53 -12.45 -1.27
C THR A 22 4.32 -12.04 -0.45
N ASP A 23 4.45 -12.13 0.87
CA ASP A 23 3.39 -11.76 1.81
C ASP A 23 3.17 -10.25 1.80
N ALA A 24 4.15 -9.52 1.25
CA ALA A 24 4.12 -8.06 1.18
C ALA A 24 2.75 -7.52 0.76
N GLY A 25 2.11 -8.19 -0.19
CA GLY A 25 0.80 -7.76 -0.65
C GLY A 25 -0.20 -7.64 0.48
N ALA A 26 -0.27 -8.68 1.30
CA ALA A 26 -1.16 -8.70 2.44
C ALA A 26 -0.67 -7.73 3.51
N ALA A 27 0.64 -7.67 3.69
CA ALA A 27 1.25 -6.81 4.70
C ALA A 27 0.91 -5.35 4.45
N CYS A 28 1.03 -4.91 3.20
CA CYS A 28 0.77 -3.53 2.82
C CYS A 28 -0.68 -3.15 3.10
N LEU A 29 -1.61 -4.02 2.72
CA LEU A 29 -3.03 -3.76 2.94
C LEU A 29 -3.32 -3.76 4.44
N SER A 30 -2.68 -4.67 5.17
CA SER A 30 -2.84 -4.77 6.61
C SER A 30 -2.33 -3.50 7.30
N SER A 31 -1.33 -2.87 6.72
CA SER A 31 -0.75 -1.66 7.30
C SER A 31 -1.80 -0.56 7.44
N ILE A 32 -2.60 -0.36 6.40
CA ILE A 32 -3.66 0.64 6.43
C ILE A 32 -4.78 0.19 7.37
N ALA A 33 -5.08 -1.10 7.35
CA ALA A 33 -6.10 -1.66 8.20
C ALA A 33 -5.77 -1.46 9.68
N GLN A 34 -4.58 -1.88 10.08
CA GLN A 34 -4.15 -1.78 11.47
C GLN A 34 -3.98 -0.31 11.87
N TYR A 35 -3.73 0.54 10.88
CA TYR A 35 -3.57 1.98 11.10
C TYR A 35 -4.86 2.57 11.68
N TYR A 36 -5.99 2.00 11.31
CA TYR A 36 -7.28 2.46 11.80
C TYR A 36 -7.77 1.60 12.97
N GLY A 37 -6.94 0.68 13.41
CA GLY A 37 -7.29 -0.13 14.56
C GLY A 37 -7.89 -1.48 14.19
N LEU A 38 -7.83 -1.82 12.91
CA LEU A 38 -8.34 -3.11 12.45
C LEU A 38 -7.30 -4.20 12.69
N LYS A 39 -7.61 -5.14 13.57
CA LYS A 39 -6.71 -6.23 13.88
C LYS A 39 -6.71 -7.26 12.75
N MET A 40 -5.94 -6.96 11.72
CA MET A 40 -5.84 -7.84 10.57
C MET A 40 -4.45 -8.45 10.50
N SER A 41 -4.39 -9.77 10.47
CA SER A 41 -3.12 -10.48 10.35
C SER A 41 -2.79 -10.72 8.88
N LEU A 42 -1.52 -10.88 8.58
CA LEU A 42 -1.07 -11.09 7.20
C LEU A 42 -1.81 -12.24 6.56
N ALA A 43 -1.77 -13.37 7.25
CA ALA A 43 -2.38 -14.61 6.77
C ALA A 43 -3.86 -14.44 6.50
N LYS A 44 -4.49 -13.53 7.23
CA LYS A 44 -5.92 -13.29 7.09
C LYS A 44 -6.21 -12.44 5.85
N ILE A 45 -5.34 -11.48 5.59
CA ILE A 45 -5.49 -10.63 4.42
C ILE A 45 -4.97 -11.35 3.17
N ARG A 46 -4.06 -12.29 3.39
CA ARG A 46 -3.49 -13.07 2.31
C ARG A 46 -4.57 -13.90 1.60
N GLU A 47 -5.43 -14.54 2.39
CA GLU A 47 -6.52 -15.33 1.83
C GLU A 47 -7.59 -14.41 1.23
N MET A 48 -7.63 -13.17 1.72
CA MET A 48 -8.58 -12.19 1.23
C MET A 48 -8.15 -11.62 -0.13
N THR A 49 -6.85 -11.60 -0.37
CA THR A 49 -6.32 -11.01 -1.58
C THR A 49 -6.02 -12.05 -2.66
N GLY A 50 -6.23 -13.32 -2.31
CA GLY A 50 -5.98 -14.39 -3.26
C GLY A 50 -4.51 -14.48 -3.60
N THR A 51 -3.66 -14.29 -2.60
CA THR A 51 -2.22 -14.19 -2.80
C THR A 51 -1.64 -15.33 -3.62
N ASP A 52 -1.03 -14.96 -4.74
CA ASP A 52 -0.34 -15.89 -5.62
C ASP A 52 0.97 -16.33 -4.98
N THR A 53 1.28 -17.60 -5.12
CA THR A 53 2.56 -18.15 -4.67
C THR A 53 3.74 -17.33 -5.20
N GLN A 54 3.59 -16.78 -6.40
CA GLN A 54 4.64 -15.97 -6.99
C GLN A 54 4.49 -14.50 -6.59
N GLY A 55 3.55 -14.22 -5.70
CA GLY A 55 3.40 -12.86 -5.20
C GLY A 55 1.99 -12.32 -5.36
N THR A 56 1.50 -11.63 -4.35
CA THR A 56 0.17 -11.04 -4.37
C THR A 56 0.03 -10.05 -5.53
N ASN A 57 -1.05 -10.17 -6.29
CA ASN A 57 -1.33 -9.21 -7.35
C ASN A 57 -2.17 -8.07 -6.81
N ALA A 58 -2.08 -6.91 -7.45
CA ALA A 58 -2.75 -5.70 -6.98
C ALA A 58 -4.26 -5.79 -7.13
N TYR A 59 -4.72 -6.73 -7.95
CA TYR A 59 -6.14 -6.92 -8.15
C TYR A 59 -6.77 -7.57 -6.93
N GLY A 60 -5.99 -8.39 -6.24
CA GLY A 60 -6.44 -8.99 -5.01
C GLY A 60 -6.61 -7.96 -3.91
N LEU A 61 -5.80 -6.91 -3.98
CA LEU A 61 -5.86 -5.83 -2.99
C LEU A 61 -7.22 -5.14 -3.02
N ILE A 62 -7.61 -4.67 -4.20
CA ILE A 62 -8.87 -3.93 -4.34
C ILE A 62 -10.06 -4.80 -3.96
N HIS A 63 -10.01 -6.08 -4.33
CA HIS A 63 -11.10 -7.00 -4.06
C HIS A 63 -11.21 -7.27 -2.55
N ALA A 64 -10.09 -7.23 -1.85
CA ALA A 64 -10.08 -7.46 -0.42
C ALA A 64 -10.42 -6.20 0.36
N ALA A 65 -9.76 -5.11 0.02
CA ALA A 65 -9.89 -3.84 0.73
C ALA A 65 -11.33 -3.37 0.79
N LYS A 66 -12.04 -3.52 -0.32
CA LYS A 66 -13.43 -3.09 -0.40
C LYS A 66 -14.31 -3.86 0.58
N GLN A 67 -13.95 -5.10 0.85
CA GLN A 67 -14.69 -5.93 1.79
C GLN A 67 -14.45 -5.45 3.22
N LEU A 68 -13.28 -4.85 3.45
CA LEU A 68 -12.96 -4.27 4.75
C LEU A 68 -13.68 -2.93 4.91
N GLY A 69 -14.05 -2.32 3.80
CA GLY A 69 -14.71 -1.04 3.84
C GLY A 69 -13.85 0.08 3.28
N PHE A 70 -12.74 -0.28 2.68
CA PHE A 70 -11.89 0.70 2.01
C PHE A 70 -12.21 0.75 0.53
N SER A 71 -12.55 1.92 0.03
CA SER A 71 -12.79 2.09 -1.39
C SER A 71 -11.45 2.12 -2.12
N ALA A 72 -11.07 0.98 -2.67
CA ALA A 72 -9.79 0.84 -3.34
C ALA A 72 -9.95 1.02 -4.85
N LYS A 73 -8.90 1.54 -5.49
CA LYS A 73 -8.92 1.79 -6.92
C LYS A 73 -7.50 1.82 -7.48
N GLY A 74 -7.29 1.17 -8.61
CA GLY A 74 -5.98 1.19 -9.25
C GLY A 74 -5.88 2.30 -10.27
N VAL A 75 -4.98 3.24 -10.05
CA VAL A 75 -4.87 4.42 -10.90
C VAL A 75 -3.44 4.73 -11.29
N LYS A 76 -3.28 5.74 -12.14
CA LYS A 76 -1.98 6.28 -12.50
C LYS A 76 -1.96 7.78 -12.22
N ALA A 77 -0.85 8.26 -11.68
CA ALA A 77 -0.71 9.67 -11.34
C ALA A 77 0.74 10.09 -11.47
N SER A 78 1.07 11.28 -10.99
CA SER A 78 2.43 11.77 -11.01
C SER A 78 2.92 12.09 -9.60
N LYS A 79 4.19 12.45 -9.47
CA LYS A 79 4.76 12.81 -8.18
C LYS A 79 4.09 14.06 -7.61
N GLU A 80 3.62 14.93 -8.49
CA GLU A 80 2.95 16.15 -8.08
C GLU A 80 1.62 15.85 -7.39
N ASP A 81 0.93 14.82 -7.89
CA ASP A 81 -0.36 14.43 -7.35
C ASP A 81 -0.21 13.91 -5.94
N LEU A 82 0.98 13.42 -5.62
CA LEU A 82 1.26 12.85 -4.32
C LEU A 82 1.17 13.92 -3.25
N LEU A 83 1.44 15.16 -3.64
CA LEU A 83 1.48 16.27 -2.70
C LEU A 83 0.13 16.96 -2.60
N LYS A 84 -0.69 16.80 -3.62
CA LYS A 84 -1.94 17.53 -3.71
C LYS A 84 -3.14 16.64 -3.41
N ASP A 85 -3.23 15.50 -4.08
CA ASP A 85 -4.42 14.68 -4.01
C ASP A 85 -4.29 13.53 -3.01
N PHE A 86 -3.07 13.18 -2.64
CA PHE A 86 -2.87 12.16 -1.62
C PHE A 86 -2.87 12.77 -0.24
N ARG A 87 -3.94 12.50 0.48
CA ARG A 87 -4.03 12.85 1.88
C ARG A 87 -4.38 11.59 2.65
N LEU A 88 -4.23 10.47 1.97
CA LEU A 88 -4.64 9.16 2.47
C LEU A 88 -3.47 8.19 2.39
N PRO A 89 -3.41 7.21 3.31
CA PRO A 89 -2.43 6.12 3.23
C PRO A 89 -2.72 5.21 2.03
N ALA A 90 -1.74 5.06 1.16
CA ALA A 90 -1.95 4.33 -0.08
C ALA A 90 -0.89 3.26 -0.28
N ILE A 91 -1.07 2.44 -1.31
CA ILE A 91 -0.12 1.40 -1.64
C ILE A 91 0.42 1.59 -3.06
N ALA A 92 1.73 1.71 -3.18
CA ALA A 92 2.35 1.93 -4.48
C ALA A 92 3.12 0.70 -4.94
N ASN A 93 3.11 0.43 -6.23
CA ASN A 93 3.81 -0.72 -6.78
C ASN A 93 5.16 -0.30 -7.34
N VAL A 94 6.21 -0.69 -6.64
CA VAL A 94 7.57 -0.28 -6.99
C VAL A 94 8.44 -1.50 -7.29
N ILE A 95 9.40 -1.33 -8.19
CA ILE A 95 10.28 -2.40 -8.57
C ILE A 95 11.67 -2.17 -7.97
N VAL A 96 12.21 -3.18 -7.33
CA VAL A 96 13.56 -3.08 -6.78
C VAL A 96 14.53 -3.93 -7.59
N ASP A 97 15.67 -3.35 -7.93
CA ASP A 97 16.70 -4.01 -8.75
C ASP A 97 16.17 -4.33 -10.14
N ASN A 98 15.05 -3.71 -10.51
CA ASN A 98 14.33 -4.05 -11.75
C ASN A 98 14.02 -5.55 -11.81
N ARG A 99 13.87 -6.16 -10.64
CA ARG A 99 13.58 -7.58 -10.55
C ARG A 99 12.29 -7.79 -9.77
N LEU A 100 12.35 -7.55 -8.47
CA LEU A 100 11.24 -7.80 -7.58
C LEU A 100 10.22 -6.68 -7.64
N ALA A 101 9.04 -7.02 -8.09
CA ALA A 101 7.91 -6.11 -8.08
C ALA A 101 7.18 -6.24 -6.76
N HIS A 102 7.22 -5.20 -5.95
CA HIS A 102 6.62 -5.26 -4.63
C HIS A 102 5.88 -3.96 -4.32
N PHE A 103 5.07 -3.98 -3.28
CA PHE A 103 4.36 -2.79 -2.87
C PHE A 103 5.10 -2.10 -1.73
N VAL A 104 4.96 -0.80 -1.66
CA VAL A 104 5.40 -0.02 -0.52
C VAL A 104 4.21 0.73 0.08
N VAL A 105 4.14 0.75 1.41
CA VAL A 105 3.05 1.41 2.10
C VAL A 105 3.32 2.90 2.25
N ILE A 106 2.49 3.72 1.63
CA ILE A 106 2.67 5.15 1.69
C ILE A 106 2.00 5.73 2.94
N TYR A 107 2.81 6.09 3.93
CA TYR A 107 2.27 6.60 5.19
C TYR A 107 2.06 8.11 5.13
N SER A 108 2.98 8.81 4.50
CA SER A 108 2.91 10.26 4.43
C SER A 108 3.79 10.79 3.31
N ILE A 109 3.36 11.86 2.69
CA ILE A 109 4.08 12.46 1.58
C ILE A 109 4.26 13.95 1.82
N LYS A 110 5.43 14.35 2.25
CA LYS A 110 5.67 15.76 2.57
C LYS A 110 7.08 16.17 2.20
N ASN A 111 7.21 17.42 1.73
CA ASN A 111 8.52 18.02 1.45
C ASN A 111 9.27 17.22 0.40
N ARG A 112 8.54 16.69 -0.59
CA ARG A 112 9.12 15.87 -1.65
C ARG A 112 9.64 14.54 -1.13
N ILE A 113 9.32 14.20 0.10
CA ILE A 113 9.78 12.97 0.70
C ILE A 113 8.59 12.03 0.93
N ILE A 114 8.69 10.82 0.40
CA ILE A 114 7.63 9.85 0.53
C ILE A 114 8.01 8.82 1.60
N THR A 115 7.33 8.89 2.73
CA THR A 115 7.59 7.97 3.84
C THR A 115 6.84 6.65 3.60
N VAL A 116 7.59 5.57 3.47
CA VAL A 116 7.03 4.29 3.10
C VAL A 116 7.53 3.17 4.00
N ALA A 117 6.79 2.08 4.03
CA ALA A 117 7.24 0.89 4.71
C ALA A 117 7.59 -0.18 3.69
N ASP A 118 8.82 -0.65 3.74
CA ASP A 118 9.30 -1.66 2.81
C ASP A 118 9.31 -3.03 3.49
N PRO A 119 8.73 -4.06 2.83
CA PRO A 119 8.61 -5.41 3.40
C PRO A 119 9.94 -6.08 3.75
N GLY A 120 11.06 -5.47 3.35
CA GLY A 120 12.35 -6.06 3.60
C GLY A 120 13.18 -5.29 4.62
N LYS A 121 12.65 -4.17 5.09
CA LYS A 121 13.39 -3.30 5.99
C LYS A 121 12.42 -2.46 6.84
N GLY A 122 12.95 -1.53 7.63
CA GLY A 122 12.10 -0.69 8.45
C GLY A 122 11.40 0.40 7.67
N ILE A 123 11.18 1.53 8.33
CA ILE A 123 10.49 2.65 7.69
C ILE A 123 11.45 3.47 6.85
N VAL A 124 11.28 3.37 5.55
CA VAL A 124 12.11 4.08 4.61
C VAL A 124 11.45 5.37 4.18
N ARG A 125 12.24 6.29 3.66
CA ARG A 125 11.70 7.52 3.15
C ARG A 125 12.51 7.97 1.94
N TYR A 126 11.90 7.86 0.78
CA TYR A 126 12.58 8.18 -0.48
C TYR A 126 12.15 9.53 -0.99
N SER A 127 13.06 10.22 -1.66
CA SER A 127 12.75 11.49 -2.28
C SER A 127 12.07 11.24 -3.62
N MET A 128 11.42 12.27 -4.19
CA MET A 128 10.66 12.12 -5.42
C MET A 128 11.47 11.46 -6.53
N ASP A 129 12.70 11.93 -6.71
CA ASP A 129 13.58 11.39 -7.75
C ASP A 129 13.77 9.89 -7.56
N ASP A 130 14.12 9.49 -6.35
CA ASP A 130 14.35 8.09 -6.04
C ASP A 130 13.07 7.29 -6.18
N PHE A 131 11.96 7.85 -5.69
CA PHE A 131 10.67 7.18 -5.76
C PHE A 131 10.26 6.91 -7.20
N CYS A 132 10.35 7.93 -8.04
CA CYS A 132 9.97 7.80 -9.45
C CYS A 132 10.88 6.83 -10.19
N SER A 133 12.08 6.61 -9.66
CA SER A 133 13.04 5.71 -10.29
C SER A 133 12.67 4.25 -10.01
N ILE A 134 12.09 3.99 -8.84
CA ILE A 134 11.69 2.63 -8.49
C ILE A 134 10.23 2.38 -8.81
N TRP A 135 9.44 3.43 -8.81
CA TRP A 135 8.01 3.32 -9.12
C TRP A 135 7.80 3.33 -10.64
N THR A 136 7.58 2.15 -11.20
CA THR A 136 7.34 2.02 -12.63
C THR A 136 5.92 2.47 -13.00
N GLY A 137 5.01 2.34 -12.04
CA GLY A 137 3.65 2.77 -12.26
C GLY A 137 2.65 1.90 -11.55
N GLY A 138 1.58 2.51 -11.07
CA GLY A 138 0.55 1.76 -10.39
C GLY A 138 0.35 2.25 -8.97
N LEU A 139 -0.81 2.84 -8.72
CA LEU A 139 -1.16 3.31 -7.39
C LEU A 139 -2.48 2.70 -6.94
N VAL A 140 -2.46 2.08 -5.78
CA VAL A 140 -3.67 1.53 -5.20
C VAL A 140 -4.22 2.51 -4.18
N LEU A 141 -5.32 3.15 -4.53
CA LEU A 141 -5.93 4.15 -3.66
C LEU A 141 -6.70 3.46 -2.55
N LEU A 142 -6.61 4.02 -1.35
CA LEU A 142 -7.34 3.50 -0.21
C LEU A 142 -7.97 4.63 0.56
N GLU A 143 -9.26 4.52 0.81
CA GLU A 143 -9.96 5.50 1.62
C GLU A 143 -10.98 4.80 2.52
N PRO A 144 -10.98 5.15 3.81
CA PRO A 144 -11.89 4.54 4.79
C PRO A 144 -13.35 4.95 4.57
N GLY A 145 -14.14 4.02 4.04
CA GLY A 145 -15.55 4.28 3.85
C GLY A 145 -16.35 3.92 5.07
N GLU A 146 -16.15 2.70 5.56
CA GLU A 146 -16.82 2.22 6.76
C GLU A 146 -16.04 1.07 7.38
N ALA A 147 -16.46 0.66 8.57
CA ALA A 147 -15.89 -0.50 9.27
C ALA A 147 -14.39 -0.31 9.54
N PHE A 148 -13.94 0.94 9.59
CA PHE A 148 -12.54 1.23 9.84
C PHE A 148 -12.34 1.75 11.26
N GLN A 149 -13.33 2.47 11.76
CA GLN A 149 -13.27 3.04 13.09
C GLN A 149 -13.83 2.04 14.09
N LYS A 150 -14.60 1.09 13.57
CA LYS A 150 -15.21 0.06 14.40
C LYS A 150 -14.39 -1.22 14.35
N GLY A 151 -14.53 -2.05 15.38
CA GLY A 151 -13.79 -3.28 15.44
C GLY A 151 -13.14 -3.47 16.78
N LEU B 1 -11.21 7.74 -4.73
CA LEU B 1 -10.45 8.99 -4.69
C LEU B 1 -10.07 9.44 -6.11
N ASN B 2 -10.61 10.56 -6.54
CA ASN B 2 -10.31 11.08 -7.87
C ASN B 2 -8.95 11.78 -7.88
N ILE B 3 -7.91 11.00 -8.04
CA ILE B 3 -6.55 11.52 -8.08
C ILE B 3 -6.11 11.73 -9.54
N GLY B 4 -6.73 11.00 -10.44
CA GLY B 4 -6.35 11.06 -11.84
C GLY B 4 -7.11 10.03 -12.65
N ARG B 5 -6.42 9.36 -13.56
CA ARG B 5 -7.05 8.35 -14.39
C ARG B 5 -6.87 6.98 -13.79
N GLU B 6 -7.92 6.18 -13.91
CA GLU B 6 -7.92 4.85 -13.33
C GLU B 6 -7.64 3.78 -14.38
N LEU B 7 -6.97 2.73 -13.95
CA LEU B 7 -6.60 1.64 -14.84
C LEU B 7 -7.72 0.62 -14.91
N THR B 8 -7.41 -0.55 -15.45
CA THR B 8 -8.38 -1.63 -15.57
C THR B 8 -7.91 -2.85 -14.77
N ASP B 9 -8.76 -3.86 -14.68
CA ASP B 9 -8.45 -5.07 -13.92
C ASP B 9 -7.17 -5.71 -14.45
N GLU B 10 -7.00 -5.66 -15.77
CA GLU B 10 -5.83 -6.23 -16.44
C GLU B 10 -4.54 -5.60 -15.94
N GLU B 11 -4.57 -4.30 -15.70
CA GLU B 11 -3.39 -3.57 -15.22
C GLU B 11 -3.04 -4.00 -13.81
N LEU B 12 -4.07 -4.30 -13.03
CA LEU B 12 -3.89 -4.77 -11.66
C LEU B 12 -3.30 -6.17 -11.65
N MET B 13 -3.58 -6.94 -12.70
CA MET B 13 -2.98 -8.26 -12.88
C MET B 13 -1.49 -8.12 -13.09
N GLU B 14 -1.09 -7.05 -13.78
CA GLU B 14 0.31 -6.77 -14.05
C GLU B 14 1.03 -6.34 -12.77
N MET B 15 0.33 -5.54 -11.96
CA MET B 15 0.90 -5.02 -10.73
C MET B 15 0.94 -6.12 -9.68
N THR B 16 2.07 -6.24 -8.99
CA THR B 16 2.29 -7.32 -8.05
C THR B 16 3.16 -6.87 -6.89
N GLY B 17 2.91 -7.42 -5.72
CA GLY B 17 3.57 -6.96 -4.51
C GLY B 17 4.66 -7.88 -4.03
N GLY B 18 4.90 -8.96 -4.74
CA GLY B 18 5.95 -9.88 -4.35
C GLY B 18 6.35 -10.80 -5.48
N SER B 19 6.30 -10.28 -6.70
CA SER B 19 6.58 -11.07 -7.87
C SER B 19 7.86 -10.60 -8.55
N THR B 20 8.26 -11.30 -9.60
CA THR B 20 9.46 -10.93 -10.32
C THR B 20 9.23 -11.03 -11.82
N PHE B 21 9.50 -9.96 -12.54
CA PHE B 21 9.37 -9.96 -13.99
C PHE B 21 10.47 -10.80 -14.61
N SER B 22 10.08 -11.80 -15.38
CA SER B 22 11.03 -12.67 -16.05
C SER B 22 11.30 -12.18 -17.47
N ILE B 23 10.83 -10.97 -17.77
CA ILE B 23 11.03 -10.37 -19.07
C ILE B 23 12.49 -9.99 -19.28
N GLN B 24 13.17 -10.73 -20.13
CA GLN B 24 14.57 -10.46 -20.44
C GLN B 24 14.66 -9.65 -21.71
N SER A 1 -12.92 27.34 29.86
CA SER A 1 -13.59 26.58 30.93
C SER A 1 -13.36 25.07 30.76
N ASN A 2 -12.72 24.68 29.66
CA ASN A 2 -12.48 23.28 29.37
C ASN A 2 -11.05 23.08 28.89
N ALA A 3 -10.14 22.85 29.82
CA ALA A 3 -8.73 22.66 29.48
C ALA A 3 -8.47 21.25 29.01
N MET A 4 -9.03 20.91 27.86
CA MET A 4 -8.83 19.59 27.26
C MET A 4 -8.45 19.75 25.79
N LEU A 5 -7.23 20.22 25.56
CA LEU A 5 -6.74 20.44 24.21
C LEU A 5 -5.54 19.55 23.92
N ARG A 6 -5.04 18.88 24.95
CA ARG A 6 -3.87 18.03 24.82
C ARG A 6 -4.29 16.63 24.40
N ARG A 7 -3.59 16.07 23.42
CA ARG A 7 -3.84 14.70 23.01
C ARG A 7 -3.23 13.74 24.02
N LEU A 8 -4.04 13.32 24.98
CA LEU A 8 -3.59 12.39 26.02
C LEU A 8 -3.39 11.01 25.42
N PHE A 9 -4.16 10.70 24.39
CA PHE A 9 -4.04 9.43 23.69
C PHE A 9 -2.81 9.44 22.79
N LYS A 10 -2.21 8.28 22.59
CA LYS A 10 -1.05 8.16 21.73
C LYS A 10 -1.27 7.06 20.71
N LYS A 11 -1.38 7.43 19.45
CA LYS A 11 -1.52 6.47 18.38
C LYS A 11 -0.14 6.00 17.94
N LYS A 12 0.30 4.92 18.56
CA LYS A 12 1.63 4.38 18.30
C LYS A 12 1.70 3.72 16.93
N TYR A 13 2.92 3.41 16.51
CA TYR A 13 3.14 2.81 15.21
C TYR A 13 2.87 1.32 15.26
N VAL A 14 1.76 0.91 14.67
CA VAL A 14 1.42 -0.49 14.56
C VAL A 14 1.35 -0.89 13.10
N CYS A 15 2.34 -1.62 12.64
CA CYS A 15 2.39 -2.06 11.26
C CYS A 15 3.40 -3.21 11.14
N VAL A 16 3.20 -4.21 11.98
CA VAL A 16 4.12 -5.34 12.07
C VAL A 16 3.77 -6.41 11.04
N ARG A 17 4.56 -6.50 9.99
CA ARG A 17 4.36 -7.54 8.98
C ARG A 17 5.64 -8.34 8.80
N GLN A 18 5.67 -9.56 9.30
CA GLN A 18 6.83 -10.42 9.15
C GLN A 18 6.52 -11.68 8.35
N TYR A 19 6.89 -11.70 7.07
CA TYR A 19 6.86 -12.94 6.29
C TYR A 19 7.90 -12.94 5.18
N ASP A 20 7.67 -12.15 4.13
CA ASP A 20 8.61 -12.09 3.00
C ASP A 20 8.25 -10.95 2.06
N LEU A 21 9.20 -10.54 1.22
CA LEU A 21 8.98 -9.48 0.24
C LEU A 21 7.98 -9.91 -0.83
N THR A 22 7.95 -11.21 -1.12
CA THR A 22 7.03 -11.75 -2.11
C THR A 22 5.64 -11.92 -1.51
N ASP A 23 5.59 -11.94 -0.19
CA ASP A 23 4.36 -12.04 0.57
C ASP A 23 3.83 -10.65 0.88
N ALA A 24 4.72 -9.67 0.75
CA ALA A 24 4.47 -8.28 1.11
C ALA A 24 3.17 -7.71 0.53
N GLY A 25 2.69 -8.29 -0.57
CA GLY A 25 1.48 -7.81 -1.18
C GLY A 25 0.31 -7.76 -0.20
N ALA A 26 0.08 -8.87 0.49
CA ALA A 26 -0.98 -8.94 1.48
C ALA A 26 -0.65 -8.10 2.69
N ALA A 27 0.63 -8.05 3.02
CA ALA A 27 1.10 -7.26 4.15
C ALA A 27 0.80 -5.78 3.95
N CYS A 28 0.79 -5.34 2.68
CA CYS A 28 0.49 -3.96 2.36
C CYS A 28 -0.93 -3.58 2.78
N LEU A 29 -1.91 -4.38 2.38
CA LEU A 29 -3.29 -4.13 2.77
C LEU A 29 -3.43 -4.17 4.29
N SER A 30 -2.67 -5.05 4.91
CA SER A 30 -2.68 -5.19 6.36
C SER A 30 -2.06 -3.98 7.04
N SER A 31 -1.20 -3.26 6.31
CA SER A 31 -0.53 -2.09 6.87
C SER A 31 -1.54 -0.99 7.16
N ILE A 32 -2.47 -0.79 6.24
CA ILE A 32 -3.51 0.22 6.40
C ILE A 32 -4.47 -0.21 7.49
N ALA A 33 -4.76 -1.51 7.54
CA ALA A 33 -5.62 -2.07 8.57
C ALA A 33 -5.01 -1.88 9.95
N GLN A 34 -3.73 -2.25 10.09
CA GLN A 34 -3.01 -2.10 11.34
C GLN A 34 -2.91 -0.63 11.75
N TYR A 35 -2.68 0.23 10.76
CA TYR A 35 -2.53 1.66 11.02
C TYR A 35 -3.82 2.27 11.58
N TYR A 36 -4.95 1.86 11.01
CA TYR A 36 -6.24 2.36 11.48
C TYR A 36 -6.75 1.57 12.69
N GLY A 37 -5.95 0.61 13.13
CA GLY A 37 -6.26 -0.11 14.34
C GLY A 37 -7.33 -1.18 14.15
N LEU A 38 -7.41 -1.74 12.96
CA LEU A 38 -8.35 -2.82 12.70
C LEU A 38 -7.82 -4.12 13.30
N LYS A 39 -8.71 -4.89 13.89
CA LYS A 39 -8.32 -6.17 14.47
C LYS A 39 -8.27 -7.23 13.37
N MET A 40 -7.21 -7.17 12.59
CA MET A 40 -7.00 -8.08 11.46
C MET A 40 -5.53 -8.40 11.32
N SER A 41 -5.18 -9.66 11.47
CA SER A 41 -3.82 -10.10 11.23
C SER A 41 -3.55 -10.11 9.74
N LEU A 42 -2.30 -9.87 9.35
CA LEU A 42 -1.91 -9.88 7.95
C LEU A 42 -2.18 -11.25 7.34
N ALA A 43 -2.18 -12.27 8.19
CA ALA A 43 -2.49 -13.63 7.77
C ALA A 43 -3.95 -13.74 7.32
N LYS A 44 -4.82 -12.99 7.99
CA LYS A 44 -6.23 -12.99 7.65
C LYS A 44 -6.45 -12.24 6.34
N ILE A 45 -5.55 -11.33 6.04
CA ILE A 45 -5.60 -10.61 4.78
C ILE A 45 -5.07 -11.50 3.64
N ARG A 46 -4.08 -12.33 3.95
CA ARG A 46 -3.48 -13.22 2.95
C ARG A 46 -4.52 -14.16 2.34
N GLU A 47 -5.43 -14.63 3.18
CA GLU A 47 -6.50 -15.51 2.71
C GLU A 47 -7.57 -14.71 1.97
N MET A 48 -7.61 -13.40 2.22
CA MET A 48 -8.55 -12.51 1.55
C MET A 48 -8.03 -12.08 0.18
N THR A 49 -6.72 -11.86 0.09
CA THR A 49 -6.12 -11.35 -1.13
C THR A 49 -5.66 -12.46 -2.06
N GLY A 50 -5.80 -13.70 -1.60
CA GLY A 50 -5.39 -14.84 -2.39
C GLY A 50 -3.88 -14.90 -2.56
N THR A 51 -3.15 -14.70 -1.46
CA THR A 51 -1.70 -14.65 -1.50
C THR A 51 -1.09 -15.93 -2.08
N ASP A 52 -0.36 -15.76 -3.17
CA ASP A 52 0.28 -16.86 -3.86
C ASP A 52 1.70 -17.05 -3.34
N THR A 53 2.09 -18.30 -3.13
CA THR A 53 3.40 -18.63 -2.59
C THR A 53 4.53 -18.10 -3.46
N GLN A 54 4.22 -17.71 -4.69
CA GLN A 54 5.22 -17.15 -5.60
C GLN A 54 5.02 -15.64 -5.78
N GLY A 55 4.03 -15.07 -5.11
CA GLY A 55 3.87 -13.63 -5.16
C GLY A 55 2.45 -13.15 -4.93
N THR A 56 2.19 -11.90 -5.26
CA THR A 56 0.86 -11.31 -5.11
C THR A 56 0.62 -10.27 -6.19
N ASN A 57 -0.58 -10.29 -6.76
CA ASN A 57 -0.95 -9.34 -7.80
C ASN A 57 -1.80 -8.22 -7.22
N ALA A 58 -1.86 -7.10 -7.94
CA ALA A 58 -2.53 -5.91 -7.45
C ALA A 58 -4.05 -6.07 -7.45
N TYR A 59 -4.56 -6.86 -8.38
CA TYR A 59 -6.00 -7.04 -8.51
C TYR A 59 -6.56 -7.79 -7.31
N GLY A 60 -5.80 -8.75 -6.82
CA GLY A 60 -6.19 -9.49 -5.64
C GLY A 60 -6.29 -8.59 -4.42
N LEU A 61 -5.48 -7.55 -4.40
CA LEU A 61 -5.47 -6.60 -3.29
C LEU A 61 -6.70 -5.69 -3.36
N ILE A 62 -6.89 -5.03 -4.49
CA ILE A 62 -7.99 -4.09 -4.65
C ILE A 62 -9.34 -4.79 -4.47
N HIS A 63 -9.48 -5.97 -5.06
CA HIS A 63 -10.72 -6.72 -4.98
C HIS A 63 -10.99 -7.14 -3.54
N ALA A 64 -9.94 -7.51 -2.83
CA ALA A 64 -10.08 -7.94 -1.44
C ALA A 64 -10.37 -6.77 -0.52
N ALA A 65 -9.67 -5.67 -0.72
CA ALA A 65 -9.82 -4.49 0.13
C ALA A 65 -11.27 -4.00 0.12
N LYS A 66 -11.88 -4.03 -1.06
CA LYS A 66 -13.27 -3.62 -1.21
C LYS A 66 -14.21 -4.55 -0.45
N GLN A 67 -13.73 -5.76 -0.17
CA GLN A 67 -14.48 -6.73 0.59
C GLN A 67 -14.32 -6.48 2.08
N LEU A 68 -13.15 -5.97 2.48
CA LEU A 68 -12.92 -5.60 3.88
C LEU A 68 -13.70 -4.35 4.24
N GLY A 69 -14.02 -3.55 3.24
CA GLY A 69 -14.71 -2.31 3.48
C GLY A 69 -13.84 -1.11 3.18
N PHE A 70 -12.74 -1.34 2.48
CA PHE A 70 -11.88 -0.25 2.02
C PHE A 70 -12.19 0.07 0.57
N SER A 71 -12.54 1.31 0.29
CA SER A 71 -12.72 1.76 -1.08
C SER A 71 -11.38 1.77 -1.79
N ALA A 72 -11.13 0.74 -2.59
CA ALA A 72 -9.85 0.59 -3.26
C ALA A 72 -10.00 0.82 -4.76
N LYS A 73 -9.01 1.47 -5.35
CA LYS A 73 -9.02 1.73 -6.78
C LYS A 73 -7.60 1.90 -7.30
N GLY A 74 -7.32 1.31 -8.45
CA GLY A 74 -6.02 1.43 -9.07
C GLY A 74 -5.92 2.64 -9.97
N VAL A 75 -5.22 3.65 -9.53
CA VAL A 75 -5.13 4.91 -10.27
C VAL A 75 -3.69 5.21 -10.68
N LYS A 76 -3.54 5.96 -11.75
CA LYS A 76 -2.24 6.38 -12.23
C LYS A 76 -2.06 7.88 -12.07
N ALA A 77 -1.35 8.26 -11.02
CA ALA A 77 -0.96 9.65 -10.83
C ALA A 77 0.55 9.76 -10.91
N SER A 78 1.06 10.98 -10.85
CA SER A 78 2.49 11.21 -10.96
C SER A 78 3.07 11.71 -9.63
N LYS A 79 4.39 11.81 -9.55
CA LYS A 79 5.05 12.30 -8.34
C LYS A 79 4.54 13.69 -7.97
N GLU A 80 4.22 14.50 -8.97
CA GLU A 80 3.70 15.84 -8.73
C GLU A 80 2.35 15.80 -8.02
N ASP A 81 1.63 14.70 -8.21
CA ASP A 81 0.33 14.52 -7.58
C ASP A 81 0.52 14.10 -6.13
N LEU A 82 1.69 13.52 -5.83
CA LEU A 82 2.04 13.14 -4.46
C LEU A 82 2.21 14.38 -3.60
N LEU A 83 2.52 15.49 -4.26
CA LEU A 83 2.76 16.75 -3.58
C LEU A 83 1.46 17.52 -3.39
N LYS A 84 0.39 17.04 -4.02
CA LYS A 84 -0.89 17.74 -3.98
C LYS A 84 -1.66 17.39 -2.72
N ASP A 85 -2.15 16.17 -2.62
CA ASP A 85 -2.98 15.77 -1.49
C ASP A 85 -2.75 14.32 -1.13
N PHE A 86 -2.16 14.10 0.04
CA PHE A 86 -1.88 12.76 0.53
C PHE A 86 -1.84 12.69 2.04
N ARG A 87 -2.84 12.04 2.57
CA ARG A 87 -2.90 11.69 3.98
C ARG A 87 -3.49 10.29 4.08
N LEU A 88 -3.42 9.60 2.95
CA LEU A 88 -4.08 8.31 2.80
C LEU A 88 -3.06 7.20 2.74
N PRO A 89 -3.11 6.26 3.69
CA PRO A 89 -2.32 5.04 3.61
C PRO A 89 -2.75 4.23 2.40
N ALA A 90 -1.83 3.99 1.48
CA ALA A 90 -2.18 3.37 0.22
C ALA A 90 -1.11 2.38 -0.24
N ILE A 91 -1.50 1.51 -1.15
CA ILE A 91 -0.59 0.51 -1.69
C ILE A 91 -0.03 0.97 -3.03
N ALA A 92 1.25 1.34 -3.03
CA ALA A 92 1.91 1.79 -4.24
C ALA A 92 2.69 0.65 -4.87
N ASN A 93 2.71 0.61 -6.19
CA ASN A 93 3.39 -0.45 -6.91
C ASN A 93 4.73 0.03 -7.44
N VAL A 94 5.79 -0.59 -6.96
CA VAL A 94 7.14 -0.21 -7.35
C VAL A 94 7.89 -1.41 -7.92
N ILE A 95 8.78 -1.15 -8.86
CA ILE A 95 9.57 -2.20 -9.48
C ILE A 95 11.05 -1.94 -9.25
N VAL A 96 11.69 -2.77 -8.45
CA VAL A 96 13.09 -2.56 -8.11
C VAL A 96 14.01 -3.09 -9.21
N ASP A 97 14.86 -2.19 -9.73
CA ASP A 97 15.78 -2.49 -10.83
C ASP A 97 15.03 -2.87 -12.09
N ASN A 98 13.74 -2.52 -12.13
CA ASN A 98 12.85 -2.89 -13.23
C ASN A 98 12.84 -4.40 -13.44
N ARG A 99 13.02 -5.14 -12.35
CA ARG A 99 13.01 -6.59 -12.41
C ARG A 99 11.96 -7.15 -11.47
N LEU A 100 12.19 -7.01 -10.17
CA LEU A 100 11.27 -7.51 -9.17
C LEU A 100 10.18 -6.51 -8.87
N ALA A 101 8.93 -6.94 -9.02
CA ALA A 101 7.79 -6.09 -8.71
C ALA A 101 7.50 -6.18 -7.22
N HIS A 102 7.17 -5.05 -6.61
CA HIS A 102 6.99 -4.98 -5.17
C HIS A 102 5.94 -3.92 -4.81
N PHE A 103 5.24 -4.13 -3.71
CA PHE A 103 4.31 -3.13 -3.21
C PHE A 103 4.87 -2.46 -1.96
N VAL A 104 4.72 -1.14 -1.89
CA VAL A 104 5.07 -0.39 -0.70
C VAL A 104 3.89 0.46 -0.24
N VAL A 105 3.80 0.71 1.05
CA VAL A 105 2.69 1.47 1.60
C VAL A 105 3.07 2.93 1.80
N ILE A 106 2.31 3.82 1.21
CA ILE A 106 2.58 5.25 1.33
C ILE A 106 1.67 5.87 2.39
N TYR A 107 2.21 6.79 3.17
CA TYR A 107 1.43 7.49 4.18
C TYR A 107 1.26 8.97 3.85
N SER A 108 2.38 9.63 3.58
CA SER A 108 2.37 11.06 3.31
C SER A 108 3.56 11.44 2.44
N ILE A 109 3.40 12.50 1.66
CA ILE A 109 4.49 12.98 0.83
C ILE A 109 4.67 14.48 1.02
N LYS A 110 5.88 14.89 1.38
CA LYS A 110 6.17 16.29 1.62
C LYS A 110 7.66 16.56 1.51
N ASN A 111 8.01 17.77 1.08
CA ASN A 111 9.41 18.19 0.95
C ASN A 111 10.17 17.29 -0.02
N ARG A 112 9.48 16.86 -1.08
CA ARG A 112 10.04 15.97 -2.11
C ARG A 112 10.36 14.59 -1.55
N ILE A 113 9.97 14.34 -0.31
CA ILE A 113 10.25 13.07 0.34
C ILE A 113 8.97 12.28 0.52
N ILE A 114 8.99 11.02 0.14
CA ILE A 114 7.83 10.16 0.24
C ILE A 114 7.93 9.30 1.50
N THR A 115 6.99 9.48 2.42
CA THR A 115 6.93 8.68 3.62
C THR A 115 6.35 7.31 3.28
N VAL A 116 7.22 6.34 3.14
CA VAL A 116 6.84 5.02 2.70
C VAL A 116 7.19 3.95 3.74
N ALA A 117 6.33 2.96 3.86
CA ALA A 117 6.55 1.87 4.77
C ALA A 117 6.62 0.55 4.01
N ASP A 118 7.84 0.12 3.75
CA ASP A 118 8.08 -1.18 3.11
C ASP A 118 7.61 -2.27 4.05
N PRO A 119 6.77 -3.20 3.55
CA PRO A 119 6.21 -4.29 4.36
C PRO A 119 7.26 -5.19 5.02
N GLY A 120 8.51 -5.06 4.61
CA GLY A 120 9.58 -5.83 5.23
C GLY A 120 10.46 -4.95 6.10
N LYS A 121 10.14 -3.67 6.14
CA LYS A 121 10.93 -2.70 6.88
C LYS A 121 10.02 -1.89 7.81
N GLY A 122 10.59 -0.91 8.49
CA GLY A 122 9.78 -0.05 9.33
C GLY A 122 9.23 1.13 8.55
N ILE A 123 9.84 2.29 8.76
CA ILE A 123 9.46 3.49 8.03
C ILE A 123 10.67 4.06 7.31
N VAL A 124 10.61 4.03 5.99
CA VAL A 124 11.70 4.50 5.17
C VAL A 124 11.38 5.87 4.60
N ARG A 125 12.41 6.57 4.18
CA ARG A 125 12.20 7.86 3.57
C ARG A 125 12.92 7.92 2.23
N TYR A 126 12.16 7.86 1.15
CA TYR A 126 12.74 7.94 -0.18
C TYR A 126 12.44 9.28 -0.82
N SER A 127 13.48 9.89 -1.38
CA SER A 127 13.31 11.15 -2.09
C SER A 127 12.74 10.89 -3.48
N MET A 128 12.05 11.88 -4.04
CA MET A 128 11.39 11.74 -5.34
C MET A 128 12.26 11.02 -6.37
N ASP A 129 13.50 11.47 -6.49
CA ASP A 129 14.44 10.90 -7.46
C ASP A 129 14.57 9.39 -7.27
N ASP A 130 14.94 8.97 -6.06
CA ASP A 130 15.13 7.56 -5.75
C ASP A 130 13.83 6.79 -5.83
N PHE A 131 12.75 7.42 -5.40
CA PHE A 131 11.45 6.79 -5.37
C PHE A 131 10.95 6.51 -6.79
N CYS A 132 11.01 7.53 -7.65
CA CYS A 132 10.56 7.40 -9.03
C CYS A 132 11.41 6.41 -9.81
N SER A 133 12.63 6.16 -9.33
CA SER A 133 13.52 5.20 -9.96
C SER A 133 12.91 3.79 -9.94
N ILE A 134 12.17 3.49 -8.88
CA ILE A 134 11.51 2.19 -8.77
C ILE A 134 10.01 2.34 -9.01
N TRP A 135 9.48 3.50 -8.70
CA TRP A 135 8.06 3.76 -8.88
C TRP A 135 7.79 4.26 -10.28
N THR A 136 7.41 3.35 -11.16
CA THR A 136 7.12 3.68 -12.55
C THR A 136 5.71 4.23 -12.70
N GLY A 137 5.02 4.34 -11.58
CA GLY A 137 3.66 4.87 -11.60
C GLY A 137 2.63 3.81 -11.31
N GLY A 138 1.99 3.93 -10.16
CA GLY A 138 0.99 2.96 -9.76
C GLY A 138 0.54 3.17 -8.33
N LEU A 139 -0.71 3.57 -8.17
CA LEU A 139 -1.25 3.86 -6.85
C LEU A 139 -2.58 3.15 -6.64
N VAL A 140 -2.59 2.17 -5.75
CA VAL A 140 -3.83 1.57 -5.33
C VAL A 140 -4.28 2.27 -4.06
N LEU A 141 -5.13 3.28 -4.22
CA LEU A 141 -5.52 4.13 -3.11
C LEU A 141 -6.66 3.50 -2.33
N LEU A 142 -6.57 3.59 -1.02
CA LEU A 142 -7.61 3.08 -0.15
C LEU A 142 -8.36 4.25 0.48
N GLU A 143 -9.54 3.96 1.04
CA GLU A 143 -10.41 4.96 1.63
C GLU A 143 -11.04 5.86 0.55
N PRO A 144 -12.35 6.15 0.66
CA PRO A 144 -13.07 6.96 -0.32
C PRO A 144 -12.52 8.39 -0.44
N GLY A 145 -11.78 8.82 0.57
CA GLY A 145 -11.15 10.13 0.52
C GLY A 145 -11.87 11.15 1.37
N GLU A 146 -12.34 12.22 0.73
CA GLU A 146 -13.02 13.29 1.45
C GLU A 146 -14.31 13.69 0.74
N ALA A 147 -15.26 14.19 1.51
CA ALA A 147 -16.54 14.70 0.99
C ALA A 147 -17.36 13.61 0.30
N PHE A 148 -17.11 12.36 0.67
CA PHE A 148 -17.84 11.25 0.10
C PHE A 148 -19.13 11.01 0.86
N GLN A 149 -19.21 11.57 2.06
CA GLN A 149 -20.40 11.47 2.88
C GLN A 149 -20.47 12.65 3.84
N LYS A 150 -19.58 12.66 4.84
CA LYS A 150 -19.57 13.67 5.89
C LYS A 150 -20.92 13.77 6.60
N GLY A 151 -21.05 14.77 7.46
CA GLY A 151 -22.29 14.94 8.19
C GLY A 151 -22.18 16.10 9.16
N LEU B 1 -10.34 6.83 -3.12
CA LEU B 1 -10.41 8.19 -3.72
C LEU B 1 -9.67 8.20 -5.04
N ASN B 2 -9.94 9.20 -5.87
CA ASN B 2 -9.23 9.36 -7.12
C ASN B 2 -8.14 10.42 -6.95
N ILE B 3 -7.32 10.58 -7.98
CA ILE B 3 -6.19 11.48 -7.91
C ILE B 3 -5.59 11.64 -9.30
N GLY B 4 -5.61 10.54 -10.04
CA GLY B 4 -5.23 10.56 -11.43
C GLY B 4 -6.29 9.87 -12.25
N ARG B 5 -5.88 9.10 -13.25
CA ARG B 5 -6.83 8.32 -14.02
C ARG B 5 -6.86 6.89 -13.54
N GLU B 6 -8.04 6.30 -13.54
CA GLU B 6 -8.23 4.93 -13.09
C GLU B 6 -8.20 3.99 -14.28
N LEU B 7 -7.53 2.86 -14.14
CA LEU B 7 -7.36 1.92 -15.23
C LEU B 7 -8.30 0.72 -15.10
N THR B 8 -8.03 -0.31 -15.88
CA THR B 8 -8.90 -1.46 -15.97
C THR B 8 -8.44 -2.60 -15.06
N ASP B 9 -9.27 -3.62 -14.94
CA ASP B 9 -8.94 -4.79 -14.13
C ASP B 9 -7.66 -5.45 -14.65
N GLU B 10 -7.53 -5.47 -15.98
CA GLU B 10 -6.37 -6.08 -16.64
C GLU B 10 -5.07 -5.42 -16.17
N GLU B 11 -5.12 -4.13 -15.91
CA GLU B 11 -3.97 -3.39 -15.45
C GLU B 11 -3.56 -3.85 -14.05
N LEU B 12 -4.54 -4.08 -13.19
CA LEU B 12 -4.28 -4.58 -11.85
C LEU B 12 -3.76 -6.02 -11.91
N MET B 13 -4.18 -6.75 -12.93
CA MET B 13 -3.74 -8.13 -13.12
C MET B 13 -2.27 -8.19 -13.50
N GLU B 14 -1.82 -7.17 -14.23
CA GLU B 14 -0.42 -7.10 -14.66
C GLU B 14 0.48 -6.60 -13.53
N MET B 15 -0.08 -5.75 -12.68
CA MET B 15 0.66 -5.20 -11.57
C MET B 15 0.84 -6.25 -10.48
N THR B 16 2.03 -6.32 -9.91
CA THR B 16 2.37 -7.34 -8.94
C THR B 16 3.33 -6.79 -7.91
N GLY B 17 3.37 -7.41 -6.73
CA GLY B 17 4.18 -6.90 -5.65
C GLY B 17 5.09 -7.93 -5.03
N GLY B 18 5.05 -9.14 -5.56
CA GLY B 18 5.89 -10.20 -5.02
C GLY B 18 6.36 -11.14 -6.10
N SER B 19 6.42 -10.64 -7.32
CA SER B 19 6.80 -11.46 -8.46
C SER B 19 7.69 -10.66 -9.40
N THR B 20 8.56 -11.36 -10.12
CA THR B 20 9.44 -10.73 -11.08
C THR B 20 8.74 -10.49 -12.40
N PHE B 21 8.94 -9.32 -13.00
CA PHE B 21 8.32 -9.01 -14.28
C PHE B 21 8.89 -9.89 -15.38
N SER B 22 8.07 -10.81 -15.85
CA SER B 22 8.45 -11.73 -16.90
C SER B 22 7.20 -12.36 -17.50
N ILE B 23 6.08 -12.25 -16.78
CA ILE B 23 4.80 -12.73 -17.27
C ILE B 23 4.24 -11.78 -18.32
N GLN B 24 4.85 -11.79 -19.50
CA GLN B 24 4.43 -10.91 -20.58
C GLN B 24 4.17 -11.74 -21.82
N SER A 1 -10.12 9.88 6.85
CA SER A 1 -10.46 10.68 8.05
C SER A 1 -11.38 9.90 8.97
N ASN A 2 -11.74 10.50 10.11
CA ASN A 2 -12.56 9.84 11.12
C ASN A 2 -11.85 8.62 11.70
N ALA A 3 -10.67 8.84 12.25
CA ALA A 3 -9.91 7.77 12.88
C ALA A 3 -9.97 7.88 14.40
N MET A 4 -11.02 8.53 14.89
CA MET A 4 -11.20 8.76 16.32
C MET A 4 -12.29 7.85 16.88
N LEU A 5 -12.66 6.84 16.10
CA LEU A 5 -13.79 5.99 16.45
C LEU A 5 -13.33 4.72 17.16
N ARG A 6 -12.03 4.60 17.39
CA ARG A 6 -11.50 3.45 18.09
C ARG A 6 -11.64 3.60 19.60
N ARG A 7 -12.77 3.13 20.11
CA ARG A 7 -13.02 3.17 21.54
C ARG A 7 -12.67 1.82 22.16
N LEU A 8 -13.28 0.77 21.65
CA LEU A 8 -13.00 -0.58 22.11
C LEU A 8 -11.94 -1.23 21.22
N PHE A 9 -10.75 -0.68 21.26
CA PHE A 9 -9.66 -1.20 20.46
C PHE A 9 -8.79 -2.14 21.30
N LYS A 10 -8.54 -3.32 20.75
CA LYS A 10 -7.73 -4.31 21.44
C LYS A 10 -6.28 -4.23 20.97
N LYS A 11 -6.12 -3.92 19.69
CA LYS A 11 -4.80 -3.84 19.09
C LYS A 11 -4.15 -2.51 19.37
N LYS A 12 -2.90 -2.56 19.81
CA LYS A 12 -2.17 -1.37 20.19
C LYS A 12 -1.00 -1.11 19.24
N TYR A 13 -0.09 -2.06 19.20
CA TYR A 13 1.12 -1.93 18.38
C TYR A 13 0.94 -2.62 17.04
N VAL A 14 1.64 -2.11 16.03
CA VAL A 14 1.62 -2.68 14.69
C VAL A 14 2.78 -3.65 14.51
N CYS A 15 2.48 -4.90 14.19
CA CYS A 15 3.51 -5.89 14.00
C CYS A 15 3.24 -6.72 12.75
N VAL A 16 3.92 -6.36 11.67
CA VAL A 16 3.79 -7.05 10.40
C VAL A 16 4.97 -7.99 10.20
N ARG A 17 4.70 -9.25 9.93
CA ARG A 17 5.76 -10.23 9.73
C ARG A 17 5.70 -10.83 8.34
N GLN A 18 6.79 -10.70 7.60
CA GLN A 18 6.87 -11.26 6.25
C GLN A 18 7.59 -12.60 6.28
N TYR A 19 7.18 -13.50 5.41
CA TYR A 19 7.79 -14.82 5.32
C TYR A 19 8.42 -15.00 3.95
N ASP A 20 7.65 -14.69 2.91
CA ASP A 20 8.18 -14.66 1.55
C ASP A 20 7.86 -13.32 0.90
N LEU A 21 8.30 -13.11 -0.32
CA LEU A 21 8.04 -11.87 -1.04
C LEU A 21 6.55 -11.71 -1.31
N THR A 22 5.85 -12.83 -1.40
CA THR A 22 4.42 -12.84 -1.69
C THR A 22 3.62 -12.21 -0.55
N ASP A 23 4.14 -12.30 0.67
CA ASP A 23 3.46 -11.77 1.84
C ASP A 23 3.41 -10.25 1.81
N ALA A 24 4.33 -9.63 1.06
CA ALA A 24 4.44 -8.18 1.01
C ALA A 24 3.12 -7.51 0.61
N GLY A 25 2.44 -8.09 -0.38
CA GLY A 25 1.19 -7.53 -0.84
C GLY A 25 0.12 -7.55 0.25
N ALA A 26 0.00 -8.68 0.92
CA ALA A 26 -0.97 -8.83 1.99
C ALA A 26 -0.56 -8.01 3.20
N ALA A 27 0.75 -7.92 3.42
CA ALA A 27 1.32 -7.18 4.53
C ALA A 27 0.96 -5.70 4.45
N CYS A 28 0.87 -5.19 3.24
CA CYS A 28 0.52 -3.79 3.03
C CYS A 28 -0.91 -3.52 3.49
N LEU A 29 -1.83 -4.42 3.17
CA LEU A 29 -3.22 -4.27 3.57
C LEU A 29 -3.34 -4.38 5.08
N SER A 30 -2.59 -5.31 5.68
CA SER A 30 -2.61 -5.47 7.13
C SER A 30 -1.91 -4.30 7.82
N SER A 31 -1.01 -3.63 7.11
CA SER A 31 -0.29 -2.49 7.67
C SER A 31 -1.29 -1.38 8.02
N ILE A 32 -2.21 -1.11 7.09
CA ILE A 32 -3.25 -0.13 7.34
C ILE A 32 -4.22 -0.65 8.40
N ALA A 33 -4.59 -1.92 8.29
CA ALA A 33 -5.51 -2.55 9.23
C ALA A 33 -4.99 -2.44 10.66
N GLN A 34 -3.75 -2.84 10.88
CA GLN A 34 -3.16 -2.82 12.21
C GLN A 34 -2.93 -1.38 12.68
N TYR A 35 -2.65 -0.49 11.73
CA TYR A 35 -2.41 0.92 12.05
C TYR A 35 -3.66 1.54 12.68
N TYR A 36 -4.83 1.18 12.16
CA TYR A 36 -6.08 1.66 12.71
C TYR A 36 -6.54 0.78 13.87
N GLY A 37 -6.01 -0.43 13.93
CA GLY A 37 -6.27 -1.30 15.06
C GLY A 37 -7.22 -2.44 14.75
N LEU A 38 -7.46 -2.71 13.48
CA LEU A 38 -8.33 -3.80 13.09
C LEU A 38 -7.62 -5.13 13.30
N LYS A 39 -8.39 -6.14 13.72
CA LYS A 39 -7.82 -7.45 14.02
C LYS A 39 -7.67 -8.25 12.73
N MET A 40 -6.64 -7.92 11.96
CA MET A 40 -6.43 -8.57 10.67
C MET A 40 -4.94 -8.86 10.45
N SER A 41 -4.58 -10.13 10.53
CA SER A 41 -3.23 -10.55 10.22
C SER A 41 -3.11 -10.83 8.73
N LEU A 42 -1.94 -10.48 8.17
CA LEU A 42 -1.70 -10.55 6.72
C LEU A 42 -1.97 -11.94 6.14
N ALA A 43 -1.83 -12.98 6.96
CA ALA A 43 -2.12 -14.34 6.52
C ALA A 43 -3.59 -14.47 6.14
N LYS A 44 -4.45 -13.77 6.86
CA LYS A 44 -5.87 -13.78 6.58
C LYS A 44 -6.16 -12.98 5.33
N ILE A 45 -5.41 -11.90 5.15
CA ILE A 45 -5.53 -11.07 3.95
C ILE A 45 -5.12 -11.89 2.71
N ARG A 46 -4.16 -12.78 2.89
CA ARG A 46 -3.68 -13.64 1.81
C ARG A 46 -4.83 -14.45 1.20
N GLU A 47 -5.54 -15.17 2.04
CA GLU A 47 -6.64 -16.02 1.57
C GLU A 47 -7.81 -15.18 1.09
N MET A 48 -7.89 -13.94 1.58
CA MET A 48 -8.94 -13.02 1.16
C MET A 48 -8.65 -12.44 -0.21
N THR A 49 -7.37 -12.25 -0.51
CA THR A 49 -6.97 -11.59 -1.75
C THR A 49 -6.64 -12.60 -2.84
N GLY A 50 -6.69 -13.88 -2.49
CA GLY A 50 -6.35 -14.91 -3.44
C GLY A 50 -4.89 -14.84 -3.82
N THR A 51 -4.04 -14.62 -2.82
CA THR A 51 -2.62 -14.34 -3.03
C THR A 51 -1.99 -15.26 -4.07
N ASP A 52 -1.49 -14.65 -5.14
CA ASP A 52 -0.83 -15.36 -6.22
C ASP A 52 0.57 -15.77 -5.82
N THR A 53 0.87 -17.05 -5.95
CA THR A 53 2.17 -17.58 -5.57
C THR A 53 3.26 -17.08 -6.51
N GLN A 54 2.85 -16.61 -7.70
CA GLN A 54 3.80 -16.09 -8.67
C GLN A 54 3.92 -14.58 -8.56
N GLY A 55 3.03 -13.97 -7.80
CA GLY A 55 3.06 -12.53 -7.64
C GLY A 55 1.74 -11.95 -7.21
N THR A 56 1.62 -11.63 -5.92
CA THR A 56 0.43 -11.00 -5.38
C THR A 56 0.13 -9.70 -6.12
N ASN A 57 -0.99 -9.67 -6.83
CA ASN A 57 -1.34 -8.52 -7.67
C ASN A 57 -2.30 -7.60 -6.94
N ALA A 58 -2.45 -6.39 -7.47
CA ALA A 58 -3.27 -5.35 -6.86
C ALA A 58 -4.75 -5.63 -7.03
N TYR A 59 -5.08 -6.45 -8.04
CA TYR A 59 -6.47 -6.76 -8.33
C TYR A 59 -7.07 -7.66 -7.23
N GLY A 60 -6.21 -8.45 -6.60
CA GLY A 60 -6.64 -9.28 -5.50
C GLY A 60 -6.77 -8.50 -4.21
N LEU A 61 -5.84 -7.57 -3.99
CA LEU A 61 -5.84 -6.74 -2.79
C LEU A 61 -7.11 -5.91 -2.70
N ILE A 62 -7.43 -5.21 -3.78
CA ILE A 62 -8.61 -4.35 -3.83
C ILE A 62 -9.88 -5.18 -3.62
N HIS A 63 -9.84 -6.42 -4.11
CA HIS A 63 -11.00 -7.30 -4.03
C HIS A 63 -11.30 -7.68 -2.58
N ALA A 64 -10.27 -7.83 -1.78
CA ALA A 64 -10.44 -8.18 -0.38
C ALA A 64 -10.72 -6.95 0.47
N ALA A 65 -10.03 -5.86 0.16
CA ALA A 65 -10.17 -4.62 0.92
C ALA A 65 -11.62 -4.14 0.90
N LYS A 66 -12.23 -4.13 -0.27
CA LYS A 66 -13.60 -3.66 -0.42
C LYS A 66 -14.58 -4.56 0.35
N GLN A 67 -14.21 -5.82 0.55
CA GLN A 67 -15.02 -6.75 1.33
C GLN A 67 -14.86 -6.45 2.82
N LEU A 68 -13.70 -5.93 3.18
CA LEU A 68 -13.41 -5.59 4.58
C LEU A 68 -14.06 -4.28 4.97
N GLY A 69 -14.58 -3.57 3.97
CA GLY A 69 -15.12 -2.26 4.20
C GLY A 69 -14.09 -1.18 3.92
N PHE A 70 -12.89 -1.61 3.55
CA PHE A 70 -11.84 -0.69 3.14
C PHE A 70 -12.06 -0.25 1.70
N SER A 71 -12.45 1.00 1.53
CA SER A 71 -12.61 1.57 0.20
C SER A 71 -11.27 1.62 -0.49
N ALA A 72 -11.13 0.90 -1.59
CA ALA A 72 -9.86 0.81 -2.30
C ALA A 72 -10.06 0.86 -3.80
N LYS A 73 -9.09 1.41 -4.50
CA LYS A 73 -9.12 1.44 -5.96
C LYS A 73 -7.70 1.62 -6.51
N GLY A 74 -7.42 0.95 -7.61
CA GLY A 74 -6.09 1.03 -8.20
C GLY A 74 -6.04 2.04 -9.32
N VAL A 75 -5.15 3.01 -9.20
CA VAL A 75 -5.00 4.06 -10.19
C VAL A 75 -3.56 4.19 -10.64
N LYS A 76 -3.36 4.79 -11.81
CA LYS A 76 -2.02 5.04 -12.31
C LYS A 76 -1.74 6.54 -12.31
N ALA A 77 -1.26 7.03 -11.18
CA ALA A 77 -0.95 8.44 -11.03
C ALA A 77 0.50 8.69 -11.41
N SER A 78 0.87 9.95 -11.54
CA SER A 78 2.22 10.31 -11.91
C SER A 78 3.00 10.82 -10.70
N LYS A 79 4.30 10.99 -10.87
CA LYS A 79 5.14 11.52 -9.81
C LYS A 79 4.73 12.95 -9.47
N GLU A 80 4.12 13.63 -10.43
CA GLU A 80 3.69 15.01 -10.25
C GLU A 80 2.43 15.07 -9.37
N ASP A 81 1.65 13.99 -9.37
CA ASP A 81 0.45 13.91 -8.55
C ASP A 81 0.82 13.79 -7.08
N LEU A 82 2.03 13.32 -6.82
CA LEU A 82 2.51 13.14 -5.46
C LEU A 82 2.66 14.49 -4.76
N LEU A 83 3.00 15.52 -5.53
CA LEU A 83 3.16 16.86 -4.97
C LEU A 83 1.84 17.63 -5.05
N LYS A 84 0.82 16.98 -5.59
CA LYS A 84 -0.47 17.64 -5.80
C LYS A 84 -1.41 17.42 -4.62
N ASP A 85 -1.75 16.18 -4.35
CA ASP A 85 -2.77 15.88 -3.35
C ASP A 85 -2.65 14.47 -2.80
N PHE A 86 -1.72 14.28 -1.87
CA PHE A 86 -1.59 13.03 -1.14
C PHE A 86 -1.38 13.26 0.34
N ARG A 87 -2.13 12.50 1.11
CA ARG A 87 -2.04 12.50 2.58
C ARG A 87 -2.90 11.35 3.11
N LEU A 88 -2.98 10.30 2.30
CA LEU A 88 -3.80 9.14 2.59
C LEU A 88 -2.95 7.89 2.40
N PRO A 89 -3.23 6.84 3.17
CA PRO A 89 -2.55 5.55 3.00
C PRO A 89 -2.84 4.94 1.64
N ALA A 90 -1.80 4.70 0.86
CA ALA A 90 -1.95 4.14 -0.47
C ALA A 90 -0.86 3.11 -0.75
N ILE A 91 -1.25 1.98 -1.32
CA ILE A 91 -0.31 0.93 -1.62
C ILE A 91 0.30 1.14 -3.01
N ALA A 92 1.53 1.62 -3.05
CA ALA A 92 2.18 1.95 -4.30
C ALA A 92 3.03 0.78 -4.80
N ASN A 93 3.18 0.69 -6.12
CA ASN A 93 3.93 -0.39 -6.73
C ASN A 93 5.34 0.06 -7.06
N VAL A 94 6.29 -0.38 -6.25
CA VAL A 94 7.69 -0.12 -6.51
C VAL A 94 8.35 -1.38 -7.04
N ILE A 95 9.18 -1.23 -8.06
CA ILE A 95 9.86 -2.36 -8.66
C ILE A 95 11.33 -2.04 -8.82
N VAL A 96 12.16 -2.64 -7.97
CA VAL A 96 13.57 -2.33 -7.96
C VAL A 96 14.31 -3.09 -9.07
N ASP A 97 15.09 -2.34 -9.85
CA ASP A 97 15.86 -2.89 -10.96
C ASP A 97 14.94 -3.46 -12.04
N ASN A 98 13.65 -3.10 -11.97
CA ASN A 98 12.64 -3.63 -12.87
C ASN A 98 12.55 -5.16 -12.76
N ARG A 99 13.02 -5.70 -11.66
CA ARG A 99 13.02 -7.14 -11.45
C ARG A 99 12.10 -7.51 -10.30
N LEU A 100 12.47 -7.10 -9.10
CA LEU A 100 11.69 -7.41 -7.91
C LEU A 100 10.54 -6.43 -7.75
N ALA A 101 9.33 -6.95 -7.83
CA ALA A 101 8.13 -6.15 -7.68
C ALA A 101 7.69 -6.17 -6.22
N HIS A 102 7.53 -4.99 -5.64
CA HIS A 102 7.23 -4.87 -4.23
C HIS A 102 6.20 -3.78 -3.99
N PHE A 103 5.37 -3.98 -2.97
CA PHE A 103 4.41 -2.96 -2.58
C PHE A 103 4.85 -2.25 -1.31
N VAL A 104 4.73 -0.93 -1.33
CA VAL A 104 5.02 -0.12 -0.16
C VAL A 104 3.82 0.76 0.20
N VAL A 105 3.67 1.08 1.47
CA VAL A 105 2.55 1.88 1.93
C VAL A 105 2.94 3.36 2.01
N ILE A 106 2.31 4.17 1.19
CA ILE A 106 2.57 5.60 1.19
C ILE A 106 1.59 6.29 2.14
N TYR A 107 2.09 7.23 2.94
CA TYR A 107 1.24 8.00 3.82
C TYR A 107 1.09 9.44 3.37
N SER A 108 2.21 10.08 3.05
CA SER A 108 2.20 11.49 2.63
C SER A 108 3.44 11.81 1.81
N ILE A 109 3.32 12.83 0.96
CA ILE A 109 4.46 13.30 0.19
C ILE A 109 4.63 14.81 0.41
N LYS A 110 5.83 15.21 0.80
CA LYS A 110 6.12 16.61 1.07
C LYS A 110 7.63 16.86 1.08
N ASN A 111 8.02 18.04 0.61
CA ASN A 111 9.43 18.44 0.58
C ASN A 111 10.23 17.55 -0.36
N ARG A 112 9.56 17.10 -1.42
CA ARG A 112 10.13 16.19 -2.41
C ARG A 112 10.41 14.82 -1.79
N ILE A 113 9.93 14.60 -0.57
CA ILE A 113 10.18 13.38 0.15
C ILE A 113 8.89 12.59 0.34
N ILE A 114 8.96 11.29 0.10
CA ILE A 114 7.80 10.43 0.23
C ILE A 114 7.90 9.64 1.53
N THR A 115 6.89 9.80 2.38
CA THR A 115 6.82 9.05 3.62
C THR A 115 6.31 7.64 3.35
N VAL A 116 7.22 6.69 3.29
CA VAL A 116 6.89 5.31 2.96
C VAL A 116 6.96 4.42 4.19
N ALA A 117 6.01 3.51 4.31
CA ALA A 117 6.02 2.52 5.36
C ALA A 117 6.20 1.14 4.75
N ASP A 118 7.25 0.47 5.18
CA ASP A 118 7.59 -0.83 4.61
C ASP A 118 7.01 -1.95 5.49
N PRO A 119 6.54 -3.04 4.87
CA PRO A 119 6.04 -4.21 5.60
C PRO A 119 7.08 -4.85 6.52
N GLY A 120 8.36 -4.62 6.23
CA GLY A 120 9.42 -5.17 7.05
C GLY A 120 10.20 -4.08 7.76
N LYS A 121 10.66 -3.11 6.99
CA LYS A 121 11.41 -1.99 7.53
C LYS A 121 10.45 -0.98 8.16
N GLY A 122 10.96 0.00 8.88
CA GLY A 122 10.11 1.00 9.50
C GLY A 122 9.61 2.03 8.52
N ILE A 123 9.62 3.29 8.94
CA ILE A 123 9.19 4.37 8.07
C ILE A 123 10.38 4.89 7.29
N VAL A 124 10.41 4.56 6.00
CA VAL A 124 11.54 4.93 5.16
C VAL A 124 11.17 6.11 4.27
N ARG A 125 12.01 7.13 4.29
CA ARG A 125 11.77 8.33 3.52
C ARG A 125 12.60 8.33 2.25
N TYR A 126 11.94 8.30 1.12
CA TYR A 126 12.62 8.33 -0.17
C TYR A 126 12.52 9.72 -0.78
N SER A 127 13.63 10.22 -1.30
CA SER A 127 13.63 11.46 -2.05
C SER A 127 13.05 11.18 -3.44
N MET A 128 12.47 12.18 -4.08
CA MET A 128 11.82 12.00 -5.38
C MET A 128 12.73 11.27 -6.36
N ASP A 129 13.99 11.69 -6.42
CA ASP A 129 14.95 11.12 -7.34
C ASP A 129 15.12 9.62 -7.11
N ASP A 130 15.04 9.21 -5.85
CA ASP A 130 15.19 7.81 -5.50
C ASP A 130 13.87 7.06 -5.67
N PHE A 131 12.80 7.66 -5.17
CA PHE A 131 11.49 7.03 -5.19
C PHE A 131 11.03 6.76 -6.63
N CYS A 132 11.09 7.78 -7.47
CA CYS A 132 10.65 7.64 -8.86
C CYS A 132 11.54 6.66 -9.62
N SER A 133 12.74 6.45 -9.11
CA SER A 133 13.68 5.53 -9.75
C SER A 133 13.23 4.08 -9.54
N ILE A 134 12.75 3.77 -8.35
CA ILE A 134 12.31 2.41 -8.05
C ILE A 134 10.80 2.24 -8.29
N TRP A 135 10.06 3.33 -8.19
CA TRP A 135 8.63 3.31 -8.41
C TRP A 135 8.32 3.30 -9.89
N THR A 136 7.76 2.20 -10.37
CA THR A 136 7.41 2.06 -11.77
C THR A 136 6.10 2.77 -12.08
N GLY A 137 5.09 2.53 -11.26
CA GLY A 137 3.80 3.15 -11.47
C GLY A 137 2.67 2.32 -10.89
N GLY A 138 1.61 3.00 -10.48
CA GLY A 138 0.47 2.32 -9.90
C GLY A 138 0.35 2.55 -8.40
N LEU A 139 -0.83 3.00 -7.98
CA LEU A 139 -1.12 3.19 -6.57
C LEU A 139 -2.53 2.69 -6.24
N VAL A 140 -2.63 1.86 -5.23
CA VAL A 140 -3.93 1.44 -4.72
C VAL A 140 -4.35 2.40 -3.61
N LEU A 141 -5.27 3.29 -3.95
CA LEU A 141 -5.71 4.32 -3.02
C LEU A 141 -6.67 3.75 -2.00
N LEU A 142 -6.38 3.98 -0.74
CA LEU A 142 -7.24 3.50 0.34
C LEU A 142 -8.01 4.65 0.95
N GLU A 143 -9.20 4.32 1.45
CA GLU A 143 -10.14 5.27 2.05
C GLU A 143 -10.24 6.59 1.28
N PRO A 144 -10.69 6.55 0.02
CA PRO A 144 -11.03 7.76 -0.73
C PRO A 144 -12.33 8.35 -0.19
N GLY A 145 -12.21 9.07 0.92
CA GLY A 145 -13.37 9.58 1.61
C GLY A 145 -14.01 10.75 0.90
N GLU A 146 -14.75 11.55 1.64
CA GLU A 146 -15.48 12.66 1.09
C GLU A 146 -14.55 13.73 0.55
N ALA A 147 -15.08 14.59 -0.30
CA ALA A 147 -14.32 15.66 -0.93
C ALA A 147 -13.25 15.07 -1.86
N PHE A 148 -13.50 13.87 -2.36
CA PHE A 148 -12.59 13.23 -3.30
C PHE A 148 -12.97 13.58 -4.72
N GLN A 149 -14.20 14.05 -4.89
CA GLN A 149 -14.68 14.52 -6.19
C GLN A 149 -15.06 15.99 -6.10
N LYS A 150 -15.47 16.39 -4.90
CA LYS A 150 -15.80 17.78 -4.64
C LYS A 150 -14.54 18.53 -4.21
N GLY A 151 -14.49 19.81 -4.47
CA GLY A 151 -13.31 20.59 -4.16
C GLY A 151 -13.52 22.06 -4.37
N LEU B 1 -8.21 12.68 -0.99
CA LEU B 1 -7.53 12.86 -2.29
C LEU B 1 -8.53 12.97 -3.43
N ASN B 2 -8.20 13.79 -4.41
CA ASN B 2 -9.08 14.03 -5.55
C ASN B 2 -8.79 13.03 -6.67
N ILE B 3 -7.80 12.17 -6.44
CA ILE B 3 -7.42 11.17 -7.43
C ILE B 3 -8.48 10.08 -7.50
N GLY B 4 -8.92 9.79 -8.71
CA GLY B 4 -9.97 8.81 -8.90
C GLY B 4 -10.27 8.57 -10.36
N ARG B 5 -9.83 7.44 -10.87
CA ARG B 5 -10.08 7.06 -12.26
C ARG B 5 -10.58 5.63 -12.32
N GLU B 6 -11.28 5.32 -13.39
CA GLU B 6 -11.72 3.95 -13.65
C GLU B 6 -10.78 3.32 -14.67
N LEU B 7 -9.95 2.40 -14.19
CA LEU B 7 -8.95 1.78 -15.04
C LEU B 7 -9.42 0.43 -15.53
N THR B 8 -8.49 -0.35 -16.06
CA THR B 8 -8.80 -1.69 -16.51
C THR B 8 -8.23 -2.72 -15.54
N ASP B 9 -8.86 -3.89 -15.52
CA ASP B 9 -8.44 -4.99 -14.66
C ASP B 9 -6.99 -5.35 -14.95
N GLU B 10 -6.59 -5.14 -16.19
CA GLU B 10 -5.27 -5.50 -16.66
C GLU B 10 -4.17 -4.74 -15.92
N GLU B 11 -4.42 -3.50 -15.55
CA GLU B 11 -3.39 -2.69 -14.90
C GLU B 11 -3.19 -3.09 -13.46
N LEU B 12 -4.26 -3.51 -12.79
CA LEU B 12 -4.13 -4.03 -11.44
C LEU B 12 -3.44 -5.40 -11.46
N MET B 13 -3.62 -6.12 -12.55
CA MET B 13 -2.92 -7.39 -12.76
C MET B 13 -1.46 -7.14 -13.09
N GLU B 14 -1.17 -5.97 -13.65
CA GLU B 14 0.17 -5.53 -13.92
C GLU B 14 0.89 -5.22 -12.61
N MET B 15 0.16 -4.59 -11.70
CA MET B 15 0.70 -4.21 -10.42
C MET B 15 0.81 -5.43 -9.49
N THR B 16 1.98 -5.61 -8.92
CA THR B 16 2.22 -6.74 -8.05
C THR B 16 3.29 -6.38 -7.01
N GLY B 17 3.09 -6.87 -5.78
CA GLY B 17 3.96 -6.51 -4.69
C GLY B 17 4.79 -7.66 -4.18
N GLY B 18 4.63 -8.81 -4.81
CA GLY B 18 5.36 -9.99 -4.40
C GLY B 18 5.71 -10.86 -5.57
N SER B 19 6.37 -10.28 -6.56
CA SER B 19 6.69 -10.97 -7.78
C SER B 19 8.09 -10.60 -8.25
N THR B 20 8.61 -11.37 -9.19
CA THR B 20 9.92 -11.11 -9.76
C THR B 20 9.86 -11.27 -11.28
N PHE B 21 10.04 -10.18 -12.00
CA PHE B 21 10.01 -10.21 -13.45
C PHE B 21 11.24 -10.91 -13.98
N SER B 22 11.04 -12.10 -14.51
CA SER B 22 12.12 -12.92 -15.03
C SER B 22 11.55 -14.15 -15.73
N ILE B 23 11.23 -14.01 -17.00
CA ILE B 23 10.72 -15.12 -17.78
C ILE B 23 11.84 -16.11 -18.06
N GLN B 24 12.99 -15.59 -18.45
CA GLN B 24 14.17 -16.41 -18.66
C GLN B 24 14.92 -16.58 -17.34
N SER A 1 1.59 21.07 25.65
CA SER A 1 2.50 19.96 25.27
C SER A 1 1.91 19.18 24.10
N ASN A 2 2.75 18.72 23.20
CA ASN A 2 2.30 17.95 22.04
C ASN A 2 3.36 16.93 21.66
N ALA A 3 2.92 15.85 21.03
CA ALA A 3 3.83 14.81 20.60
C ALA A 3 3.27 14.10 19.37
N MET A 4 3.52 14.69 18.20
CA MET A 4 3.07 14.10 16.95
C MET A 4 3.98 12.95 16.54
N LEU A 5 5.18 12.94 17.09
CA LEU A 5 6.15 11.88 16.82
C LEU A 5 5.86 10.65 17.68
N ARG A 6 4.63 10.15 17.58
CA ARG A 6 4.22 8.99 18.36
C ARG A 6 4.89 7.72 17.85
N ARG A 7 6.08 7.47 18.36
CA ARG A 7 6.86 6.30 17.98
C ARG A 7 6.61 5.16 18.97
N LEU A 8 6.25 5.52 20.19
CA LEU A 8 5.98 4.53 21.24
C LEU A 8 4.52 4.60 21.68
N PHE A 9 4.03 5.80 21.92
CA PHE A 9 2.67 6.00 22.40
C PHE A 9 1.66 5.81 21.27
N LYS A 10 0.90 4.74 21.37
CA LYS A 10 -0.12 4.38 20.40
C LYS A 10 0.46 4.32 18.99
N LYS A 11 1.05 3.19 18.67
CA LYS A 11 1.62 2.97 17.36
C LYS A 11 0.53 2.72 16.34
N LYS A 12 0.08 3.78 15.70
CA LYS A 12 -0.93 3.68 14.67
C LYS A 12 -0.36 2.96 13.45
N TYR A 13 0.91 3.21 13.18
CA TYR A 13 1.62 2.51 12.13
C TYR A 13 2.12 1.17 12.67
N VAL A 14 1.78 0.10 11.98
CA VAL A 14 2.19 -1.22 12.42
C VAL A 14 3.18 -1.84 11.44
N CYS A 15 4.38 -2.09 11.92
CA CYS A 15 5.42 -2.70 11.11
C CYS A 15 5.19 -4.20 10.99
N VAL A 16 4.49 -4.58 9.93
CA VAL A 16 4.23 -5.99 9.66
C VAL A 16 5.49 -6.62 9.07
N ARG A 17 5.73 -7.88 9.42
CA ARG A 17 6.95 -8.58 9.00
C ARG A 17 6.70 -9.34 7.70
N GLN A 18 7.68 -9.31 6.81
CA GLN A 18 7.61 -10.08 5.57
C GLN A 18 7.99 -11.52 5.82
N TYR A 19 7.18 -12.43 5.31
CA TYR A 19 7.49 -13.84 5.38
C TYR A 19 7.84 -14.36 3.99
N ASP A 20 7.26 -13.73 2.98
CA ASP A 20 7.58 -14.06 1.58
C ASP A 20 7.54 -12.79 0.74
N LEU A 21 8.04 -12.85 -0.48
CA LEU A 21 7.97 -11.69 -1.36
C LEU A 21 6.54 -11.44 -1.79
N THR A 22 5.84 -12.52 -2.12
CA THR A 22 4.44 -12.45 -2.46
C THR A 22 3.61 -11.98 -1.26
N ASP A 23 4.11 -12.33 -0.09
CA ASP A 23 3.46 -12.01 1.18
C ASP A 23 3.52 -10.51 1.48
N ALA A 24 4.51 -9.83 0.90
CA ALA A 24 4.68 -8.39 1.08
C ALA A 24 3.40 -7.64 0.71
N GLY A 25 2.72 -8.11 -0.33
CA GLY A 25 1.50 -7.48 -0.77
C GLY A 25 0.40 -7.55 0.28
N ALA A 26 0.30 -8.69 0.94
CA ALA A 26 -0.71 -8.89 1.97
C ALA A 26 -0.36 -8.08 3.21
N ALA A 27 0.93 -8.02 3.51
CA ALA A 27 1.42 -7.26 4.65
C ALA A 27 1.09 -5.78 4.50
N CYS A 28 1.20 -5.27 3.28
CA CYS A 28 0.92 -3.87 2.99
C CYS A 28 -0.54 -3.53 3.24
N LEU A 29 -1.44 -4.43 2.88
CA LEU A 29 -2.86 -4.21 3.11
C LEU A 29 -3.15 -4.26 4.61
N SER A 30 -2.38 -5.08 5.32
CA SER A 30 -2.59 -5.29 6.74
C SER A 30 -2.06 -4.11 7.57
N SER A 31 -0.96 -3.51 7.13
CA SER A 31 -0.34 -2.41 7.88
C SER A 31 -1.22 -1.17 7.81
N ILE A 32 -1.98 -1.06 6.74
CA ILE A 32 -2.91 0.04 6.56
C ILE A 32 -4.19 -0.22 7.35
N ALA A 33 -4.66 -1.45 7.31
CA ALA A 33 -5.84 -1.86 8.08
C ALA A 33 -5.60 -1.61 9.57
N GLN A 34 -4.46 -2.08 10.06
CA GLN A 34 -4.13 -1.93 11.47
C GLN A 34 -3.80 -0.47 11.78
N TYR A 35 -3.45 0.30 10.77
CA TYR A 35 -3.22 1.72 10.91
C TYR A 35 -4.51 2.43 11.33
N TYR A 36 -5.61 2.04 10.70
CA TYR A 36 -6.91 2.62 11.02
C TYR A 36 -7.44 2.04 12.33
N GLY A 37 -6.75 1.05 12.86
CA GLY A 37 -7.14 0.47 14.14
C GLY A 37 -7.77 -0.89 14.01
N LEU A 38 -7.79 -1.44 12.80
CA LEU A 38 -8.37 -2.74 12.57
C LEU A 38 -7.31 -3.82 12.77
N LYS A 39 -7.49 -4.64 13.79
CA LYS A 39 -6.54 -5.70 14.11
C LYS A 39 -6.68 -6.85 13.12
N MET A 40 -6.09 -6.65 11.94
CA MET A 40 -6.17 -7.64 10.87
C MET A 40 -4.79 -8.21 10.58
N SER A 41 -4.60 -9.46 10.97
CA SER A 41 -3.35 -10.16 10.74
C SER A 41 -3.18 -10.50 9.27
N LEU A 42 -1.94 -10.32 8.77
CA LEU A 42 -1.63 -10.50 7.36
C LEU A 42 -1.89 -11.93 6.90
N ALA A 43 -1.83 -12.88 7.84
CA ALA A 43 -2.05 -14.28 7.53
C ALA A 43 -3.50 -14.52 7.09
N LYS A 44 -4.41 -13.70 7.60
CA LYS A 44 -5.82 -13.81 7.28
C LYS A 44 -6.08 -13.12 5.94
N ILE A 45 -5.33 -12.07 5.68
CA ILE A 45 -5.49 -11.31 4.45
C ILE A 45 -4.83 -12.03 3.28
N ARG A 46 -3.71 -12.68 3.56
CA ARG A 46 -2.92 -13.37 2.53
C ARG A 46 -3.75 -14.44 1.83
N GLU A 47 -4.66 -15.07 2.55
CA GLU A 47 -5.52 -16.09 1.98
C GLU A 47 -6.73 -15.47 1.29
N MET A 48 -7.07 -14.25 1.68
CA MET A 48 -8.22 -13.54 1.11
C MET A 48 -7.88 -12.95 -0.25
N THR A 49 -6.67 -12.44 -0.39
CA THR A 49 -6.28 -11.70 -1.57
C THR A 49 -5.96 -12.61 -2.75
N GLY A 50 -6.04 -13.93 -2.52
CA GLY A 50 -5.76 -14.87 -3.58
C GLY A 50 -4.31 -14.82 -3.99
N THR A 51 -3.43 -14.84 -3.00
CA THR A 51 -2.00 -14.63 -3.22
C THR A 51 -1.43 -15.61 -4.25
N ASP A 52 -0.92 -15.05 -5.34
CA ASP A 52 -0.24 -15.81 -6.37
C ASP A 52 1.17 -16.12 -5.93
N THR A 53 1.59 -17.36 -6.12
CA THR A 53 2.95 -17.76 -5.79
C THR A 53 3.93 -17.15 -6.79
N GLN A 54 3.40 -16.70 -7.91
CA GLN A 54 4.18 -16.02 -8.93
C GLN A 54 4.17 -14.51 -8.72
N GLY A 55 3.41 -14.06 -7.73
CA GLY A 55 3.34 -12.64 -7.45
C GLY A 55 1.93 -12.16 -7.19
N THR A 56 1.66 -11.77 -5.96
CA THR A 56 0.36 -11.23 -5.57
C THR A 56 0.01 -10.00 -6.39
N ASN A 57 -1.14 -10.03 -7.04
CA ASN A 57 -1.57 -8.91 -7.89
C ASN A 57 -2.34 -7.88 -7.07
N ALA A 58 -2.41 -6.66 -7.60
CA ALA A 58 -3.11 -5.57 -6.94
C ALA A 58 -4.62 -5.75 -7.02
N TYR A 59 -5.03 -6.63 -7.93
CA TYR A 59 -6.45 -6.87 -8.16
C TYR A 59 -7.06 -7.64 -7.00
N GLY A 60 -6.25 -8.48 -6.36
CA GLY A 60 -6.71 -9.21 -5.20
C GLY A 60 -6.78 -8.34 -3.98
N LEU A 61 -5.83 -7.43 -3.86
CA LEU A 61 -5.77 -6.52 -2.71
C LEU A 61 -7.00 -5.64 -2.65
N ILE A 62 -7.29 -4.94 -3.74
CA ILE A 62 -8.42 -4.02 -3.80
C ILE A 62 -9.74 -4.78 -3.57
N HIS A 63 -9.84 -5.97 -4.14
CA HIS A 63 -11.04 -6.78 -4.00
C HIS A 63 -11.25 -7.19 -2.55
N ALA A 64 -10.18 -7.67 -1.91
CA ALA A 64 -10.25 -8.08 -0.51
C ALA A 64 -10.58 -6.90 0.38
N ALA A 65 -9.92 -5.77 0.13
CA ALA A 65 -10.13 -4.56 0.91
C ALA A 65 -11.60 -4.13 0.90
N LYS A 66 -12.19 -4.16 -0.29
CA LYS A 66 -13.59 -3.77 -0.45
C LYS A 66 -14.52 -4.67 0.34
N GLN A 67 -14.10 -5.91 0.58
CA GLN A 67 -14.90 -6.87 1.32
C GLN A 67 -14.83 -6.57 2.82
N LEU A 68 -13.76 -5.91 3.25
CA LEU A 68 -13.64 -5.45 4.63
C LEU A 68 -14.50 -4.22 4.85
N GLY A 69 -14.90 -3.60 3.76
CA GLY A 69 -15.65 -2.39 3.83
C GLY A 69 -14.80 -1.19 3.50
N PHE A 70 -13.52 -1.45 3.22
CA PHE A 70 -12.62 -0.40 2.75
C PHE A 70 -13.09 0.12 1.41
N SER A 71 -13.09 1.43 1.25
CA SER A 71 -13.39 2.03 -0.04
C SER A 71 -12.08 2.16 -0.81
N ALA A 72 -11.71 1.09 -1.50
CA ALA A 72 -10.44 1.03 -2.20
C ALA A 72 -10.61 1.37 -3.67
N LYS A 73 -9.63 2.06 -4.23
CA LYS A 73 -9.66 2.39 -5.64
C LYS A 73 -8.24 2.34 -6.21
N GLY A 74 -8.09 1.67 -7.36
CA GLY A 74 -6.79 1.54 -7.97
C GLY A 74 -6.55 2.61 -9.03
N VAL A 75 -5.54 3.44 -8.80
CA VAL A 75 -5.24 4.55 -9.68
C VAL A 75 -3.78 4.56 -10.12
N LYS A 76 -3.53 5.06 -11.32
CA LYS A 76 -2.17 5.19 -11.82
C LYS A 76 -1.71 6.63 -11.73
N ALA A 77 -0.85 6.90 -10.76
CA ALA A 77 -0.34 8.23 -10.53
C ALA A 77 1.10 8.35 -10.99
N SER A 78 1.53 9.56 -11.30
CA SER A 78 2.90 9.81 -11.68
C SER A 78 3.63 10.53 -10.57
N LYS A 79 4.92 10.76 -10.75
CA LYS A 79 5.73 11.46 -9.75
C LYS A 79 5.13 12.83 -9.43
N GLU A 80 4.52 13.44 -10.43
CA GLU A 80 4.00 14.79 -10.31
C GLU A 80 2.65 14.81 -9.59
N ASP A 81 1.97 13.67 -9.58
CA ASP A 81 0.68 13.56 -8.91
C ASP A 81 0.88 13.41 -7.41
N LEU A 82 2.06 12.92 -7.03
CA LEU A 82 2.38 12.68 -5.63
C LEU A 82 2.38 13.99 -4.84
N LEU A 83 2.64 15.10 -5.52
CA LEU A 83 2.67 16.41 -4.87
C LEU A 83 1.35 17.15 -5.09
N LYS A 84 0.33 16.44 -5.53
CA LYS A 84 -0.95 17.07 -5.83
C LYS A 84 -2.04 16.64 -4.84
N ASP A 85 -2.55 15.44 -5.00
CA ASP A 85 -3.67 14.98 -4.17
C ASP A 85 -3.28 13.74 -3.39
N PHE A 86 -2.62 13.95 -2.26
CA PHE A 86 -2.18 12.86 -1.41
C PHE A 86 -2.14 13.26 0.05
N ARG A 87 -2.75 12.42 0.87
CA ARG A 87 -2.75 12.59 2.32
C ARG A 87 -3.36 11.34 2.96
N LEU A 88 -3.22 10.23 2.25
CA LEU A 88 -3.85 8.98 2.62
C LEU A 88 -2.84 7.84 2.57
N PRO A 89 -3.02 6.83 3.41
CA PRO A 89 -2.29 5.56 3.30
C PRO A 89 -2.64 4.84 2.00
N ALA A 90 -1.63 4.57 1.19
CA ALA A 90 -1.85 3.96 -0.11
C ALA A 90 -0.84 2.86 -0.40
N ILE A 91 -1.29 1.83 -1.09
CA ILE A 91 -0.41 0.74 -1.50
C ILE A 91 0.23 1.08 -2.85
N ALA A 92 1.52 1.39 -2.84
CA ALA A 92 2.21 1.81 -4.06
C ALA A 92 2.94 0.64 -4.70
N ASN A 93 2.98 0.66 -6.03
CA ASN A 93 3.65 -0.39 -6.79
C ASN A 93 5.06 0.03 -7.17
N VAL A 94 6.03 -0.50 -6.45
CA VAL A 94 7.42 -0.22 -6.74
C VAL A 94 8.08 -1.42 -7.38
N ILE A 95 8.88 -1.17 -8.40
CA ILE A 95 9.52 -2.23 -9.17
C ILE A 95 11.01 -1.97 -9.26
N VAL A 96 11.76 -2.70 -8.45
CA VAL A 96 13.20 -2.48 -8.37
C VAL A 96 13.93 -3.37 -9.38
N ASP A 97 15.01 -2.82 -9.96
CA ASP A 97 15.80 -3.51 -10.98
C ASP A 97 14.97 -3.72 -12.24
N ASN A 98 13.83 -3.03 -12.31
CA ASN A 98 12.89 -3.15 -13.41
C ASN A 98 12.39 -4.60 -13.53
N ARG A 99 12.49 -5.33 -12.42
CA ARG A 99 12.15 -6.76 -12.42
C ARG A 99 11.29 -7.12 -11.21
N LEU A 100 11.81 -6.87 -10.02
CA LEU A 100 11.11 -7.25 -8.79
C LEU A 100 10.03 -6.24 -8.45
N ALA A 101 8.79 -6.62 -8.71
CA ALA A 101 7.65 -5.77 -8.46
C ALA A 101 7.05 -6.10 -7.11
N HIS A 102 7.09 -5.14 -6.19
CA HIS A 102 6.56 -5.35 -4.85
C HIS A 102 5.84 -4.09 -4.36
N PHE A 103 5.11 -4.21 -3.27
CA PHE A 103 4.34 -3.09 -2.75
C PHE A 103 4.99 -2.50 -1.51
N VAL A 104 4.84 -1.19 -1.39
CA VAL A 104 5.21 -0.46 -0.18
C VAL A 104 4.07 0.45 0.24
N VAL A 105 3.96 0.71 1.53
CA VAL A 105 2.87 1.54 2.05
C VAL A 105 3.28 3.00 2.10
N ILE A 106 2.50 3.84 1.44
CA ILE A 106 2.74 5.27 1.45
C ILE A 106 1.83 5.94 2.47
N TYR A 107 2.39 6.77 3.33
CA TYR A 107 1.59 7.47 4.33
C TYR A 107 1.45 8.94 4.00
N SER A 108 2.54 9.58 3.60
CA SER A 108 2.50 11.02 3.33
C SER A 108 3.61 11.42 2.35
N ILE A 109 3.29 12.34 1.45
CA ILE A 109 4.27 12.91 0.54
C ILE A 109 4.42 14.40 0.81
N LYS A 110 5.58 14.79 1.30
CA LYS A 110 5.83 16.18 1.73
C LYS A 110 7.20 16.64 1.27
N ASN A 111 7.24 17.74 0.53
CA ASN A 111 8.49 18.39 0.14
C ASN A 111 9.37 17.42 -0.64
N ARG A 112 8.75 16.66 -1.54
CA ARG A 112 9.43 15.68 -2.38
C ARG A 112 9.93 14.49 -1.58
N ILE A 113 9.57 14.43 -0.31
CA ILE A 113 9.97 13.33 0.55
C ILE A 113 8.75 12.47 0.88
N ILE A 114 8.86 11.18 0.67
CA ILE A 114 7.74 10.28 0.87
C ILE A 114 7.96 9.42 2.12
N THR A 115 6.98 9.44 3.02
CA THR A 115 7.00 8.56 4.17
C THR A 115 6.50 7.18 3.78
N VAL A 116 7.43 6.25 3.65
CA VAL A 116 7.12 4.91 3.17
C VAL A 116 7.29 3.89 4.29
N ALA A 117 6.42 2.89 4.29
CA ALA A 117 6.56 1.76 5.18
C ALA A 117 6.72 0.49 4.36
N ASP A 118 7.96 0.07 4.20
CA ASP A 118 8.24 -1.18 3.50
C ASP A 118 8.12 -2.33 4.48
N PRO A 119 7.32 -3.35 4.14
CA PRO A 119 7.01 -4.46 5.06
C PRO A 119 8.24 -5.25 5.52
N GLY A 120 9.40 -4.96 4.97
CA GLY A 120 10.62 -5.61 5.41
C GLY A 120 11.39 -4.78 6.41
N LYS A 121 10.87 -3.61 6.73
CA LYS A 121 11.52 -2.69 7.66
C LYS A 121 10.48 -1.82 8.35
N GLY A 122 10.93 -0.85 9.14
CA GLY A 122 10.01 0.08 9.75
C GLY A 122 9.68 1.25 8.83
N ILE A 123 9.72 2.46 9.37
CA ILE A 123 9.40 3.65 8.58
C ILE A 123 10.65 4.16 7.87
N VAL A 124 10.54 4.36 6.57
CA VAL A 124 11.65 4.84 5.77
C VAL A 124 11.18 5.96 4.86
N ARG A 125 12.01 6.98 4.69
CA ARG A 125 11.62 8.14 3.92
C ARG A 125 12.53 8.34 2.73
N TYR A 126 11.98 8.17 1.54
CA TYR A 126 12.74 8.34 0.31
C TYR A 126 12.40 9.68 -0.31
N SER A 127 13.37 10.27 -0.99
CA SER A 127 13.12 11.48 -1.76
C SER A 127 12.67 11.08 -3.15
N MET A 128 12.11 12.01 -3.91
CA MET A 128 11.60 11.68 -5.25
C MET A 128 12.68 11.04 -6.11
N ASP A 129 13.91 11.53 -6.00
CA ASP A 129 15.02 11.02 -6.78
C ASP A 129 15.24 9.54 -6.55
N ASP A 130 15.09 9.10 -5.30
CA ASP A 130 15.24 7.69 -4.96
C ASP A 130 13.96 6.93 -5.21
N PHE A 131 12.85 7.54 -4.82
CA PHE A 131 11.54 6.90 -4.89
C PHE A 131 11.14 6.62 -6.33
N CYS A 132 11.15 7.65 -7.17
CA CYS A 132 10.71 7.52 -8.56
C CYS A 132 11.61 6.57 -9.35
N SER A 133 12.84 6.38 -8.86
CA SER A 133 13.80 5.51 -9.51
C SER A 133 13.36 4.05 -9.44
N ILE A 134 12.72 3.69 -8.34
CA ILE A 134 12.24 2.31 -8.16
C ILE A 134 10.73 2.23 -8.30
N TRP A 135 10.06 3.36 -8.15
CA TRP A 135 8.61 3.40 -8.28
C TRP A 135 8.21 3.67 -9.72
N THR A 136 7.59 2.67 -10.34
CA THR A 136 7.16 2.78 -11.72
C THR A 136 5.86 3.58 -11.82
N GLY A 137 4.94 3.34 -10.90
CA GLY A 137 3.69 4.07 -10.90
C GLY A 137 2.52 3.20 -10.56
N GLY A 138 1.59 3.75 -9.79
CA GLY A 138 0.40 3.01 -9.42
C GLY A 138 0.23 2.91 -7.92
N LEU A 139 -0.96 3.24 -7.46
CA LEU A 139 -1.27 3.17 -6.03
C LEU A 139 -2.71 2.72 -5.82
N VAL A 140 -2.91 1.88 -4.83
CA VAL A 140 -4.25 1.50 -4.41
C VAL A 140 -4.64 2.36 -3.21
N LEU A 141 -5.52 3.32 -3.45
CA LEU A 141 -5.93 4.25 -2.42
C LEU A 141 -6.95 3.60 -1.49
N LEU A 142 -6.66 3.63 -0.19
CA LEU A 142 -7.52 2.98 0.79
C LEU A 142 -8.15 4.00 1.73
N GLU A 143 -9.47 3.93 1.83
CA GLU A 143 -10.25 4.81 2.72
C GLU A 143 -10.06 6.28 2.35
N PRO A 144 -10.88 6.80 1.43
CA PRO A 144 -10.82 8.20 0.97
C PRO A 144 -11.27 9.22 2.04
N GLY A 145 -10.74 9.08 3.24
CA GLY A 145 -11.04 10.01 4.31
C GLY A 145 -12.52 10.07 4.65
N GLU A 146 -13.11 11.23 4.45
CA GLU A 146 -14.52 11.43 4.70
C GLU A 146 -15.09 12.46 3.73
N ALA A 147 -16.41 12.43 3.54
CA ALA A 147 -17.10 13.36 2.65
C ALA A 147 -16.61 13.21 1.20
N PHE A 148 -16.23 12.00 0.84
CA PHE A 148 -15.70 11.71 -0.49
C PHE A 148 -16.82 11.27 -1.42
N GLN A 149 -17.92 10.81 -0.84
CA GLN A 149 -19.08 10.37 -1.60
C GLN A 149 -19.95 11.57 -1.95
N LYS A 150 -19.68 12.68 -1.28
CA LYS A 150 -20.41 13.91 -1.52
C LYS A 150 -19.42 15.04 -1.77
N GLY A 151 -19.87 16.28 -1.60
CA GLY A 151 -19.01 17.41 -1.80
C GLY A 151 -19.50 18.62 -1.05
N LEU B 1 -10.49 13.10 -2.59
CA LEU B 1 -9.58 12.53 -3.60
C LEU B 1 -9.86 13.09 -4.98
N ASN B 2 -8.79 13.48 -5.65
CA ASN B 2 -8.85 13.95 -7.02
C ASN B 2 -7.49 13.70 -7.66
N ILE B 3 -7.14 12.43 -7.78
CA ILE B 3 -5.81 12.04 -8.18
C ILE B 3 -5.75 11.66 -9.66
N GLY B 4 -6.78 10.99 -10.15
CA GLY B 4 -6.78 10.56 -11.53
C GLY B 4 -8.04 9.80 -11.90
N ARG B 5 -7.87 8.77 -12.71
CA ARG B 5 -8.99 8.00 -13.21
C ARG B 5 -8.87 6.53 -12.81
N GLU B 6 -9.99 5.84 -12.79
CA GLU B 6 -10.01 4.43 -12.47
C GLU B 6 -9.54 3.61 -13.66
N LEU B 7 -8.40 2.95 -13.51
CA LEU B 7 -7.83 2.17 -14.61
C LEU B 7 -8.52 0.83 -14.77
N THR B 8 -7.90 -0.05 -15.54
CA THR B 8 -8.49 -1.33 -15.89
C THR B 8 -8.11 -2.41 -14.88
N ASP B 9 -8.72 -3.58 -15.03
CA ASP B 9 -8.35 -4.74 -14.24
C ASP B 9 -6.95 -5.17 -14.62
N GLU B 10 -6.62 -4.98 -15.89
CA GLU B 10 -5.32 -5.35 -16.43
C GLU B 10 -4.21 -4.58 -15.73
N GLU B 11 -4.44 -3.29 -15.49
CA GLU B 11 -3.49 -2.46 -14.78
C GLU B 11 -3.23 -2.97 -13.37
N LEU B 12 -4.29 -3.46 -12.74
CA LEU B 12 -4.19 -4.05 -11.41
C LEU B 12 -3.45 -5.39 -11.46
N MET B 13 -3.58 -6.08 -12.59
CA MET B 13 -2.86 -7.34 -12.79
C MET B 13 -1.38 -7.08 -13.04
N GLU B 14 -1.08 -5.91 -13.59
CA GLU B 14 0.29 -5.52 -13.86
C GLU B 14 1.01 -5.13 -12.58
N MET B 15 0.27 -4.55 -11.64
CA MET B 15 0.85 -4.18 -10.36
C MET B 15 0.85 -5.38 -9.43
N THR B 16 1.95 -5.59 -8.75
CA THR B 16 2.12 -6.79 -7.94
C THR B 16 2.97 -6.51 -6.72
N GLY B 17 2.78 -7.31 -5.67
CA GLY B 17 3.44 -7.06 -4.41
C GLY B 17 4.62 -7.97 -4.15
N GLY B 18 4.88 -8.86 -5.10
CA GLY B 18 6.00 -9.77 -4.96
C GLY B 18 6.17 -10.61 -6.20
N SER B 19 6.25 -9.96 -7.33
CA SER B 19 6.36 -10.66 -8.60
C SER B 19 7.64 -10.24 -9.33
N THR B 20 7.88 -10.88 -10.45
CA THR B 20 8.99 -10.55 -11.31
C THR B 20 8.65 -10.91 -12.75
N PHE B 21 8.83 -9.96 -13.65
CA PHE B 21 8.46 -10.15 -15.04
C PHE B 21 9.39 -11.13 -15.74
N SER B 22 8.86 -12.28 -16.10
CA SER B 22 9.62 -13.31 -16.78
C SER B 22 8.78 -13.94 -17.87
N ILE B 23 9.39 -14.17 -19.02
CA ILE B 23 8.71 -14.80 -20.15
C ILE B 23 8.56 -16.29 -19.91
N GLN B 24 9.33 -16.78 -18.94
CA GLN B 24 9.33 -18.19 -18.59
C GLN B 24 9.27 -18.35 -17.09
N SER A 1 -9.98 -6.42 37.97
CA SER A 1 -11.21 -5.83 37.40
C SER A 1 -10.95 -4.42 36.87
N ASN A 2 -10.12 -4.34 35.84
CA ASN A 2 -9.76 -3.05 35.26
C ASN A 2 -10.16 -3.00 33.78
N ALA A 3 -11.47 -2.96 33.55
CA ALA A 3 -12.00 -2.86 32.20
C ALA A 3 -13.08 -1.80 32.16
N MET A 4 -12.77 -0.63 32.69
CA MET A 4 -13.75 0.44 32.83
C MET A 4 -13.76 1.33 31.60
N LEU A 5 -12.60 1.50 30.99
CA LEU A 5 -12.47 2.34 29.81
C LEU A 5 -11.46 1.74 28.85
N ARG A 6 -11.96 1.31 27.69
CA ARG A 6 -11.11 0.77 26.65
C ARG A 6 -10.41 1.92 25.92
N ARG A 7 -9.08 1.90 25.92
CA ARG A 7 -8.30 2.92 25.25
C ARG A 7 -8.18 2.61 23.77
N LEU A 8 -8.78 3.45 22.94
CA LEU A 8 -8.76 3.24 21.49
C LEU A 8 -8.06 4.40 20.80
N PHE A 9 -7.93 5.52 21.49
CA PHE A 9 -7.23 6.68 20.96
C PHE A 9 -5.73 6.53 21.16
N LYS A 10 -5.08 5.84 20.25
CA LYS A 10 -3.66 5.56 20.36
C LYS A 10 -3.01 5.54 18.99
N LYS A 11 -1.69 5.58 18.96
CA LYS A 11 -0.94 5.53 17.72
C LYS A 11 0.29 4.68 17.91
N LYS A 12 0.55 3.79 16.95
CA LYS A 12 1.69 2.91 17.01
C LYS A 12 2.02 2.38 15.63
N TYR A 13 3.12 1.64 15.54
CA TYR A 13 3.51 0.99 14.31
C TYR A 13 3.53 -0.51 14.55
N VAL A 14 2.64 -1.23 13.89
CA VAL A 14 2.53 -2.67 14.10
C VAL A 14 3.64 -3.40 13.34
N CYS A 15 4.31 -4.30 14.03
CA CYS A 15 5.41 -5.05 13.45
C CYS A 15 4.87 -6.19 12.59
N VAL A 16 4.84 -5.98 11.29
CA VAL A 16 4.38 -6.99 10.36
C VAL A 16 5.54 -7.92 10.00
N ARG A 17 5.50 -9.13 10.54
CA ARG A 17 6.52 -10.12 10.28
C ARG A 17 6.16 -10.93 9.04
N GLN A 18 6.98 -10.82 8.01
CA GLN A 18 6.72 -11.49 6.75
C GLN A 18 7.03 -12.97 6.85
N TYR A 19 6.23 -13.76 6.15
CA TYR A 19 6.46 -15.20 6.08
C TYR A 19 6.93 -15.57 4.68
N ASP A 20 6.49 -14.79 3.71
CA ASP A 20 6.84 -15.04 2.31
C ASP A 20 7.17 -13.74 1.63
N LEU A 21 7.89 -13.82 0.51
CA LEU A 21 8.16 -12.65 -0.32
C LEU A 21 6.86 -12.20 -0.99
N THR A 22 5.97 -13.17 -1.21
CA THR A 22 4.70 -12.94 -1.86
C THR A 22 3.71 -12.29 -0.91
N ASP A 23 4.07 -12.30 0.37
CA ASP A 23 3.22 -11.80 1.45
C ASP A 23 3.06 -10.29 1.35
N ALA A 24 4.05 -9.65 0.72
CA ALA A 24 4.12 -8.18 0.63
C ALA A 24 2.78 -7.55 0.28
N GLY A 25 2.07 -8.13 -0.68
CA GLY A 25 0.79 -7.58 -1.11
C GLY A 25 -0.21 -7.49 0.03
N ALA A 26 -0.42 -8.62 0.71
CA ALA A 26 -1.38 -8.68 1.79
C ALA A 26 -0.88 -7.89 2.99
N ALA A 27 0.42 -7.98 3.25
CA ALA A 27 1.03 -7.29 4.37
C ALA A 27 0.80 -5.78 4.28
N CYS A 28 0.94 -5.22 3.09
CA CYS A 28 0.75 -3.79 2.87
C CYS A 28 -0.67 -3.36 3.22
N LEU A 29 -1.65 -4.14 2.77
CA LEU A 29 -3.05 -3.85 3.08
C LEU A 29 -3.30 -4.00 4.57
N SER A 30 -2.65 -5.00 5.16
CA SER A 30 -2.76 -5.25 6.59
C SER A 30 -2.19 -4.07 7.38
N SER A 31 -1.07 -3.53 6.90
CA SER A 31 -0.38 -2.44 7.60
C SER A 31 -1.27 -1.21 7.69
N ILE A 32 -2.13 -1.04 6.70
CA ILE A 32 -3.06 0.07 6.66
C ILE A 32 -4.20 -0.17 7.63
N ALA A 33 -4.75 -1.38 7.60
CA ALA A 33 -5.86 -1.74 8.47
C ALA A 33 -5.44 -1.70 9.94
N GLN A 34 -4.29 -2.30 10.24
CA GLN A 34 -3.79 -2.35 11.62
C GLN A 34 -3.47 -0.95 12.13
N TYR A 35 -3.12 -0.07 11.21
CA TYR A 35 -2.79 1.31 11.55
C TYR A 35 -4.02 2.08 12.01
N TYR A 36 -5.19 1.65 11.54
CA TYR A 36 -6.43 2.29 11.92
C TYR A 36 -7.08 1.59 13.11
N GLY A 37 -6.31 0.74 13.78
CA GLY A 37 -6.78 0.11 15.00
C GLY A 37 -7.39 -1.25 14.77
N LEU A 38 -7.49 -1.65 13.52
CA LEU A 38 -8.05 -2.95 13.19
C LEU A 38 -7.05 -4.05 13.49
N LYS A 39 -7.35 -4.85 14.49
CA LYS A 39 -6.48 -5.95 14.88
C LYS A 39 -6.68 -7.13 13.94
N MET A 40 -6.08 -7.02 12.76
CA MET A 40 -6.22 -8.05 11.75
C MET A 40 -4.86 -8.66 11.42
N SER A 41 -4.78 -9.98 11.48
CA SER A 41 -3.57 -10.69 11.15
C SER A 41 -3.35 -10.70 9.64
N LEU A 42 -2.11 -10.43 9.21
CA LEU A 42 -1.77 -10.38 7.80
C LEU A 42 -2.13 -11.66 7.07
N ALA A 43 -2.14 -12.77 7.80
CA ALA A 43 -2.48 -14.07 7.24
C ALA A 43 -3.96 -14.13 6.86
N LYS A 44 -4.78 -13.33 7.55
CA LYS A 44 -6.20 -13.27 7.27
C LYS A 44 -6.45 -12.43 6.03
N ILE A 45 -5.61 -11.44 5.80
CA ILE A 45 -5.69 -10.62 4.60
C ILE A 45 -5.13 -11.40 3.41
N ARG A 46 -4.15 -12.24 3.68
CA ARG A 46 -3.54 -13.09 2.65
C ARG A 46 -4.59 -13.94 1.93
N GLU A 47 -5.43 -14.62 2.69
CA GLU A 47 -6.45 -15.48 2.12
C GLU A 47 -7.52 -14.65 1.39
N MET A 48 -7.67 -13.39 1.79
CA MET A 48 -8.67 -12.52 1.19
C MET A 48 -8.16 -11.90 -0.10
N THR A 49 -6.87 -11.58 -0.15
CA THR A 49 -6.29 -10.92 -1.31
C THR A 49 -5.86 -11.92 -2.37
N GLY A 50 -6.03 -13.21 -2.06
CA GLY A 50 -5.67 -14.24 -3.01
C GLY A 50 -4.18 -14.31 -3.22
N THR A 51 -3.42 -14.35 -2.13
CA THR A 51 -1.96 -14.34 -2.19
C THR A 51 -1.43 -15.34 -3.20
N ASP A 52 -0.70 -14.82 -4.19
CA ASP A 52 -0.15 -15.63 -5.25
C ASP A 52 1.20 -16.19 -4.83
N THR A 53 1.41 -17.47 -5.11
CA THR A 53 2.64 -18.14 -4.75
C THR A 53 3.82 -17.60 -5.56
N GLN A 54 3.54 -17.00 -6.70
CA GLN A 54 4.55 -16.34 -7.50
C GLN A 54 4.71 -14.88 -7.12
N GLY A 55 3.61 -14.26 -6.71
CA GLY A 55 3.65 -12.86 -6.32
C GLY A 55 2.28 -12.22 -6.36
N THR A 56 1.75 -11.90 -5.19
CA THR A 56 0.45 -11.28 -5.08
C THR A 56 0.36 -10.01 -5.93
N ASN A 57 -0.66 -9.96 -6.78
CA ASN A 57 -0.85 -8.83 -7.67
C ASN A 57 -1.80 -7.80 -7.04
N ALA A 58 -1.85 -6.62 -7.66
CA ALA A 58 -2.62 -5.51 -7.13
C ALA A 58 -4.12 -5.69 -7.32
N TYR A 59 -4.50 -6.55 -8.26
CA TYR A 59 -5.91 -6.82 -8.51
C TYR A 59 -6.54 -7.53 -7.32
N GLY A 60 -5.76 -8.42 -6.69
CA GLY A 60 -6.25 -9.11 -5.51
C GLY A 60 -6.39 -8.17 -4.33
N LEU A 61 -5.55 -7.16 -4.29
CA LEU A 61 -5.56 -6.18 -3.21
C LEU A 61 -6.84 -5.35 -3.26
N ILE A 62 -7.13 -4.77 -4.42
CA ILE A 62 -8.31 -3.94 -4.59
C ILE A 62 -9.59 -4.76 -4.36
N HIS A 63 -9.53 -6.03 -4.76
CA HIS A 63 -10.66 -6.93 -4.58
C HIS A 63 -11.00 -7.09 -3.10
N ALA A 64 -10.00 -7.46 -2.31
CA ALA A 64 -10.21 -7.74 -0.90
C ALA A 64 -10.50 -6.46 -0.11
N ALA A 65 -9.85 -5.37 -0.49
CA ALA A 65 -10.01 -4.10 0.21
C ALA A 65 -11.46 -3.63 0.16
N LYS A 66 -12.06 -3.71 -1.02
CA LYS A 66 -13.45 -3.29 -1.22
C LYS A 66 -14.41 -4.12 -0.37
N GLN A 67 -13.96 -5.30 0.03
CA GLN A 67 -14.77 -6.20 0.85
C GLN A 67 -14.65 -5.82 2.33
N LEU A 68 -13.64 -5.01 2.63
CA LEU A 68 -13.35 -4.61 4.01
C LEU A 68 -13.93 -3.23 4.31
N GLY A 69 -14.52 -2.61 3.31
CA GLY A 69 -14.98 -1.25 3.45
C GLY A 69 -13.89 -0.28 3.05
N PHE A 70 -12.76 -0.83 2.65
CA PHE A 70 -11.66 -0.03 2.13
C PHE A 70 -11.86 0.21 0.64
N SER A 71 -12.45 1.35 0.31
CA SER A 71 -12.64 1.73 -1.08
C SER A 71 -11.28 1.88 -1.76
N ALA A 72 -10.90 0.88 -2.52
CA ALA A 72 -9.62 0.86 -3.18
C ALA A 72 -9.77 1.15 -4.67
N LYS A 73 -8.75 1.76 -5.25
CA LYS A 73 -8.77 2.11 -6.66
C LYS A 73 -7.35 2.16 -7.22
N GLY A 74 -7.10 1.42 -8.29
CA GLY A 74 -5.80 1.44 -8.91
C GLY A 74 -5.67 2.57 -9.91
N VAL A 75 -4.87 3.57 -9.58
CA VAL A 75 -4.77 4.77 -10.39
C VAL A 75 -3.34 4.99 -10.87
N LYS A 76 -3.20 5.88 -11.85
CA LYS A 76 -1.90 6.29 -12.33
C LYS A 76 -1.59 7.71 -11.92
N ALA A 77 -1.00 7.84 -10.74
CA ALA A 77 -0.61 9.14 -10.21
C ALA A 77 0.75 9.55 -10.75
N SER A 78 1.11 10.79 -10.48
CA SER A 78 2.46 11.25 -10.70
C SER A 78 3.01 11.77 -9.39
N LYS A 79 4.31 11.98 -9.30
CA LYS A 79 4.92 12.49 -8.07
C LYS A 79 4.30 13.83 -7.67
N GLU A 80 3.82 14.59 -8.66
CA GLU A 80 3.17 15.87 -8.40
C GLU A 80 1.87 15.68 -7.63
N ASP A 81 1.15 14.60 -7.92
CA ASP A 81 -0.14 14.34 -7.27
C ASP A 81 0.05 14.08 -5.79
N LEU A 82 1.25 13.63 -5.43
CA LEU A 82 1.60 13.31 -4.05
C LEU A 82 1.50 14.54 -3.15
N LEU A 83 1.64 15.71 -3.74
CA LEU A 83 1.55 16.96 -2.98
C LEU A 83 0.17 17.59 -3.14
N LYS A 84 -0.67 16.98 -3.97
CA LYS A 84 -1.97 17.55 -4.30
C LYS A 84 -3.08 16.89 -3.50
N ASP A 85 -3.45 15.68 -3.89
CA ASP A 85 -4.61 15.01 -3.32
C ASP A 85 -4.21 13.73 -2.61
N PHE A 86 -3.46 13.89 -1.52
CA PHE A 86 -2.96 12.76 -0.76
C PHE A 86 -2.86 13.07 0.72
N ARG A 87 -3.65 12.34 1.48
CA ARG A 87 -3.59 12.36 2.93
C ARG A 87 -4.03 11.00 3.42
N LEU A 88 -3.73 10.00 2.59
CA LEU A 88 -4.22 8.64 2.78
C LEU A 88 -3.09 7.64 2.62
N PRO A 89 -3.14 6.52 3.35
CA PRO A 89 -2.23 5.41 3.13
C PRO A 89 -2.59 4.64 1.86
N ALA A 90 -1.66 4.55 0.93
CA ALA A 90 -1.91 3.89 -0.34
C ALA A 90 -0.83 2.88 -0.66
N ILE A 91 -1.20 1.85 -1.42
CA ILE A 91 -0.27 0.80 -1.77
C ILE A 91 0.35 1.07 -3.14
N ALA A 92 1.59 1.53 -3.15
CA ALA A 92 2.28 1.84 -4.39
C ALA A 92 3.08 0.64 -4.87
N ASN A 93 3.09 0.43 -6.18
CA ASN A 93 3.79 -0.72 -6.75
C ASN A 93 5.16 -0.31 -7.27
N VAL A 94 6.19 -0.72 -6.57
CA VAL A 94 7.55 -0.39 -6.95
C VAL A 94 8.28 -1.62 -7.48
N ILE A 95 9.02 -1.45 -8.56
CA ILE A 95 9.76 -2.53 -9.18
C ILE A 95 11.13 -2.02 -9.61
N VAL A 96 12.19 -2.60 -9.07
CA VAL A 96 13.54 -2.15 -9.39
C VAL A 96 14.27 -3.21 -10.21
N ASP A 97 15.01 -2.73 -11.22
CA ASP A 97 15.81 -3.58 -12.10
C ASP A 97 14.93 -4.52 -12.94
N ASN A 98 13.62 -4.23 -12.97
CA ASN A 98 12.64 -5.10 -13.63
C ASN A 98 12.68 -6.50 -13.03
N ARG A 99 13.02 -6.60 -11.76
CA ARG A 99 13.12 -7.90 -11.11
C ARG A 99 12.48 -7.87 -9.73
N LEU A 100 13.06 -7.11 -8.82
CA LEU A 100 12.52 -7.00 -7.47
C LEU A 100 11.26 -6.16 -7.45
N ALA A 101 10.13 -6.83 -7.36
CA ALA A 101 8.84 -6.18 -7.31
C ALA A 101 8.30 -6.17 -5.89
N HIS A 102 7.96 -4.99 -5.38
CA HIS A 102 7.46 -4.84 -4.03
C HIS A 102 6.34 -3.82 -3.96
N PHE A 103 5.54 -3.91 -2.91
CA PHE A 103 4.54 -2.89 -2.64
C PHE A 103 4.98 -2.06 -1.44
N VAL A 104 4.89 -0.76 -1.56
CA VAL A 104 5.20 0.12 -0.45
C VAL A 104 3.98 0.94 -0.04
N VAL A 105 3.74 1.02 1.26
CA VAL A 105 2.60 1.78 1.77
C VAL A 105 2.99 3.24 1.96
N ILE A 106 2.38 4.11 1.18
CA ILE A 106 2.64 5.54 1.29
C ILE A 106 1.75 6.14 2.37
N TYR A 107 2.36 6.76 3.36
CA TYR A 107 1.61 7.37 4.45
C TYR A 107 1.50 8.88 4.28
N SER A 108 2.64 9.54 4.06
CA SER A 108 2.66 10.98 3.95
C SER A 108 3.71 11.43 2.94
N ILE A 109 3.42 12.50 2.21
CA ILE A 109 4.38 13.06 1.27
C ILE A 109 4.50 14.57 1.46
N LYS A 110 5.72 15.03 1.68
CA LYS A 110 6.01 16.46 1.74
C LYS A 110 7.51 16.68 1.62
N ASN A 111 7.89 17.89 1.20
CA ASN A 111 9.29 18.24 1.00
C ASN A 111 9.92 17.39 -0.09
N ARG A 112 9.06 16.90 -1.00
CA ARG A 112 9.47 15.99 -2.08
C ARG A 112 9.93 14.65 -1.54
N ILE A 113 9.63 14.37 -0.27
CA ILE A 113 10.03 13.12 0.33
C ILE A 113 8.80 12.28 0.64
N ILE A 114 8.82 11.03 0.19
CA ILE A 114 7.69 10.15 0.36
C ILE A 114 7.95 9.17 1.50
N THR A 115 7.16 9.26 2.55
CA THR A 115 7.27 8.35 3.68
C THR A 115 6.49 7.07 3.40
N VAL A 116 7.21 5.99 3.14
CA VAL A 116 6.59 4.73 2.81
C VAL A 116 6.98 3.65 3.81
N ALA A 117 6.20 2.59 3.85
CA ALA A 117 6.48 1.46 4.71
C ALA A 117 6.51 0.17 3.90
N ASP A 118 7.65 -0.49 3.90
CA ASP A 118 7.78 -1.80 3.31
C ASP A 118 7.86 -2.84 4.41
N PRO A 119 7.02 -3.88 4.37
CA PRO A 119 6.92 -4.89 5.43
C PRO A 119 8.24 -5.61 5.72
N GLY A 120 9.26 -5.35 4.91
CA GLY A 120 10.56 -5.94 5.15
C GLY A 120 11.30 -5.26 6.30
N LYS A 121 10.92 -4.02 6.60
CA LYS A 121 11.56 -3.26 7.67
C LYS A 121 10.62 -2.17 8.17
N GLY A 122 11.10 -1.32 9.08
CA GLY A 122 10.26 -0.30 9.67
C GLY A 122 9.74 0.73 8.66
N ILE A 123 10.42 1.86 8.57
CA ILE A 123 9.98 2.95 7.71
C ILE A 123 11.04 3.28 6.68
N VAL A 124 10.60 3.59 5.47
CA VAL A 124 11.49 4.02 4.41
C VAL A 124 11.07 5.39 3.92
N ARG A 125 12.03 6.24 3.67
CA ARG A 125 11.72 7.53 3.12
C ARG A 125 12.57 7.79 1.88
N TYR A 126 11.90 7.91 0.75
CA TYR A 126 12.58 8.15 -0.52
C TYR A 126 12.27 9.54 -1.05
N SER A 127 13.23 10.17 -1.70
CA SER A 127 12.98 11.43 -2.36
C SER A 127 12.27 11.17 -3.68
N MET A 128 11.73 12.21 -4.31
CA MET A 128 11.00 12.05 -5.56
C MET A 128 11.85 11.32 -6.60
N ASP A 129 13.12 11.70 -6.67
CA ASP A 129 14.04 11.12 -7.64
C ASP A 129 14.24 9.63 -7.37
N ASP A 130 14.49 9.29 -6.11
CA ASP A 130 14.67 7.89 -5.72
C ASP A 130 13.39 7.10 -5.93
N PHE A 131 12.27 7.71 -5.54
CA PHE A 131 10.97 7.08 -5.64
C PHE A 131 10.62 6.75 -7.10
N CYS A 132 10.74 7.74 -7.97
CA CYS A 132 10.39 7.55 -9.38
C CYS A 132 11.32 6.54 -10.06
N SER A 133 12.49 6.33 -9.48
CA SER A 133 13.45 5.37 -10.03
C SER A 133 13.00 3.94 -9.79
N ILE A 134 12.37 3.69 -8.64
CA ILE A 134 11.90 2.35 -8.32
C ILE A 134 10.41 2.19 -8.60
N TRP A 135 9.70 3.29 -8.65
CA TRP A 135 8.28 3.28 -8.94
C TRP A 135 8.06 3.40 -10.45
N THR A 136 7.50 2.35 -11.03
CA THR A 136 7.28 2.30 -12.47
C THR A 136 6.10 3.18 -12.89
N GLY A 137 5.03 3.11 -12.11
CA GLY A 137 3.86 3.91 -12.42
C GLY A 137 2.58 3.15 -12.15
N GLY A 138 1.98 3.40 -10.99
CA GLY A 138 0.75 2.73 -10.64
C GLY A 138 0.67 2.45 -9.15
N LEU A 139 -0.52 2.63 -8.58
CA LEU A 139 -0.71 2.37 -7.16
C LEU A 139 -2.19 2.24 -6.83
N VAL A 140 -2.48 1.58 -5.73
CA VAL A 140 -3.84 1.37 -5.29
C VAL A 140 -4.17 2.30 -4.12
N LEU A 141 -5.15 3.17 -4.32
CA LEU A 141 -5.58 4.09 -3.28
C LEU A 141 -6.46 3.36 -2.28
N LEU A 142 -6.40 3.79 -1.02
CA LEU A 142 -7.24 3.23 0.02
C LEU A 142 -8.16 4.30 0.59
N GLU A 143 -9.31 3.87 1.08
CA GLU A 143 -10.35 4.76 1.63
C GLU A 143 -11.06 5.51 0.51
N PRO A 144 -12.36 5.81 0.70
CA PRO A 144 -13.18 6.44 -0.33
C PRO A 144 -12.95 7.95 -0.44
N GLY A 145 -11.78 8.40 -0.01
CA GLY A 145 -11.45 9.81 -0.06
C GLY A 145 -12.31 10.62 0.89
N GLU A 146 -13.14 11.49 0.32
CA GLU A 146 -14.03 12.31 1.11
C GLU A 146 -15.36 12.48 0.38
N ALA A 147 -16.37 12.97 1.11
CA ALA A 147 -17.70 13.20 0.56
C ALA A 147 -18.27 11.91 -0.05
N PHE A 148 -17.99 10.79 0.60
CA PHE A 148 -18.44 9.50 0.10
C PHE A 148 -19.68 9.01 0.85
N GLN A 149 -19.94 9.61 2.01
CA GLN A 149 -21.15 9.29 2.76
C GLN A 149 -22.29 10.20 2.32
N LYS A 150 -21.92 11.37 1.83
CA LYS A 150 -22.89 12.32 1.29
C LYS A 150 -22.68 12.47 -0.22
N GLY A 151 -23.21 13.54 -0.79
CA GLY A 151 -23.08 13.76 -2.21
C GLY A 151 -22.97 15.24 -2.53
N LEU B 1 -11.41 11.32 -4.53
CA LEU B 1 -10.24 10.71 -5.18
C LEU B 1 -10.51 10.44 -6.65
N ASN B 2 -9.62 10.92 -7.50
CA ASN B 2 -9.66 10.61 -8.92
C ASN B 2 -8.26 10.22 -9.36
N ILE B 3 -7.35 11.20 -9.34
CA ILE B 3 -5.94 10.99 -9.61
C ILE B 3 -5.68 10.40 -10.98
N GLY B 4 -5.28 11.28 -11.89
CA GLY B 4 -5.09 10.88 -13.28
C GLY B 4 -6.28 10.12 -13.81
N ARG B 5 -6.10 8.83 -14.02
CA ARG B 5 -7.18 7.94 -14.41
C ARG B 5 -7.01 6.59 -13.73
N GLU B 6 -8.12 5.90 -13.52
CA GLU B 6 -8.09 4.58 -12.90
C GLU B 6 -7.86 3.51 -13.94
N LEU B 7 -7.08 2.50 -13.56
CA LEU B 7 -6.71 1.43 -14.49
C LEU B 7 -7.75 0.33 -14.48
N THR B 8 -7.42 -0.81 -15.07
CA THR B 8 -8.36 -1.91 -15.19
C THR B 8 -7.86 -3.15 -14.46
N ASP B 9 -8.67 -4.19 -14.44
CA ASP B 9 -8.30 -5.44 -13.78
C ASP B 9 -7.04 -6.02 -14.40
N GLU B 10 -6.91 -5.87 -15.72
CA GLU B 10 -5.71 -6.32 -16.42
C GLU B 10 -4.46 -5.64 -15.87
N GLU B 11 -4.53 -4.31 -15.75
CA GLU B 11 -3.42 -3.51 -15.27
C GLU B 11 -2.97 -3.95 -13.88
N LEU B 12 -3.90 -3.97 -12.94
CA LEU B 12 -3.57 -4.30 -11.55
C LEU B 12 -3.09 -5.75 -11.42
N MET B 13 -3.55 -6.62 -12.29
CA MET B 13 -3.19 -8.03 -12.21
C MET B 13 -1.75 -8.26 -12.66
N GLU B 14 -1.25 -7.45 -13.60
CA GLU B 14 0.13 -7.59 -14.03
C GLU B 14 1.05 -6.85 -13.06
N MET B 15 0.50 -5.88 -12.34
CA MET B 15 1.22 -5.20 -11.30
C MET B 15 1.33 -6.11 -10.08
N THR B 16 2.54 -6.26 -9.55
CA THR B 16 2.76 -7.19 -8.46
C THR B 16 3.88 -6.68 -7.57
N GLY B 17 3.78 -6.99 -6.29
CA GLY B 17 4.70 -6.47 -5.31
C GLY B 17 5.28 -7.55 -4.42
N GLY B 18 4.93 -8.78 -4.72
CA GLY B 18 5.42 -9.88 -3.92
C GLY B 18 6.19 -10.90 -4.74
N SER B 19 6.97 -10.41 -5.69
CA SER B 19 7.71 -11.29 -6.58
C SER B 19 9.12 -10.76 -6.86
N THR B 20 10.04 -11.67 -7.08
CA THR B 20 11.37 -11.31 -7.50
C THR B 20 11.68 -11.96 -8.84
N PHE B 21 10.78 -11.76 -9.80
CA PHE B 21 10.83 -12.44 -11.07
C PHE B 21 12.10 -12.05 -11.85
N SER B 22 12.61 -13.00 -12.61
CA SER B 22 13.83 -12.80 -13.36
C SER B 22 13.55 -12.77 -14.85
N ILE B 23 14.22 -11.89 -15.56
CA ILE B 23 14.12 -11.84 -17.01
C ILE B 23 15.18 -12.75 -17.62
N GLN B 24 14.73 -13.68 -18.46
CA GLN B 24 15.60 -14.69 -19.07
C GLN B 24 16.23 -15.56 -18.00
N SER A 1 -1.53 8.72 15.69
CA SER A 1 -2.08 9.01 14.35
C SER A 1 -3.58 8.82 14.33
N ASN A 2 -4.04 7.60 14.56
CA ASN A 2 -5.46 7.30 14.60
C ASN A 2 -5.92 7.07 16.03
N ALA A 3 -5.84 8.13 16.83
CA ALA A 3 -6.30 8.12 18.21
C ALA A 3 -6.25 9.52 18.78
N MET A 4 -7.08 10.41 18.24
CA MET A 4 -7.13 11.79 18.68
C MET A 4 -7.75 11.88 20.06
N LEU A 5 -6.92 11.84 21.09
CA LEU A 5 -7.35 11.90 22.50
C LEU A 5 -7.98 10.59 22.96
N ARG A 6 -8.61 9.88 22.03
CA ARG A 6 -9.28 8.62 22.35
C ARG A 6 -8.26 7.52 22.63
N ARG A 7 -8.06 7.23 23.90
CA ARG A 7 -7.17 6.17 24.33
C ARG A 7 -7.87 4.82 24.17
N LEU A 8 -9.19 4.82 24.35
CA LEU A 8 -9.99 3.61 24.23
C LEU A 8 -10.37 3.38 22.77
N PHE A 9 -9.36 3.22 21.94
CA PHE A 9 -9.56 2.87 20.54
C PHE A 9 -8.89 1.54 20.25
N LYS A 10 -9.71 0.51 20.08
CA LYS A 10 -9.20 -0.84 19.91
C LYS A 10 -8.59 -1.04 18.52
N LYS A 11 -7.34 -0.61 18.38
CA LYS A 11 -6.60 -0.83 17.15
C LYS A 11 -5.66 -2.01 17.33
N LYS A 12 -5.58 -2.49 18.57
CA LYS A 12 -4.69 -3.58 18.95
C LYS A 12 -3.23 -3.14 18.79
N TYR A 13 -2.34 -4.11 18.72
CA TYR A 13 -0.94 -3.82 18.46
C TYR A 13 -0.62 -4.14 17.02
N VAL A 14 0.01 -3.19 16.34
CA VAL A 14 0.36 -3.37 14.93
C VAL A 14 1.56 -4.29 14.82
N CYS A 15 1.31 -5.50 14.37
CA CYS A 15 2.36 -6.51 14.23
C CYS A 15 2.28 -7.17 12.86
N VAL A 16 2.90 -6.55 11.88
CA VAL A 16 2.93 -7.11 10.54
C VAL A 16 4.19 -7.97 10.36
N ARG A 17 3.98 -9.25 10.16
CA ARG A 17 5.09 -10.20 10.08
C ARG A 17 5.40 -10.55 8.63
N GLN A 18 6.68 -10.79 8.35
CA GLN A 18 7.13 -11.10 7.00
C GLN A 18 7.19 -12.61 6.81
N TYR A 19 6.48 -13.11 5.82
CA TYR A 19 6.46 -14.55 5.55
C TYR A 19 7.13 -14.89 4.22
N ASP A 20 7.04 -13.98 3.25
CA ASP A 20 7.58 -14.23 1.90
C ASP A 20 7.62 -12.93 1.11
N LEU A 21 8.21 -12.96 -0.08
CA LEU A 21 8.24 -11.79 -0.94
C LEU A 21 6.84 -11.51 -1.48
N THR A 22 6.10 -12.57 -1.78
CA THR A 22 4.72 -12.45 -2.25
C THR A 22 3.83 -11.93 -1.12
N ASP A 23 4.27 -12.21 0.09
CA ASP A 23 3.58 -11.81 1.31
C ASP A 23 3.54 -10.29 1.45
N ALA A 24 4.45 -9.61 0.74
CA ALA A 24 4.52 -8.15 0.77
C ALA A 24 3.17 -7.51 0.47
N GLY A 25 2.41 -8.14 -0.42
CA GLY A 25 1.11 -7.62 -0.79
C GLY A 25 0.14 -7.59 0.38
N ALA A 26 -0.01 -8.73 1.03
CA ALA A 26 -0.92 -8.86 2.17
C ALA A 26 -0.41 -8.05 3.35
N ALA A 27 0.91 -8.00 3.50
CA ALA A 27 1.56 -7.24 4.55
C ALA A 27 1.19 -5.76 4.45
N CYS A 28 1.25 -5.21 3.25
CA CYS A 28 0.94 -3.81 3.03
C CYS A 28 -0.50 -3.48 3.40
N LEU A 29 -1.44 -4.32 2.96
CA LEU A 29 -2.85 -4.12 3.28
C LEU A 29 -3.04 -4.17 4.79
N SER A 30 -2.37 -5.12 5.43
CA SER A 30 -2.44 -5.27 6.87
C SER A 30 -1.82 -4.09 7.59
N SER A 31 -0.80 -3.47 6.98
CA SER A 31 -0.14 -2.34 7.58
C SER A 31 -1.08 -1.13 7.61
N ILE A 32 -1.95 -1.08 6.61
CA ILE A 32 -2.92 0.00 6.51
C ILE A 32 -4.15 -0.29 7.38
N ALA A 33 -4.63 -1.53 7.31
CA ALA A 33 -5.80 -1.94 8.08
C ALA A 33 -5.57 -1.77 9.58
N GLN A 34 -4.45 -2.31 10.06
CA GLN A 34 -4.12 -2.22 11.48
C GLN A 34 -3.70 -0.80 11.86
N TYR A 35 -3.35 0.00 10.85
CA TYR A 35 -3.02 1.41 11.07
C TYR A 35 -4.28 2.20 11.40
N TYR A 36 -5.35 1.92 10.65
CA TYR A 36 -6.64 2.55 10.91
C TYR A 36 -7.28 1.97 12.17
N GLY A 37 -6.88 0.76 12.52
CA GLY A 37 -7.37 0.14 13.72
C GLY A 37 -8.35 -0.97 13.47
N LEU A 38 -8.20 -1.65 12.35
CA LEU A 38 -9.06 -2.78 12.03
C LEU A 38 -8.64 -4.00 12.81
N LYS A 39 -9.61 -4.65 13.43
CA LYS A 39 -9.34 -5.83 14.24
C LYS A 39 -9.26 -7.06 13.33
N MET A 40 -8.13 -7.21 12.65
CA MET A 40 -7.93 -8.32 11.74
C MET A 40 -6.49 -8.81 11.82
N SER A 41 -6.30 -10.09 11.59
CA SER A 41 -4.98 -10.68 11.58
C SER A 41 -4.50 -10.83 10.13
N LEU A 42 -3.24 -10.44 9.89
CA LEU A 42 -2.68 -10.43 8.55
C LEU A 42 -2.74 -11.81 7.90
N ALA A 43 -2.76 -12.85 8.72
CA ALA A 43 -2.86 -14.22 8.22
C ALA A 43 -4.17 -14.44 7.47
N LYS A 44 -5.22 -13.74 7.87
CA LYS A 44 -6.51 -13.83 7.21
C LYS A 44 -6.51 -13.00 5.93
N ILE A 45 -5.81 -11.86 5.98
CA ILE A 45 -5.67 -11.01 4.81
C ILE A 45 -4.92 -11.76 3.70
N ARG A 46 -4.00 -12.62 4.10
CA ARG A 46 -3.22 -13.45 3.17
C ARG A 46 -4.12 -14.18 2.17
N GLU A 47 -5.15 -14.85 2.66
CA GLU A 47 -6.05 -15.60 1.80
C GLU A 47 -7.10 -14.69 1.16
N MET A 48 -7.28 -13.51 1.74
CA MET A 48 -8.22 -12.53 1.22
C MET A 48 -7.68 -11.89 -0.06
N THR A 49 -6.40 -11.57 -0.06
CA THR A 49 -5.79 -10.84 -1.16
C THR A 49 -5.46 -11.74 -2.35
N GLY A 50 -5.75 -13.02 -2.21
CA GLY A 50 -5.50 -13.96 -3.28
C GLY A 50 -4.01 -14.11 -3.52
N THR A 51 -3.24 -14.12 -2.45
CA THR A 51 -1.79 -14.13 -2.53
C THR A 51 -1.29 -15.35 -3.31
N ASP A 52 -0.59 -15.07 -4.41
CA ASP A 52 -0.02 -16.12 -5.24
C ASP A 52 1.43 -16.33 -4.87
N THR A 53 1.83 -17.59 -4.76
CA THR A 53 3.17 -17.95 -4.28
C THR A 53 4.28 -17.49 -5.23
N GLN A 54 3.91 -17.03 -6.42
CA GLN A 54 4.89 -16.52 -7.36
C GLN A 54 4.64 -15.05 -7.71
N GLY A 55 3.40 -14.59 -7.54
CA GLY A 55 3.11 -13.21 -7.87
C GLY A 55 1.80 -12.70 -7.31
N THR A 56 1.88 -11.91 -6.26
CA THR A 56 0.71 -11.23 -5.71
C THR A 56 0.43 -9.96 -6.52
N ASN A 57 -0.74 -9.90 -7.15
CA ASN A 57 -1.09 -8.77 -8.00
C ASN A 57 -1.88 -7.73 -7.20
N ALA A 58 -2.00 -6.54 -7.77
CA ALA A 58 -2.64 -5.43 -7.09
C ALA A 58 -4.16 -5.55 -7.12
N TYR A 59 -4.69 -6.37 -8.03
CA TYR A 59 -6.13 -6.58 -8.11
C TYR A 59 -6.61 -7.33 -6.88
N GLY A 60 -5.83 -8.32 -6.46
CA GLY A 60 -6.15 -9.06 -5.26
C GLY A 60 -6.22 -8.16 -4.04
N LEU A 61 -5.33 -7.17 -4.00
CA LEU A 61 -5.29 -6.22 -2.89
C LEU A 61 -6.56 -5.38 -2.85
N ILE A 62 -6.86 -4.71 -3.96
CA ILE A 62 -8.03 -3.83 -4.03
C ILE A 62 -9.32 -4.62 -3.86
N HIS A 63 -9.37 -5.81 -4.44
CA HIS A 63 -10.56 -6.66 -4.37
C HIS A 63 -10.84 -7.06 -2.93
N ALA A 64 -9.79 -7.43 -2.21
CA ALA A 64 -9.92 -7.84 -0.82
C ALA A 64 -10.40 -6.69 0.06
N ALA A 65 -9.81 -5.52 -0.13
CA ALA A 65 -10.16 -4.35 0.66
C ALA A 65 -11.62 -3.96 0.45
N LYS A 66 -12.07 -4.05 -0.79
CA LYS A 66 -13.46 -3.72 -1.12
C LYS A 66 -14.42 -4.75 -0.54
N GLN A 67 -13.97 -5.99 -0.40
CA GLN A 67 -14.78 -7.06 0.19
C GLN A 67 -14.94 -6.84 1.69
N LEU A 68 -13.99 -6.16 2.28
CA LEU A 68 -14.01 -5.87 3.72
C LEU A 68 -14.83 -4.63 4.02
N GLY A 69 -15.15 -3.89 2.97
CA GLY A 69 -15.82 -2.61 3.14
C GLY A 69 -14.82 -1.50 3.44
N PHE A 70 -13.55 -1.87 3.49
CA PHE A 70 -12.48 -0.92 3.74
C PHE A 70 -12.31 -0.03 2.51
N SER A 71 -12.60 -0.62 1.34
CA SER A 71 -12.66 0.10 0.07
C SER A 71 -11.26 0.45 -0.43
N ALA A 72 -11.06 0.24 -1.73
CA ALA A 72 -9.81 0.56 -2.37
C ALA A 72 -10.05 0.84 -3.85
N LYS A 73 -9.19 1.64 -4.46
CA LYS A 73 -9.31 1.93 -5.87
C LYS A 73 -7.93 1.95 -6.51
N GLY A 74 -7.87 1.51 -7.75
CA GLY A 74 -6.60 1.47 -8.46
C GLY A 74 -6.48 2.63 -9.42
N VAL A 75 -5.54 3.52 -9.13
CA VAL A 75 -5.34 4.72 -9.93
C VAL A 75 -3.88 4.86 -10.32
N LYS A 76 -3.61 5.75 -11.27
CA LYS A 76 -2.25 6.10 -11.61
C LYS A 76 -2.11 7.61 -11.73
N ALA A 77 -0.93 8.11 -11.38
CA ALA A 77 -0.66 9.54 -11.39
C ALA A 77 0.82 9.77 -11.63
N SER A 78 1.27 11.00 -11.43
CA SER A 78 2.68 11.31 -11.59
C SER A 78 3.30 11.79 -10.28
N LYS A 79 4.60 12.02 -10.27
CA LYS A 79 5.31 12.47 -9.08
C LYS A 79 4.73 13.78 -8.54
N GLU A 80 4.28 14.63 -9.44
CA GLU A 80 3.79 15.96 -9.07
C GLU A 80 2.46 15.85 -8.34
N ASP A 81 1.75 14.74 -8.56
CA ASP A 81 0.43 14.55 -7.97
C ASP A 81 0.55 14.04 -6.54
N LEU A 82 1.73 13.52 -6.21
CA LEU A 82 1.98 12.97 -4.89
C LEU A 82 2.00 14.09 -3.85
N LEU A 83 2.28 15.30 -4.32
CA LEU A 83 2.40 16.46 -3.44
C LEU A 83 1.03 17.06 -3.13
N LYS A 84 -0.02 16.54 -3.75
CA LYS A 84 -1.34 17.13 -3.62
C LYS A 84 -2.31 16.21 -2.88
N ASP A 85 -2.85 15.22 -3.59
CA ASP A 85 -3.95 14.40 -3.08
C ASP A 85 -3.48 13.34 -2.10
N PHE A 86 -2.17 13.17 -1.97
CA PHE A 86 -1.64 12.15 -1.08
C PHE A 86 -1.37 12.67 0.30
N ARG A 87 -2.06 12.06 1.24
CA ARG A 87 -1.92 12.34 2.66
C ARG A 87 -2.60 11.20 3.42
N LEU A 88 -2.65 10.06 2.74
CA LEU A 88 -3.36 8.89 3.24
C LEU A 88 -2.46 7.67 3.11
N PRO A 89 -2.61 6.70 4.01
CA PRO A 89 -1.99 5.38 3.87
C PRO A 89 -2.53 4.64 2.66
N ALA A 90 -1.64 4.28 1.73
CA ALA A 90 -2.03 3.59 0.51
C ALA A 90 -0.91 2.70 0.02
N ILE A 91 -1.18 1.90 -1.00
CA ILE A 91 -0.21 0.95 -1.51
C ILE A 91 0.29 1.37 -2.90
N ALA A 92 1.59 1.60 -3.01
CA ALA A 92 2.18 1.95 -4.30
C ALA A 92 2.98 0.79 -4.86
N ASN A 93 3.02 0.68 -6.18
CA ASN A 93 3.72 -0.41 -6.83
C ASN A 93 5.12 0.03 -7.28
N VAL A 94 6.14 -0.44 -6.57
CA VAL A 94 7.50 -0.12 -6.91
C VAL A 94 8.24 -1.37 -7.40
N ILE A 95 9.05 -1.21 -8.43
CA ILE A 95 9.76 -2.33 -9.04
C ILE A 95 11.18 -1.93 -9.39
N VAL A 96 12.15 -2.53 -8.73
CA VAL A 96 13.54 -2.18 -8.94
C VAL A 96 14.23 -3.20 -9.86
N ASP A 97 14.59 -2.74 -11.06
CA ASP A 97 15.29 -3.56 -12.06
C ASP A 97 14.42 -4.72 -12.54
N ASN A 98 13.16 -4.74 -12.09
CA ASN A 98 12.24 -5.85 -12.33
C ASN A 98 12.67 -7.11 -11.58
N ARG A 99 13.85 -7.06 -10.98
CA ARG A 99 14.37 -8.17 -10.20
C ARG A 99 13.59 -8.30 -8.90
N LEU A 100 13.23 -7.16 -8.33
CA LEU A 100 12.44 -7.15 -7.13
C LEU A 100 11.23 -6.23 -7.28
N ALA A 101 10.07 -6.83 -7.40
CA ALA A 101 8.82 -6.08 -7.40
C ALA A 101 8.27 -6.04 -5.99
N HIS A 102 7.88 -4.86 -5.52
CA HIS A 102 7.44 -4.71 -4.15
C HIS A 102 6.34 -3.68 -4.02
N PHE A 103 5.51 -3.84 -3.01
CA PHE A 103 4.53 -2.84 -2.66
C PHE A 103 5.01 -2.04 -1.46
N VAL A 104 4.89 -0.73 -1.53
CA VAL A 104 5.23 0.13 -0.40
C VAL A 104 4.00 0.91 0.07
N VAL A 105 3.85 1.04 1.36
CA VAL A 105 2.74 1.79 1.94
C VAL A 105 3.09 3.26 2.03
N ILE A 106 2.40 4.09 1.27
CA ILE A 106 2.63 5.53 1.29
C ILE A 106 1.86 6.14 2.45
N TYR A 107 2.53 6.92 3.28
CA TYR A 107 1.85 7.61 4.37
C TYR A 107 1.51 9.03 3.97
N SER A 108 2.48 9.71 3.37
CA SER A 108 2.30 11.09 2.95
C SER A 108 3.54 11.57 2.20
N ILE A 109 3.34 12.51 1.28
CA ILE A 109 4.45 13.10 0.56
C ILE A 109 4.54 14.59 0.87
N LYS A 110 5.70 15.02 1.34
CA LYS A 110 5.92 16.42 1.67
C LYS A 110 7.38 16.77 1.46
N ASN A 111 7.64 17.99 1.01
CA ASN A 111 9.00 18.46 0.76
C ASN A 111 9.69 17.60 -0.29
N ARG A 112 8.90 17.12 -1.26
CA ARG A 112 9.38 16.24 -2.32
C ARG A 112 9.81 14.88 -1.76
N ILE A 113 9.47 14.62 -0.50
CA ILE A 113 9.88 13.39 0.17
C ILE A 113 8.67 12.49 0.39
N ILE A 114 8.77 11.26 -0.07
CA ILE A 114 7.70 10.28 0.06
C ILE A 114 7.98 9.35 1.24
N THR A 115 7.20 9.50 2.31
CA THR A 115 7.35 8.64 3.47
C THR A 115 6.58 7.34 3.27
N VAL A 116 7.30 6.22 3.29
CA VAL A 116 6.70 4.93 2.98
C VAL A 116 7.05 3.88 4.02
N ALA A 117 6.23 2.84 4.05
CA ALA A 117 6.51 1.66 4.87
C ALA A 117 6.61 0.44 3.98
N ASP A 118 7.83 -0.02 3.77
CA ASP A 118 8.05 -1.22 2.97
C ASP A 118 8.01 -2.44 3.89
N PRO A 119 7.28 -3.48 3.48
CA PRO A 119 7.09 -4.70 4.29
C PRO A 119 8.39 -5.41 4.63
N GLY A 120 9.42 -5.21 3.80
CA GLY A 120 10.69 -5.85 4.03
C GLY A 120 11.62 -4.97 4.84
N LYS A 121 11.67 -3.70 4.47
CA LYS A 121 12.47 -2.72 5.19
C LYS A 121 11.67 -2.18 6.38
N GLY A 122 12.22 -1.21 7.10
CA GLY A 122 11.45 -0.55 8.13
C GLY A 122 10.67 0.62 7.59
N ILE A 123 10.65 1.71 8.33
CA ILE A 123 10.02 2.93 7.87
C ILE A 123 11.02 3.80 7.14
N VAL A 124 10.71 4.12 5.91
CA VAL A 124 11.64 4.84 5.06
C VAL A 124 11.00 6.11 4.52
N ARG A 125 11.83 6.99 4.00
CA ARG A 125 11.33 8.15 3.31
C ARG A 125 12.23 8.45 2.11
N TYR A 126 11.70 8.25 0.92
CA TYR A 126 12.47 8.38 -0.30
C TYR A 126 12.17 9.71 -0.96
N SER A 127 13.22 10.40 -1.38
CA SER A 127 13.04 11.62 -2.16
C SER A 127 12.56 11.24 -3.55
N MET A 128 12.02 12.20 -4.29
CA MET A 128 11.56 11.95 -5.65
C MET A 128 12.68 11.29 -6.47
N ASP A 129 13.91 11.72 -6.20
CA ASP A 129 15.09 11.17 -6.85
C ASP A 129 15.09 9.64 -6.81
N ASP A 130 14.87 9.10 -5.62
CA ASP A 130 14.88 7.66 -5.41
C ASP A 130 13.55 7.05 -5.82
N PHE A 131 12.46 7.69 -5.39
CA PHE A 131 11.12 7.15 -5.58
C PHE A 131 10.78 7.00 -7.06
N CYS A 132 11.04 8.03 -7.85
CA CYS A 132 10.72 8.00 -9.28
C CYS A 132 11.53 6.94 -10.02
N SER A 133 12.66 6.56 -9.43
CA SER A 133 13.53 5.57 -10.03
C SER A 133 13.05 4.15 -9.76
N ILE A 134 12.36 3.94 -8.64
CA ILE A 134 11.89 2.60 -8.28
C ILE A 134 10.39 2.43 -8.56
N TRP A 135 9.66 3.53 -8.53
CA TRP A 135 8.23 3.48 -8.76
C TRP A 135 7.92 3.41 -10.25
N THR A 136 7.45 2.25 -10.69
CA THR A 136 7.16 2.03 -12.10
C THR A 136 5.88 2.75 -12.52
N GLY A 137 4.93 2.82 -11.61
CA GLY A 137 3.67 3.48 -11.91
C GLY A 137 2.48 2.65 -11.47
N GLY A 138 1.98 2.96 -10.29
CA GLY A 138 0.84 2.24 -9.77
C GLY A 138 0.47 2.69 -8.38
N LEU A 139 -0.79 3.07 -8.19
CA LEU A 139 -1.26 3.57 -6.91
C LEU A 139 -2.59 2.94 -6.52
N VAL A 140 -2.58 2.17 -5.44
CA VAL A 140 -3.79 1.58 -4.91
C VAL A 140 -4.21 2.36 -3.66
N LEU A 141 -5.30 3.09 -3.78
CA LEU A 141 -5.76 3.94 -2.68
C LEU A 141 -6.80 3.21 -1.85
N LEU A 142 -6.53 3.11 -0.55
CA LEU A 142 -7.44 2.46 0.37
C LEU A 142 -8.05 3.49 1.29
N GLU A 143 -9.35 3.36 1.57
CA GLU A 143 -10.08 4.36 2.36
C GLU A 143 -10.11 5.71 1.64
N PRO A 144 -11.20 6.01 0.92
CA PRO A 144 -11.33 7.25 0.16
C PRO A 144 -11.51 8.48 1.04
N GLY A 145 -11.05 8.38 2.29
CA GLY A 145 -11.26 9.44 3.23
C GLY A 145 -12.67 9.40 3.81
N GLU A 146 -13.17 10.55 4.23
CA GLU A 146 -14.51 10.64 4.75
C GLU A 146 -15.25 11.78 4.07
N ALA A 147 -14.54 12.87 3.85
CA ALA A 147 -15.11 14.05 3.20
C ALA A 147 -15.18 13.87 1.68
N PHE A 148 -15.22 12.63 1.23
CA PHE A 148 -15.41 12.34 -0.18
C PHE A 148 -16.90 12.29 -0.49
N GLN A 149 -17.68 11.80 0.46
CA GLN A 149 -19.13 11.83 0.36
C GLN A 149 -19.65 12.99 1.21
N LYS A 150 -19.04 13.18 2.36
CA LYS A 150 -19.41 14.28 3.25
C LYS A 150 -18.66 15.54 2.85
N GLY A 151 -18.89 16.61 3.58
CA GLY A 151 -18.23 17.87 3.28
C GLY A 151 -18.21 18.79 4.47
N LEU B 1 -11.19 12.37 -2.93
CA LEU B 1 -9.98 11.62 -3.30
C LEU B 1 -9.96 11.36 -4.81
N ASN B 2 -10.49 12.30 -5.58
CA ASN B 2 -10.44 12.21 -7.04
C ASN B 2 -9.07 12.65 -7.54
N ILE B 3 -8.07 11.84 -7.23
CA ILE B 3 -6.68 12.12 -7.55
C ILE B 3 -6.45 12.13 -9.06
N GLY B 4 -7.28 11.38 -9.78
CA GLY B 4 -7.13 11.28 -11.21
C GLY B 4 -8.10 10.29 -11.79
N ARG B 5 -7.60 9.39 -12.64
CA ARG B 5 -8.44 8.37 -13.24
C ARG B 5 -8.24 7.03 -12.58
N GLU B 6 -9.32 6.28 -12.50
CA GLU B 6 -9.26 4.93 -11.97
C GLU B 6 -9.04 3.95 -13.11
N LEU B 7 -8.17 2.98 -12.87
CA LEU B 7 -7.75 2.05 -13.89
C LEU B 7 -8.75 0.90 -14.03
N THR B 8 -8.34 -0.13 -14.74
CA THR B 8 -9.20 -1.28 -14.96
C THR B 8 -8.54 -2.53 -14.39
N ASP B 9 -9.27 -3.64 -14.31
CA ASP B 9 -8.76 -4.87 -13.68
C ASP B 9 -7.47 -5.33 -14.36
N GLU B 10 -7.38 -5.13 -15.67
CA GLU B 10 -6.17 -5.46 -16.43
C GLU B 10 -4.94 -4.77 -15.83
N GLU B 11 -5.11 -3.51 -15.46
CA GLU B 11 -4.01 -2.73 -14.89
C GLU B 11 -3.63 -3.24 -13.52
N LEU B 12 -4.63 -3.55 -12.70
CA LEU B 12 -4.38 -4.08 -11.36
C LEU B 12 -3.68 -5.42 -11.42
N MET B 13 -4.03 -6.23 -12.41
CA MET B 13 -3.39 -7.53 -12.61
C MET B 13 -1.96 -7.35 -13.09
N GLU B 14 -1.73 -6.29 -13.86
CA GLU B 14 -0.42 -6.00 -14.41
C GLU B 14 0.53 -5.56 -13.31
N MET B 15 0.04 -4.79 -12.35
CA MET B 15 0.87 -4.30 -11.27
C MET B 15 1.05 -5.37 -10.22
N THR B 16 2.28 -5.57 -9.78
CA THR B 16 2.57 -6.59 -8.80
C THR B 16 3.75 -6.18 -7.93
N GLY B 17 3.61 -6.44 -6.64
CA GLY B 17 4.62 -6.07 -5.68
C GLY B 17 5.02 -7.26 -4.83
N GLY B 18 4.44 -8.40 -5.17
CA GLY B 18 4.79 -9.62 -4.51
C GLY B 18 5.19 -10.66 -5.52
N SER B 19 6.06 -10.28 -6.44
CA SER B 19 6.53 -11.18 -7.47
C SER B 19 8.01 -10.94 -7.76
N THR B 20 8.56 -11.73 -8.65
CA THR B 20 9.95 -11.60 -9.05
C THR B 20 10.11 -11.95 -10.52
N PHE B 21 10.49 -10.98 -11.34
CA PHE B 21 10.72 -11.23 -12.75
C PHE B 21 12.04 -11.96 -12.94
N SER B 22 11.96 -13.22 -13.30
CA SER B 22 13.15 -14.05 -13.46
C SER B 22 13.51 -14.19 -14.94
N ILE B 23 12.51 -14.12 -15.78
CA ILE B 23 12.69 -14.30 -17.21
C ILE B 23 12.87 -12.94 -17.89
N GLN B 24 12.31 -11.91 -17.29
CA GLN B 24 12.39 -10.57 -17.83
C GLN B 24 13.57 -9.83 -17.18
N SER A 1 -15.87 0.27 34.15
CA SER A 1 -14.93 -0.74 34.69
C SER A 1 -13.73 -0.90 33.75
N ASN A 2 -12.58 -1.22 34.32
CA ASN A 2 -11.37 -1.37 33.53
C ASN A 2 -10.82 -2.79 33.62
N ALA A 3 -11.44 -3.70 32.87
CA ALA A 3 -10.97 -5.07 32.80
C ALA A 3 -9.96 -5.21 31.67
N MET A 4 -8.77 -4.66 31.90
CA MET A 4 -7.72 -4.60 30.88
C MET A 4 -8.22 -3.82 29.67
N LEU A 5 -8.73 -2.63 29.94
CA LEU A 5 -9.32 -1.78 28.92
C LEU A 5 -8.24 -0.90 28.30
N ARG A 6 -8.18 -0.90 26.97
CA ARG A 6 -7.20 -0.10 26.26
C ARG A 6 -7.87 0.68 25.13
N ARG A 7 -8.14 1.94 25.38
CA ARG A 7 -8.75 2.81 24.39
C ARG A 7 -7.69 3.66 23.70
N LEU A 8 -7.72 3.65 22.38
CA LEU A 8 -6.73 4.39 21.59
C LEU A 8 -7.34 5.70 21.11
N PHE A 9 -7.08 6.76 21.85
CA PHE A 9 -7.69 8.07 21.56
C PHE A 9 -7.11 8.66 20.28
N LYS A 10 -5.80 8.83 20.24
CA LYS A 10 -5.13 9.42 19.09
C LYS A 10 -3.83 8.71 18.78
N LYS A 11 -3.47 7.74 19.61
CA LYS A 11 -2.22 7.02 19.46
C LYS A 11 -2.47 5.52 19.43
N LYS A 12 -1.91 4.87 18.43
CA LYS A 12 -2.02 3.43 18.29
C LYS A 12 -0.71 2.84 17.76
N TYR A 13 -0.47 1.57 18.06
CA TYR A 13 0.74 0.91 17.59
C TYR A 13 0.44 0.05 16.37
N VAL A 14 1.24 0.20 15.33
CA VAL A 14 1.08 -0.58 14.11
C VAL A 14 2.05 -1.76 14.13
N CYS A 15 1.51 -2.96 14.04
CA CYS A 15 2.32 -4.16 14.10
C CYS A 15 2.22 -4.95 12.79
N VAL A 16 2.97 -4.52 11.80
CA VAL A 16 3.02 -5.21 10.52
C VAL A 16 4.28 -6.05 10.44
N ARG A 17 4.11 -7.37 10.47
CA ARG A 17 5.23 -8.28 10.37
C ARG A 17 5.50 -8.61 8.91
N GLN A 18 6.64 -8.15 8.43
CA GLN A 18 7.01 -8.33 7.04
C GLN A 18 8.11 -9.38 6.92
N TYR A 19 7.90 -10.36 6.05
CA TYR A 19 8.86 -11.44 5.91
C TYR A 19 9.63 -11.35 4.60
N ASP A 20 8.95 -11.59 3.49
CA ASP A 20 9.61 -11.61 2.19
C ASP A 20 8.72 -10.99 1.12
N LEU A 21 9.23 -10.95 -0.12
CA LEU A 21 8.52 -10.33 -1.23
C LEU A 21 7.10 -10.89 -1.41
N THR A 22 6.93 -12.20 -1.30
CA THR A 22 5.61 -12.80 -1.54
C THR A 22 4.70 -12.63 -0.33
N ASP A 23 5.29 -12.20 0.78
CA ASP A 23 4.54 -11.97 2.02
C ASP A 23 4.12 -10.50 2.12
N ALA A 24 4.79 -9.66 1.33
CA ALA A 24 4.56 -8.22 1.35
C ALA A 24 3.10 -7.87 1.03
N GLY A 25 2.46 -8.68 0.21
CA GLY A 25 1.08 -8.41 -0.19
C GLY A 25 0.14 -8.31 0.99
N ALA A 26 0.19 -9.32 1.86
CA ALA A 26 -0.65 -9.37 3.04
C ALA A 26 -0.25 -8.29 4.03
N ALA A 27 1.04 -8.04 4.11
CA ALA A 27 1.59 -7.02 5.01
C ALA A 27 1.07 -5.64 4.63
N CYS A 28 1.01 -5.36 3.33
CA CYS A 28 0.58 -4.06 2.84
C CYS A 28 -0.85 -3.74 3.26
N LEU A 29 -1.80 -4.59 2.87
CA LEU A 29 -3.21 -4.33 3.16
C LEU A 29 -3.45 -4.23 4.67
N SER A 30 -2.73 -5.05 5.44
CA SER A 30 -2.86 -5.02 6.89
C SER A 30 -2.30 -3.71 7.44
N SER A 31 -1.22 -3.22 6.83
CA SER A 31 -0.57 -1.99 7.29
C SER A 31 -1.54 -0.81 7.23
N ILE A 32 -2.26 -0.69 6.12
CA ILE A 32 -3.23 0.38 5.97
C ILE A 32 -4.39 0.17 6.96
N ALA A 33 -4.86 -1.08 7.04
CA ALA A 33 -5.97 -1.43 7.91
C ALA A 33 -5.66 -1.08 9.37
N GLN A 34 -4.49 -1.50 9.85
CA GLN A 34 -4.09 -1.25 11.23
C GLN A 34 -3.92 0.25 11.49
N TYR A 35 -3.55 0.99 10.45
CA TYR A 35 -3.36 2.43 10.58
C TYR A 35 -4.69 3.12 10.85
N TYR A 36 -5.75 2.60 10.25
CA TYR A 36 -7.08 3.17 10.45
C TYR A 36 -7.72 2.62 11.71
N GLY A 37 -7.00 1.76 12.41
CA GLY A 37 -7.49 1.22 13.67
C GLY A 37 -8.18 -0.12 13.51
N LEU A 38 -8.14 -0.66 12.30
CA LEU A 38 -8.82 -1.92 12.01
C LEU A 38 -7.88 -3.09 12.24
N LYS A 39 -8.26 -4.00 13.12
CA LYS A 39 -7.44 -5.17 13.40
C LYS A 39 -7.70 -6.26 12.37
N MET A 40 -6.96 -6.19 11.28
CA MET A 40 -7.00 -7.23 10.26
C MET A 40 -5.69 -8.00 10.28
N SER A 41 -5.75 -9.23 10.76
CA SER A 41 -4.57 -10.06 10.94
C SER A 41 -3.93 -10.38 9.58
N LEU A 42 -2.60 -10.38 9.53
CA LEU A 42 -1.86 -10.59 8.28
C LEU A 42 -2.41 -11.79 7.51
N ALA A 43 -2.50 -12.91 8.22
CA ALA A 43 -2.96 -14.18 7.66
C ALA A 43 -4.31 -14.05 6.96
N LYS A 44 -5.16 -13.16 7.47
CA LYS A 44 -6.50 -12.97 6.93
C LYS A 44 -6.43 -12.43 5.50
N ILE A 45 -5.53 -11.47 5.28
CA ILE A 45 -5.40 -10.82 3.98
C ILE A 45 -4.91 -11.80 2.92
N ARG A 46 -4.07 -12.75 3.34
CA ARG A 46 -3.55 -13.77 2.41
C ARG A 46 -4.70 -14.51 1.75
N GLU A 47 -5.55 -15.11 2.60
CA GLU A 47 -6.68 -15.89 2.13
C GLU A 47 -7.59 -15.03 1.29
N MET A 48 -7.87 -13.83 1.80
CA MET A 48 -8.77 -12.90 1.14
C MET A 48 -8.32 -12.56 -0.27
N THR A 49 -7.04 -12.27 -0.44
CA THR A 49 -6.55 -11.78 -1.74
C THR A 49 -6.15 -12.93 -2.67
N GLY A 50 -6.19 -14.16 -2.16
CA GLY A 50 -5.80 -15.29 -2.96
C GLY A 50 -4.33 -15.21 -3.33
N THR A 51 -3.51 -14.80 -2.35
CA THR A 51 -2.13 -14.40 -2.58
C THR A 51 -1.40 -15.35 -3.54
N ASP A 52 -0.84 -14.75 -4.59
CA ASP A 52 -0.07 -15.47 -5.58
C ASP A 52 1.14 -16.15 -4.95
N THR A 53 1.36 -17.40 -5.31
CA THR A 53 2.52 -18.13 -4.83
C THR A 53 3.79 -17.53 -5.43
N GLN A 54 3.61 -16.69 -6.44
CA GLN A 54 4.73 -15.98 -7.06
C GLN A 54 4.66 -14.49 -6.80
N GLY A 55 3.86 -14.08 -5.82
CA GLY A 55 3.81 -12.68 -5.46
C GLY A 55 2.45 -12.25 -4.95
N THR A 56 1.95 -11.14 -5.46
CA THR A 56 0.65 -10.62 -5.06
C THR A 56 0.14 -9.65 -6.12
N ASN A 57 -0.86 -10.07 -6.88
CA ASN A 57 -1.44 -9.20 -7.89
C ASN A 57 -2.36 -8.16 -7.22
N ALA A 58 -2.30 -6.93 -7.73
CA ALA A 58 -3.03 -5.82 -7.13
C ALA A 58 -4.53 -5.94 -7.35
N TYR A 59 -4.92 -6.78 -8.29
CA TYR A 59 -6.32 -6.99 -8.62
C TYR A 59 -7.03 -7.74 -7.50
N GLY A 60 -6.27 -8.56 -6.77
CA GLY A 60 -6.82 -9.28 -5.64
C GLY A 60 -6.94 -8.41 -4.41
N LEU A 61 -6.04 -7.45 -4.29
CA LEU A 61 -6.05 -6.53 -3.15
C LEU A 61 -7.38 -5.80 -3.04
N ILE A 62 -7.80 -5.18 -4.14
CA ILE A 62 -9.03 -4.40 -4.16
C ILE A 62 -10.24 -5.27 -3.85
N HIS A 63 -10.20 -6.53 -4.30
CA HIS A 63 -11.29 -7.46 -4.05
C HIS A 63 -11.40 -7.80 -2.57
N ALA A 64 -10.27 -8.02 -1.92
CA ALA A 64 -10.26 -8.37 -0.51
C ALA A 64 -10.72 -7.19 0.34
N ALA A 65 -10.24 -6.00 -0.01
CA ALA A 65 -10.52 -4.80 0.75
C ALA A 65 -12.02 -4.53 0.86
N LYS A 66 -12.69 -4.48 -0.29
CA LYS A 66 -14.11 -4.14 -0.32
C LYS A 66 -14.97 -5.17 0.39
N GLN A 67 -14.48 -6.40 0.48
CA GLN A 67 -15.19 -7.45 1.20
C GLN A 67 -15.11 -7.22 2.70
N LEU A 68 -14.10 -6.46 3.12
CA LEU A 68 -13.91 -6.13 4.52
C LEU A 68 -14.65 -4.86 4.87
N GLY A 69 -15.41 -4.34 3.91
CA GLY A 69 -16.09 -3.08 4.09
C GLY A 69 -15.14 -1.92 3.88
N PHE A 70 -13.90 -2.24 3.56
CA PHE A 70 -12.88 -1.23 3.32
C PHE A 70 -12.98 -0.74 1.87
N SER A 71 -13.12 0.56 1.70
CA SER A 71 -13.32 1.12 0.37
C SER A 71 -12.00 1.18 -0.40
N ALA A 72 -11.86 0.32 -1.38
CA ALA A 72 -10.64 0.26 -2.18
C ALA A 72 -10.85 0.79 -3.58
N LYS A 73 -9.78 1.28 -4.19
CA LYS A 73 -9.81 1.76 -5.56
C LYS A 73 -8.40 1.76 -6.14
N GLY A 74 -8.27 1.32 -7.38
CA GLY A 74 -6.98 1.31 -8.03
C GLY A 74 -6.81 2.52 -8.92
N VAL A 75 -5.86 3.39 -8.57
CA VAL A 75 -5.68 4.64 -9.29
C VAL A 75 -4.28 4.71 -9.89
N LYS A 76 -4.08 5.65 -10.80
CA LYS A 76 -2.77 5.87 -11.37
C LYS A 76 -2.34 7.31 -11.12
N ALA A 77 -1.60 7.52 -10.04
CA ALA A 77 -1.10 8.84 -9.71
C ALA A 77 0.33 8.99 -10.20
N SER A 78 0.68 10.18 -10.65
CA SER A 78 2.04 10.44 -11.11
C SER A 78 2.90 10.97 -9.96
N LYS A 79 4.18 11.19 -10.23
CA LYS A 79 5.07 11.76 -9.22
C LYS A 79 4.61 13.16 -8.83
N GLU A 80 3.92 13.83 -9.75
CA GLU A 80 3.40 15.17 -9.51
C GLU A 80 2.17 15.10 -8.62
N ASP A 81 1.38 14.04 -8.79
CA ASP A 81 0.17 13.85 -8.00
C ASP A 81 0.50 13.58 -6.54
N LEU A 82 1.73 13.16 -6.30
CA LEU A 82 2.20 12.87 -4.95
C LEU A 82 2.20 14.13 -4.09
N LEU A 83 2.29 15.29 -4.72
CA LEU A 83 2.30 16.56 -4.01
C LEU A 83 0.90 17.17 -3.97
N LYS A 84 -0.02 16.59 -4.74
CA LYS A 84 -1.37 17.13 -4.86
C LYS A 84 -2.16 16.91 -3.58
N ASP A 85 -2.44 15.65 -3.27
CA ASP A 85 -3.22 15.32 -2.08
C ASP A 85 -2.89 13.92 -1.61
N PHE A 86 -1.82 13.80 -0.84
CA PHE A 86 -1.47 12.54 -0.22
C PHE A 86 -1.27 12.68 1.27
N ARG A 87 -2.23 12.15 1.98
CA ARG A 87 -2.24 12.13 3.43
C ARG A 87 -2.93 10.86 3.88
N LEU A 88 -2.88 9.88 2.98
CA LEU A 88 -3.57 8.62 3.18
C LEU A 88 -2.61 7.47 2.95
N PRO A 89 -2.76 6.39 3.73
CA PRO A 89 -2.04 5.15 3.48
C PRO A 89 -2.39 4.57 2.11
N ALA A 90 -1.37 4.37 1.28
CA ALA A 90 -1.57 3.91 -0.08
C ALA A 90 -0.63 2.78 -0.43
N ILE A 91 -1.14 1.79 -1.14
CA ILE A 91 -0.32 0.68 -1.61
C ILE A 91 0.22 0.99 -3.01
N ALA A 92 1.51 1.30 -3.09
CA ALA A 92 2.12 1.68 -4.36
C ALA A 92 2.94 0.53 -4.93
N ASN A 93 3.00 0.47 -6.26
CA ASN A 93 3.74 -0.58 -6.94
C ASN A 93 5.12 -0.07 -7.35
N VAL A 94 6.14 -0.60 -6.69
CA VAL A 94 7.51 -0.23 -6.99
C VAL A 94 8.28 -1.44 -7.53
N ILE A 95 9.08 -1.21 -8.56
CA ILE A 95 9.84 -2.27 -9.19
C ILE A 95 11.31 -1.89 -9.25
N VAL A 96 12.09 -2.46 -8.34
CA VAL A 96 13.49 -2.10 -8.23
C VAL A 96 14.32 -2.89 -9.26
N ASP A 97 15.20 -2.15 -9.96
CA ASP A 97 16.08 -2.71 -10.99
C ASP A 97 15.26 -3.30 -12.14
N ASN A 98 13.99 -2.94 -12.20
CA ASN A 98 13.06 -3.45 -13.23
C ASN A 98 12.90 -4.96 -13.10
N ARG A 99 13.22 -5.50 -11.94
CA ARG A 99 13.16 -6.95 -11.74
C ARG A 99 12.27 -7.32 -10.57
N LEU A 100 12.56 -6.76 -9.40
CA LEU A 100 11.79 -7.07 -8.21
C LEU A 100 10.60 -6.12 -8.06
N ALA A 101 9.43 -6.63 -8.41
CA ALA A 101 8.20 -5.86 -8.33
C ALA A 101 7.50 -6.14 -7.01
N HIS A 102 7.35 -5.12 -6.19
CA HIS A 102 6.73 -5.27 -4.88
C HIS A 102 5.98 -4.01 -4.49
N PHE A 103 5.17 -4.11 -3.44
CA PHE A 103 4.40 -2.96 -2.98
C PHE A 103 5.09 -2.29 -1.81
N VAL A 104 4.90 -0.98 -1.71
CA VAL A 104 5.31 -0.23 -0.53
C VAL A 104 4.13 0.58 -0.01
N VAL A 105 4.05 0.73 1.30
CA VAL A 105 2.97 1.48 1.92
C VAL A 105 3.36 2.94 2.10
N ILE A 106 2.70 3.84 1.39
CA ILE A 106 2.97 5.26 1.49
C ILE A 106 1.98 5.91 2.46
N TYR A 107 2.45 6.85 3.25
CA TYR A 107 1.59 7.54 4.20
C TYR A 107 1.38 9.00 3.82
N SER A 108 2.46 9.68 3.44
CA SER A 108 2.37 11.07 3.02
C SER A 108 3.60 11.49 2.24
N ILE A 109 3.41 12.39 1.29
CA ILE A 109 4.51 12.93 0.49
C ILE A 109 4.62 14.42 0.70
N LYS A 110 5.76 14.88 1.18
CA LYS A 110 5.98 16.28 1.44
C LYS A 110 7.47 16.60 1.37
N ASN A 111 7.79 17.80 0.91
CA ASN A 111 9.19 18.27 0.85
C ASN A 111 10.02 17.41 -0.09
N ARG A 112 9.36 16.89 -1.13
CA ARG A 112 9.98 15.99 -2.11
C ARG A 112 10.29 14.62 -1.50
N ILE A 113 9.80 14.39 -0.29
CA ILE A 113 10.09 13.15 0.41
C ILE A 113 8.85 12.28 0.49
N ILE A 114 8.99 11.03 0.06
CA ILE A 114 7.92 10.07 0.11
C ILE A 114 8.14 9.12 1.28
N THR A 115 7.30 9.24 2.30
CA THR A 115 7.41 8.40 3.49
C THR A 115 6.69 7.08 3.28
N VAL A 116 7.45 6.00 3.17
CA VAL A 116 6.87 4.69 2.90
C VAL A 116 7.35 3.65 3.90
N ALA A 117 6.67 2.53 3.92
CA ALA A 117 7.10 1.37 4.68
C ALA A 117 7.45 0.25 3.71
N ASP A 118 8.73 -0.06 3.62
CA ASP A 118 9.21 -1.09 2.70
C ASP A 118 9.18 -2.45 3.37
N PRO A 119 8.72 -3.49 2.66
CA PRO A 119 8.61 -4.86 3.20
C PRO A 119 9.93 -5.44 3.73
N GLY A 120 11.03 -4.73 3.55
CA GLY A 120 12.31 -5.21 4.05
C GLY A 120 12.81 -4.42 5.25
N LYS A 121 12.05 -3.42 5.67
CA LYS A 121 12.45 -2.57 6.78
C LYS A 121 11.24 -1.87 7.41
N GLY A 122 11.48 -0.99 8.36
CA GLY A 122 10.40 -0.26 8.99
C GLY A 122 9.94 0.91 8.15
N ILE A 123 10.07 2.11 8.70
CA ILE A 123 9.66 3.32 8.00
C ILE A 123 10.86 3.95 7.30
N VAL A 124 10.76 4.12 5.99
CA VAL A 124 11.85 4.67 5.21
C VAL A 124 11.37 5.85 4.36
N ARG A 125 12.19 6.89 4.29
CA ARG A 125 11.86 8.08 3.53
C ARG A 125 12.70 8.14 2.26
N TYR A 126 12.04 8.06 1.12
CA TYR A 126 12.73 8.17 -0.16
C TYR A 126 12.52 9.53 -0.76
N SER A 127 13.59 10.17 -1.19
CA SER A 127 13.48 11.43 -1.90
C SER A 127 13.00 11.15 -3.32
N MET A 128 12.41 12.14 -3.98
CA MET A 128 11.82 11.97 -5.31
C MET A 128 12.78 11.26 -6.27
N ASP A 129 14.04 11.69 -6.28
CA ASP A 129 15.04 11.12 -7.18
C ASP A 129 15.21 9.62 -6.95
N ASP A 130 15.17 9.21 -5.68
CA ASP A 130 15.33 7.80 -5.34
C ASP A 130 14.04 7.04 -5.59
N PHE A 131 12.93 7.66 -5.23
CA PHE A 131 11.62 7.02 -5.32
C PHE A 131 11.23 6.77 -6.76
N CYS A 132 11.36 7.77 -7.61
CA CYS A 132 10.91 7.68 -9.00
C CYS A 132 11.70 6.62 -9.77
N SER A 133 12.93 6.36 -9.37
CA SER A 133 13.76 5.40 -10.07
C SER A 133 13.35 3.96 -9.78
N ILE A 134 12.62 3.74 -8.69
CA ILE A 134 12.16 2.40 -8.35
C ILE A 134 10.64 2.30 -8.53
N TRP A 135 9.95 3.42 -8.39
CA TRP A 135 8.51 3.45 -8.51
C TRP A 135 8.11 3.62 -9.98
N THR A 136 7.56 2.57 -10.56
CA THR A 136 7.13 2.58 -11.94
C THR A 136 5.77 3.28 -12.08
N GLY A 137 4.90 3.06 -11.10
CA GLY A 137 3.60 3.71 -11.12
C GLY A 137 2.50 2.80 -10.62
N GLY A 138 1.34 3.37 -10.36
CA GLY A 138 0.21 2.59 -9.90
C GLY A 138 0.06 2.62 -8.40
N LEU A 139 -1.06 3.15 -7.93
CA LEU A 139 -1.32 3.20 -6.49
C LEU A 139 -2.74 2.72 -6.17
N VAL A 140 -2.85 1.83 -5.20
CA VAL A 140 -4.14 1.42 -4.70
C VAL A 140 -4.51 2.27 -3.50
N LEU A 141 -5.30 3.31 -3.74
CA LEU A 141 -5.69 4.24 -2.69
C LEU A 141 -6.82 3.68 -1.86
N LEU A 142 -6.54 3.43 -0.59
CA LEU A 142 -7.52 2.84 0.30
C LEU A 142 -8.21 3.93 1.11
N GLU A 143 -9.54 3.86 1.16
CA GLU A 143 -10.38 4.90 1.75
C GLU A 143 -10.42 6.13 0.85
N PRO A 144 -11.62 6.57 0.45
CA PRO A 144 -11.79 7.69 -0.46
C PRO A 144 -11.86 9.04 0.24
N GLY A 145 -12.14 9.03 1.54
CA GLY A 145 -12.35 10.26 2.26
C GLY A 145 -13.62 10.95 1.78
N GLU A 146 -13.44 12.01 1.00
CA GLU A 146 -14.56 12.70 0.37
C GLU A 146 -14.03 13.65 -0.70
N ALA A 147 -14.86 13.91 -1.72
CA ALA A 147 -14.50 14.78 -2.83
C ALA A 147 -13.32 14.23 -3.62
N PHE A 148 -13.21 12.90 -3.65
CA PHE A 148 -12.12 12.22 -4.35
C PHE A 148 -12.42 12.13 -5.85
N GLN A 149 -13.69 12.03 -6.19
CA GLN A 149 -14.12 12.04 -7.58
C GLN A 149 -14.28 13.47 -8.05
N LYS A 150 -14.09 14.39 -7.12
CA LYS A 150 -14.24 15.82 -7.34
C LYS A 150 -15.66 16.17 -7.76
N GLY A 151 -15.88 17.43 -8.10
CA GLY A 151 -17.19 17.89 -8.45
C GLY A 151 -17.43 19.30 -7.93
N LEU B 1 -8.84 14.32 -0.68
CA LEU B 1 -8.24 13.42 -1.68
C LEU B 1 -8.61 13.91 -3.08
N ASN B 2 -7.64 14.50 -3.76
CA ASN B 2 -7.86 15.06 -5.09
C ASN B 2 -7.81 13.95 -6.14
N ILE B 3 -7.23 12.82 -5.76
CA ILE B 3 -7.05 11.70 -6.67
C ILE B 3 -8.25 10.77 -6.63
N GLY B 4 -8.75 10.45 -7.81
CA GLY B 4 -9.93 9.60 -7.92
C GLY B 4 -10.09 9.07 -9.32
N ARG B 5 -9.35 8.02 -9.64
CA ARG B 5 -9.44 7.40 -10.95
C ARG B 5 -9.50 5.88 -10.81
N GLU B 6 -10.41 5.29 -11.55
CA GLU B 6 -10.59 3.85 -11.53
C GLU B 6 -9.93 3.22 -12.75
N LEU B 7 -8.84 2.51 -12.51
CA LEU B 7 -8.13 1.81 -13.58
C LEU B 7 -8.86 0.54 -13.99
N THR B 8 -8.19 -0.30 -14.76
CA THR B 8 -8.76 -1.55 -15.23
C THR B 8 -7.91 -2.73 -14.76
N ASP B 9 -8.37 -3.94 -15.02
CA ASP B 9 -7.64 -5.14 -14.63
C ASP B 9 -6.26 -5.17 -15.28
N GLU B 10 -6.18 -4.65 -16.50
CA GLU B 10 -4.93 -4.61 -17.26
C GLU B 10 -3.82 -3.93 -16.47
N GLU B 11 -4.18 -2.88 -15.75
CA GLU B 11 -3.23 -2.13 -14.95
C GLU B 11 -2.87 -2.91 -13.68
N LEU B 12 -3.91 -3.42 -13.02
CA LEU B 12 -3.77 -4.11 -11.75
C LEU B 12 -3.06 -5.45 -11.90
N MET B 13 -3.19 -6.07 -13.07
CA MET B 13 -2.53 -7.35 -13.34
C MET B 13 -1.02 -7.15 -13.48
N GLU B 14 -0.62 -5.95 -13.88
CA GLU B 14 0.78 -5.61 -14.00
C GLU B 14 1.38 -5.32 -12.62
N MET B 15 0.58 -4.67 -11.79
CA MET B 15 1.02 -4.31 -10.45
C MET B 15 1.07 -5.55 -9.56
N THR B 16 2.20 -5.74 -8.89
CA THR B 16 2.43 -6.93 -8.09
C THR B 16 3.28 -6.60 -6.88
N GLY B 17 3.08 -7.35 -5.80
CA GLY B 17 3.72 -7.03 -4.54
C GLY B 17 4.88 -7.93 -4.19
N GLY B 18 5.19 -8.89 -5.06
CA GLY B 18 6.29 -9.79 -4.78
C GLY B 18 6.60 -10.70 -5.95
N SER B 19 6.62 -10.13 -7.14
CA SER B 19 6.88 -10.90 -8.34
C SER B 19 8.17 -10.43 -9.00
N THR B 20 8.92 -11.36 -9.56
CA THR B 20 10.21 -11.04 -10.15
C THR B 20 10.27 -11.44 -11.62
N PHE B 21 10.33 -10.45 -12.49
CA PHE B 21 10.44 -10.72 -13.92
C PHE B 21 11.73 -10.13 -14.47
N SER B 22 12.39 -10.88 -15.33
CA SER B 22 13.66 -10.44 -15.91
C SER B 22 13.82 -10.98 -17.33
N ILE B 23 13.02 -11.97 -17.69
CA ILE B 23 13.07 -12.55 -19.02
C ILE B 23 11.68 -12.57 -19.64
N GLN B 24 10.84 -11.63 -19.20
CA GLN B 24 9.47 -11.54 -19.68
C GLN B 24 9.38 -10.61 -20.87
N SER A 1 -7.94 15.09 21.05
CA SER A 1 -7.04 14.31 20.16
C SER A 1 -5.72 15.05 19.92
N ASN A 2 -5.71 16.37 20.14
CA ASN A 2 -4.52 17.17 19.89
C ASN A 2 -3.58 17.16 21.10
N ALA A 3 -3.98 16.45 22.15
CA ALA A 3 -3.15 16.33 23.34
C ALA A 3 -2.32 15.05 23.29
N MET A 4 -1.75 14.78 22.11
CA MET A 4 -0.93 13.59 21.88
C MET A 4 -1.73 12.32 22.18
N LEU A 5 -2.87 12.18 21.50
CA LEU A 5 -3.72 11.01 21.69
C LEU A 5 -3.07 9.79 21.05
N ARG A 6 -2.38 10.03 19.94
CA ARG A 6 -1.71 8.96 19.21
C ARG A 6 -0.59 8.34 20.05
N ARG A 7 0.01 9.15 20.91
CA ARG A 7 1.09 8.67 21.78
C ARG A 7 0.54 7.72 22.84
N LEU A 8 1.05 6.50 22.84
CA LEU A 8 0.64 5.47 23.80
C LEU A 8 -0.80 5.04 23.56
N PHE A 9 -1.25 5.15 22.31
CA PHE A 9 -2.59 4.70 21.95
C PHE A 9 -2.57 3.20 21.69
N LYS A 10 -1.48 2.73 21.10
CA LYS A 10 -1.31 1.31 20.84
C LYS A 10 -0.73 0.62 22.06
N LYS A 11 -1.45 -0.34 22.61
CA LYS A 11 -0.97 -1.06 23.78
C LYS A 11 -0.02 -2.18 23.36
N LYS A 12 -0.07 -2.54 22.10
CA LYS A 12 0.85 -3.52 21.55
C LYS A 12 1.68 -2.87 20.44
N TYR A 13 2.58 -3.64 19.86
CA TYR A 13 3.43 -3.13 18.81
C TYR A 13 2.87 -3.49 17.45
N VAL A 14 3.16 -2.67 16.45
CA VAL A 14 2.81 -2.98 15.08
C VAL A 14 3.88 -3.88 14.51
N CYS A 15 3.55 -5.15 14.36
CA CYS A 15 4.53 -6.14 13.94
C CYS A 15 3.97 -7.02 12.83
N VAL A 16 4.27 -6.66 11.60
CA VAL A 16 3.89 -7.46 10.46
C VAL A 16 5.09 -8.25 9.95
N ARG A 17 5.10 -9.55 10.17
CA ARG A 17 6.22 -10.38 9.77
C ARG A 17 6.05 -10.82 8.32
N GLN A 18 6.97 -10.40 7.46
CA GLN A 18 6.95 -10.84 6.07
C GLN A 18 7.37 -12.31 5.99
N TYR A 19 6.63 -13.06 5.21
CA TYR A 19 6.95 -14.46 5.01
C TYR A 19 7.48 -14.70 3.60
N ASP A 20 7.04 -13.89 2.66
CA ASP A 20 7.43 -14.06 1.25
C ASP A 20 7.15 -12.77 0.47
N LEU A 21 7.61 -12.71 -0.78
CA LEU A 21 7.29 -11.58 -1.65
C LEU A 21 5.80 -11.53 -1.91
N THR A 22 5.21 -12.70 -2.14
CA THR A 22 3.77 -12.82 -2.36
C THR A 22 3.01 -12.35 -1.11
N ASP A 23 3.64 -12.53 0.03
CA ASP A 23 3.07 -12.17 1.32
C ASP A 23 3.18 -10.67 1.57
N ALA A 24 4.11 -10.01 0.88
CA ALA A 24 4.34 -8.57 1.05
C ALA A 24 3.07 -7.77 0.78
N GLY A 25 2.29 -8.23 -0.20
CA GLY A 25 1.05 -7.54 -0.53
C GLY A 25 0.08 -7.53 0.64
N ALA A 26 -0.02 -8.65 1.33
CA ALA A 26 -0.88 -8.76 2.49
C ALA A 26 -0.29 -8.00 3.67
N ALA A 27 1.04 -8.02 3.76
CA ALA A 27 1.75 -7.29 4.79
C ALA A 27 1.48 -5.79 4.69
N CYS A 28 1.38 -5.29 3.46
CA CYS A 28 1.09 -3.88 3.23
C CYS A 28 -0.30 -3.51 3.74
N LEU A 29 -1.29 -4.34 3.43
CA LEU A 29 -2.65 -4.10 3.88
C LEU A 29 -2.69 -4.15 5.41
N SER A 30 -1.95 -5.08 5.98
CA SER A 30 -1.86 -5.22 7.43
C SER A 30 -1.14 -4.03 8.06
N SER A 31 -0.22 -3.43 7.32
CA SER A 31 0.51 -2.27 7.81
C SER A 31 -0.43 -1.08 7.95
N ILE A 32 -1.46 -1.07 7.12
CA ILE A 32 -2.48 -0.03 7.17
C ILE A 32 -3.51 -0.34 8.24
N ALA A 33 -3.95 -1.59 8.29
CA ALA A 33 -4.88 -2.05 9.31
C ALA A 33 -4.31 -1.84 10.71
N GLN A 34 -3.11 -2.37 10.92
CA GLN A 34 -2.41 -2.24 12.20
C GLN A 34 -2.11 -0.78 12.52
N TYR A 35 -2.00 0.03 11.47
CA TYR A 35 -1.77 1.47 11.62
C TYR A 35 -2.94 2.12 12.34
N TYR A 36 -4.15 1.75 11.97
CA TYR A 36 -5.35 2.29 12.61
C TYR A 36 -5.67 1.53 13.89
N GLY A 37 -5.11 0.34 14.03
CA GLY A 37 -5.29 -0.43 15.24
C GLY A 37 -6.22 -1.61 15.05
N LEU A 38 -6.45 -1.99 13.80
CA LEU A 38 -7.32 -3.12 13.50
C LEU A 38 -6.60 -4.43 13.82
N LYS A 39 -7.28 -5.29 14.57
CA LYS A 39 -6.67 -6.54 15.02
C LYS A 39 -6.97 -7.66 14.03
N MET A 40 -6.22 -7.68 12.94
CA MET A 40 -6.36 -8.72 11.92
C MET A 40 -5.00 -9.29 11.56
N SER A 41 -4.98 -10.56 11.18
CA SER A 41 -3.75 -11.23 10.80
C SER A 41 -3.61 -11.23 9.27
N LEU A 42 -2.40 -10.96 8.81
CA LEU A 42 -2.09 -10.89 7.38
C LEU A 42 -2.42 -12.19 6.66
N ALA A 43 -2.42 -13.29 7.40
CA ALA A 43 -2.77 -14.60 6.86
C ALA A 43 -4.18 -14.59 6.29
N LYS A 44 -5.09 -13.94 7.02
CA LYS A 44 -6.47 -13.81 6.59
C LYS A 44 -6.55 -13.00 5.31
N ILE A 45 -5.72 -11.96 5.25
CA ILE A 45 -5.68 -11.07 4.10
C ILE A 45 -5.13 -11.79 2.87
N ARG A 46 -4.15 -12.67 3.07
CA ARG A 46 -3.56 -13.44 1.96
C ARG A 46 -4.62 -14.27 1.26
N GLU A 47 -5.52 -14.86 2.05
CA GLU A 47 -6.62 -15.63 1.49
C GLU A 47 -7.56 -14.70 0.75
N MET A 48 -7.91 -13.61 1.41
CA MET A 48 -8.89 -12.69 0.90
C MET A 48 -8.42 -11.98 -0.37
N THR A 49 -7.13 -11.75 -0.49
CA THR A 49 -6.59 -11.03 -1.64
C THR A 49 -6.29 -11.98 -2.79
N GLY A 50 -6.47 -13.27 -2.55
CA GLY A 50 -6.22 -14.25 -3.59
C GLY A 50 -4.75 -14.31 -3.96
N THR A 51 -3.88 -14.28 -2.95
CA THR A 51 -2.43 -14.23 -3.17
C THR A 51 -1.97 -15.23 -4.23
N ASP A 52 -1.38 -14.69 -5.30
CA ASP A 52 -0.93 -15.50 -6.42
C ASP A 52 0.56 -15.82 -6.26
N THR A 53 0.92 -17.08 -6.47
CA THR A 53 2.29 -17.53 -6.30
C THR A 53 3.19 -16.96 -7.38
N GLN A 54 2.61 -16.56 -8.50
CA GLN A 54 3.36 -15.94 -9.57
C GLN A 54 3.58 -14.46 -9.26
N GLY A 55 2.74 -13.94 -8.38
CA GLY A 55 2.86 -12.55 -7.99
C GLY A 55 1.54 -11.95 -7.59
N THR A 56 1.41 -11.63 -6.30
CA THR A 56 0.22 -10.94 -5.80
C THR A 56 0.02 -9.63 -6.54
N ASN A 57 -0.98 -9.61 -7.42
CA ASN A 57 -1.26 -8.44 -8.24
C ASN A 57 -2.15 -7.47 -7.49
N ALA A 58 -2.25 -6.26 -8.02
CA ALA A 58 -2.99 -5.19 -7.36
C ALA A 58 -4.48 -5.44 -7.39
N TYR A 59 -4.93 -6.28 -8.32
CA TYR A 59 -6.35 -6.57 -8.44
C TYR A 59 -6.80 -7.47 -7.30
N GLY A 60 -5.85 -8.22 -6.75
CA GLY A 60 -6.14 -9.04 -5.59
C GLY A 60 -6.39 -8.19 -4.36
N LEU A 61 -5.60 -7.15 -4.23
CA LEU A 61 -5.70 -6.24 -3.08
C LEU A 61 -7.04 -5.53 -3.07
N ILE A 62 -7.37 -4.89 -4.19
CA ILE A 62 -8.58 -4.08 -4.30
C ILE A 62 -9.83 -4.89 -3.96
N HIS A 63 -9.94 -6.09 -4.53
CA HIS A 63 -11.17 -6.87 -4.39
C HIS A 63 -11.40 -7.26 -2.94
N ALA A 64 -10.32 -7.33 -2.17
CA ALA A 64 -10.40 -7.73 -0.77
C ALA A 64 -10.69 -6.53 0.12
N ALA A 65 -9.91 -5.47 -0.05
CA ALA A 65 -9.99 -4.29 0.81
C ALA A 65 -11.39 -3.72 0.89
N LYS A 66 -12.08 -3.69 -0.25
CA LYS A 66 -13.40 -3.08 -0.34
C LYS A 66 -14.41 -3.79 0.56
N GLN A 67 -14.13 -5.04 0.91
CA GLN A 67 -15.04 -5.84 1.73
C GLN A 67 -14.94 -5.44 3.19
N LEU A 68 -13.95 -4.63 3.53
CA LEU A 68 -13.79 -4.13 4.89
C LEU A 68 -14.33 -2.71 4.99
N GLY A 69 -14.72 -2.17 3.84
CA GLY A 69 -15.16 -0.79 3.78
C GLY A 69 -14.06 0.12 3.26
N PHE A 70 -12.91 -0.47 2.99
CA PHE A 70 -11.79 0.27 2.42
C PHE A 70 -12.04 0.47 0.93
N SER A 71 -12.59 1.62 0.57
CA SER A 71 -12.84 1.95 -0.81
C SER A 71 -11.55 1.85 -1.62
N ALA A 72 -11.43 0.78 -2.39
CA ALA A 72 -10.21 0.48 -3.10
C ALA A 72 -10.41 0.60 -4.61
N LYS A 73 -9.41 1.13 -5.27
CA LYS A 73 -9.41 1.23 -6.72
C LYS A 73 -7.99 1.41 -7.23
N GLY A 74 -7.70 0.87 -8.39
CA GLY A 74 -6.38 0.99 -8.96
C GLY A 74 -6.27 2.22 -9.84
N VAL A 75 -5.25 3.01 -9.62
CA VAL A 75 -5.06 4.24 -10.38
C VAL A 75 -3.63 4.35 -10.90
N LYS A 76 -3.43 5.22 -11.87
CA LYS A 76 -2.11 5.43 -12.43
C LYS A 76 -1.75 6.90 -12.36
N ALA A 77 -1.05 7.28 -11.31
CA ALA A 77 -0.69 8.66 -11.06
C ALA A 77 0.79 8.88 -11.26
N SER A 78 1.21 10.14 -11.18
CA SER A 78 2.61 10.49 -11.38
C SER A 78 3.20 11.09 -10.11
N LYS A 79 4.46 11.51 -10.18
CA LYS A 79 5.13 12.11 -9.03
C LYS A 79 4.44 13.41 -8.60
N GLU A 80 3.84 14.10 -9.55
CA GLU A 80 3.18 15.38 -9.28
C GLU A 80 1.91 15.17 -8.47
N ASP A 81 1.24 14.05 -8.69
CA ASP A 81 0.00 13.72 -8.00
C ASP A 81 0.26 13.53 -6.51
N LEU A 82 1.48 13.12 -6.19
CA LEU A 82 1.88 12.84 -4.81
C LEU A 82 1.73 14.07 -3.92
N LEU A 83 1.90 15.25 -4.49
CA LEU A 83 1.83 16.49 -3.73
C LEU A 83 0.45 17.11 -3.82
N LYS A 84 -0.43 16.50 -4.60
CA LYS A 84 -1.72 17.10 -4.92
C LYS A 84 -2.87 16.30 -4.33
N ASP A 85 -2.88 14.99 -4.57
CA ASP A 85 -4.02 14.17 -4.21
C ASP A 85 -3.61 12.97 -3.35
N PHE A 86 -2.49 13.09 -2.67
CA PHE A 86 -1.99 12.01 -1.85
C PHE A 86 -1.67 12.45 -0.43
N ARG A 87 -2.44 11.91 0.48
CA ARG A 87 -2.26 12.13 1.91
C ARG A 87 -3.06 11.06 2.66
N LEU A 88 -3.21 9.94 1.97
CA LEU A 88 -3.95 8.80 2.48
C LEU A 88 -3.09 7.56 2.32
N PRO A 89 -3.26 6.56 3.19
CA PRO A 89 -2.59 5.27 3.04
C PRO A 89 -2.94 4.63 1.70
N ALA A 90 -1.92 4.39 0.89
CA ALA A 90 -2.11 3.80 -0.43
C ALA A 90 -1.00 2.81 -0.71
N ILE A 91 -1.30 1.80 -1.51
CA ILE A 91 -0.31 0.79 -1.83
C ILE A 91 0.34 1.09 -3.18
N ALA A 92 1.64 1.27 -3.16
CA ALA A 92 2.37 1.59 -4.37
C ALA A 92 3.14 0.38 -4.88
N ASN A 93 3.28 0.29 -6.19
CA ASN A 93 3.99 -0.81 -6.81
C ASN A 93 5.41 -0.43 -7.14
N VAL A 94 6.34 -0.80 -6.27
CA VAL A 94 7.74 -0.49 -6.47
C VAL A 94 8.51 -1.73 -6.91
N ILE A 95 9.39 -1.53 -7.87
CA ILE A 95 10.15 -2.62 -8.47
C ILE A 95 11.60 -2.21 -8.61
N VAL A 96 12.50 -2.97 -8.00
CA VAL A 96 13.92 -2.64 -8.06
C VAL A 96 14.57 -3.29 -9.29
N ASP A 97 15.18 -2.45 -10.11
CA ASP A 97 15.86 -2.89 -11.33
C ASP A 97 14.91 -3.63 -12.27
N ASN A 98 13.62 -3.34 -12.15
CA ASN A 98 12.58 -4.01 -12.94
C ASN A 98 12.63 -5.53 -12.76
N ARG A 99 13.08 -5.99 -11.61
CA ARG A 99 13.14 -7.42 -11.34
C ARG A 99 12.30 -7.78 -10.12
N LEU A 100 12.79 -7.41 -8.93
CA LEU A 100 12.08 -7.72 -7.70
C LEU A 100 10.97 -6.69 -7.48
N ALA A 101 9.74 -7.13 -7.65
CA ALA A 101 8.59 -6.26 -7.51
C ALA A 101 7.89 -6.52 -6.18
N HIS A 102 7.66 -5.46 -5.43
CA HIS A 102 6.99 -5.58 -4.14
C HIS A 102 6.17 -4.33 -3.85
N PHE A 103 5.19 -4.47 -2.99
CA PHE A 103 4.33 -3.35 -2.63
C PHE A 103 4.87 -2.63 -1.41
N VAL A 104 4.70 -1.32 -1.40
CA VAL A 104 4.99 -0.49 -0.23
C VAL A 104 3.80 0.40 0.09
N VAL A 105 3.66 0.76 1.36
CA VAL A 105 2.54 1.59 1.79
C VAL A 105 2.95 3.06 1.85
N ILE A 106 2.33 3.87 1.01
CA ILE A 106 2.58 5.30 1.01
C ILE A 106 1.53 5.99 1.87
N TYR A 107 1.97 6.74 2.86
CA TYR A 107 1.04 7.43 3.76
C TYR A 107 0.77 8.85 3.29
N SER A 108 1.82 9.64 3.14
CA SER A 108 1.68 11.02 2.71
C SER A 108 2.98 11.52 2.08
N ILE A 109 2.87 12.37 1.08
CA ILE A 109 4.02 12.95 0.43
C ILE A 109 4.01 14.47 0.62
N LYS A 110 5.13 15.01 1.08
CA LYS A 110 5.23 16.43 1.34
C LYS A 110 6.70 16.86 1.38
N ASN A 111 6.96 18.09 0.94
CA ASN A 111 8.32 18.65 0.91
C ASN A 111 9.24 17.79 0.05
N ARG A 112 8.68 17.26 -1.03
CA ARG A 112 9.39 16.40 -1.98
C ARG A 112 9.75 15.06 -1.33
N ILE A 113 9.27 14.83 -0.13
CA ILE A 113 9.60 13.63 0.63
C ILE A 113 8.41 12.67 0.66
N ILE A 114 8.66 11.44 0.24
CA ILE A 114 7.64 10.42 0.21
C ILE A 114 7.75 9.54 1.46
N THR A 115 6.69 9.51 2.25
CA THR A 115 6.67 8.69 3.46
C THR A 115 6.31 7.25 3.10
N VAL A 116 7.31 6.39 3.05
CA VAL A 116 7.13 5.01 2.62
C VAL A 116 7.19 4.05 3.81
N ALA A 117 6.19 3.20 3.91
CA ALA A 117 6.18 2.16 4.91
C ALA A 117 6.37 0.80 4.27
N ASP A 118 7.60 0.32 4.30
CA ASP A 118 7.93 -1.00 3.79
C ASP A 118 7.79 -2.01 4.91
N PRO A 119 7.09 -3.14 4.66
CA PRO A 119 6.77 -4.13 5.69
C PRO A 119 8.02 -4.78 6.33
N GLY A 120 9.19 -4.55 5.75
CA GLY A 120 10.41 -5.06 6.34
C GLY A 120 11.24 -3.97 6.99
N LYS A 121 10.78 -2.74 6.82
CA LYS A 121 11.44 -1.58 7.36
C LYS A 121 10.52 -0.91 8.40
N GLY A 122 11.05 0.05 9.15
CA GLY A 122 10.20 0.85 9.99
C GLY A 122 9.62 2.02 9.21
N ILE A 123 9.79 3.22 9.73
CA ILE A 123 9.34 4.40 9.01
C ILE A 123 10.52 4.99 8.21
N VAL A 124 10.44 4.87 6.91
CA VAL A 124 11.51 5.35 6.04
C VAL A 124 10.98 6.36 5.03
N ARG A 125 11.72 7.43 4.82
CA ARG A 125 11.31 8.45 3.88
C ARG A 125 12.27 8.48 2.71
N TYR A 126 11.72 8.58 1.51
CA TYR A 126 12.51 8.63 0.30
C TYR A 126 12.28 9.95 -0.41
N SER A 127 13.33 10.46 -1.04
CA SER A 127 13.20 11.67 -1.84
C SER A 127 12.68 11.31 -3.23
N MET A 128 12.23 12.29 -3.98
CA MET A 128 11.62 12.03 -5.29
C MET A 128 12.54 11.22 -6.19
N ASP A 129 13.81 11.59 -6.23
CA ASP A 129 14.80 10.90 -7.05
C ASP A 129 14.86 9.42 -6.68
N ASP A 130 14.94 9.14 -5.39
CA ASP A 130 14.99 7.77 -4.89
C ASP A 130 13.72 7.02 -5.24
N PHE A 131 12.59 7.66 -4.98
CA PHE A 131 11.29 7.03 -5.19
C PHE A 131 11.07 6.73 -6.67
N CYS A 132 11.41 7.67 -7.54
CA CYS A 132 11.23 7.48 -8.98
C CYS A 132 12.12 6.35 -9.50
N SER A 133 13.19 6.05 -8.78
CA SER A 133 14.13 5.01 -9.20
C SER A 133 13.58 3.62 -8.86
N ILE A 134 12.85 3.51 -7.76
CA ILE A 134 12.32 2.22 -7.34
C ILE A 134 10.85 2.04 -7.76
N TRP A 135 10.15 3.15 -7.89
CA TRP A 135 8.74 3.09 -8.27
C TRP A 135 8.61 3.14 -9.78
N THR A 136 8.31 1.99 -10.38
CA THR A 136 8.14 1.90 -11.81
C THR A 136 6.80 2.50 -12.23
N GLY A 137 5.79 2.28 -11.41
CA GLY A 137 4.47 2.81 -11.69
C GLY A 137 3.39 1.94 -11.12
N GLY A 138 2.25 2.54 -10.80
CA GLY A 138 1.16 1.79 -10.23
C GLY A 138 0.83 2.23 -8.82
N LEU A 139 -0.40 2.68 -8.62
CA LEU A 139 -0.86 3.11 -7.31
C LEU A 139 -2.25 2.57 -7.02
N VAL A 140 -2.46 2.06 -5.81
CA VAL A 140 -3.76 1.58 -5.39
C VAL A 140 -4.33 2.47 -4.29
N LEU A 141 -5.45 3.12 -4.57
CA LEU A 141 -6.09 3.98 -3.60
C LEU A 141 -6.86 3.16 -2.58
N LEU A 142 -6.63 3.45 -1.31
CA LEU A 142 -7.36 2.81 -0.23
C LEU A 142 -8.02 3.88 0.63
N GLU A 143 -9.26 3.62 1.02
CA GLU A 143 -10.07 4.55 1.80
C GLU A 143 -10.50 5.74 0.94
N PRO A 144 -11.78 6.13 1.05
CA PRO A 144 -12.35 7.20 0.23
C PRO A 144 -11.99 8.60 0.73
N GLY A 145 -11.35 8.67 1.88
CA GLY A 145 -11.05 9.95 2.48
C GLY A 145 -12.00 10.28 3.60
N GLU A 146 -11.87 11.46 4.18
CA GLU A 146 -12.68 11.85 5.33
C GLU A 146 -14.16 11.92 4.96
N ALA A 147 -15.00 12.01 5.99
CA ALA A 147 -16.46 12.07 5.85
C ALA A 147 -17.07 10.70 5.55
N PHE A 148 -16.31 9.84 4.88
CA PHE A 148 -16.77 8.47 4.63
C PHE A 148 -15.87 7.48 5.35
N GLN A 149 -14.59 7.81 5.43
CA GLN A 149 -13.61 6.98 6.13
C GLN A 149 -14.08 6.66 7.54
N LYS A 150 -14.30 7.70 8.33
CA LYS A 150 -14.75 7.55 9.69
C LYS A 150 -16.08 8.25 9.90
N GLY A 151 -16.84 7.80 10.87
CA GLY A 151 -18.13 8.39 11.14
C GLY A 151 -18.01 9.65 11.96
N LEU B 1 -12.17 10.72 -2.45
CA LEU B 1 -11.19 11.57 -3.18
C LEU B 1 -11.23 11.24 -4.67
N ASN B 2 -10.67 12.12 -5.48
CA ASN B 2 -10.61 11.92 -6.92
C ASN B 2 -9.23 12.29 -7.44
N ILE B 3 -8.35 11.30 -7.51
CA ILE B 3 -6.98 11.52 -7.95
C ILE B 3 -6.94 11.66 -9.47
N GLY B 4 -7.88 11.02 -10.14
CA GLY B 4 -7.93 11.05 -11.59
C GLY B 4 -8.86 9.98 -12.13
N ARG B 5 -8.28 8.97 -12.76
CA ARG B 5 -9.06 7.87 -13.30
C ARG B 5 -8.70 6.56 -12.64
N GLU B 6 -9.69 5.68 -12.56
CA GLU B 6 -9.45 4.33 -12.04
C GLU B 6 -9.32 3.35 -13.21
N LEU B 7 -8.39 2.42 -13.05
CA LEU B 7 -7.97 1.53 -14.13
C LEU B 7 -8.90 0.33 -14.26
N THR B 8 -8.42 -0.63 -15.02
CA THR B 8 -9.21 -1.80 -15.36
C THR B 8 -8.61 -3.04 -14.71
N ASP B 9 -9.37 -4.14 -14.63
CA ASP B 9 -8.88 -5.37 -14.02
C ASP B 9 -7.56 -5.81 -14.64
N GLU B 10 -7.49 -5.75 -15.97
CA GLU B 10 -6.28 -6.08 -16.71
C GLU B 10 -5.11 -5.23 -16.24
N GLU B 11 -5.36 -3.95 -16.06
CA GLU B 11 -4.34 -2.99 -15.64
C GLU B 11 -3.77 -3.36 -14.28
N LEU B 12 -4.64 -3.69 -13.33
CA LEU B 12 -4.21 -4.08 -11.99
C LEU B 12 -3.52 -5.44 -12.00
N MET B 13 -3.90 -6.31 -12.93
CA MET B 13 -3.31 -7.64 -13.05
C MET B 13 -1.83 -7.56 -13.43
N GLU B 14 -1.47 -6.52 -14.16
CA GLU B 14 -0.09 -6.35 -14.61
C GLU B 14 0.81 -5.85 -13.48
N MET B 15 0.30 -4.93 -12.67
CA MET B 15 1.07 -4.40 -11.57
C MET B 15 0.98 -5.37 -10.39
N THR B 16 2.14 -5.72 -9.85
CA THR B 16 2.21 -6.77 -8.85
C THR B 16 3.34 -6.54 -7.87
N GLY B 17 3.11 -6.92 -6.62
CA GLY B 17 4.04 -6.64 -5.56
C GLY B 17 4.55 -7.90 -4.91
N GLY B 18 4.15 -9.04 -5.45
CA GLY B 18 4.62 -10.30 -4.95
C GLY B 18 5.29 -11.12 -6.03
N SER B 19 5.97 -10.45 -6.93
CA SER B 19 6.52 -11.10 -8.10
C SER B 19 7.99 -10.73 -8.28
N THR B 20 8.79 -11.73 -8.62
CA THR B 20 10.18 -11.49 -8.95
C THR B 20 10.41 -11.80 -10.43
N PHE B 21 10.32 -10.76 -11.26
CA PHE B 21 10.44 -10.91 -12.71
C PHE B 21 11.81 -11.41 -13.09
N SER B 22 11.86 -12.60 -13.69
CA SER B 22 13.10 -13.17 -14.19
C SER B 22 12.82 -14.10 -15.36
N ILE B 23 11.75 -14.87 -15.24
CA ILE B 23 11.31 -15.74 -16.33
C ILE B 23 10.00 -15.22 -16.91
N GLN B 24 9.02 -15.07 -16.03
CA GLN B 24 7.74 -14.52 -16.42
C GLN B 24 7.35 -13.42 -15.44
N SER A 1 12.05 21.26 31.66
CA SER A 1 11.43 20.78 30.42
C SER A 1 11.08 19.30 30.53
N ASN A 2 9.91 19.00 31.06
CA ASN A 2 9.47 17.63 31.21
C ASN A 2 7.97 17.53 30.98
N ALA A 3 7.58 17.40 29.72
CA ALA A 3 6.18 17.25 29.35
C ALA A 3 5.82 15.78 29.20
N MET A 4 6.25 14.98 30.19
CA MET A 4 6.06 13.53 30.17
C MET A 4 6.71 12.92 28.93
N LEU A 5 7.96 12.52 29.07
CA LEU A 5 8.71 11.94 27.96
C LEU A 5 8.33 10.48 27.75
N ARG A 6 7.12 10.27 27.26
CA ARG A 6 6.63 8.94 26.94
C ARG A 6 6.20 8.88 25.48
N ARG A 7 7.17 8.78 24.60
CA ARG A 7 6.90 8.68 23.17
C ARG A 7 6.52 7.25 22.80
N LEU A 8 5.34 6.85 23.23
CA LEU A 8 4.81 5.54 22.90
C LEU A 8 3.33 5.66 22.61
N PHE A 9 2.94 5.32 21.41
CA PHE A 9 1.56 5.45 20.98
C PHE A 9 0.72 4.27 21.45
N LYS A 10 -0.35 4.57 22.16
CA LYS A 10 -1.25 3.55 22.65
C LYS A 10 -2.37 3.30 21.65
N LYS A 11 -2.49 2.05 21.22
CA LYS A 11 -3.46 1.64 20.21
C LYS A 11 -3.15 2.30 18.86
N LYS A 12 -3.89 1.91 17.82
CA LYS A 12 -3.64 2.39 16.46
C LYS A 12 -2.20 2.13 16.05
N TYR A 13 -1.69 0.97 16.42
CA TYR A 13 -0.29 0.64 16.20
C TYR A 13 -0.16 -0.38 15.08
N VAL A 14 0.72 -0.11 14.13
CA VAL A 14 0.95 -1.01 13.02
C VAL A 14 2.07 -1.98 13.33
N CYS A 15 1.73 -3.26 13.42
CA CYS A 15 2.71 -4.30 13.66
C CYS A 15 2.43 -5.50 12.75
N VAL A 16 2.99 -5.47 11.55
CA VAL A 16 2.80 -6.56 10.60
C VAL A 16 4.01 -7.48 10.60
N ARG A 17 3.79 -8.74 10.92
CA ARG A 17 4.86 -9.72 10.96
C ARG A 17 4.81 -10.60 9.73
N GLN A 18 5.82 -10.47 8.87
CA GLN A 18 5.85 -11.20 7.61
C GLN A 18 6.24 -12.66 7.81
N TYR A 19 5.66 -13.53 6.99
CA TYR A 19 5.93 -14.96 7.09
C TYR A 19 6.43 -15.54 5.76
N ASP A 20 6.06 -14.91 4.65
CA ASP A 20 6.34 -15.47 3.33
C ASP A 20 7.13 -14.48 2.47
N LEU A 21 7.50 -14.89 1.26
CA LEU A 21 8.18 -14.00 0.31
C LEU A 21 7.17 -13.11 -0.38
N THR A 22 6.07 -13.71 -0.83
CA THR A 22 5.00 -12.98 -1.50
C THR A 22 4.12 -12.29 -0.47
N ASP A 23 4.53 -12.45 0.79
CA ASP A 23 3.84 -11.87 1.94
C ASP A 23 3.64 -10.37 1.78
N ALA A 24 4.55 -9.73 1.05
CA ALA A 24 4.56 -8.28 0.86
C ALA A 24 3.18 -7.73 0.52
N GLY A 25 2.45 -8.43 -0.35
CA GLY A 25 1.13 -7.98 -0.75
C GLY A 25 0.14 -7.94 0.41
N ALA A 26 0.08 -9.03 1.15
CA ALA A 26 -0.83 -9.14 2.28
C ALA A 26 -0.40 -8.22 3.42
N ALA A 27 0.90 -8.13 3.60
CA ALA A 27 1.47 -7.30 4.66
C ALA A 27 1.11 -5.82 4.48
N CYS A 28 1.20 -5.35 3.24
CA CYS A 28 0.93 -3.94 2.95
C CYS A 28 -0.53 -3.58 3.26
N LEU A 29 -1.45 -4.44 2.86
CA LEU A 29 -2.88 -4.20 3.10
C LEU A 29 -3.15 -4.19 4.61
N SER A 30 -2.50 -5.11 5.31
CA SER A 30 -2.67 -5.24 6.75
C SER A 30 -2.09 -4.03 7.49
N SER A 31 -1.11 -3.38 6.87
CA SER A 31 -0.50 -2.19 7.44
C SER A 31 -1.53 -1.07 7.55
N ILE A 32 -2.29 -0.87 6.47
CA ILE A 32 -3.34 0.14 6.46
C ILE A 32 -4.46 -0.28 7.42
N ALA A 33 -4.76 -1.57 7.44
CA ALA A 33 -5.80 -2.11 8.30
C ALA A 33 -5.55 -1.75 9.76
N GLN A 34 -4.38 -2.14 10.26
CA GLN A 34 -4.03 -1.92 11.67
C GLN A 34 -3.94 -0.43 11.99
N TYR A 35 -3.54 0.36 11.00
CA TYR A 35 -3.39 1.80 11.19
C TYR A 35 -4.75 2.45 11.45
N TYR A 36 -5.80 1.89 10.87
CA TYR A 36 -7.14 2.42 11.07
C TYR A 36 -7.84 1.70 12.23
N GLY A 37 -7.09 0.89 12.95
CA GLY A 37 -7.62 0.25 14.13
C GLY A 37 -8.13 -1.16 13.88
N LEU A 38 -8.14 -1.57 12.62
CA LEU A 38 -8.63 -2.90 12.27
C LEU A 38 -7.53 -3.93 12.47
N LYS A 39 -7.68 -4.74 13.49
CA LYS A 39 -6.67 -5.75 13.81
C LYS A 39 -6.89 -7.00 12.98
N MET A 40 -6.45 -6.93 11.74
CA MET A 40 -6.62 -8.04 10.81
C MET A 40 -5.30 -8.77 10.61
N SER A 41 -5.36 -10.09 10.58
CA SER A 41 -4.19 -10.90 10.37
C SER A 41 -3.84 -10.93 8.89
N LEU A 42 -2.57 -10.67 8.58
CA LEU A 42 -2.09 -10.69 7.21
C LEU A 42 -2.27 -12.07 6.58
N ALA A 43 -2.29 -13.09 7.43
CA ALA A 43 -2.54 -14.44 6.97
C ALA A 43 -3.96 -14.60 6.47
N LYS A 44 -4.87 -13.80 7.04
CA LYS A 44 -6.27 -13.82 6.63
C LYS A 44 -6.43 -12.95 5.38
N ILE A 45 -5.66 -11.88 5.31
CA ILE A 45 -5.64 -11.03 4.14
C ILE A 45 -5.06 -11.79 2.94
N ARG A 46 -4.13 -12.71 3.23
CA ARG A 46 -3.53 -13.55 2.21
C ARG A 46 -4.60 -14.28 1.39
N GLU A 47 -5.46 -15.02 2.08
CA GLU A 47 -6.53 -15.76 1.42
C GLU A 47 -7.59 -14.80 0.85
N MET A 48 -7.76 -13.66 1.51
CA MET A 48 -8.71 -12.65 1.06
C MET A 48 -8.30 -12.04 -0.27
N THR A 49 -7.00 -11.79 -0.43
CA THR A 49 -6.49 -11.12 -1.61
C THR A 49 -6.13 -12.11 -2.71
N GLY A 50 -6.26 -13.40 -2.40
CA GLY A 50 -5.91 -14.41 -3.36
C GLY A 50 -4.41 -14.41 -3.63
N THR A 51 -3.62 -14.28 -2.57
CA THR A 51 -2.18 -14.17 -2.68
C THR A 51 -1.58 -15.24 -3.58
N ASP A 52 -0.94 -14.78 -4.65
CA ASP A 52 -0.33 -15.68 -5.62
C ASP A 52 1.12 -15.96 -5.24
N THR A 53 1.48 -17.23 -5.26
CA THR A 53 2.79 -17.66 -4.78
C THR A 53 3.90 -17.22 -5.74
N GLN A 54 3.53 -16.84 -6.95
CA GLN A 54 4.49 -16.37 -7.93
C GLN A 54 4.52 -14.84 -7.94
N GLY A 55 3.57 -14.25 -7.23
CA GLY A 55 3.52 -12.81 -7.14
C GLY A 55 2.14 -12.28 -6.80
N THR A 56 1.99 -11.78 -5.58
CA THR A 56 0.73 -11.18 -5.15
C THR A 56 0.40 -9.95 -6.00
N ASN A 57 -0.68 -10.04 -6.77
CA ASN A 57 -1.08 -8.95 -7.64
C ASN A 57 -2.02 -7.99 -6.91
N ALA A 58 -2.11 -6.78 -7.43
CA ALA A 58 -2.85 -5.70 -6.76
C ALA A 58 -4.35 -5.82 -6.95
N TYR A 59 -4.78 -6.64 -7.92
CA TYR A 59 -6.21 -6.81 -8.18
C TYR A 59 -6.87 -7.50 -7.00
N GLY A 60 -6.17 -8.48 -6.42
CA GLY A 60 -6.67 -9.13 -5.23
C GLY A 60 -6.68 -8.19 -4.04
N LEU A 61 -5.67 -7.33 -3.98
CA LEU A 61 -5.55 -6.36 -2.88
C LEU A 61 -6.75 -5.41 -2.87
N ILE A 62 -6.99 -4.74 -3.99
CA ILE A 62 -8.06 -3.76 -4.08
C ILE A 62 -9.43 -4.39 -3.81
N HIS A 63 -9.64 -5.59 -4.33
CA HIS A 63 -10.91 -6.29 -4.14
C HIS A 63 -11.11 -6.64 -2.68
N ALA A 64 -10.07 -7.17 -2.05
CA ALA A 64 -10.16 -7.57 -0.65
C ALA A 64 -10.35 -6.37 0.25
N ALA A 65 -9.58 -5.30 -0.01
CA ALA A 65 -9.65 -4.08 0.78
C ALA A 65 -11.07 -3.53 0.81
N LYS A 66 -11.74 -3.58 -0.34
CA LYS A 66 -13.12 -3.15 -0.44
C LYS A 66 -14.02 -3.97 0.48
N GLN A 67 -13.70 -5.25 0.62
CA GLN A 67 -14.47 -6.16 1.46
C GLN A 67 -14.19 -5.91 2.94
N LEU A 68 -13.02 -5.35 3.24
CA LEU A 68 -12.70 -4.91 4.59
C LEU A 68 -13.55 -3.73 4.99
N GLY A 69 -14.04 -3.01 4.00
CA GLY A 69 -14.79 -1.80 4.25
C GLY A 69 -13.99 -0.59 3.86
N PHE A 70 -12.78 -0.83 3.38
CA PHE A 70 -11.96 0.25 2.87
C PHE A 70 -12.43 0.65 1.48
N SER A 71 -12.35 1.93 1.18
CA SER A 71 -12.72 2.44 -0.12
C SER A 71 -11.50 2.45 -1.03
N ALA A 72 -11.31 1.35 -1.76
CA ALA A 72 -10.13 1.18 -2.58
C ALA A 72 -10.37 1.58 -4.03
N LYS A 73 -9.40 2.27 -4.61
CA LYS A 73 -9.48 2.69 -6.00
C LYS A 73 -8.11 2.56 -6.66
N GLY A 74 -8.05 1.82 -7.76
CA GLY A 74 -6.78 1.61 -8.44
C GLY A 74 -6.55 2.65 -9.53
N VAL A 75 -5.51 3.45 -9.36
CA VAL A 75 -5.22 4.52 -10.32
C VAL A 75 -3.79 4.43 -10.83
N LYS A 76 -3.56 5.07 -11.97
CA LYS A 76 -2.22 5.18 -12.54
C LYS A 76 -1.86 6.65 -12.71
N ALA A 77 -1.13 7.18 -11.75
CA ALA A 77 -0.77 8.60 -11.76
C ALA A 77 0.72 8.79 -11.97
N SER A 78 1.18 10.03 -11.88
CA SER A 78 2.59 10.33 -12.06
C SER A 78 3.22 10.80 -10.74
N LYS A 79 4.51 11.12 -10.79
CA LYS A 79 5.22 11.59 -9.60
C LYS A 79 4.62 12.90 -9.08
N GLU A 80 4.07 13.69 -9.99
CA GLU A 80 3.54 15.00 -9.62
C GLU A 80 2.20 14.89 -8.92
N ASP A 81 1.51 13.77 -9.15
CA ASP A 81 0.23 13.53 -8.50
C ASP A 81 0.43 13.18 -7.04
N LEU A 82 1.65 12.76 -6.72
CA LEU A 82 2.00 12.35 -5.37
C LEU A 82 1.89 13.53 -4.41
N LEU A 83 2.11 14.74 -4.92
CA LEU A 83 2.07 15.94 -4.09
C LEU A 83 0.66 16.54 -4.08
N LYS A 84 -0.23 15.98 -4.87
CA LYS A 84 -1.55 16.55 -5.05
C LYS A 84 -2.56 15.96 -4.07
N ASP A 85 -2.90 14.70 -4.27
CA ASP A 85 -3.94 14.06 -3.45
C ASP A 85 -3.38 12.91 -2.65
N PHE A 86 -2.38 13.20 -1.83
CA PHE A 86 -1.82 12.21 -0.94
C PHE A 86 -1.51 12.76 0.44
N ARG A 87 -2.19 12.18 1.40
CA ARG A 87 -1.91 12.36 2.81
C ARG A 87 -2.58 11.20 3.54
N LEU A 88 -2.71 10.11 2.78
CA LEU A 88 -3.44 8.93 3.21
C LEU A 88 -2.56 7.71 3.08
N PRO A 89 -2.75 6.71 3.96
CA PRO A 89 -2.06 5.43 3.83
C PRO A 89 -2.53 4.68 2.58
N ALA A 90 -1.59 4.38 1.70
CA ALA A 90 -1.90 3.71 0.45
C ALA A 90 -0.78 2.77 0.04
N ILE A 91 -1.04 1.92 -0.94
CA ILE A 91 -0.07 0.95 -1.40
C ILE A 91 0.44 1.31 -2.79
N ALA A 92 1.74 1.52 -2.90
CA ALA A 92 2.34 1.86 -4.18
C ALA A 92 3.13 0.67 -4.73
N ASN A 93 3.05 0.46 -6.04
CA ASN A 93 3.76 -0.66 -6.65
C ASN A 93 5.07 -0.20 -7.24
N VAL A 94 6.16 -0.59 -6.59
CA VAL A 94 7.48 -0.23 -7.04
C VAL A 94 8.18 -1.44 -7.66
N ILE A 95 8.92 -1.20 -8.72
CA ILE A 95 9.61 -2.27 -9.43
C ILE A 95 11.01 -1.80 -9.81
N VAL A 96 12.02 -2.33 -9.12
CA VAL A 96 13.38 -1.86 -9.32
C VAL A 96 13.99 -2.51 -10.56
N ASP A 97 14.52 -1.66 -11.45
CA ASP A 97 15.11 -2.10 -12.73
C ASP A 97 14.10 -2.85 -13.58
N ASN A 98 12.82 -2.64 -13.31
CA ASN A 98 11.74 -3.38 -13.97
C ASN A 98 11.93 -4.88 -13.81
N ARG A 99 12.52 -5.28 -12.68
CA ARG A 99 12.77 -6.67 -12.38
C ARG A 99 12.02 -7.10 -11.13
N LEU A 100 12.53 -6.68 -9.98
CA LEU A 100 11.93 -7.07 -8.70
C LEU A 100 10.75 -6.16 -8.39
N ALA A 101 9.56 -6.74 -8.43
CA ALA A 101 8.33 -6.01 -8.16
C ALA A 101 7.94 -6.14 -6.70
N HIS A 102 7.61 -5.04 -6.06
CA HIS A 102 7.31 -5.02 -4.64
C HIS A 102 6.30 -3.93 -4.31
N PHE A 103 5.46 -4.19 -3.32
CA PHE A 103 4.54 -3.16 -2.83
C PHE A 103 5.12 -2.45 -1.63
N VAL A 104 5.03 -1.13 -1.62
CA VAL A 104 5.41 -0.33 -0.46
C VAL A 104 4.23 0.46 0.07
N VAL A 105 4.21 0.67 1.38
CA VAL A 105 3.15 1.43 2.02
C VAL A 105 3.55 2.89 2.16
N ILE A 106 2.66 3.79 1.78
CA ILE A 106 2.92 5.22 1.92
C ILE A 106 1.95 5.82 2.92
N TYR A 107 2.47 6.64 3.83
CA TYR A 107 1.61 7.28 4.83
C TYR A 107 1.45 8.77 4.56
N SER A 108 2.47 9.40 3.99
CA SER A 108 2.42 10.82 3.71
C SER A 108 3.44 11.21 2.64
N ILE A 109 3.08 12.21 1.85
CA ILE A 109 3.94 12.70 0.77
C ILE A 109 3.92 14.22 0.75
N LYS A 110 5.01 14.82 1.20
CA LYS A 110 5.12 16.27 1.21
C LYS A 110 6.56 16.70 1.14
N ASN A 111 6.80 17.89 0.62
CA ASN A 111 8.14 18.48 0.53
C ASN A 111 9.05 17.58 -0.30
N ARG A 112 8.46 16.95 -1.33
CA ARG A 112 9.17 16.06 -2.26
C ARG A 112 9.65 14.78 -1.58
N ILE A 113 9.23 14.54 -0.34
CA ILE A 113 9.67 13.36 0.39
C ILE A 113 8.49 12.42 0.68
N ILE A 114 8.66 11.16 0.33
CA ILE A 114 7.63 10.16 0.52
C ILE A 114 7.89 9.34 1.78
N THR A 115 6.94 9.31 2.69
CA THR A 115 7.06 8.50 3.89
C THR A 115 6.65 7.06 3.60
N VAL A 116 7.65 6.21 3.39
CA VAL A 116 7.41 4.83 3.03
C VAL A 116 7.56 3.91 4.25
N ALA A 117 6.73 2.89 4.30
CA ALA A 117 6.81 1.90 5.34
C ALA A 117 6.92 0.51 4.72
N ASP A 118 8.03 -0.14 4.99
CA ASP A 118 8.28 -1.49 4.49
C ASP A 118 7.99 -2.48 5.59
N PRO A 119 7.17 -3.51 5.30
CA PRO A 119 6.73 -4.50 6.29
C PRO A 119 7.88 -5.33 6.86
N GLY A 120 9.05 -5.23 6.26
CA GLY A 120 10.21 -5.95 6.77
C GLY A 120 11.27 -5.01 7.28
N LYS A 121 10.94 -3.73 7.35
CA LYS A 121 11.85 -2.72 7.86
C LYS A 121 11.13 -1.82 8.85
N GLY A 122 11.80 -0.78 9.33
CA GLY A 122 11.14 0.19 10.18
C GLY A 122 10.45 1.25 9.36
N ILE A 123 10.87 2.50 9.54
CA ILE A 123 10.33 3.60 8.76
C ILE A 123 11.43 4.17 7.87
N VAL A 124 11.14 4.32 6.59
CA VAL A 124 12.14 4.80 5.65
C VAL A 124 11.53 5.79 4.67
N ARG A 125 12.10 6.99 4.62
CA ARG A 125 11.57 8.03 3.76
C ARG A 125 12.40 8.14 2.49
N TYR A 126 11.73 8.11 1.36
CA TYR A 126 12.39 8.20 0.07
C TYR A 126 12.15 9.56 -0.57
N SER A 127 13.18 10.14 -1.13
CA SER A 127 13.03 11.38 -1.86
C SER A 127 12.53 11.06 -3.27
N MET A 128 11.99 12.05 -3.96
CA MET A 128 11.43 11.83 -5.29
C MET A 128 12.42 11.14 -6.22
N ASP A 129 13.66 11.61 -6.20
CA ASP A 129 14.72 11.01 -7.02
C ASP A 129 14.83 9.52 -6.77
N ASP A 130 14.88 9.14 -5.51
CA ASP A 130 15.07 7.75 -5.12
C ASP A 130 13.80 6.94 -5.40
N PHE A 131 12.66 7.51 -5.05
CA PHE A 131 11.38 6.81 -5.15
C PHE A 131 10.97 6.63 -6.61
N CYS A 132 11.01 7.71 -7.39
CA CYS A 132 10.56 7.66 -8.78
C CYS A 132 11.43 6.75 -9.63
N SER A 133 12.65 6.49 -9.18
CA SER A 133 13.55 5.60 -9.88
C SER A 133 13.07 4.15 -9.78
N ILE A 134 12.51 3.78 -8.64
CA ILE A 134 12.06 2.41 -8.42
C ILE A 134 10.55 2.27 -8.68
N TRP A 135 9.83 3.37 -8.53
CA TRP A 135 8.39 3.36 -8.76
C TRP A 135 8.09 3.45 -10.25
N THR A 136 7.70 2.34 -10.84
CA THR A 136 7.34 2.29 -12.25
C THR A 136 5.94 2.85 -12.46
N GLY A 137 5.05 2.56 -11.52
CA GLY A 137 3.69 3.02 -11.61
C GLY A 137 2.73 2.09 -10.90
N GLY A 138 1.55 2.58 -10.60
CA GLY A 138 0.57 1.76 -9.92
C GLY A 138 0.33 2.24 -8.50
N LEU A 139 -0.88 2.74 -8.26
CA LEU A 139 -1.25 3.26 -6.95
C LEU A 139 -2.58 2.67 -6.49
N VAL A 140 -2.53 1.88 -5.43
CA VAL A 140 -3.75 1.36 -4.83
C VAL A 140 -4.21 2.31 -3.73
N LEU A 141 -5.17 3.16 -4.07
CA LEU A 141 -5.65 4.17 -3.15
C LEU A 141 -6.58 3.56 -2.12
N LEU A 142 -6.23 3.72 -0.85
CA LEU A 142 -7.04 3.22 0.24
C LEU A 142 -7.51 4.38 1.10
N GLU A 143 -8.81 4.43 1.32
CA GLU A 143 -9.44 5.48 2.13
C GLU A 143 -9.15 6.88 1.57
N PRO A 144 -9.96 7.33 0.61
CA PRO A 144 -9.85 8.66 -0.01
C PRO A 144 -10.21 9.80 0.96
N GLY A 145 -9.89 9.61 2.23
CA GLY A 145 -10.24 10.58 3.25
C GLY A 145 -11.19 10.00 4.27
N GLU A 146 -11.73 10.84 5.13
CA GLU A 146 -12.70 10.40 6.12
C GLU A 146 -14.07 10.99 5.83
N ALA A 147 -14.08 12.21 5.30
CA ALA A 147 -15.30 12.90 4.98
C ALA A 147 -15.36 13.22 3.49
N PHE A 148 -15.04 12.24 2.66
CA PHE A 148 -15.07 12.42 1.21
C PHE A 148 -16.47 12.07 0.68
N GLN A 149 -17.16 11.22 1.41
CA GLN A 149 -18.54 10.88 1.10
C GLN A 149 -19.44 11.35 2.24
N LYS A 150 -19.00 11.04 3.45
CA LYS A 150 -19.69 11.47 4.66
C LYS A 150 -19.19 12.83 5.12
N GLY A 151 -19.58 13.22 6.31
CA GLY A 151 -19.12 14.46 6.88
C GLY A 151 -20.09 15.00 7.90
N LEU B 1 -10.20 12.82 -2.11
CA LEU B 1 -8.99 12.35 -2.81
C LEU B 1 -9.34 12.02 -4.25
N ASN B 2 -9.00 12.90 -5.18
CA ASN B 2 -9.26 12.67 -6.59
C ASN B 2 -7.96 12.76 -7.37
N ILE B 3 -7.31 11.63 -7.54
CA ILE B 3 -6.08 11.55 -8.31
C ILE B 3 -6.40 11.44 -9.80
N GLY B 4 -7.42 10.68 -10.11
CA GLY B 4 -7.81 10.49 -11.50
C GLY B 4 -8.87 9.44 -11.66
N ARG B 5 -8.77 8.69 -12.74
CA ARG B 5 -9.75 7.67 -13.06
C ARG B 5 -9.32 6.31 -12.55
N GLU B 6 -10.30 5.44 -12.35
CA GLU B 6 -10.05 4.07 -11.94
C GLU B 6 -9.76 3.24 -13.19
N LEU B 7 -8.58 2.63 -13.22
CA LEU B 7 -8.14 1.93 -14.42
C LEU B 7 -8.78 0.55 -14.55
N THR B 8 -8.24 -0.24 -15.45
CA THR B 8 -8.77 -1.55 -15.74
C THR B 8 -8.12 -2.62 -14.86
N ASP B 9 -8.68 -3.82 -14.88
CA ASP B 9 -8.15 -4.92 -14.07
C ASP B 9 -6.75 -5.29 -14.55
N GLU B 10 -6.50 -5.09 -15.83
CA GLU B 10 -5.20 -5.41 -16.42
C GLU B 10 -4.06 -4.69 -15.71
N GLU B 11 -4.33 -3.45 -15.28
CA GLU B 11 -3.33 -2.67 -14.57
C GLU B 11 -3.02 -3.30 -13.21
N LEU B 12 -4.08 -3.67 -12.50
CA LEU B 12 -3.94 -4.27 -11.18
C LEU B 12 -3.31 -5.66 -11.27
N MET B 13 -3.56 -6.34 -12.39
CA MET B 13 -3.02 -7.68 -12.60
C MET B 13 -1.52 -7.66 -12.83
N GLU B 14 -1.03 -6.62 -13.54
CA GLU B 14 0.39 -6.51 -13.80
C GLU B 14 1.12 -5.94 -12.59
N MET B 15 0.39 -5.23 -11.74
CA MET B 15 0.95 -4.74 -10.51
C MET B 15 1.08 -5.89 -9.53
N THR B 16 2.26 -6.06 -8.97
CA THR B 16 2.54 -7.18 -8.10
C THR B 16 3.64 -6.82 -7.11
N GLY B 17 3.59 -7.40 -5.93
CA GLY B 17 4.47 -7.00 -4.86
C GLY B 17 5.46 -8.05 -4.46
N GLY B 18 5.43 -9.18 -5.15
CA GLY B 18 6.35 -10.26 -4.86
C GLY B 18 6.62 -11.10 -6.08
N SER B 19 6.96 -10.45 -7.19
CA SER B 19 7.18 -11.15 -8.44
C SER B 19 8.38 -10.57 -9.16
N THR B 20 8.94 -11.33 -10.08
CA THR B 20 10.10 -10.88 -10.84
C THR B 20 9.77 -10.78 -12.32
N PHE B 21 9.88 -9.57 -12.85
CA PHE B 21 9.68 -9.34 -14.28
C PHE B 21 11.00 -9.53 -15.01
N SER B 22 11.08 -10.60 -15.78
CA SER B 22 12.30 -10.93 -16.49
C SER B 22 11.97 -11.76 -17.73
N ILE B 23 12.58 -11.40 -18.85
CA ILE B 23 12.41 -12.15 -20.08
C ILE B 23 13.42 -13.29 -20.13
N GLN B 24 12.96 -14.48 -20.47
CA GLN B 24 13.83 -15.64 -20.53
C GLN B 24 14.00 -16.12 -21.97
N SER A 1 11.89 -13.93 17.45
CA SER A 1 10.92 -14.79 18.14
C SER A 1 10.90 -14.47 19.63
N ASN A 2 9.80 -13.90 20.10
CA ASN A 2 9.66 -13.57 21.51
C ASN A 2 8.34 -14.11 22.05
N ALA A 3 8.43 -14.91 23.11
CA ALA A 3 7.26 -15.52 23.74
C ALA A 3 6.51 -16.41 22.74
N MET A 4 5.30 -16.81 23.09
CA MET A 4 4.50 -17.65 22.22
C MET A 4 3.16 -16.98 21.91
N LEU A 5 3.18 -16.10 20.91
CA LEU A 5 2.00 -15.36 20.49
C LEU A 5 1.50 -14.42 21.59
N ARG A 6 2.09 -13.23 21.64
CA ARG A 6 1.65 -12.21 22.57
C ARG A 6 0.35 -11.60 22.09
N ARG A 7 -0.71 -11.83 22.85
CA ARG A 7 -2.06 -11.46 22.43
C ARG A 7 -2.32 -9.97 22.62
N LEU A 8 -3.56 -9.58 22.33
CA LEU A 8 -4.00 -8.18 22.41
C LEU A 8 -3.36 -7.34 21.30
N PHE A 9 -4.20 -6.88 20.39
CA PHE A 9 -3.73 -6.08 19.26
C PHE A 9 -3.03 -4.81 19.77
N LYS A 10 -1.86 -4.55 19.22
CA LYS A 10 -1.01 -3.48 19.72
C LYS A 10 -1.10 -2.24 18.83
N LYS A 11 -0.96 -1.08 19.45
CA LYS A 11 -1.02 0.19 18.73
C LYS A 11 0.37 0.81 18.67
N LYS A 12 0.55 1.76 17.75
CA LYS A 12 1.84 2.40 17.48
C LYS A 12 2.79 1.45 16.75
N TYR A 13 3.16 0.38 17.41
CA TYR A 13 4.03 -0.62 16.81
C TYR A 13 3.33 -1.97 16.73
N VAL A 14 3.18 -2.49 15.52
CA VAL A 14 2.59 -3.79 15.31
C VAL A 14 3.63 -4.74 14.74
N CYS A 15 3.76 -5.92 15.35
CA CYS A 15 4.73 -6.91 14.90
C CYS A 15 4.20 -7.65 13.67
N VAL A 16 4.45 -7.09 12.50
CA VAL A 16 4.05 -7.72 11.26
C VAL A 16 4.93 -8.93 10.99
N ARG A 17 4.31 -10.06 10.67
CA ARG A 17 5.04 -11.29 10.46
C ARG A 17 5.50 -11.41 9.01
N GLN A 18 6.80 -11.43 8.81
CA GLN A 18 7.39 -11.56 7.49
C GLN A 18 7.49 -13.03 7.10
N TYR A 19 7.23 -13.34 5.85
CA TYR A 19 7.34 -14.70 5.35
C TYR A 19 8.09 -14.73 4.02
N ASP A 20 7.44 -14.23 2.98
CA ASP A 20 8.07 -14.16 1.66
C ASP A 20 7.69 -12.84 0.99
N LEU A 21 8.40 -12.50 -0.09
CA LEU A 21 8.14 -11.26 -0.81
C LEU A 21 6.74 -11.28 -1.44
N THR A 22 6.26 -12.48 -1.76
CA THR A 22 4.94 -12.64 -2.34
C THR A 22 3.83 -12.23 -1.37
N ASP A 23 4.12 -12.39 -0.08
CA ASP A 23 3.15 -12.09 0.97
C ASP A 23 3.09 -10.60 1.25
N ALA A 24 4.10 -9.87 0.78
CA ALA A 24 4.21 -8.42 1.00
C ALA A 24 2.92 -7.69 0.68
N GLY A 25 2.22 -8.13 -0.35
CA GLY A 25 0.97 -7.49 -0.73
C GLY A 25 -0.05 -7.50 0.39
N ALA A 26 -0.24 -8.66 1.01
CA ALA A 26 -1.16 -8.79 2.12
C ALA A 26 -0.66 -8.01 3.32
N ALA A 27 0.66 -8.04 3.53
CA ALA A 27 1.27 -7.35 4.64
C ALA A 27 1.09 -5.84 4.52
N CYS A 28 1.13 -5.33 3.30
CA CYS A 28 0.92 -3.92 3.04
C CYS A 28 -0.48 -3.50 3.46
N LEU A 29 -1.48 -4.23 2.98
CA LEU A 29 -2.88 -3.95 3.33
C LEU A 29 -3.08 -4.08 4.84
N SER A 30 -2.45 -5.09 5.42
CA SER A 30 -2.52 -5.31 6.85
C SER A 30 -1.97 -4.11 7.61
N SER A 31 -0.81 -3.60 7.18
CA SER A 31 -0.12 -2.54 7.91
C SER A 31 -0.93 -1.25 7.89
N ILE A 32 -1.74 -1.08 6.87
CA ILE A 32 -2.60 0.08 6.76
C ILE A 32 -3.82 -0.08 7.67
N ALA A 33 -4.44 -1.24 7.61
CA ALA A 33 -5.60 -1.53 8.45
C ALA A 33 -5.21 -1.48 9.93
N GLN A 34 -4.09 -2.08 10.25
CA GLN A 34 -3.58 -2.12 11.62
C GLN A 34 -3.25 -0.70 12.10
N TYR A 35 -2.90 0.18 11.16
CA TYR A 35 -2.53 1.55 11.47
C TYR A 35 -3.75 2.32 11.98
N TYR A 36 -4.92 1.96 11.50
CA TYR A 36 -6.17 2.57 11.95
C TYR A 36 -6.61 1.99 13.28
N GLY A 37 -5.85 1.00 13.77
CA GLY A 37 -6.17 0.40 15.05
C GLY A 37 -7.10 -0.79 14.90
N LEU A 38 -7.21 -1.30 13.68
CA LEU A 38 -8.12 -2.39 13.39
C LEU A 38 -7.45 -3.73 13.66
N LYS A 39 -8.16 -4.61 14.34
CA LYS A 39 -7.64 -5.92 14.67
C LYS A 39 -7.82 -6.89 13.50
N MET A 40 -6.96 -6.77 12.51
CA MET A 40 -6.99 -7.65 11.37
C MET A 40 -5.74 -8.51 11.31
N SER A 41 -5.93 -9.81 11.23
CA SER A 41 -4.82 -10.75 11.16
C SER A 41 -4.33 -10.86 9.72
N LEU A 42 -3.01 -10.75 9.55
CA LEU A 42 -2.40 -10.77 8.23
C LEU A 42 -2.57 -12.12 7.57
N ALA A 43 -2.73 -13.16 8.39
CA ALA A 43 -3.00 -14.50 7.87
C ALA A 43 -4.32 -14.51 7.12
N LYS A 44 -5.32 -13.84 7.70
CA LYS A 44 -6.62 -13.72 7.08
C LYS A 44 -6.54 -12.82 5.85
N ILE A 45 -5.71 -11.78 5.94
CA ILE A 45 -5.54 -10.84 4.83
C ILE A 45 -4.94 -11.55 3.61
N ARG A 46 -4.11 -12.56 3.86
CA ARG A 46 -3.51 -13.34 2.78
C ARG A 46 -4.57 -14.04 1.95
N GLU A 47 -5.49 -14.73 2.62
CA GLU A 47 -6.56 -15.43 1.92
C GLU A 47 -7.61 -14.46 1.39
N MET A 48 -7.69 -13.29 2.03
CA MET A 48 -8.58 -12.22 1.57
C MET A 48 -8.09 -11.65 0.24
N THR A 49 -6.80 -11.39 0.16
CA THR A 49 -6.23 -10.78 -1.04
C THR A 49 -5.86 -11.81 -2.09
N GLY A 50 -6.04 -13.08 -1.74
CA GLY A 50 -5.71 -14.16 -2.65
C GLY A 50 -4.23 -14.23 -2.91
N THR A 51 -3.44 -14.06 -1.85
CA THR A 51 -1.98 -13.97 -1.95
C THR A 51 -1.41 -15.02 -2.90
N ASP A 52 -0.76 -14.54 -3.95
CA ASP A 52 -0.25 -15.39 -5.00
C ASP A 52 1.13 -15.89 -4.66
N THR A 53 1.36 -17.18 -4.85
CA THR A 53 2.64 -17.80 -4.54
C THR A 53 3.70 -17.39 -5.56
N GLN A 54 3.26 -16.87 -6.71
CA GLN A 54 4.18 -16.36 -7.72
C GLN A 54 4.34 -14.85 -7.57
N GLY A 55 3.53 -14.25 -6.71
CA GLY A 55 3.58 -12.83 -6.50
C GLY A 55 2.21 -12.21 -6.50
N THR A 56 1.74 -11.83 -5.32
CA THR A 56 0.42 -11.22 -5.17
C THR A 56 0.27 -10.01 -6.08
N ASN A 57 -0.75 -10.05 -6.92
CA ASN A 57 -1.02 -8.99 -7.86
C ASN A 57 -1.94 -7.96 -7.23
N ALA A 58 -1.90 -6.75 -7.76
CA ALA A 58 -2.58 -5.62 -7.16
C ALA A 58 -4.10 -5.69 -7.31
N TYR A 59 -4.58 -6.55 -8.21
CA TYR A 59 -6.00 -6.71 -8.41
C TYR A 59 -6.61 -7.48 -7.25
N GLY A 60 -5.81 -8.35 -6.63
CA GLY A 60 -6.27 -9.06 -5.46
C GLY A 60 -6.42 -8.15 -4.27
N LEU A 61 -5.56 -7.14 -4.20
CA LEU A 61 -5.59 -6.16 -3.13
C LEU A 61 -6.88 -5.35 -3.18
N ILE A 62 -7.15 -4.74 -4.32
CA ILE A 62 -8.34 -3.91 -4.50
C ILE A 62 -9.61 -4.73 -4.26
N HIS A 63 -9.60 -5.96 -4.75
CA HIS A 63 -10.74 -6.87 -4.61
C HIS A 63 -11.05 -7.14 -3.14
N ALA A 64 -10.01 -7.36 -2.35
CA ALA A 64 -10.17 -7.63 -0.93
C ALA A 64 -10.56 -6.37 -0.17
N ALA A 65 -9.92 -5.26 -0.51
CA ALA A 65 -10.15 -4.00 0.17
C ALA A 65 -11.58 -3.51 0.00
N LYS A 66 -12.14 -3.73 -1.19
CA LYS A 66 -13.52 -3.34 -1.48
C LYS A 66 -14.50 -4.17 -0.64
N GLN A 67 -14.08 -5.37 -0.25
CA GLN A 67 -14.89 -6.22 0.61
C GLN A 67 -14.80 -5.76 2.05
N LEU A 68 -13.62 -5.28 2.44
CA LEU A 68 -13.37 -4.80 3.80
C LEU A 68 -14.09 -3.49 4.06
N GLY A 69 -14.33 -2.74 3.01
CA GLY A 69 -14.92 -1.42 3.15
C GLY A 69 -13.88 -0.35 2.97
N PHE A 70 -12.66 -0.76 2.73
CA PHE A 70 -11.55 0.17 2.48
C PHE A 70 -11.73 0.90 1.16
N SER A 71 -12.55 0.36 0.28
CA SER A 71 -12.88 1.00 -1.01
C SER A 71 -11.61 1.37 -1.76
N ALA A 72 -11.02 0.39 -2.41
CA ALA A 72 -9.76 0.59 -3.10
C ALA A 72 -9.98 0.89 -4.57
N LYS A 73 -9.07 1.64 -5.16
CA LYS A 73 -9.12 1.94 -6.57
C LYS A 73 -7.71 1.95 -7.16
N GLY A 74 -7.49 1.13 -8.16
CA GLY A 74 -6.19 1.07 -8.81
C GLY A 74 -6.03 2.16 -9.83
N VAL A 75 -5.30 3.21 -9.45
CA VAL A 75 -5.13 4.36 -10.32
C VAL A 75 -3.66 4.55 -10.65
N LYS A 76 -3.39 5.46 -11.57
CA LYS A 76 -2.03 5.82 -11.90
C LYS A 76 -1.91 7.33 -12.02
N ALA A 77 -0.79 7.87 -11.56
CA ALA A 77 -0.57 9.31 -11.56
C ALA A 77 0.91 9.61 -11.73
N SER A 78 1.29 10.87 -11.56
CA SER A 78 2.69 11.24 -11.67
C SER A 78 3.25 11.63 -10.30
N LYS A 79 4.56 11.81 -10.23
CA LYS A 79 5.21 12.20 -8.98
C LYS A 79 4.61 13.49 -8.40
N GLU A 80 4.25 14.41 -9.29
CA GLU A 80 3.74 15.71 -8.88
C GLU A 80 2.36 15.61 -8.23
N ASP A 81 1.60 14.59 -8.61
CA ASP A 81 0.25 14.40 -8.07
C ASP A 81 0.31 13.94 -6.63
N LEU A 82 1.45 13.35 -6.26
CA LEU A 82 1.63 12.78 -4.94
C LEU A 82 1.69 13.86 -3.86
N LEU A 83 2.04 15.08 -4.27
CA LEU A 83 2.15 16.20 -3.35
C LEU A 83 0.79 16.83 -3.06
N LYS A 84 -0.23 16.35 -3.74
CA LYS A 84 -1.55 16.96 -3.63
C LYS A 84 -2.60 15.97 -3.15
N ASP A 85 -2.80 14.89 -3.89
CA ASP A 85 -3.93 14.02 -3.65
C ASP A 85 -3.58 12.84 -2.74
N PHE A 86 -2.53 13.00 -1.96
CA PHE A 86 -2.19 11.99 -0.95
C PHE A 86 -2.05 12.58 0.44
N ARG A 87 -3.04 12.29 1.25
CA ARG A 87 -2.97 12.48 2.69
C ARG A 87 -3.37 11.18 3.37
N LEU A 88 -3.46 10.12 2.57
CA LEU A 88 -3.95 8.83 3.04
C LEU A 88 -2.91 7.74 2.81
N PRO A 89 -2.85 6.75 3.71
CA PRO A 89 -1.99 5.59 3.54
C PRO A 89 -2.54 4.64 2.47
N ALA A 90 -1.71 4.37 1.46
CA ALA A 90 -2.13 3.55 0.34
C ALA A 90 -1.00 2.60 -0.09
N ILE A 91 -1.31 1.71 -1.01
CA ILE A 91 -0.33 0.75 -1.49
C ILE A 91 0.18 1.14 -2.88
N ALA A 92 1.48 1.29 -3.02
CA ALA A 92 2.07 1.64 -4.30
C ALA A 92 3.03 0.55 -4.77
N ASN A 93 3.14 0.40 -6.08
CA ASN A 93 4.01 -0.61 -6.65
C ASN A 93 5.33 -0.02 -7.08
N VAL A 94 6.40 -0.45 -6.43
CA VAL A 94 7.73 -0.02 -6.81
C VAL A 94 8.45 -1.18 -7.49
N ILE A 95 9.16 -0.86 -8.57
CA ILE A 95 9.83 -1.88 -9.35
C ILE A 95 11.30 -1.52 -9.51
N VAL A 96 12.17 -2.34 -8.94
CA VAL A 96 13.59 -2.07 -8.97
C VAL A 96 14.18 -2.50 -10.30
N ASP A 97 14.51 -1.53 -11.14
CA ASP A 97 15.23 -1.79 -12.38
C ASP A 97 14.42 -2.69 -13.31
N ASN A 98 13.09 -2.61 -13.18
CA ASN A 98 12.15 -3.43 -13.97
C ASN A 98 12.30 -4.91 -13.63
N ARG A 99 13.06 -5.21 -12.58
CA ARG A 99 13.33 -6.58 -12.21
C ARG A 99 12.36 -7.07 -11.16
N LEU A 100 12.53 -6.58 -9.94
CA LEU A 100 11.68 -7.00 -8.83
C LEU A 100 10.56 -6.00 -8.61
N ALA A 101 9.34 -6.49 -8.64
CA ALA A 101 8.16 -5.68 -8.37
C ALA A 101 7.71 -5.92 -6.93
N HIS A 102 7.60 -4.84 -6.17
CA HIS A 102 7.27 -4.95 -4.75
C HIS A 102 6.29 -3.85 -4.35
N PHE A 103 5.49 -4.11 -3.33
CA PHE A 103 4.57 -3.12 -2.82
C PHE A 103 5.13 -2.45 -1.57
N VAL A 104 5.03 -1.14 -1.53
CA VAL A 104 5.37 -0.38 -0.33
C VAL A 104 4.16 0.41 0.16
N VAL A 105 4.07 0.61 1.47
CA VAL A 105 2.97 1.34 2.07
C VAL A 105 3.28 2.84 2.09
N ILE A 106 2.52 3.61 1.35
CA ILE A 106 2.73 5.05 1.28
C ILE A 106 1.88 5.74 2.34
N TYR A 107 2.53 6.34 3.32
CA TYR A 107 1.81 7.04 4.38
C TYR A 107 1.49 8.47 3.98
N SER A 108 2.52 9.25 3.66
CA SER A 108 2.32 10.64 3.29
C SER A 108 3.47 11.13 2.42
N ILE A 109 3.15 11.94 1.42
CA ILE A 109 4.17 12.56 0.58
C ILE A 109 4.16 14.06 0.81
N LYS A 110 5.31 14.60 1.19
CA LYS A 110 5.43 16.02 1.46
C LYS A 110 6.88 16.46 1.33
N ASN A 111 7.09 17.69 0.87
CA ASN A 111 8.44 18.25 0.71
C ASN A 111 9.26 17.42 -0.26
N ARG A 112 8.58 16.85 -1.26
CA ARG A 112 9.19 15.96 -2.26
C ARG A 112 9.68 14.66 -1.63
N ILE A 113 9.27 14.40 -0.40
CA ILE A 113 9.69 13.20 0.31
C ILE A 113 8.51 12.26 0.52
N ILE A 114 8.68 11.02 0.08
CA ILE A 114 7.65 10.01 0.19
C ILE A 114 7.93 9.13 1.41
N THR A 115 7.18 9.34 2.47
CA THR A 115 7.34 8.55 3.69
C THR A 115 6.57 7.24 3.57
N VAL A 116 7.30 6.13 3.51
CA VAL A 116 6.67 4.84 3.30
C VAL A 116 7.04 3.84 4.39
N ALA A 117 6.40 2.69 4.35
CA ALA A 117 6.72 1.60 5.23
C ALA A 117 6.87 0.31 4.44
N ASP A 118 7.85 -0.49 4.81
CA ASP A 118 8.13 -1.73 4.11
C ASP A 118 7.75 -2.91 4.98
N PRO A 119 7.08 -3.93 4.40
CA PRO A 119 6.66 -5.13 5.12
C PRO A 119 7.82 -5.85 5.81
N GLY A 120 9.01 -5.71 5.26
CA GLY A 120 10.17 -6.36 5.84
C GLY A 120 11.02 -5.40 6.63
N LYS A 121 11.17 -4.18 6.12
CA LYS A 121 11.95 -3.16 6.79
C LYS A 121 11.07 -2.39 7.78
N GLY A 122 11.61 -1.34 8.38
CA GLY A 122 10.80 -0.51 9.25
C GLY A 122 10.18 0.64 8.48
N ILE A 123 10.28 1.84 9.03
CA ILE A 123 9.77 3.03 8.35
C ILE A 123 10.89 3.68 7.56
N VAL A 124 10.70 3.80 6.26
CA VAL A 124 11.72 4.32 5.37
C VAL A 124 11.16 5.46 4.52
N ARG A 125 11.93 6.52 4.35
CA ARG A 125 11.47 7.66 3.57
C ARG A 125 12.35 7.85 2.35
N TYR A 126 11.72 7.92 1.18
CA TYR A 126 12.44 8.09 -0.06
C TYR A 126 12.18 9.47 -0.64
N SER A 127 13.23 10.12 -1.13
CA SER A 127 13.07 11.37 -1.83
C SER A 127 12.54 11.10 -3.24
N MET A 128 11.98 12.09 -3.89
CA MET A 128 11.50 11.92 -5.27
C MET A 128 12.60 11.35 -6.15
N ASP A 129 13.83 11.77 -5.87
CA ASP A 129 15.00 11.30 -6.60
C ASP A 129 15.07 9.79 -6.60
N ASP A 130 14.87 9.19 -5.43
CA ASP A 130 14.95 7.75 -5.27
C ASP A 130 13.66 7.09 -5.72
N PHE A 131 12.54 7.64 -5.26
CA PHE A 131 11.23 7.06 -5.47
C PHE A 131 10.90 6.92 -6.95
N CYS A 132 11.04 8.01 -7.71
CA CYS A 132 10.68 8.03 -9.11
C CYS A 132 11.54 7.08 -9.95
N SER A 133 12.70 6.73 -9.42
CA SER A 133 13.63 5.87 -10.13
C SER A 133 13.15 4.41 -10.15
N ILE A 134 12.35 4.03 -9.16
CA ILE A 134 11.85 2.66 -9.08
C ILE A 134 10.33 2.62 -9.21
N TRP A 135 9.67 3.70 -8.85
CA TRP A 135 8.22 3.76 -8.99
C TRP A 135 7.86 4.16 -10.42
N THR A 136 7.48 3.18 -11.20
CA THR A 136 7.09 3.41 -12.58
C THR A 136 5.60 3.72 -12.68
N GLY A 137 4.84 3.20 -11.74
CA GLY A 137 3.41 3.45 -11.71
C GLY A 137 2.69 2.43 -10.88
N GLY A 138 1.37 2.56 -10.78
CA GLY A 138 0.59 1.63 -10.00
C GLY A 138 0.30 2.13 -8.61
N LEU A 139 -0.83 2.80 -8.44
CA LEU A 139 -1.22 3.33 -7.15
C LEU A 139 -2.57 2.76 -6.72
N VAL A 140 -2.55 1.93 -5.69
CA VAL A 140 -3.79 1.39 -5.14
C VAL A 140 -4.20 2.21 -3.93
N LEU A 141 -5.08 3.18 -4.15
CA LEU A 141 -5.51 4.08 -3.09
C LEU A 141 -6.61 3.47 -2.25
N LEU A 142 -6.54 3.73 -0.96
CA LEU A 142 -7.54 3.25 -0.01
C LEU A 142 -8.23 4.44 0.63
N GLU A 143 -9.55 4.42 0.67
CA GLU A 143 -10.30 5.52 1.25
C GLU A 143 -11.33 5.00 2.25
N PRO A 144 -10.87 4.73 3.48
CA PRO A 144 -11.72 4.21 4.55
C PRO A 144 -12.60 5.29 5.17
N GLY A 145 -13.83 5.40 4.68
CA GLY A 145 -14.78 6.32 5.26
C GLY A 145 -15.54 5.68 6.40
N GLU A 146 -16.33 4.67 6.07
CA GLU A 146 -17.05 3.91 7.08
C GLU A 146 -17.22 2.47 6.61
N ALA A 147 -17.69 1.61 7.51
CA ALA A 147 -17.88 0.18 7.22
C ALA A 147 -16.57 -0.46 6.79
N PHE A 148 -15.48 -0.06 7.44
CA PHE A 148 -14.17 -0.61 7.13
C PHE A 148 -13.49 -1.15 8.39
N GLN A 149 -14.05 -0.80 9.55
CA GLN A 149 -13.44 -1.13 10.83
C GLN A 149 -13.73 -2.56 11.25
N LYS A 150 -14.62 -3.21 10.52
CA LYS A 150 -15.01 -4.58 10.83
C LYS A 150 -14.47 -5.54 9.78
N GLY A 151 -14.31 -6.79 10.17
CA GLY A 151 -13.79 -7.79 9.28
C GLY A 151 -14.12 -9.18 9.75
N LEU B 1 -11.15 9.19 -3.38
CA LEU B 1 -9.82 9.76 -3.70
C LEU B 1 -9.57 9.74 -5.20
N ASN B 2 -9.68 10.90 -5.83
CA ASN B 2 -9.47 11.02 -7.26
C ASN B 2 -8.16 11.74 -7.55
N ILE B 3 -7.07 11.00 -7.42
CA ILE B 3 -5.74 11.52 -7.68
C ILE B 3 -5.46 11.58 -9.18
N GLY B 4 -6.16 10.74 -9.93
CA GLY B 4 -5.99 10.70 -11.36
C GLY B 4 -6.98 9.75 -12.00
N ARG B 5 -6.54 9.09 -13.06
CA ARG B 5 -7.39 8.13 -13.74
C ARG B 5 -7.14 6.73 -13.20
N GLU B 6 -8.14 5.87 -13.35
CA GLU B 6 -8.06 4.52 -12.82
C GLU B 6 -7.73 3.54 -13.93
N LEU B 7 -6.99 2.50 -13.59
CA LEU B 7 -6.59 1.49 -14.55
C LEU B 7 -7.65 0.42 -14.62
N THR B 8 -7.32 -0.71 -15.25
CA THR B 8 -8.27 -1.80 -15.38
C THR B 8 -7.71 -3.06 -14.71
N ASP B 9 -8.53 -4.09 -14.57
CA ASP B 9 -8.15 -5.30 -13.85
C ASP B 9 -6.87 -5.92 -14.43
N GLU B 10 -6.78 -5.92 -15.76
CA GLU B 10 -5.62 -6.47 -16.45
C GLU B 10 -4.32 -5.80 -16.02
N GLU B 11 -4.38 -4.50 -15.75
CA GLU B 11 -3.20 -3.74 -15.37
C GLU B 11 -2.74 -4.11 -13.97
N LEU B 12 -3.69 -4.09 -13.03
CA LEU B 12 -3.39 -4.41 -11.64
C LEU B 12 -2.87 -5.84 -11.49
N MET B 13 -3.31 -6.71 -12.39
CA MET B 13 -2.92 -8.11 -12.34
C MET B 13 -1.47 -8.30 -12.82
N GLU B 14 -0.96 -7.34 -13.58
CA GLU B 14 0.41 -7.41 -14.06
C GLU B 14 1.37 -6.84 -13.03
N MET B 15 0.92 -5.83 -12.28
CA MET B 15 1.73 -5.25 -11.23
C MET B 15 1.60 -6.10 -9.97
N THR B 16 2.70 -6.28 -9.27
CA THR B 16 2.76 -7.26 -8.19
C THR B 16 3.67 -6.79 -7.07
N GLY B 17 3.50 -7.39 -5.91
CA GLY B 17 4.25 -6.98 -4.74
C GLY B 17 5.35 -7.93 -4.38
N GLY B 18 5.50 -8.99 -5.16
CA GLY B 18 6.53 -9.96 -4.90
C GLY B 18 6.80 -10.85 -6.09
N SER B 19 6.92 -10.24 -7.26
CA SER B 19 7.18 -10.97 -8.48
C SER B 19 8.28 -10.30 -9.27
N THR B 20 8.88 -11.04 -10.19
CA THR B 20 9.95 -10.51 -11.02
C THR B 20 9.58 -10.60 -12.49
N PHE B 21 10.15 -9.72 -13.29
CA PHE B 21 9.96 -9.76 -14.73
C PHE B 21 11.24 -10.18 -15.41
N SER B 22 11.23 -11.39 -15.98
CA SER B 22 12.42 -11.92 -16.63
C SER B 22 12.45 -11.52 -18.11
N ILE B 23 11.29 -11.59 -18.74
CA ILE B 23 11.16 -11.25 -20.15
C ILE B 23 9.80 -10.62 -20.43
N GLN B 24 9.82 -9.40 -20.96
CA GLN B 24 8.59 -8.68 -21.25
C GLN B 24 8.81 -7.72 -22.41
N SER A 1 19.51 -3.42 37.99
CA SER A 1 18.93 -4.44 37.10
C SER A 1 19.08 -4.04 35.65
N ASN A 2 19.88 -4.80 34.90
CA ASN A 2 20.12 -4.52 33.49
C ASN A 2 19.44 -5.56 32.60
N ALA A 3 19.01 -6.66 33.20
CA ALA A 3 18.37 -7.73 32.46
C ALA A 3 16.88 -7.44 32.28
N MET A 4 16.59 -6.30 31.68
CA MET A 4 15.21 -5.87 31.49
C MET A 4 14.75 -6.20 30.08
N LEU A 5 15.54 -5.78 29.09
CA LEU A 5 15.22 -6.00 27.68
C LEU A 5 13.85 -5.41 27.34
N ARG A 6 13.68 -4.13 27.65
CA ARG A 6 12.43 -3.44 27.38
C ARG A 6 12.45 -2.85 25.98
N ARG A 7 11.32 -2.89 25.32
CA ARG A 7 11.18 -2.31 24.00
C ARG A 7 10.16 -1.17 24.03
N LEU A 8 8.91 -1.51 24.36
CA LEU A 8 7.81 -0.55 24.42
C LEU A 8 7.71 0.22 23.11
N PHE A 9 7.14 -0.42 22.10
CA PHE A 9 7.06 0.14 20.77
C PHE A 9 5.91 1.14 20.65
N LYS A 10 5.18 1.32 21.75
CA LYS A 10 4.04 2.24 21.84
C LYS A 10 2.83 1.71 21.07
N LYS A 11 1.68 1.77 21.71
CA LYS A 11 0.47 1.14 21.19
C LYS A 11 -0.08 1.88 19.96
N LYS A 12 0.39 3.11 19.76
CA LYS A 12 -0.01 3.87 18.57
C LYS A 12 0.61 3.25 17.32
N TYR A 13 1.78 2.63 17.51
CA TYR A 13 2.47 1.95 16.44
C TYR A 13 2.08 0.48 16.39
N VAL A 14 1.72 0.01 15.21
CA VAL A 14 1.32 -1.39 15.05
C VAL A 14 2.54 -2.24 14.71
N CYS A 15 2.83 -3.21 15.57
CA CYS A 15 3.98 -4.07 15.38
C CYS A 15 3.62 -5.25 14.46
N VAL A 16 3.49 -4.96 13.18
CA VAL A 16 3.16 -5.97 12.18
C VAL A 16 4.39 -6.84 11.90
N ARG A 17 4.15 -8.12 11.68
CA ARG A 17 5.24 -9.06 11.38
C ARG A 17 5.07 -9.62 9.98
N GLN A 18 5.98 -9.25 9.08
CA GLN A 18 5.93 -9.74 7.70
C GLN A 18 6.58 -11.12 7.62
N TYR A 19 6.01 -11.99 6.81
CA TYR A 19 6.48 -13.37 6.76
C TYR A 19 7.19 -13.70 5.46
N ASP A 20 6.68 -13.22 4.34
CA ASP A 20 7.26 -13.60 3.05
C ASP A 20 7.34 -12.43 2.09
N LEU A 21 7.89 -12.68 0.90
CA LEU A 21 8.01 -11.65 -0.13
C LEU A 21 6.67 -11.47 -0.82
N THR A 22 6.00 -12.59 -1.10
CA THR A 22 4.68 -12.57 -1.68
C THR A 22 3.68 -12.03 -0.66
N ASP A 23 3.92 -12.38 0.61
CA ASP A 23 3.11 -11.96 1.74
C ASP A 23 3.13 -10.44 1.91
N ALA A 24 4.12 -9.78 1.30
CA ALA A 24 4.24 -8.33 1.36
C ALA A 24 2.94 -7.63 1.04
N GLY A 25 2.19 -8.16 0.07
CA GLY A 25 0.93 -7.57 -0.31
C GLY A 25 -0.06 -7.54 0.82
N ALA A 26 -0.11 -8.63 1.58
CA ALA A 26 -1.01 -8.75 2.72
C ALA A 26 -0.56 -7.83 3.85
N ALA A 27 0.74 -7.77 4.05
CA ALA A 27 1.33 -6.93 5.09
C ALA A 27 1.06 -5.45 4.82
N CYS A 28 1.13 -5.05 3.54
CA CYS A 28 0.89 -3.66 3.16
C CYS A 28 -0.52 -3.22 3.52
N LEU A 29 -1.50 -4.04 3.16
CA LEU A 29 -2.90 -3.73 3.46
C LEU A 29 -3.10 -3.68 4.98
N SER A 30 -2.46 -4.61 5.68
CA SER A 30 -2.59 -4.70 7.13
C SER A 30 -1.88 -3.53 7.83
N SER A 31 -0.84 -3.00 7.21
CA SER A 31 -0.08 -1.88 7.79
C SER A 31 -1.00 -0.67 7.91
N ILE A 32 -1.83 -0.47 6.90
CA ILE A 32 -2.76 0.64 6.87
C ILE A 32 -4.00 0.32 7.67
N ALA A 33 -4.56 -0.86 7.42
CA ALA A 33 -5.74 -1.35 8.12
C ALA A 33 -5.58 -1.30 9.63
N GLN A 34 -4.55 -1.97 10.14
CA GLN A 34 -4.36 -2.07 11.58
C GLN A 34 -3.90 -0.74 12.17
N TYR A 35 -3.36 0.14 11.34
CA TYR A 35 -2.98 1.47 11.78
C TYR A 35 -4.23 2.30 12.09
N TYR A 36 -5.26 2.13 11.26
CA TYR A 36 -6.53 2.81 11.49
C TYR A 36 -7.37 2.07 12.50
N GLY A 37 -6.95 0.85 12.83
CA GLY A 37 -7.54 0.15 13.95
C GLY A 37 -8.44 -1.01 13.57
N LEU A 38 -8.55 -1.32 12.28
CA LEU A 38 -9.33 -2.49 11.89
C LEU A 38 -8.48 -3.72 12.09
N LYS A 39 -8.87 -4.55 13.03
CA LYS A 39 -8.06 -5.68 13.44
C LYS A 39 -8.26 -6.85 12.49
N MET A 40 -7.69 -6.72 11.31
CA MET A 40 -7.66 -7.82 10.37
C MET A 40 -6.23 -8.31 10.19
N SER A 41 -5.99 -9.54 10.62
CA SER A 41 -4.68 -10.16 10.53
C SER A 41 -4.29 -10.38 9.08
N LEU A 42 -3.01 -10.15 8.78
CA LEU A 42 -2.49 -10.26 7.42
C LEU A 42 -2.69 -11.66 6.86
N ALA A 43 -2.78 -12.64 7.75
CA ALA A 43 -3.06 -14.02 7.37
C ALA A 43 -4.40 -14.11 6.66
N LYS A 44 -5.35 -13.31 7.13
CA LYS A 44 -6.69 -13.28 6.55
C LYS A 44 -6.66 -12.54 5.23
N ILE A 45 -5.93 -11.45 5.20
CA ILE A 45 -5.80 -10.68 3.97
C ILE A 45 -5.12 -11.52 2.90
N ARG A 46 -4.18 -12.35 3.33
CA ARG A 46 -3.44 -13.23 2.44
C ARG A 46 -4.39 -14.17 1.68
N GLU A 47 -5.32 -14.78 2.40
CA GLU A 47 -6.28 -15.69 1.78
C GLU A 47 -7.32 -14.92 0.98
N MET A 48 -7.71 -13.75 1.49
CA MET A 48 -8.77 -12.95 0.88
C MET A 48 -8.30 -12.32 -0.44
N THR A 49 -7.01 -12.09 -0.57
CA THR A 49 -6.49 -11.44 -1.77
C THR A 49 -6.18 -12.45 -2.85
N GLY A 50 -6.36 -13.73 -2.54
CA GLY A 50 -6.06 -14.77 -3.50
C GLY A 50 -4.58 -14.82 -3.80
N THR A 51 -3.76 -14.69 -2.77
CA THR A 51 -2.31 -14.58 -2.91
C THR A 51 -1.75 -15.63 -3.85
N ASP A 52 -1.13 -15.13 -4.92
CA ASP A 52 -0.57 -15.97 -5.97
C ASP A 52 0.84 -16.41 -5.61
N THR A 53 1.13 -17.67 -5.90
CA THR A 53 2.45 -18.25 -5.61
C THR A 53 3.60 -17.39 -6.14
N GLN A 54 3.36 -16.63 -7.22
CA GLN A 54 4.39 -15.72 -7.73
C GLN A 54 4.41 -14.44 -6.92
N GLY A 55 3.24 -14.04 -6.44
CA GLY A 55 3.13 -12.82 -5.67
C GLY A 55 1.72 -12.27 -5.64
N THR A 56 1.37 -11.59 -4.57
CA THR A 56 0.06 -10.97 -4.45
C THR A 56 -0.06 -9.76 -5.36
N ASN A 57 -0.85 -9.90 -6.40
CA ASN A 57 -1.12 -8.80 -7.31
C ASN A 57 -2.15 -7.85 -6.72
N ALA A 58 -2.12 -6.61 -7.18
CA ALA A 58 -2.94 -5.54 -6.60
C ALA A 58 -4.44 -5.77 -6.84
N TYR A 59 -4.76 -6.63 -7.79
CA TYR A 59 -6.16 -6.97 -8.03
C TYR A 59 -6.72 -7.73 -6.84
N GLY A 60 -5.87 -8.52 -6.19
CA GLY A 60 -6.27 -9.23 -5.00
C GLY A 60 -6.55 -8.29 -3.85
N LEU A 61 -5.74 -7.23 -3.76
CA LEU A 61 -5.89 -6.23 -2.71
C LEU A 61 -7.26 -5.57 -2.78
N ILE A 62 -7.60 -5.07 -3.96
CA ILE A 62 -8.87 -4.38 -4.15
C ILE A 62 -10.04 -5.34 -3.95
N HIS A 63 -9.88 -6.57 -4.39
CA HIS A 63 -10.92 -7.58 -4.27
C HIS A 63 -11.15 -7.95 -2.81
N ALA A 64 -10.08 -7.98 -2.02
CA ALA A 64 -10.18 -8.31 -0.61
C ALA A 64 -10.78 -7.16 0.19
N ALA A 65 -10.26 -5.96 -0.04
CA ALA A 65 -10.68 -4.78 0.69
C ALA A 65 -12.16 -4.49 0.48
N LYS A 66 -12.62 -4.63 -0.76
CA LYS A 66 -14.02 -4.35 -1.09
C LYS A 66 -14.97 -5.31 -0.39
N GLN A 67 -14.45 -6.47 0.01
CA GLN A 67 -15.25 -7.46 0.73
C GLN A 67 -15.36 -7.08 2.21
N LEU A 68 -14.53 -6.12 2.63
CA LEU A 68 -14.55 -5.65 4.00
C LEU A 68 -15.29 -4.33 4.10
N GLY A 69 -15.77 -3.85 2.97
CA GLY A 69 -16.37 -2.52 2.91
C GLY A 69 -15.29 -1.45 2.86
N PHE A 70 -14.04 -1.90 2.81
CA PHE A 70 -12.90 -1.00 2.77
C PHE A 70 -12.65 -0.57 1.33
N SER A 71 -13.03 0.66 0.99
CA SER A 71 -12.94 1.14 -0.38
C SER A 71 -11.52 1.13 -0.90
N ALA A 72 -11.29 0.35 -1.95
CA ALA A 72 -9.98 0.23 -2.55
C ALA A 72 -10.07 0.45 -4.05
N LYS A 73 -9.02 1.02 -4.63
CA LYS A 73 -8.97 1.23 -6.07
C LYS A 73 -7.54 1.34 -6.55
N GLY A 74 -7.31 0.93 -7.78
CA GLY A 74 -5.99 1.01 -8.38
C GLY A 74 -5.94 2.09 -9.43
N VAL A 75 -5.12 3.09 -9.19
CA VAL A 75 -5.04 4.25 -10.07
C VAL A 75 -3.66 4.39 -10.68
N LYS A 76 -3.60 5.11 -11.78
CA LYS A 76 -2.33 5.38 -12.45
C LYS A 76 -2.13 6.89 -12.58
N ALA A 77 -1.51 7.46 -11.56
CA ALA A 77 -1.27 8.90 -11.52
C ALA A 77 0.19 9.20 -11.86
N SER A 78 0.57 10.46 -11.73
CA SER A 78 1.94 10.86 -12.01
C SER A 78 2.67 11.22 -10.72
N LYS A 79 3.99 11.35 -10.81
CA LYS A 79 4.81 11.68 -9.65
C LYS A 79 4.42 13.02 -9.03
N GLU A 80 3.91 13.93 -9.85
CA GLU A 80 3.54 15.25 -9.36
C GLU A 80 2.23 15.22 -8.59
N ASP A 81 1.44 14.16 -8.77
CA ASP A 81 0.18 14.02 -8.06
C ASP A 81 0.41 13.69 -6.60
N LEU A 82 1.60 13.18 -6.30
CA LEU A 82 1.96 12.75 -4.96
C LEU A 82 1.96 13.94 -4.00
N LEU A 83 2.15 15.13 -4.54
CA LEU A 83 2.23 16.34 -3.73
C LEU A 83 0.83 16.87 -3.39
N LYS A 84 -0.18 16.36 -4.07
CA LYS A 84 -1.53 16.84 -3.87
C LYS A 84 -2.40 15.80 -3.16
N ASP A 85 -2.63 14.69 -3.83
CA ASP A 85 -3.68 13.74 -3.42
C ASP A 85 -3.14 12.64 -2.52
N PHE A 86 -2.13 12.95 -1.72
CA PHE A 86 -1.66 12.01 -0.72
C PHE A 86 -1.55 12.62 0.65
N ARG A 87 -2.48 12.22 1.49
CA ARG A 87 -2.48 12.56 2.89
C ARG A 87 -2.79 11.30 3.66
N LEU A 88 -2.84 10.19 2.93
CA LEU A 88 -3.31 8.91 3.46
C LEU A 88 -2.29 7.83 3.13
N PRO A 89 -2.08 6.89 4.07
CA PRO A 89 -1.27 5.71 3.81
C PRO A 89 -1.90 4.83 2.74
N ALA A 90 -1.17 4.59 1.67
CA ALA A 90 -1.66 3.79 0.56
C ALA A 90 -0.59 2.83 0.06
N ILE A 91 -1.00 1.85 -0.72
CA ILE A 91 -0.08 0.84 -1.23
C ILE A 91 0.42 1.23 -2.62
N ALA A 92 1.74 1.30 -2.79
CA ALA A 92 2.33 1.68 -4.07
C ALA A 92 3.09 0.52 -4.68
N ASN A 93 3.19 0.52 -6.01
CA ASN A 93 3.90 -0.54 -6.73
C ASN A 93 5.30 -0.07 -7.07
N VAL A 94 6.27 -0.50 -6.29
CA VAL A 94 7.65 -0.15 -6.55
C VAL A 94 8.43 -1.37 -7.02
N ILE A 95 9.27 -1.17 -8.02
CA ILE A 95 10.04 -2.26 -8.60
C ILE A 95 11.51 -1.89 -8.58
N VAL A 96 12.28 -2.60 -7.78
CA VAL A 96 13.68 -2.27 -7.60
C VAL A 96 14.50 -2.81 -8.76
N ASP A 97 15.30 -1.92 -9.37
CA ASP A 97 16.13 -2.23 -10.53
C ASP A 97 15.27 -2.68 -11.72
N ASN A 98 13.98 -2.37 -11.64
CA ASN A 98 13.02 -2.79 -12.65
C ASN A 98 13.04 -4.31 -12.85
N ARG A 99 13.25 -5.04 -11.75
CA ARG A 99 13.23 -6.49 -11.79
C ARG A 99 12.31 -7.05 -10.72
N LEU A 100 12.62 -6.76 -9.47
CA LEU A 100 11.85 -7.27 -8.35
C LEU A 100 10.73 -6.30 -7.99
N ALA A 101 9.50 -6.76 -8.16
CA ALA A 101 8.32 -5.96 -7.88
C ALA A 101 7.91 -6.15 -6.43
N HIS A 102 7.74 -5.05 -5.71
CA HIS A 102 7.39 -5.10 -4.30
C HIS A 102 6.38 -4.00 -3.97
N PHE A 103 5.52 -4.26 -3.01
CA PHE A 103 4.58 -3.23 -2.56
C PHE A 103 5.10 -2.54 -1.32
N VAL A 104 4.98 -1.23 -1.29
CA VAL A 104 5.36 -0.44 -0.13
C VAL A 104 4.19 0.41 0.35
N VAL A 105 4.20 0.73 1.64
CA VAL A 105 3.17 1.56 2.22
C VAL A 105 3.61 3.01 2.24
N ILE A 106 2.91 3.85 1.50
CA ILE A 106 3.21 5.26 1.43
C ILE A 106 2.35 6.02 2.42
N TYR A 107 2.95 6.51 3.49
CA TYR A 107 2.21 7.21 4.53
C TYR A 107 1.80 8.61 4.06
N SER A 108 2.77 9.41 3.66
CA SER A 108 2.50 10.77 3.19
C SER A 108 3.66 11.28 2.35
N ILE A 109 3.40 12.32 1.56
CA ILE A 109 4.43 12.95 0.75
C ILE A 109 4.46 14.44 1.04
N LYS A 110 5.64 14.93 1.40
CA LYS A 110 5.82 16.34 1.72
C LYS A 110 7.27 16.74 1.55
N ASN A 111 7.51 17.96 1.07
CA ASN A 111 8.85 18.50 0.89
C ASN A 111 9.67 17.64 -0.07
N ARG A 112 8.98 17.12 -1.09
CA ARG A 112 9.58 16.26 -2.11
C ARG A 112 10.01 14.92 -1.53
N ILE A 113 9.63 14.65 -0.29
CA ILE A 113 10.02 13.43 0.39
C ILE A 113 8.82 12.50 0.53
N ILE A 114 9.02 11.24 0.22
CA ILE A 114 7.98 10.24 0.30
C ILE A 114 8.24 9.30 1.48
N THR A 115 7.34 9.30 2.45
CA THR A 115 7.47 8.42 3.61
C THR A 115 7.05 7.00 3.25
N VAL A 116 8.04 6.14 3.02
CA VAL A 116 7.78 4.78 2.56
C VAL A 116 8.04 3.75 3.67
N ALA A 117 7.12 2.80 3.80
CA ALA A 117 7.32 1.66 4.68
C ALA A 117 7.34 0.37 3.85
N ASP A 118 8.51 -0.19 3.67
CA ASP A 118 8.67 -1.42 2.89
C ASP A 118 8.62 -2.63 3.82
N PRO A 119 7.77 -3.61 3.48
CA PRO A 119 7.60 -4.85 4.28
C PRO A 119 8.91 -5.58 4.61
N GLY A 120 9.99 -5.27 3.90
CA GLY A 120 11.26 -5.92 4.19
C GLY A 120 12.17 -5.04 5.02
N LYS A 121 11.72 -3.82 5.30
CA LYS A 121 12.51 -2.84 6.02
C LYS A 121 11.62 -2.10 7.01
N GLY A 122 12.17 -1.09 7.67
CA GLY A 122 11.37 -0.24 8.53
C GLY A 122 10.82 0.95 7.78
N ILE A 123 11.06 2.14 8.30
CA ILE A 123 10.65 3.36 7.63
C ILE A 123 11.79 3.92 6.80
N VAL A 124 11.55 4.10 5.51
CA VAL A 124 12.57 4.62 4.62
C VAL A 124 12.03 5.79 3.83
N ARG A 125 12.75 6.89 3.86
CA ARG A 125 12.32 8.11 3.22
C ARG A 125 13.06 8.33 1.90
N TYR A 126 12.33 8.24 0.81
CA TYR A 126 12.91 8.47 -0.51
C TYR A 126 12.56 9.86 -1.01
N SER A 127 13.50 10.48 -1.68
CA SER A 127 13.23 11.73 -2.37
C SER A 127 12.60 11.41 -3.73
N MET A 128 12.01 12.40 -4.38
CA MET A 128 11.30 12.18 -5.64
C MET A 128 12.14 11.42 -6.66
N ASP A 129 13.40 11.83 -6.82
CA ASP A 129 14.30 11.19 -7.79
C ASP A 129 14.50 9.72 -7.46
N ASP A 130 14.64 9.42 -6.18
CA ASP A 130 14.86 8.06 -5.72
C ASP A 130 13.58 7.25 -5.85
N PHE A 131 12.47 7.83 -5.41
CA PHE A 131 11.20 7.15 -5.40
C PHE A 131 10.74 6.80 -6.81
N CYS A 132 10.84 7.77 -7.72
CA CYS A 132 10.42 7.56 -9.09
C CYS A 132 11.32 6.56 -9.81
N SER A 133 12.52 6.36 -9.28
CA SER A 133 13.45 5.39 -9.85
C SER A 133 12.93 3.97 -9.65
N ILE A 134 12.27 3.72 -8.53
CA ILE A 134 11.72 2.40 -8.25
C ILE A 134 10.23 2.35 -8.54
N TRP A 135 9.55 3.48 -8.41
CA TRP A 135 8.12 3.53 -8.67
C TRP A 135 7.87 3.69 -10.16
N THR A 136 7.65 2.56 -10.82
CA THR A 136 7.41 2.56 -12.24
C THR A 136 5.99 3.03 -12.55
N GLY A 137 5.08 2.78 -11.62
CA GLY A 137 3.72 3.23 -11.77
C GLY A 137 2.74 2.40 -10.97
N GLY A 138 1.60 2.99 -10.65
CA GLY A 138 0.58 2.27 -9.95
C GLY A 138 0.44 2.69 -8.50
N LEU A 139 -0.76 3.09 -8.12
CA LEU A 139 -1.05 3.48 -6.75
C LEU A 139 -2.38 2.89 -6.32
N VAL A 140 -2.42 2.28 -5.14
CA VAL A 140 -3.66 1.73 -4.61
C VAL A 140 -4.18 2.61 -3.49
N LEU A 141 -5.08 3.52 -3.82
CA LEU A 141 -5.66 4.42 -2.84
C LEU A 141 -6.75 3.72 -2.03
N LEU A 142 -6.61 3.80 -0.72
CA LEU A 142 -7.52 3.17 0.20
C LEU A 142 -8.21 4.25 1.03
N GLU A 143 -9.43 3.98 1.49
CA GLU A 143 -10.14 4.93 2.33
C GLU A 143 -9.47 5.02 3.70
N PRO A 144 -9.62 6.16 4.39
CA PRO A 144 -8.93 6.41 5.67
C PRO A 144 -9.47 5.56 6.83
N GLY A 145 -10.26 4.54 6.52
CA GLY A 145 -10.77 3.63 7.52
C GLY A 145 -11.51 4.32 8.64
N GLU A 146 -11.04 4.10 9.87
CA GLU A 146 -11.65 4.72 11.03
C GLU A 146 -10.58 5.35 11.89
N ALA A 147 -11.00 6.13 12.89
CA ALA A 147 -10.11 6.79 13.82
C ALA A 147 -9.17 7.77 13.11
N PHE A 148 -9.54 8.16 11.90
CA PHE A 148 -8.74 9.12 11.16
C PHE A 148 -9.17 10.54 11.50
N GLN A 149 -10.42 10.68 11.92
CA GLN A 149 -10.96 11.96 12.33
C GLN A 149 -10.64 12.21 13.80
N LYS A 150 -11.28 11.43 14.67
CA LYS A 150 -11.10 11.57 16.11
C LYS A 150 -11.36 12.99 16.59
N GLY A 151 -11.10 13.22 17.87
CA GLY A 151 -11.35 14.52 18.46
C GLY A 151 -11.14 14.48 19.95
N LEU B 1 -11.90 9.25 -3.29
CA LEU B 1 -10.59 9.87 -3.57
C LEU B 1 -10.10 9.45 -4.95
N ASN B 2 -9.77 10.42 -5.78
CA ASN B 2 -9.28 10.14 -7.12
C ASN B 2 -7.97 10.86 -7.37
N ILE B 3 -6.88 10.11 -7.34
CA ILE B 3 -5.58 10.66 -7.66
C ILE B 3 -5.20 10.28 -9.09
N GLY B 4 -5.02 11.27 -9.94
CA GLY B 4 -4.76 11.00 -11.33
C GLY B 4 -5.99 10.45 -12.03
N ARG B 5 -5.94 9.18 -12.41
CA ARG B 5 -7.07 8.53 -13.06
C ARG B 5 -7.26 7.12 -12.55
N GLU B 6 -8.49 6.67 -12.56
CA GLU B 6 -8.82 5.31 -12.18
C GLU B 6 -8.83 4.42 -13.41
N LEU B 7 -8.06 3.34 -13.38
CA LEU B 7 -7.95 2.46 -14.54
C LEU B 7 -8.64 1.13 -14.29
N THR B 8 -8.37 0.18 -15.15
CA THR B 8 -8.99 -1.13 -15.08
C THR B 8 -8.20 -2.08 -14.18
N ASP B 9 -8.79 -3.24 -13.89
CA ASP B 9 -8.16 -4.22 -13.02
C ASP B 9 -6.91 -4.80 -13.67
N GLU B 10 -6.86 -4.75 -15.00
CA GLU B 10 -5.71 -5.23 -15.75
C GLU B 10 -4.43 -4.49 -15.32
N GLU B 11 -4.59 -3.23 -14.95
CA GLU B 11 -3.47 -2.43 -14.47
C GLU B 11 -3.00 -2.95 -13.12
N LEU B 12 -3.96 -3.28 -12.27
CA LEU B 12 -3.65 -3.83 -10.95
C LEU B 12 -3.08 -5.24 -11.05
N MET B 13 -3.49 -5.96 -12.09
CA MET B 13 -3.06 -7.33 -12.29
C MET B 13 -1.57 -7.41 -12.55
N GLU B 14 -1.02 -6.41 -13.24
CA GLU B 14 0.41 -6.36 -13.52
C GLU B 14 1.21 -5.95 -12.29
N MET B 15 0.53 -5.29 -11.36
CA MET B 15 1.19 -4.84 -10.15
C MET B 15 1.16 -5.94 -9.11
N THR B 16 2.29 -6.16 -8.46
CA THR B 16 2.41 -7.25 -7.50
C THR B 16 3.39 -6.88 -6.39
N GLY B 17 3.16 -7.45 -5.21
CA GLY B 17 3.89 -7.04 -4.03
C GLY B 17 5.13 -7.85 -3.75
N GLY B 18 5.39 -8.87 -4.56
CA GLY B 18 6.56 -9.69 -4.32
C GLY B 18 6.83 -10.67 -5.44
N SER B 19 7.04 -10.15 -6.63
CA SER B 19 7.26 -11.00 -7.80
C SER B 19 8.39 -10.46 -8.67
N THR B 20 8.68 -11.16 -9.73
CA THR B 20 9.68 -10.74 -10.69
C THR B 20 9.09 -10.87 -12.09
N PHE B 21 9.40 -9.91 -12.97
CA PHE B 21 8.87 -9.92 -14.33
C PHE B 21 9.11 -11.27 -15.00
N SER B 22 8.02 -11.97 -15.29
CA SER B 22 8.11 -13.29 -15.89
C SER B 22 8.30 -13.19 -17.40
N ILE B 23 9.36 -12.50 -17.79
CA ILE B 23 9.69 -12.33 -19.19
C ILE B 23 10.66 -13.42 -19.65
N GLN B 24 10.69 -14.51 -18.88
CA GLN B 24 11.53 -15.65 -19.20
C GLN B 24 10.65 -16.87 -19.45
N SER A 1 1.96 25.64 27.66
CA SER A 1 1.89 24.30 28.24
C SER A 1 1.23 23.33 27.25
N ASN A 2 1.97 22.32 26.83
CA ASN A 2 1.43 21.31 25.92
C ASN A 2 1.25 19.98 26.65
N ALA A 3 1.64 19.95 27.91
CA ALA A 3 1.52 18.74 28.73
C ALA A 3 0.09 18.56 29.21
N MET A 4 -0.84 18.41 28.28
CA MET A 4 -2.24 18.20 28.61
C MET A 4 -2.53 16.72 28.79
N LEU A 5 -1.61 16.04 29.46
CA LEU A 5 -1.72 14.61 29.69
C LEU A 5 -1.86 14.35 31.18
N ARG A 6 -2.98 14.78 31.76
CA ARG A 6 -3.19 14.69 33.20
C ARG A 6 -3.31 13.25 33.67
N ARG A 7 -3.45 12.32 32.73
CA ARG A 7 -3.50 10.90 33.09
C ARG A 7 -2.47 10.12 32.28
N LEU A 8 -1.50 10.85 31.73
CA LEU A 8 -0.47 10.26 30.88
C LEU A 8 -1.10 9.45 29.76
N PHE A 9 -1.97 10.11 28.99
CA PHE A 9 -2.70 9.44 27.91
C PHE A 9 -1.73 8.90 26.87
N LYS A 10 -2.00 7.69 26.40
CA LYS A 10 -1.06 6.99 25.53
C LYS A 10 -1.67 6.69 24.16
N LYS A 11 -0.80 6.59 23.18
CA LYS A 11 -1.21 6.27 21.82
C LYS A 11 -0.23 5.28 21.22
N LYS A 12 -0.76 4.19 20.67
CA LYS A 12 0.08 3.13 20.16
C LYS A 12 0.21 3.22 18.64
N TYR A 13 1.37 2.82 18.14
CA TYR A 13 1.61 2.80 16.71
C TYR A 13 1.90 1.37 16.27
N VAL A 14 1.04 0.84 15.43
CA VAL A 14 1.13 -0.56 15.02
C VAL A 14 2.21 -0.74 13.96
N CYS A 15 2.95 -1.82 14.07
CA CYS A 15 4.01 -2.13 13.14
C CYS A 15 3.72 -3.45 12.43
N VAL A 16 4.10 -3.53 11.17
CA VAL A 16 3.85 -4.72 10.37
C VAL A 16 5.01 -5.70 10.47
N ARG A 17 4.69 -6.98 10.49
CA ARG A 17 5.69 -8.01 10.68
C ARG A 17 6.07 -8.65 9.35
N GLN A 18 7.36 -8.95 9.18
CA GLN A 18 7.85 -9.56 7.95
C GLN A 18 7.73 -11.07 8.03
N TYR A 19 7.46 -11.70 6.90
CA TYR A 19 7.33 -13.16 6.84
C TYR A 19 8.04 -13.72 5.62
N ASP A 20 7.50 -13.47 4.45
CA ASP A 20 8.02 -14.01 3.20
C ASP A 20 8.14 -12.91 2.16
N LEU A 21 8.77 -13.19 1.02
CA LEU A 21 8.92 -12.19 -0.04
C LEU A 21 7.56 -11.75 -0.57
N THR A 22 6.59 -12.64 -0.48
CA THR A 22 5.23 -12.36 -0.94
C THR A 22 4.47 -11.48 0.04
N ASP A 23 5.20 -10.99 1.06
CA ASP A 23 4.66 -10.13 2.12
C ASP A 23 3.71 -9.05 1.60
N ALA A 24 4.03 -8.49 0.45
CA ALA A 24 3.33 -7.32 -0.09
C ALA A 24 1.82 -7.50 -0.15
N GLY A 25 1.36 -8.72 -0.34
CA GLY A 25 -0.07 -8.96 -0.40
C GLY A 25 -0.75 -8.69 0.91
N ALA A 26 -0.36 -9.42 1.94
CA ALA A 26 -0.98 -9.31 3.25
C ALA A 26 -0.54 -8.04 3.96
N ALA A 27 0.75 -7.76 3.91
CA ALA A 27 1.35 -6.67 4.67
C ALA A 27 0.75 -5.32 4.29
N CYS A 28 0.76 -5.00 3.01
CA CYS A 28 0.34 -3.69 2.54
C CYS A 28 -1.10 -3.37 2.93
N LEU A 29 -2.01 -4.32 2.69
CA LEU A 29 -3.41 -4.11 3.04
C LEU A 29 -3.55 -3.94 4.56
N SER A 30 -2.84 -4.80 5.30
CA SER A 30 -2.89 -4.77 6.76
C SER A 30 -2.34 -3.45 7.31
N SER A 31 -1.31 -2.92 6.68
CA SER A 31 -0.66 -1.70 7.14
C SER A 31 -1.66 -0.56 7.21
N ILE A 32 -2.50 -0.50 6.19
CA ILE A 32 -3.48 0.56 6.05
C ILE A 32 -4.67 0.32 6.96
N ALA A 33 -5.18 -0.90 6.97
CA ALA A 33 -6.29 -1.28 7.82
C ALA A 33 -5.94 -1.04 9.30
N GLN A 34 -4.76 -1.48 9.71
CA GLN A 34 -4.32 -1.31 11.09
C GLN A 34 -4.06 0.17 11.40
N TYR A 35 -3.71 0.94 10.36
CA TYR A 35 -3.48 2.36 10.52
C TYR A 35 -4.79 3.09 10.80
N TYR A 36 -5.89 2.60 10.21
CA TYR A 36 -7.21 3.17 10.45
C TYR A 36 -7.83 2.60 11.73
N GLY A 37 -7.18 1.60 12.31
CA GLY A 37 -7.64 1.06 13.58
C GLY A 37 -8.45 -0.22 13.42
N LEU A 38 -8.28 -0.90 12.29
CA LEU A 38 -8.94 -2.18 12.08
C LEU A 38 -8.08 -3.30 12.61
N LYS A 39 -8.68 -4.20 13.36
CA LYS A 39 -7.96 -5.30 13.99
C LYS A 39 -7.88 -6.49 13.03
N MET A 40 -6.98 -6.40 12.07
CA MET A 40 -6.81 -7.44 11.08
C MET A 40 -5.44 -8.07 11.20
N SER A 41 -5.41 -9.40 11.16
CA SER A 41 -4.17 -10.14 11.32
C SER A 41 -3.51 -10.39 9.97
N LEU A 42 -2.19 -10.47 9.96
CA LEU A 42 -1.42 -10.60 8.72
C LEU A 42 -1.83 -11.85 7.97
N ALA A 43 -1.83 -12.97 8.68
CA ALA A 43 -2.12 -14.27 8.10
C ALA A 43 -3.55 -14.32 7.55
N LYS A 44 -4.47 -13.68 8.27
CA LYS A 44 -5.87 -13.65 7.86
C LYS A 44 -6.04 -12.85 6.58
N ILE A 45 -5.34 -11.73 6.48
CA ILE A 45 -5.38 -10.91 5.29
C ILE A 45 -4.64 -11.60 4.14
N ARG A 46 -3.69 -12.44 4.51
CA ARG A 46 -2.90 -13.19 3.54
C ARG A 46 -3.79 -14.09 2.68
N GLU A 47 -4.69 -14.82 3.32
CA GLU A 47 -5.60 -15.70 2.59
C GLU A 47 -6.67 -14.88 1.87
N MET A 48 -7.08 -13.77 2.49
CA MET A 48 -8.06 -12.88 1.88
C MET A 48 -7.55 -12.28 0.58
N THR A 49 -6.29 -11.88 0.58
CA THR A 49 -5.70 -11.24 -0.60
C THR A 49 -5.29 -12.26 -1.65
N GLY A 50 -5.45 -13.54 -1.32
CA GLY A 50 -5.11 -14.59 -2.24
C GLY A 50 -3.63 -14.63 -2.50
N THR A 51 -2.83 -14.51 -1.44
CA THR A 51 -1.39 -14.42 -1.57
C THR A 51 -0.82 -15.60 -2.36
N ASP A 52 -0.22 -15.28 -3.49
CA ASP A 52 0.37 -16.27 -4.37
C ASP A 52 1.86 -16.38 -4.10
N THR A 53 2.36 -17.61 -4.04
CA THR A 53 3.76 -17.85 -3.71
C THR A 53 4.72 -17.25 -4.75
N GLN A 54 4.21 -16.99 -5.95
CA GLN A 54 5.02 -16.37 -6.98
C GLN A 54 4.80 -14.87 -7.00
N GLY A 55 3.88 -14.40 -6.17
CA GLY A 55 3.66 -12.98 -6.04
C GLY A 55 2.20 -12.58 -6.12
N THR A 56 1.72 -11.96 -5.05
CA THR A 56 0.36 -11.42 -5.02
C THR A 56 0.25 -10.21 -5.95
N ASN A 57 -0.76 -10.22 -6.81
CA ASN A 57 -0.93 -9.14 -7.79
C ASN A 57 -1.74 -7.99 -7.19
N ALA A 58 -1.77 -6.86 -7.87
CA ALA A 58 -2.45 -5.67 -7.35
C ALA A 58 -3.93 -5.92 -7.12
N TYR A 59 -4.57 -6.57 -8.08
CA TYR A 59 -6.00 -6.84 -8.01
C TYR A 59 -6.33 -7.68 -6.79
N GLY A 60 -5.41 -8.56 -6.42
CA GLY A 60 -5.62 -9.42 -5.26
C GLY A 60 -5.87 -8.62 -3.98
N LEU A 61 -5.12 -7.55 -3.80
CA LEU A 61 -5.25 -6.73 -2.59
C LEU A 61 -6.53 -5.92 -2.61
N ILE A 62 -6.77 -5.20 -3.71
CA ILE A 62 -7.95 -4.36 -3.83
C ILE A 62 -9.23 -5.20 -3.79
N HIS A 63 -9.18 -6.38 -4.39
CA HIS A 63 -10.31 -7.31 -4.39
C HIS A 63 -10.65 -7.74 -2.98
N ALA A 64 -9.62 -7.99 -2.17
CA ALA A 64 -9.82 -8.40 -0.79
C ALA A 64 -10.34 -7.26 0.05
N ALA A 65 -9.81 -6.06 -0.18
CA ALA A 65 -10.18 -4.88 0.58
C ALA A 65 -11.68 -4.60 0.49
N LYS A 66 -12.20 -4.59 -0.73
CA LYS A 66 -13.61 -4.30 -0.96
C LYS A 66 -14.51 -5.43 -0.42
N GLN A 67 -13.93 -6.62 -0.24
CA GLN A 67 -14.66 -7.74 0.35
C GLN A 67 -14.79 -7.55 1.86
N LEU A 68 -14.06 -6.59 2.40
CA LEU A 68 -14.05 -6.32 3.83
C LEU A 68 -14.98 -5.16 4.16
N GLY A 69 -15.63 -4.61 3.14
CA GLY A 69 -16.42 -3.42 3.33
C GLY A 69 -15.55 -2.18 3.30
N PHE A 70 -14.25 -2.40 3.12
CA PHE A 70 -13.30 -1.32 2.98
C PHE A 70 -13.36 -0.81 1.53
N SER A 71 -12.85 0.38 1.29
CA SER A 71 -12.94 0.98 -0.03
C SER A 71 -11.55 1.12 -0.64
N ALA A 72 -11.42 0.74 -1.92
CA ALA A 72 -10.12 0.74 -2.58
C ALA A 72 -10.28 0.87 -4.09
N LYS A 73 -9.33 1.54 -4.74
CA LYS A 73 -9.31 1.62 -6.19
C LYS A 73 -7.90 1.87 -6.71
N GLY A 74 -7.67 1.47 -7.95
CA GLY A 74 -6.35 1.61 -8.55
C GLY A 74 -6.30 2.77 -9.52
N VAL A 75 -5.43 3.73 -9.25
CA VAL A 75 -5.37 4.96 -10.03
C VAL A 75 -3.96 5.26 -10.50
N LYS A 76 -3.86 6.29 -11.34
CA LYS A 76 -2.57 6.77 -11.82
C LYS A 76 -2.34 8.20 -11.33
N ALA A 77 -1.23 8.41 -10.64
CA ALA A 77 -0.86 9.72 -10.14
C ALA A 77 0.58 10.01 -10.53
N SER A 78 1.00 11.26 -10.37
CA SER A 78 2.37 11.64 -10.67
C SER A 78 3.10 12.03 -9.39
N LYS A 79 4.41 12.21 -9.48
CA LYS A 79 5.19 12.67 -8.34
C LYS A 79 4.72 14.05 -7.89
N GLU A 80 4.21 14.83 -8.83
CA GLU A 80 3.67 16.15 -8.55
C GLU A 80 2.40 16.03 -7.71
N ASP A 81 1.60 15.02 -8.00
CA ASP A 81 0.36 14.78 -7.25
C ASP A 81 0.68 14.47 -5.80
N LEU A 82 1.83 13.83 -5.57
CA LEU A 82 2.26 13.45 -4.23
C LEU A 82 2.54 14.70 -3.40
N LEU A 83 2.88 15.77 -4.10
CA LEU A 83 3.21 17.04 -3.45
C LEU A 83 1.98 17.94 -3.39
N LYS A 84 0.88 17.46 -3.94
CA LYS A 84 -0.35 18.23 -3.99
C LYS A 84 -1.33 17.77 -2.92
N ASP A 85 -2.09 16.74 -3.24
CA ASP A 85 -3.16 16.29 -2.35
C ASP A 85 -3.04 14.80 -2.03
N PHE A 86 -2.49 14.53 -0.85
CA PHE A 86 -2.38 13.18 -0.34
C PHE A 86 -2.46 13.16 1.16
N ARG A 87 -3.25 12.23 1.66
CA ARG A 87 -3.42 12.02 3.09
C ARG A 87 -3.95 10.61 3.31
N LEU A 88 -3.74 9.78 2.31
CA LEU A 88 -4.29 8.43 2.32
C LEU A 88 -3.17 7.41 2.24
N PRO A 89 -3.09 6.50 3.22
CA PRO A 89 -2.21 5.35 3.13
C PRO A 89 -2.59 4.49 1.93
N ALA A 90 -1.66 4.30 1.02
CA ALA A 90 -1.96 3.63 -0.23
C ALA A 90 -0.88 2.65 -0.62
N ILE A 91 -1.25 1.73 -1.50
CA ILE A 91 -0.37 0.67 -1.94
C ILE A 91 0.21 1.01 -3.31
N ALA A 92 1.46 1.49 -3.33
CA ALA A 92 2.10 1.88 -4.57
C ALA A 92 2.89 0.73 -5.15
N ASN A 93 2.87 0.61 -6.47
CA ASN A 93 3.56 -0.50 -7.13
C ASN A 93 4.92 -0.07 -7.63
N VAL A 94 5.95 -0.47 -6.91
CA VAL A 94 7.32 -0.14 -7.29
C VAL A 94 8.04 -1.37 -7.81
N ILE A 95 8.86 -1.18 -8.82
CA ILE A 95 9.62 -2.27 -9.40
C ILE A 95 11.10 -1.92 -9.42
N VAL A 96 11.84 -2.49 -8.50
CA VAL A 96 13.24 -2.14 -8.32
C VAL A 96 14.12 -2.86 -9.33
N ASP A 97 14.97 -2.08 -10.00
CA ASP A 97 15.88 -2.58 -11.05
C ASP A 97 15.11 -3.10 -12.24
N ASN A 98 13.80 -2.79 -12.27
CA ASN A 98 12.89 -3.33 -13.28
C ASN A 98 12.92 -4.86 -13.26
N ARG A 99 13.19 -5.41 -12.08
CA ARG A 99 13.23 -6.86 -11.90
C ARG A 99 12.24 -7.28 -10.82
N LEU A 100 12.47 -6.85 -9.59
CA LEU A 100 11.60 -7.22 -8.49
C LEU A 100 10.47 -6.21 -8.31
N ALA A 101 9.26 -6.69 -8.48
CA ALA A 101 8.08 -5.87 -8.26
C ALA A 101 7.59 -6.04 -6.84
N HIS A 102 7.37 -4.92 -6.15
CA HIS A 102 6.96 -4.95 -4.75
C HIS A 102 6.03 -3.78 -4.45
N PHE A 103 5.15 -3.98 -3.50
CA PHE A 103 4.25 -2.91 -3.09
C PHE A 103 4.80 -2.19 -1.87
N VAL A 104 4.73 -0.86 -1.89
CA VAL A 104 5.08 -0.05 -0.73
C VAL A 104 3.88 0.76 -0.27
N VAL A 105 3.73 0.93 1.04
CA VAL A 105 2.61 1.69 1.57
C VAL A 105 3.00 3.14 1.84
N ILE A 106 2.38 4.06 1.11
CA ILE A 106 2.67 5.48 1.27
C ILE A 106 1.75 6.10 2.31
N TYR A 107 2.31 6.87 3.23
CA TYR A 107 1.51 7.51 4.27
C TYR A 107 1.37 9.00 4.03
N SER A 108 2.49 9.67 3.79
CA SER A 108 2.47 11.11 3.53
C SER A 108 3.70 11.51 2.72
N ILE A 109 3.57 12.57 1.93
CA ILE A 109 4.66 13.05 1.09
C ILE A 109 4.92 14.52 1.36
N LYS A 110 6.16 14.86 1.67
CA LYS A 110 6.53 16.24 1.93
C LYS A 110 8.04 16.41 1.79
N ASN A 111 8.47 17.61 1.40
CA ASN A 111 9.89 17.93 1.25
C ASN A 111 10.54 17.05 0.18
N ARG A 112 9.73 16.65 -0.81
CA ARG A 112 10.17 15.75 -1.87
C ARG A 112 10.47 14.35 -1.33
N ILE A 113 10.08 14.11 -0.08
CA ILE A 113 10.34 12.83 0.56
C ILE A 113 9.02 12.07 0.72
N ILE A 114 8.99 10.86 0.19
CA ILE A 114 7.81 10.03 0.28
C ILE A 114 7.97 9.05 1.44
N THR A 115 7.18 9.26 2.49
CA THR A 115 7.22 8.42 3.66
C THR A 115 6.44 7.13 3.41
N VAL A 116 7.15 6.02 3.29
CA VAL A 116 6.52 4.75 2.95
C VAL A 116 6.91 3.65 3.91
N ALA A 117 6.16 2.57 3.86
CA ALA A 117 6.50 1.36 4.58
C ALA A 117 6.62 0.21 3.60
N ASP A 118 7.83 -0.32 3.48
CA ASP A 118 8.07 -1.45 2.59
C ASP A 118 8.11 -2.72 3.41
N PRO A 119 7.17 -3.65 3.15
CA PRO A 119 7.03 -4.91 3.92
C PRO A 119 8.30 -5.77 3.99
N GLY A 120 9.36 -5.39 3.27
CA GLY A 120 10.60 -6.12 3.35
C GLY A 120 11.59 -5.46 4.29
N LYS A 121 11.13 -4.41 4.96
CA LYS A 121 11.95 -3.63 5.86
C LYS A 121 11.04 -2.82 6.80
N GLY A 122 11.62 -1.94 7.60
CA GLY A 122 10.82 -1.09 8.46
C GLY A 122 10.26 0.11 7.73
N ILE A 123 10.26 1.26 8.38
CA ILE A 123 9.76 2.48 7.77
C ILE A 123 10.85 3.13 6.95
N VAL A 124 10.53 3.42 5.69
CA VAL A 124 11.51 3.97 4.77
C VAL A 124 11.08 5.33 4.29
N ARG A 125 12.06 6.17 4.03
CA ARG A 125 11.80 7.44 3.43
C ARG A 125 12.59 7.58 2.14
N TYR A 126 11.89 7.56 1.02
CA TYR A 126 12.54 7.67 -0.28
C TYR A 126 12.35 9.08 -0.83
N SER A 127 13.43 9.65 -1.33
CA SER A 127 13.36 10.95 -1.99
C SER A 127 12.84 10.76 -3.41
N MET A 128 12.29 11.80 -4.01
CA MET A 128 11.78 11.72 -5.38
C MET A 128 12.82 11.10 -6.31
N ASP A 129 14.09 11.39 -6.04
CA ASP A 129 15.21 10.86 -6.81
C ASP A 129 15.11 9.34 -6.92
N ASP A 130 15.10 8.66 -5.79
CA ASP A 130 15.10 7.21 -5.76
C ASP A 130 13.69 6.67 -5.99
N PHE A 131 12.70 7.39 -5.50
CA PHE A 131 11.31 6.95 -5.60
C PHE A 131 10.88 6.81 -7.05
N CYS A 132 11.09 7.86 -7.84
CA CYS A 132 10.70 7.84 -9.24
C CYS A 132 11.47 6.79 -10.02
N SER A 133 12.63 6.40 -9.49
CA SER A 133 13.47 5.41 -10.14
C SER A 133 12.92 3.99 -9.93
N ILE A 134 12.46 3.71 -8.73
CA ILE A 134 11.93 2.39 -8.42
C ILE A 134 10.43 2.30 -8.74
N TRP A 135 9.75 3.43 -8.65
CA TRP A 135 8.32 3.47 -8.90
C TRP A 135 8.04 3.61 -10.39
N THR A 136 7.52 2.54 -10.97
CA THR A 136 7.20 2.52 -12.39
C THR A 136 5.89 3.27 -12.65
N GLY A 137 4.93 3.07 -11.76
CA GLY A 137 3.65 3.74 -11.89
C GLY A 137 2.50 2.87 -11.45
N GLY A 138 1.40 3.50 -11.06
CA GLY A 138 0.25 2.75 -10.61
C GLY A 138 0.25 2.54 -9.11
N LEU A 139 -0.86 2.85 -8.48
CA LEU A 139 -1.00 2.64 -7.04
C LEU A 139 -2.47 2.50 -6.66
N VAL A 140 -2.71 1.67 -5.66
CA VAL A 140 -4.06 1.44 -5.17
C VAL A 140 -4.33 2.32 -3.95
N LEU A 141 -5.27 3.23 -4.08
CA LEU A 141 -5.61 4.14 -2.99
C LEU A 141 -6.63 3.49 -2.07
N LEU A 142 -6.40 3.60 -0.78
CA LEU A 142 -7.29 3.01 0.20
C LEU A 142 -8.11 4.08 0.90
N GLU A 143 -9.41 3.91 0.88
CA GLU A 143 -10.33 4.85 1.48
C GLU A 143 -10.97 4.23 2.73
N PRO A 144 -11.33 5.09 3.71
CA PRO A 144 -11.77 4.65 5.06
C PRO A 144 -12.88 3.61 5.06
N GLY A 145 -13.61 3.51 3.96
CA GLY A 145 -14.64 2.50 3.86
C GLY A 145 -15.97 3.10 3.48
N GLU A 146 -17.01 2.28 3.53
CA GLU A 146 -18.35 2.75 3.21
C GLU A 146 -19.18 2.96 4.48
N ALA A 147 -18.79 2.28 5.54
CA ALA A 147 -19.47 2.41 6.83
C ALA A 147 -18.54 3.04 7.87
N PHE A 148 -17.72 3.99 7.44
CA PHE A 148 -16.71 4.57 8.32
C PHE A 148 -17.32 5.66 9.20
N GLN A 149 -18.44 6.22 8.77
CA GLN A 149 -19.10 7.28 9.52
C GLN A 149 -19.95 6.72 10.65
N LYS A 150 -20.16 5.42 10.63
CA LYS A 150 -20.90 4.75 11.68
C LYS A 150 -19.96 4.43 12.85
N GLY A 151 -20.53 4.20 14.01
CA GLY A 151 -19.72 3.95 15.20
C GLY A 151 -19.78 2.51 15.64
N LEU B 1 -12.60 10.65 -3.03
CA LEU B 1 -11.16 10.64 -3.33
C LEU B 1 -10.92 10.60 -4.83
N ASN B 2 -10.92 11.76 -5.46
CA ASN B 2 -10.70 11.88 -6.89
C ASN B 2 -9.25 12.27 -7.16
N ILE B 3 -8.60 11.54 -8.04
CA ILE B 3 -7.20 11.81 -8.38
C ILE B 3 -6.81 11.11 -9.68
N GLY B 4 -6.35 11.91 -10.64
CA GLY B 4 -5.89 11.37 -11.90
C GLY B 4 -6.95 10.53 -12.60
N ARG B 5 -6.59 9.31 -12.93
CA ARG B 5 -7.52 8.39 -13.56
C ARG B 5 -7.53 7.06 -12.84
N GLU B 6 -8.68 6.42 -12.84
CA GLU B 6 -8.83 5.10 -12.25
C GLU B 6 -8.80 4.06 -13.36
N LEU B 7 -7.90 3.10 -13.24
CA LEU B 7 -7.68 2.15 -14.30
C LEU B 7 -8.59 0.93 -14.16
N THR B 8 -8.30 -0.10 -14.91
CA THR B 8 -9.17 -1.26 -14.95
C THR B 8 -8.48 -2.52 -14.46
N ASP B 9 -9.22 -3.62 -14.45
CA ASP B 9 -8.74 -4.91 -13.96
C ASP B 9 -7.41 -5.30 -14.64
N GLU B 10 -7.36 -5.08 -15.95
CA GLU B 10 -6.20 -5.42 -16.76
C GLU B 10 -4.91 -4.84 -16.19
N GLU B 11 -4.93 -3.55 -15.85
CA GLU B 11 -3.75 -2.87 -15.34
C GLU B 11 -3.33 -3.46 -13.99
N LEU B 12 -4.33 -3.81 -13.19
CA LEU B 12 -4.09 -4.38 -11.88
C LEU B 12 -3.51 -5.79 -11.99
N MET B 13 -3.84 -6.48 -13.08
CA MET B 13 -3.31 -7.81 -13.33
C MET B 13 -1.81 -7.76 -13.61
N GLU B 14 -1.39 -6.73 -14.34
CA GLU B 14 0.02 -6.56 -14.67
C GLU B 14 0.81 -6.07 -13.46
N MET B 15 0.16 -5.34 -12.58
CA MET B 15 0.78 -4.87 -11.36
C MET B 15 0.88 -6.01 -10.34
N THR B 16 2.05 -6.15 -9.74
CA THR B 16 2.27 -7.20 -8.77
C THR B 16 3.28 -6.74 -7.73
N GLY B 17 3.20 -7.31 -6.53
CA GLY B 17 4.00 -6.83 -5.43
C GLY B 17 4.93 -7.87 -4.86
N GLY B 18 4.92 -9.07 -5.43
CA GLY B 18 5.79 -10.12 -4.94
C GLY B 18 6.34 -10.98 -6.05
N SER B 19 6.35 -10.45 -7.26
CA SER B 19 6.80 -11.21 -8.42
C SER B 19 8.02 -10.57 -9.05
N THR B 20 8.83 -11.37 -9.70
CA THR B 20 9.99 -10.86 -10.41
C THR B 20 9.76 -10.94 -11.92
N PHE B 21 10.08 -9.87 -12.60
CA PHE B 21 9.88 -9.78 -14.05
C PHE B 21 11.10 -10.31 -14.80
N SER B 22 10.85 -11.17 -15.77
CA SER B 22 11.90 -11.67 -16.64
C SER B 22 11.34 -11.99 -18.03
N ILE B 23 10.18 -11.42 -18.34
CA ILE B 23 9.51 -11.68 -19.61
C ILE B 23 9.81 -10.57 -20.60
N GLN B 24 9.27 -9.40 -20.33
CA GLN B 24 9.47 -8.24 -21.19
C GLN B 24 10.21 -7.15 -20.42
N SER A 1 4.68 11.64 33.09
CA SER A 1 4.84 10.77 34.28
C SER A 1 4.36 9.36 33.96
N ASN A 2 3.05 9.21 33.77
CA ASN A 2 2.47 7.91 33.49
C ASN A 2 2.41 7.67 31.98
N ALA A 3 3.32 6.85 31.50
CA ALA A 3 3.36 6.50 30.08
C ALA A 3 2.76 5.11 29.88
N MET A 4 1.54 5.07 29.39
CA MET A 4 0.85 3.81 29.17
C MET A 4 -0.04 3.92 27.94
N LEU A 5 -0.99 2.98 27.82
CA LEU A 5 -1.90 2.96 26.68
C LEU A 5 -2.62 4.29 26.51
N ARG A 6 -3.05 4.87 27.65
CA ARG A 6 -3.71 6.17 27.70
C ARG A 6 -5.13 6.09 27.17
N ARG A 7 -5.29 5.54 25.98
CA ARG A 7 -6.60 5.37 25.38
C ARG A 7 -7.25 4.08 25.89
N LEU A 8 -8.26 4.23 26.74
CA LEU A 8 -8.93 3.08 27.34
C LEU A 8 -9.86 2.42 26.33
N PHE A 9 -10.16 3.14 25.25
CA PHE A 9 -10.96 2.61 24.16
C PHE A 9 -10.25 1.43 23.51
N LYS A 10 -10.84 0.25 23.63
CA LYS A 10 -10.24 -0.96 23.11
C LYS A 10 -10.61 -1.15 21.64
N LYS A 11 -9.63 -0.92 20.77
CA LYS A 11 -9.85 -1.07 19.34
C LYS A 11 -8.57 -1.54 18.63
N LYS A 12 -7.61 -1.98 19.44
CA LYS A 12 -6.33 -2.52 18.94
C LYS A 12 -5.45 -1.44 18.33
N TYR A 13 -4.52 -0.91 19.11
CA TYR A 13 -3.49 -0.06 18.56
C TYR A 13 -2.38 -0.95 18.00
N VAL A 14 -2.26 -0.97 16.68
CA VAL A 14 -1.36 -1.91 16.04
C VAL A 14 -0.16 -1.20 15.42
N CYS A 15 1.01 -1.78 15.62
CA CYS A 15 2.22 -1.30 14.98
C CYS A 15 2.57 -2.25 13.83
N VAL A 16 2.61 -1.70 12.63
CA VAL A 16 2.83 -2.50 11.43
C VAL A 16 4.24 -3.08 11.39
N ARG A 17 4.33 -4.39 11.20
CA ARG A 17 5.60 -5.08 11.11
C ARG A 17 5.76 -5.69 9.73
N GLN A 18 6.82 -5.30 9.03
CA GLN A 18 7.11 -5.85 7.70
C GLN A 18 7.92 -7.12 7.83
N TYR A 19 7.66 -8.10 6.99
CA TYR A 19 8.33 -9.40 7.10
C TYR A 19 9.30 -9.63 5.95
N ASP A 20 8.78 -9.89 4.75
CA ASP A 20 9.62 -10.22 3.61
C ASP A 20 9.08 -9.63 2.32
N LEU A 21 9.86 -9.73 1.25
CA LEU A 21 9.46 -9.19 -0.05
C LEU A 21 8.17 -9.83 -0.55
N THR A 22 8.04 -11.13 -0.37
CA THR A 22 6.87 -11.87 -0.83
C THR A 22 5.69 -11.65 0.11
N ASP A 23 5.99 -11.47 1.39
CA ASP A 23 4.97 -11.28 2.41
C ASP A 23 4.39 -9.88 2.32
N ALA A 24 5.11 -9.00 1.63
CA ALA A 24 4.74 -7.59 1.48
C ALA A 24 3.32 -7.41 0.97
N GLY A 25 2.85 -8.35 0.14
CA GLY A 25 1.51 -8.27 -0.40
C GLY A 25 0.47 -8.12 0.70
N ALA A 26 0.53 -9.03 1.66
CA ALA A 26 -0.40 -9.00 2.79
C ALA A 26 -0.03 -7.87 3.75
N ALA A 27 1.27 -7.64 3.90
CA ALA A 27 1.79 -6.62 4.80
C ALA A 27 1.24 -5.23 4.46
N CYS A 28 1.23 -4.91 3.17
CA CYS A 28 0.83 -3.58 2.73
C CYS A 28 -0.63 -3.28 3.06
N LEU A 29 -1.53 -4.17 2.67
CA LEU A 29 -2.96 -3.93 2.90
C LEU A 29 -3.27 -3.89 4.39
N SER A 30 -2.64 -4.77 5.14
CA SER A 30 -2.85 -4.82 6.59
C SER A 30 -2.27 -3.58 7.26
N SER A 31 -1.29 -2.95 6.60
CA SER A 31 -0.65 -1.76 7.13
C SER A 31 -1.63 -0.60 7.20
N ILE A 32 -2.56 -0.53 6.26
CA ILE A 32 -3.57 0.51 6.25
C ILE A 32 -4.71 0.15 7.20
N ALA A 33 -5.19 -1.08 7.09
CA ALA A 33 -6.30 -1.56 7.90
C ALA A 33 -6.00 -1.46 9.40
N GLN A 34 -4.85 -2.01 9.80
CA GLN A 34 -4.46 -2.03 11.20
C GLN A 34 -4.06 -0.64 11.70
N TYR A 35 -3.71 0.23 10.77
CA TYR A 35 -3.31 1.60 11.13
C TYR A 35 -4.52 2.40 11.60
N TYR A 36 -5.68 2.10 11.05
CA TYR A 36 -6.90 2.81 11.42
C TYR A 36 -7.60 2.13 12.58
N GLY A 37 -7.00 1.07 13.10
CA GLY A 37 -7.57 0.38 14.25
C GLY A 37 -8.57 -0.67 13.85
N LEU A 38 -8.37 -1.29 12.70
CA LEU A 38 -9.22 -2.38 12.26
C LEU A 38 -8.49 -3.70 12.46
N LYS A 39 -9.15 -4.62 13.15
CA LYS A 39 -8.55 -5.92 13.45
C LYS A 39 -8.54 -6.82 12.22
N MET A 40 -7.61 -6.53 11.32
CA MET A 40 -7.40 -7.35 10.13
C MET A 40 -5.92 -7.57 9.95
N SER A 41 -5.46 -8.77 10.24
CA SER A 41 -4.04 -9.07 10.20
C SER A 41 -3.64 -9.66 8.85
N LEU A 42 -2.34 -9.77 8.62
CA LEU A 42 -1.80 -10.28 7.37
C LEU A 42 -2.35 -11.67 7.09
N ALA A 43 -2.40 -12.46 8.15
CA ALA A 43 -2.91 -13.83 8.08
C ALA A 43 -4.29 -13.89 7.44
N LYS A 44 -5.09 -12.84 7.63
CA LYS A 44 -6.42 -12.76 7.06
C LYS A 44 -6.36 -12.20 5.65
N ILE A 45 -5.63 -11.10 5.50
CA ILE A 45 -5.50 -10.42 4.21
C ILE A 45 -4.90 -11.32 3.14
N ARG A 46 -3.93 -12.15 3.53
CA ARG A 46 -3.23 -12.99 2.57
C ARG A 46 -4.16 -14.06 1.98
N GLU A 47 -5.22 -14.39 2.69
CA GLU A 47 -6.21 -15.32 2.17
C GLU A 47 -7.14 -14.57 1.24
N MET A 48 -7.60 -13.42 1.72
CA MET A 48 -8.60 -12.63 1.02
C MET A 48 -8.06 -12.08 -0.30
N THR A 49 -6.78 -11.71 -0.30
CA THR A 49 -6.17 -11.12 -1.49
C THR A 49 -5.64 -12.19 -2.43
N GLY A 50 -5.72 -13.44 -1.99
CA GLY A 50 -5.20 -14.53 -2.78
C GLY A 50 -3.71 -14.44 -2.95
N THR A 51 -3.01 -14.11 -1.86
CA THR A 51 -1.58 -13.84 -1.92
C THR A 51 -0.82 -15.01 -2.53
N ASP A 52 -0.19 -14.73 -3.67
CA ASP A 52 0.65 -15.70 -4.35
C ASP A 52 2.10 -15.45 -3.99
N THR A 53 2.82 -16.50 -3.63
CA THR A 53 4.20 -16.35 -3.18
C THR A 53 5.15 -16.09 -4.33
N GLN A 54 4.67 -16.30 -5.56
CA GLN A 54 5.48 -16.05 -6.73
C GLN A 54 5.03 -14.79 -7.44
N GLY A 55 3.93 -14.22 -6.97
CA GLY A 55 3.43 -12.98 -7.54
C GLY A 55 2.07 -12.59 -7.03
N THR A 56 2.05 -11.81 -5.94
CA THR A 56 0.80 -11.28 -5.43
C THR A 56 0.27 -10.20 -6.36
N ASN A 57 -0.91 -10.44 -6.93
CA ASN A 57 -1.51 -9.51 -7.89
C ASN A 57 -2.12 -8.31 -7.17
N ALA A 58 -2.05 -7.16 -7.83
CA ALA A 58 -2.57 -5.92 -7.28
C ALA A 58 -4.09 -5.96 -7.19
N TYR A 59 -4.69 -6.75 -8.07
CA TYR A 59 -6.14 -6.93 -8.06
C TYR A 59 -6.58 -7.70 -6.81
N GLY A 60 -5.65 -8.50 -6.27
CA GLY A 60 -5.95 -9.24 -5.07
C GLY A 60 -6.17 -8.31 -3.89
N LEU A 61 -5.32 -7.29 -3.79
CA LEU A 61 -5.40 -6.32 -2.71
C LEU A 61 -6.76 -5.62 -2.70
N ILE A 62 -7.11 -5.01 -3.84
CA ILE A 62 -8.36 -4.27 -3.96
C ILE A 62 -9.56 -5.19 -3.76
N HIS A 63 -9.45 -6.42 -4.24
CA HIS A 63 -10.55 -7.37 -4.16
C HIS A 63 -10.87 -7.70 -2.70
N ALA A 64 -9.84 -7.70 -1.86
CA ALA A 64 -10.03 -7.94 -0.44
C ALA A 64 -10.41 -6.67 0.30
N ALA A 65 -9.78 -5.57 -0.10
CA ALA A 65 -10.03 -4.27 0.52
C ALA A 65 -11.50 -3.88 0.44
N LYS A 66 -12.10 -4.15 -0.70
CA LYS A 66 -13.51 -3.82 -0.93
C LYS A 66 -14.42 -4.64 0.00
N GLN A 67 -13.93 -5.79 0.45
CA GLN A 67 -14.68 -6.63 1.38
C GLN A 67 -14.53 -6.09 2.80
N LEU A 68 -13.42 -5.40 3.04
CA LEU A 68 -13.12 -4.82 4.35
C LEU A 68 -13.95 -3.58 4.58
N GLY A 69 -14.53 -3.06 3.51
CA GLY A 69 -15.24 -1.81 3.58
C GLY A 69 -14.42 -0.67 3.05
N PHE A 70 -13.20 -1.00 2.62
CA PHE A 70 -12.33 -0.02 1.99
C PHE A 70 -12.73 0.17 0.53
N SER A 71 -13.09 1.40 0.19
CA SER A 71 -13.37 1.73 -1.19
C SER A 71 -12.04 1.88 -1.93
N ALA A 72 -11.51 0.75 -2.38
CA ALA A 72 -10.20 0.71 -3.01
C ALA A 72 -10.34 0.80 -4.53
N LYS A 73 -9.29 1.29 -5.18
CA LYS A 73 -9.33 1.54 -6.61
C LYS A 73 -7.92 1.66 -7.18
N GLY A 74 -7.74 1.23 -8.41
CA GLY A 74 -6.45 1.28 -9.06
C GLY A 74 -6.32 2.50 -9.94
N VAL A 75 -5.44 3.41 -9.56
CA VAL A 75 -5.29 4.67 -10.26
C VAL A 75 -3.85 4.85 -10.74
N LYS A 76 -3.64 5.84 -11.60
CA LYS A 76 -2.31 6.19 -12.06
C LYS A 76 -2.08 7.68 -11.93
N ALA A 77 -1.13 8.05 -11.09
CA ALA A 77 -0.81 9.44 -10.84
C ALA A 77 0.70 9.64 -10.87
N SER A 78 1.14 10.88 -11.01
CA SER A 78 2.55 11.17 -11.14
C SER A 78 3.14 11.57 -9.79
N LYS A 79 4.46 11.75 -9.76
CA LYS A 79 5.14 12.19 -8.55
C LYS A 79 4.61 13.54 -8.08
N GLU A 80 4.20 14.35 -9.04
CA GLU A 80 3.66 15.68 -8.75
C GLU A 80 2.30 15.58 -8.08
N ASP A 81 1.56 14.52 -8.39
CA ASP A 81 0.23 14.30 -7.82
C ASP A 81 0.33 13.92 -6.35
N LEU A 82 1.50 13.41 -5.96
CA LEU A 82 1.72 12.93 -4.60
C LEU A 82 1.66 14.10 -3.60
N LEU A 83 2.00 15.29 -4.06
CA LEU A 83 1.95 16.48 -3.22
C LEU A 83 0.59 17.16 -3.31
N LYS A 84 -0.26 16.63 -4.19
CA LYS A 84 -1.54 17.27 -4.47
C LYS A 84 -2.65 16.70 -3.58
N ASP A 85 -3.01 15.45 -3.82
CA ASP A 85 -4.20 14.88 -3.20
C ASP A 85 -3.85 13.92 -2.06
N PHE A 86 -2.67 13.32 -2.12
CA PHE A 86 -2.28 12.36 -1.10
C PHE A 86 -2.10 12.97 0.28
N ARG A 87 -3.06 12.66 1.11
CA ARG A 87 -3.01 13.00 2.52
C ARG A 87 -3.44 11.76 3.30
N LEU A 88 -3.50 10.64 2.57
CA LEU A 88 -4.00 9.39 3.10
C LEU A 88 -3.03 8.25 2.72
N PRO A 89 -2.93 7.21 3.57
CA PRO A 89 -2.10 6.03 3.30
C PRO A 89 -2.66 5.18 2.16
N ALA A 90 -1.78 4.77 1.26
CA ALA A 90 -2.16 3.96 0.10
C ALA A 90 -1.04 2.99 -0.25
N ILE A 91 -1.31 2.10 -1.21
CA ILE A 91 -0.33 1.11 -1.62
C ILE A 91 0.20 1.41 -3.02
N ALA A 92 1.51 1.49 -3.15
CA ALA A 92 2.14 1.77 -4.44
C ALA A 92 2.96 0.58 -4.92
N ASN A 93 2.98 0.37 -6.23
CA ASN A 93 3.76 -0.72 -6.80
C ASN A 93 5.09 -0.19 -7.32
N VAL A 94 6.17 -0.64 -6.69
CA VAL A 94 7.49 -0.22 -7.10
C VAL A 94 8.31 -1.41 -7.59
N ILE A 95 9.03 -1.20 -8.67
CA ILE A 95 9.82 -2.25 -9.29
C ILE A 95 11.30 -1.88 -9.28
N VAL A 96 12.06 -2.54 -8.42
CA VAL A 96 13.48 -2.24 -8.30
C VAL A 96 14.29 -3.13 -9.26
N ASP A 97 15.30 -2.52 -9.88
CA ASP A 97 16.16 -3.21 -10.85
C ASP A 97 15.38 -3.65 -12.08
N ASN A 98 14.17 -3.10 -12.23
CA ASN A 98 13.26 -3.49 -13.31
C ASN A 98 12.93 -4.97 -13.23
N ARG A 99 13.07 -5.55 -12.04
CA ARG A 99 12.79 -6.95 -11.84
C ARG A 99 11.84 -7.17 -10.67
N LEU A 100 12.31 -6.91 -9.46
CA LEU A 100 11.50 -7.14 -8.27
C LEU A 100 10.39 -6.11 -8.18
N ALA A 101 9.19 -6.53 -8.54
CA ALA A 101 8.01 -5.69 -8.44
C ALA A 101 7.30 -5.95 -7.13
N HIS A 102 7.41 -5.02 -6.20
CA HIS A 102 6.85 -5.20 -4.89
C HIS A 102 6.07 -3.96 -4.46
N PHE A 103 5.18 -4.12 -3.50
CA PHE A 103 4.40 -3.01 -3.01
C PHE A 103 5.12 -2.33 -1.85
N VAL A 104 4.98 -1.02 -1.79
CA VAL A 104 5.42 -0.25 -0.63
C VAL A 104 4.24 0.52 -0.06
N VAL A 105 4.20 0.63 1.26
CA VAL A 105 3.11 1.33 1.92
C VAL A 105 3.37 2.82 1.96
N ILE A 106 2.53 3.58 1.28
CA ILE A 106 2.66 5.02 1.23
C ILE A 106 1.83 5.66 2.33
N TYR A 107 2.47 6.02 3.43
CA TYR A 107 1.75 6.62 4.55
C TYR A 107 1.39 8.07 4.25
N SER A 108 2.36 8.80 3.70
CA SER A 108 2.15 10.19 3.30
C SER A 108 3.36 10.71 2.55
N ILE A 109 3.15 11.74 1.74
CA ILE A 109 4.23 12.36 1.00
C ILE A 109 4.38 13.80 1.46
N LYS A 110 5.48 14.09 2.12
CA LYS A 110 5.69 15.40 2.71
C LYS A 110 7.02 15.98 2.28
N ASN A 111 6.97 17.11 1.59
CA ASN A 111 8.17 17.87 1.22
C ASN A 111 9.06 17.05 0.29
N ARG A 112 8.44 16.48 -0.75
CA ARG A 112 9.14 15.67 -1.76
C ARG A 112 9.65 14.36 -1.18
N ILE A 113 9.28 14.06 0.06
CA ILE A 113 9.71 12.83 0.71
C ILE A 113 8.53 11.91 0.94
N ILE A 114 8.66 10.67 0.48
CA ILE A 114 7.60 9.70 0.60
C ILE A 114 7.88 8.75 1.77
N THR A 115 6.98 8.72 2.73
CA THR A 115 7.11 7.82 3.87
C THR A 115 6.58 6.44 3.50
N VAL A 116 7.49 5.49 3.32
CA VAL A 116 7.11 4.15 2.87
C VAL A 116 7.56 3.10 3.87
N ALA A 117 6.96 1.92 3.77
CA ALA A 117 7.37 0.77 4.55
C ALA A 117 8.03 -0.26 3.66
N ASP A 118 9.28 -0.59 3.98
CA ASP A 118 10.04 -1.54 3.17
C ASP A 118 9.72 -2.97 3.58
N PRO A 119 9.61 -3.90 2.62
CA PRO A 119 9.32 -5.30 2.90
C PRO A 119 10.42 -6.01 3.67
N GLY A 120 11.55 -5.36 3.86
CA GLY A 120 12.64 -5.96 4.62
C GLY A 120 12.87 -5.23 5.93
N LYS A 121 13.14 -3.94 5.83
CA LYS A 121 13.38 -3.12 7.01
C LYS A 121 12.12 -2.38 7.41
N GLY A 122 12.22 -1.51 8.40
CA GLY A 122 11.05 -0.81 8.89
C GLY A 122 10.65 0.38 8.02
N ILE A 123 10.40 1.51 8.66
CA ILE A 123 10.00 2.72 7.97
C ILE A 123 11.18 3.37 7.30
N VAL A 124 11.02 3.68 6.02
CA VAL A 124 12.08 4.28 5.26
C VAL A 124 11.68 5.66 4.77
N ARG A 125 12.65 6.42 4.32
CA ARG A 125 12.40 7.73 3.80
C ARG A 125 13.02 7.90 2.42
N TYR A 126 12.20 7.87 1.39
CA TYR A 126 12.68 8.03 0.03
C TYR A 126 12.24 9.36 -0.54
N SER A 127 13.17 10.09 -1.11
CA SER A 127 12.85 11.32 -1.82
C SER A 127 12.45 10.97 -3.24
N MET A 128 11.81 11.91 -3.94
CA MET A 128 11.31 11.66 -5.29
C MET A 128 12.39 11.06 -6.18
N ASP A 129 13.61 11.58 -6.07
CA ASP A 129 14.74 11.12 -6.86
C ASP A 129 14.88 9.60 -6.79
N ASP A 130 14.92 9.08 -5.57
CA ASP A 130 15.11 7.64 -5.37
C ASP A 130 13.80 6.88 -5.55
N PHE A 131 12.71 7.48 -5.10
CA PHE A 131 11.39 6.84 -5.14
C PHE A 131 10.95 6.61 -6.57
N CYS A 132 10.99 7.66 -7.39
CA CYS A 132 10.53 7.57 -8.77
C CYS A 132 11.39 6.62 -9.60
N SER A 133 12.61 6.37 -9.14
CA SER A 133 13.51 5.46 -9.83
C SER A 133 12.98 4.03 -9.78
N ILE A 134 12.37 3.66 -8.67
CA ILE A 134 11.81 2.33 -8.52
C ILE A 134 10.30 2.32 -8.77
N TRP A 135 9.67 3.45 -8.53
CA TRP A 135 8.23 3.57 -8.74
C TRP A 135 7.93 3.77 -10.22
N THR A 136 7.66 2.67 -10.90
CA THR A 136 7.33 2.71 -12.32
C THR A 136 5.90 3.20 -12.51
N GLY A 137 5.07 2.98 -11.50
CA GLY A 137 3.69 3.41 -11.56
C GLY A 137 2.75 2.37 -11.00
N GLY A 138 1.57 2.81 -10.59
CA GLY A 138 0.60 1.89 -10.03
C GLY A 138 0.25 2.26 -8.61
N LEU A 139 -0.94 2.82 -8.42
CA LEU A 139 -1.38 3.24 -7.11
C LEU A 139 -2.72 2.61 -6.75
N VAL A 140 -2.71 1.82 -5.69
CA VAL A 140 -3.95 1.27 -5.15
C VAL A 140 -4.41 2.14 -3.99
N LEU A 141 -5.42 2.96 -4.24
CA LEU A 141 -5.91 3.88 -3.23
C LEU A 141 -6.81 3.14 -2.24
N LEU A 142 -6.54 3.33 -0.95
CA LEU A 142 -7.40 2.77 0.08
C LEU A 142 -8.24 3.87 0.68
N GLU A 143 -9.54 3.69 0.66
CA GLU A 143 -10.45 4.67 1.21
C GLU A 143 -11.26 4.03 2.33
N PRO A 144 -10.95 4.38 3.59
CA PRO A 144 -11.62 3.82 4.77
C PRO A 144 -13.10 4.18 4.83
N GLY A 145 -13.52 5.13 4.00
CA GLY A 145 -14.91 5.52 3.97
C GLY A 145 -15.06 7.03 3.94
N GLU A 146 -16.07 7.52 4.64
CA GLU A 146 -16.31 8.96 4.72
C GLU A 146 -16.28 9.42 6.17
N ALA A 147 -17.12 8.82 6.99
CA ALA A 147 -17.17 9.14 8.40
C ALA A 147 -16.18 8.28 9.19
N PHE A 148 -15.10 7.88 8.51
CA PHE A 148 -14.12 6.96 9.09
C PHE A 148 -13.27 7.64 10.16
N GLN A 149 -13.50 8.93 10.36
CA GLN A 149 -12.79 9.68 11.38
C GLN A 149 -13.37 9.40 12.77
N LYS A 150 -14.56 8.83 12.78
CA LYS A 150 -15.21 8.44 14.03
C LYS A 150 -15.71 7.00 13.92
N GLY A 151 -15.89 6.36 15.06
CA GLY A 151 -16.33 4.98 15.07
C GLY A 151 -17.32 4.72 16.17
N LEU B 1 -11.52 9.73 -1.64
CA LEU B 1 -10.10 9.73 -2.07
C LEU B 1 -10.01 9.52 -3.59
N ASN B 2 -10.33 10.57 -4.34
CA ASN B 2 -10.20 10.54 -5.78
C ASN B 2 -9.00 11.36 -6.19
N ILE B 3 -7.89 10.68 -6.43
CA ILE B 3 -6.64 11.34 -6.75
C ILE B 3 -6.69 11.94 -8.16
N GLY B 4 -7.50 11.35 -9.02
CA GLY B 4 -7.63 11.81 -10.38
C GLY B 4 -8.43 10.86 -11.23
N ARG B 5 -7.74 9.91 -11.86
CA ARG B 5 -8.39 8.94 -12.72
C ARG B 5 -8.09 7.51 -12.29
N GLU B 6 -9.13 6.70 -12.33
CA GLU B 6 -9.00 5.27 -12.05
C GLU B 6 -8.92 4.50 -13.37
N LEU B 7 -8.16 3.43 -13.38
CA LEU B 7 -8.03 2.62 -14.58
C LEU B 7 -8.83 1.33 -14.43
N THR B 8 -8.61 0.38 -15.33
CA THR B 8 -9.37 -0.85 -15.34
C THR B 8 -8.75 -1.89 -14.40
N ASP B 9 -9.56 -2.86 -14.02
CA ASP B 9 -9.13 -3.95 -13.14
C ASP B 9 -8.09 -4.81 -13.83
N GLU B 10 -8.11 -4.81 -15.16
CA GLU B 10 -7.15 -5.58 -15.96
C GLU B 10 -5.73 -5.10 -15.68
N GLU B 11 -5.57 -3.82 -15.42
CA GLU B 11 -4.27 -3.26 -15.04
C GLU B 11 -3.82 -3.90 -13.73
N LEU B 12 -4.74 -3.97 -12.79
CA LEU B 12 -4.49 -4.55 -11.47
C LEU B 12 -4.22 -6.04 -11.57
N MET B 13 -4.85 -6.68 -12.56
CA MET B 13 -4.71 -8.12 -12.77
C MET B 13 -3.30 -8.49 -13.18
N GLU B 14 -2.70 -7.68 -14.04
CA GLU B 14 -1.37 -7.97 -14.55
C GLU B 14 -0.29 -7.36 -13.66
N MET B 15 -0.67 -6.37 -12.85
CA MET B 15 0.27 -5.72 -11.95
C MET B 15 0.45 -6.57 -10.70
N THR B 16 1.66 -6.57 -10.15
CA THR B 16 1.99 -7.47 -9.05
C THR B 16 2.98 -6.85 -8.08
N GLY B 17 2.83 -7.20 -6.82
CA GLY B 17 3.68 -6.66 -5.77
C GLY B 17 4.51 -7.73 -5.09
N GLY B 18 4.40 -8.95 -5.58
CA GLY B 18 5.20 -10.04 -5.06
C GLY B 18 5.80 -10.88 -6.17
N SER B 19 6.01 -10.27 -7.32
CA SER B 19 6.50 -10.99 -8.48
C SER B 19 7.81 -10.37 -8.99
N THR B 20 8.64 -11.19 -9.61
CA THR B 20 9.90 -10.72 -10.15
C THR B 20 9.88 -10.78 -11.67
N PHE B 21 9.87 -9.61 -12.30
CA PHE B 21 9.92 -9.52 -13.75
C PHE B 21 11.32 -9.83 -14.25
N SER B 22 11.48 -10.99 -14.85
CA SER B 22 12.77 -11.41 -15.36
C SER B 22 12.58 -12.07 -16.71
N ILE B 23 12.98 -11.38 -17.76
CA ILE B 23 12.87 -11.90 -19.12
C ILE B 23 13.67 -13.19 -19.27
N GLN B 24 14.79 -13.24 -18.57
CA GLN B 24 15.61 -14.44 -18.51
C GLN B 24 15.69 -14.94 -17.08
N SER A 1 3.38 13.07 32.72
CA SER A 1 3.14 14.37 32.06
C SER A 1 2.59 14.17 30.65
N ASN A 2 3.11 13.15 29.96
CA ASN A 2 2.68 12.85 28.60
C ASN A 2 1.39 12.04 28.60
N ALA A 3 0.65 12.14 27.51
CA ALA A 3 -0.63 11.44 27.36
C ALA A 3 -1.62 11.90 28.42
N MET A 4 -1.57 13.18 28.76
CA MET A 4 -2.45 13.74 29.75
C MET A 4 -3.51 14.62 29.09
N LEU A 5 -3.08 15.45 28.16
CA LEU A 5 -4.00 16.34 27.45
C LEU A 5 -4.51 15.66 26.19
N ARG A 6 -5.82 15.44 26.13
CA ARG A 6 -6.47 14.76 25.02
C ARG A 6 -5.83 13.40 24.77
N ARG A 7 -5.99 12.50 25.74
CA ARG A 7 -5.42 11.17 25.64
C ARG A 7 -6.42 10.20 25.01
N LEU A 8 -6.79 10.49 23.77
CA LEU A 8 -7.68 9.63 23.01
C LEU A 8 -6.86 8.60 22.25
N PHE A 9 -5.90 9.07 21.46
CA PHE A 9 -5.02 8.22 20.69
C PHE A 9 -5.79 7.27 19.77
N LYS A 10 -6.25 7.80 18.64
CA LYS A 10 -6.90 6.96 17.64
C LYS A 10 -5.85 6.24 16.81
N LYS A 11 -4.60 6.66 16.96
CA LYS A 11 -3.48 5.95 16.35
C LYS A 11 -3.24 4.66 17.10
N LYS A 12 -3.07 3.58 16.37
CA LYS A 12 -2.94 2.27 17.00
C LYS A 12 -1.53 1.74 16.86
N TYR A 13 -1.08 1.02 17.87
CA TYR A 13 0.21 0.37 17.82
C TYR A 13 0.04 -1.07 17.34
N VAL A 14 0.90 -1.50 16.45
CA VAL A 14 0.79 -2.84 15.88
C VAL A 14 1.42 -3.87 16.82
N CYS A 15 0.58 -4.69 17.43
CA CYS A 15 1.04 -5.73 18.34
C CYS A 15 1.48 -6.95 17.56
N VAL A 16 1.17 -6.96 16.27
CA VAL A 16 1.56 -8.03 15.37
C VAL A 16 3.00 -7.83 14.91
N ARG A 17 3.74 -8.93 14.78
CA ARG A 17 5.14 -8.85 14.40
C ARG A 17 5.29 -9.11 12.91
N GLN A 18 5.69 -8.08 12.19
CA GLN A 18 5.80 -8.15 10.75
C GLN A 18 7.25 -8.11 10.28
N TYR A 19 7.73 -9.22 9.74
CA TYR A 19 8.97 -9.21 9.00
C TYR A 19 8.63 -9.42 7.54
N ASP A 20 8.27 -10.65 7.18
CA ASP A 20 7.46 -10.88 5.99
C ASP A 20 7.00 -12.34 5.91
N LEU A 21 5.70 -12.54 5.81
CA LEU A 21 5.17 -13.73 5.15
C LEU A 21 4.78 -13.37 3.72
N THR A 22 3.72 -12.58 3.68
CA THR A 22 3.08 -12.06 2.49
C THR A 22 3.47 -10.62 2.17
N ASP A 23 4.53 -10.15 2.84
CA ASP A 23 4.80 -8.73 3.13
C ASP A 23 4.18 -7.72 2.15
N ALA A 24 4.42 -7.88 0.88
CA ALA A 24 3.98 -6.89 -0.07
C ALA A 24 2.47 -6.90 -0.27
N GLY A 25 1.91 -8.05 -0.59
CA GLY A 25 0.51 -8.09 -0.93
C GLY A 25 -0.40 -7.97 0.28
N ALA A 26 -0.32 -8.94 1.17
CA ALA A 26 -1.27 -8.99 2.28
C ALA A 26 -0.83 -8.10 3.44
N ALA A 27 0.47 -7.98 3.64
CA ALA A 27 0.98 -7.26 4.79
C ALA A 27 0.86 -5.76 4.62
N CYS A 28 1.06 -5.27 3.39
CA CYS A 28 0.95 -3.84 3.14
C CYS A 28 -0.49 -3.36 3.36
N LEU A 29 -1.45 -4.19 2.99
CA LEU A 29 -2.84 -3.88 3.28
C LEU A 29 -3.09 -3.92 4.79
N SER A 30 -2.50 -4.92 5.43
CA SER A 30 -2.60 -5.07 6.89
C SER A 30 -1.94 -3.89 7.62
N SER A 31 -0.90 -3.33 7.02
CA SER A 31 -0.16 -2.23 7.65
C SER A 31 -1.04 -1.00 7.78
N ILE A 32 -1.99 -0.88 6.87
CA ILE A 32 -2.94 0.22 6.89
C ILE A 32 -4.08 -0.08 7.86
N ALA A 33 -4.64 -1.28 7.73
CA ALA A 33 -5.78 -1.69 8.53
C ALA A 33 -5.42 -1.77 10.03
N GLN A 34 -4.29 -2.40 10.34
CA GLN A 34 -3.86 -2.56 11.72
C GLN A 34 -3.45 -1.22 12.31
N TYR A 35 -3.06 -0.29 11.44
CA TYR A 35 -2.71 1.07 11.86
C TYR A 35 -3.95 1.78 12.40
N TYR A 36 -5.11 1.38 11.88
CA TYR A 36 -6.38 1.91 12.36
C TYR A 36 -6.92 1.04 13.50
N GLY A 37 -6.32 -0.13 13.68
CA GLY A 37 -6.70 -0.98 14.78
C GLY A 37 -7.62 -2.11 14.38
N LEU A 38 -7.64 -2.45 13.10
CA LEU A 38 -8.47 -3.55 12.62
C LEU A 38 -7.74 -4.86 12.86
N LYS A 39 -8.43 -5.80 13.48
CA LYS A 39 -7.82 -7.07 13.86
C LYS A 39 -7.89 -8.07 12.72
N MET A 40 -6.81 -8.13 11.96
CA MET A 40 -6.69 -9.06 10.84
C MET A 40 -5.25 -9.50 10.69
N SER A 41 -5.04 -10.80 10.59
CA SER A 41 -3.70 -11.36 10.49
C SER A 41 -3.19 -11.28 9.05
N LEU A 42 -1.87 -11.24 8.90
CA LEU A 42 -1.23 -11.22 7.59
C LEU A 42 -1.67 -12.42 6.77
N ALA A 43 -1.71 -13.57 7.42
CA ALA A 43 -2.11 -14.81 6.79
C ALA A 43 -3.61 -14.82 6.49
N LYS A 44 -4.36 -14.01 7.21
CA LYS A 44 -5.81 -13.93 7.01
C LYS A 44 -6.12 -13.06 5.80
N ILE A 45 -5.28 -12.06 5.57
CA ILE A 45 -5.44 -11.19 4.42
C ILE A 45 -4.88 -11.89 3.17
N ARG A 46 -4.00 -12.86 3.39
CA ARG A 46 -3.43 -13.65 2.29
C ARG A 46 -4.52 -14.28 1.44
N GLU A 47 -5.45 -14.97 2.10
CA GLU A 47 -6.56 -15.63 1.42
C GLU A 47 -7.51 -14.61 0.81
N MET A 48 -7.70 -13.49 1.50
CA MET A 48 -8.63 -12.46 1.03
C MET A 48 -8.12 -11.77 -0.21
N THR A 49 -6.81 -11.64 -0.32
CA THR A 49 -6.20 -10.98 -1.47
C THR A 49 -5.91 -11.97 -2.58
N GLY A 50 -6.21 -13.24 -2.34
CA GLY A 50 -6.00 -14.25 -3.36
C GLY A 50 -4.53 -14.41 -3.67
N THR A 51 -3.70 -14.33 -2.63
CA THR A 51 -2.25 -14.30 -2.80
C THR A 51 -1.73 -15.46 -3.63
N ASP A 52 -1.10 -15.12 -4.74
CA ASP A 52 -0.42 -16.10 -5.57
C ASP A 52 0.93 -16.41 -4.97
N THR A 53 1.29 -17.68 -4.93
CA THR A 53 2.57 -18.11 -4.41
C THR A 53 3.72 -17.55 -5.26
N GLN A 54 3.39 -17.06 -6.45
CA GLN A 54 4.36 -16.41 -7.31
C GLN A 54 4.47 -14.92 -6.96
N GLY A 55 3.54 -14.45 -6.15
CA GLY A 55 3.51 -13.06 -5.77
C GLY A 55 2.12 -12.48 -5.83
N THR A 56 1.71 -11.80 -4.77
CA THR A 56 0.37 -11.21 -4.71
C THR A 56 0.21 -10.13 -5.77
N ASN A 57 -0.92 -10.16 -6.47
CA ASN A 57 -1.21 -9.15 -7.49
C ASN A 57 -2.06 -8.03 -6.88
N ALA A 58 -2.02 -6.88 -7.54
CA ALA A 58 -2.66 -5.67 -7.04
C ALA A 58 -4.19 -5.79 -7.08
N TYR A 59 -4.68 -6.75 -7.84
CA TYR A 59 -6.12 -6.98 -7.92
C TYR A 59 -6.63 -7.58 -6.62
N GLY A 60 -5.79 -8.38 -5.98
CA GLY A 60 -6.17 -8.96 -4.71
C GLY A 60 -6.30 -7.90 -3.63
N LEU A 61 -5.44 -6.89 -3.71
CA LEU A 61 -5.46 -5.79 -2.77
C LEU A 61 -6.81 -5.09 -2.80
N ILE A 62 -7.22 -4.64 -3.97
CA ILE A 62 -8.49 -3.95 -4.11
C ILE A 62 -9.66 -4.88 -3.76
N HIS A 63 -9.54 -6.14 -4.16
CA HIS A 63 -10.57 -7.14 -3.88
C HIS A 63 -10.81 -7.29 -2.39
N ALA A 64 -9.74 -7.39 -1.61
CA ALA A 64 -9.86 -7.56 -0.17
C ALA A 64 -10.24 -6.26 0.52
N ALA A 65 -9.63 -5.17 0.06
CA ALA A 65 -9.81 -3.86 0.68
C ALA A 65 -11.26 -3.43 0.72
N LYS A 66 -11.93 -3.48 -0.43
CA LYS A 66 -13.30 -2.97 -0.55
C LYS A 66 -14.26 -3.77 0.33
N GLN A 67 -13.92 -5.02 0.60
CA GLN A 67 -14.75 -5.86 1.46
C GLN A 67 -14.59 -5.44 2.93
N LEU A 68 -13.49 -4.75 3.21
CA LEU A 68 -13.22 -4.25 4.55
C LEU A 68 -13.89 -2.91 4.78
N GLY A 69 -14.36 -2.32 3.68
CA GLY A 69 -14.89 -0.98 3.74
C GLY A 69 -13.86 0.02 3.22
N PHE A 70 -12.71 -0.50 2.84
CA PHE A 70 -11.68 0.32 2.24
C PHE A 70 -11.93 0.49 0.75
N SER A 71 -12.51 1.62 0.37
CA SER A 71 -12.75 1.93 -1.03
C SER A 71 -11.42 2.04 -1.77
N ALA A 72 -11.02 0.95 -2.42
CA ALA A 72 -9.75 0.89 -3.10
C ALA A 72 -9.94 0.96 -4.61
N LYS A 73 -8.98 1.57 -5.29
CA LYS A 73 -9.00 1.64 -6.74
C LYS A 73 -7.59 1.87 -7.28
N GLY A 74 -7.25 1.14 -8.34
CA GLY A 74 -5.92 1.27 -8.93
C GLY A 74 -5.86 2.40 -9.94
N VAL A 75 -5.14 3.45 -9.59
CA VAL A 75 -5.09 4.66 -10.41
C VAL A 75 -3.66 5.00 -10.83
N LYS A 76 -3.55 5.91 -11.79
CA LYS A 76 -2.26 6.37 -12.26
C LYS A 76 -2.05 7.82 -11.83
N ALA A 77 -0.80 8.15 -11.52
CA ALA A 77 -0.44 9.48 -11.05
C ALA A 77 1.04 9.70 -11.20
N SER A 78 1.47 10.95 -11.20
CA SER A 78 2.88 11.27 -11.30
C SER A 78 3.40 11.76 -9.95
N LYS A 79 4.71 11.96 -9.84
CA LYS A 79 5.31 12.42 -8.60
C LYS A 79 4.71 13.76 -8.17
N GLU A 80 4.30 14.57 -9.15
CA GLU A 80 3.72 15.89 -8.87
C GLU A 80 2.36 15.75 -8.20
N ASP A 81 1.70 14.61 -8.42
CA ASP A 81 0.40 14.35 -7.83
C ASP A 81 0.55 13.97 -6.35
N LEU A 82 1.75 13.52 -6.01
CA LEU A 82 2.07 13.14 -4.63
C LEU A 82 1.97 14.34 -3.69
N LEU A 83 2.14 15.53 -4.25
CA LEU A 83 2.05 16.75 -3.46
C LEU A 83 0.65 17.34 -3.52
N LYS A 84 -0.28 16.62 -4.13
CA LYS A 84 -1.63 17.11 -4.29
C LYS A 84 -2.64 16.20 -3.61
N ASP A 85 -2.93 15.08 -4.26
CA ASP A 85 -4.04 14.23 -3.86
C ASP A 85 -3.56 13.08 -2.98
N PHE A 86 -2.29 13.10 -2.62
CA PHE A 86 -1.74 12.08 -1.77
C PHE A 86 -1.42 12.63 -0.39
N ARG A 87 -2.25 12.23 0.55
CA ARG A 87 -2.08 12.56 1.96
C ARG A 87 -2.79 11.49 2.76
N LEU A 88 -2.91 10.33 2.12
CA LEU A 88 -3.62 9.19 2.67
C LEU A 88 -2.76 7.95 2.54
N PRO A 89 -2.89 6.99 3.46
CA PRO A 89 -2.25 5.69 3.32
C PRO A 89 -2.63 5.03 2.00
N ALA A 90 -1.62 4.73 1.19
CA ALA A 90 -1.85 4.14 -0.12
C ALA A 90 -0.80 3.10 -0.43
N ILE A 91 -1.11 2.21 -1.36
CA ILE A 91 -0.19 1.15 -1.74
C ILE A 91 0.33 1.39 -3.15
N ALA A 92 1.63 1.59 -3.26
CA ALA A 92 2.27 1.88 -4.54
C ALA A 92 3.00 0.65 -5.08
N ASN A 93 2.93 0.45 -6.39
CA ASN A 93 3.63 -0.65 -7.02
C ASN A 93 4.96 -0.19 -7.58
N VAL A 94 6.03 -0.61 -6.92
CA VAL A 94 7.37 -0.22 -7.33
C VAL A 94 8.12 -1.42 -7.90
N ILE A 95 8.85 -1.18 -8.98
CA ILE A 95 9.56 -2.24 -9.67
C ILE A 95 11.04 -1.88 -9.79
N VAL A 96 11.88 -2.56 -9.04
CA VAL A 96 13.29 -2.22 -8.99
C VAL A 96 14.03 -2.81 -10.20
N ASP A 97 14.71 -1.93 -10.93
CA ASP A 97 15.46 -2.29 -12.14
C ASP A 97 14.55 -2.94 -13.19
N ASN A 98 13.26 -2.71 -13.05
CA ASN A 98 12.25 -3.35 -13.89
C ASN A 98 12.37 -4.87 -13.81
N ARG A 99 12.80 -5.35 -12.64
CA ARG A 99 12.94 -6.78 -12.40
C ARG A 99 11.92 -7.24 -11.37
N LEU A 100 12.16 -6.89 -10.12
CA LEU A 100 11.31 -7.32 -9.02
C LEU A 100 10.19 -6.32 -8.80
N ALA A 101 8.97 -6.82 -8.74
CA ALA A 101 7.80 -6.00 -8.49
C ALA A 101 7.41 -6.11 -7.03
N HIS A 102 7.33 -4.96 -6.34
CA HIS A 102 7.05 -4.96 -4.91
C HIS A 102 6.07 -3.84 -4.55
N PHE A 103 5.30 -4.04 -3.49
CA PHE A 103 4.40 -3.01 -3.01
C PHE A 103 5.01 -2.28 -1.82
N VAL A 104 4.91 -0.95 -1.84
CA VAL A 104 5.30 -0.15 -0.68
C VAL A 104 4.12 0.65 -0.16
N VAL A 105 4.06 0.81 1.16
CA VAL A 105 3.00 1.59 1.78
C VAL A 105 3.43 3.04 1.91
N ILE A 106 2.58 3.95 1.48
CA ILE A 106 2.87 5.36 1.60
C ILE A 106 1.84 6.03 2.50
N TYR A 107 2.31 6.79 3.48
CA TYR A 107 1.42 7.50 4.39
C TYR A 107 1.12 8.90 3.87
N SER A 108 2.17 9.63 3.52
CA SER A 108 2.02 10.99 3.03
C SER A 108 3.27 11.39 2.26
N ILE A 109 3.16 12.40 1.41
CA ILE A 109 4.31 12.94 0.70
C ILE A 109 4.38 14.44 0.91
N LYS A 110 5.53 14.92 1.36
CA LYS A 110 5.70 16.33 1.63
C LYS A 110 7.17 16.72 1.55
N ASN A 111 7.42 17.93 1.05
CA ASN A 111 8.77 18.45 0.85
C ASN A 111 9.54 17.59 -0.13
N ARG A 112 8.80 17.00 -1.08
CA ARG A 112 9.36 16.10 -2.09
C ARG A 112 9.85 14.79 -1.48
N ILE A 113 9.52 14.59 -0.21
CA ILE A 113 9.95 13.38 0.47
C ILE A 113 8.75 12.47 0.70
N ILE A 114 8.84 11.25 0.20
CA ILE A 114 7.74 10.30 0.29
C ILE A 114 7.88 9.46 1.54
N THR A 115 6.92 9.57 2.45
CA THR A 115 6.92 8.77 3.67
C THR A 115 6.49 7.33 3.35
N VAL A 116 7.48 6.46 3.24
CA VAL A 116 7.25 5.07 2.87
C VAL A 116 7.35 4.18 4.09
N ALA A 117 6.59 3.08 4.07
CA ALA A 117 6.65 2.08 5.11
C ALA A 117 6.75 0.70 4.50
N ASP A 118 7.96 0.18 4.45
CA ASP A 118 8.19 -1.17 3.96
C ASP A 118 7.82 -2.17 5.04
N PRO A 119 7.00 -3.17 4.69
CA PRO A 119 6.46 -4.14 5.66
C PRO A 119 7.52 -4.88 6.47
N GLY A 120 8.75 -4.90 5.96
CA GLY A 120 9.82 -5.59 6.66
C GLY A 120 10.58 -4.68 7.61
N LYS A 121 10.40 -3.37 7.44
CA LYS A 121 11.10 -2.40 8.24
C LYS A 121 10.08 -1.51 8.96
N GLY A 122 10.55 -0.63 9.83
CA GLY A 122 9.65 0.30 10.48
C GLY A 122 9.28 1.46 9.57
N ILE A 123 10.06 2.52 9.61
CA ILE A 123 9.83 3.67 8.76
C ILE A 123 11.06 3.96 7.91
N VAL A 124 10.85 4.21 6.63
CA VAL A 124 11.94 4.53 5.72
C VAL A 124 11.41 5.38 4.58
N ARG A 125 11.98 6.56 4.41
CA ARG A 125 11.47 7.50 3.44
C ARG A 125 12.44 7.66 2.28
N TYR A 126 11.89 7.98 1.13
CA TYR A 126 12.69 8.16 -0.07
C TYR A 126 12.29 9.46 -0.75
N SER A 127 13.26 10.17 -1.31
CA SER A 127 12.98 11.40 -2.03
C SER A 127 12.48 11.06 -3.43
N MET A 128 11.98 12.05 -4.15
CA MET A 128 11.43 11.84 -5.48
C MET A 128 12.43 11.14 -6.38
N ASP A 129 13.68 11.56 -6.32
CA ASP A 129 14.74 10.97 -7.13
C ASP A 129 14.87 9.49 -6.84
N ASP A 130 14.92 9.14 -5.55
CA ASP A 130 15.08 7.76 -5.12
C ASP A 130 13.84 6.94 -5.47
N PHE A 131 12.68 7.54 -5.22
CA PHE A 131 11.40 6.87 -5.39
C PHE A 131 11.15 6.55 -6.86
N CYS A 132 11.30 7.54 -7.74
CA CYS A 132 11.05 7.36 -9.16
C CYS A 132 12.00 6.33 -9.78
N SER A 133 13.13 6.09 -9.12
CA SER A 133 14.10 5.12 -9.60
C SER A 133 13.52 3.71 -9.60
N ILE A 134 12.64 3.43 -8.64
CA ILE A 134 12.02 2.10 -8.54
C ILE A 134 10.54 2.16 -8.89
N TRP A 135 9.93 3.31 -8.66
CA TRP A 135 8.50 3.48 -8.88
C TRP A 135 8.19 3.62 -10.36
N THR A 136 7.64 2.56 -10.93
CA THR A 136 7.26 2.56 -12.34
C THR A 136 5.92 3.28 -12.53
N GLY A 137 4.98 3.02 -11.62
CA GLY A 137 3.70 3.69 -11.69
C GLY A 137 2.57 2.79 -11.24
N GLY A 138 1.42 3.39 -10.98
CA GLY A 138 0.28 2.62 -10.53
C GLY A 138 0.17 2.58 -9.02
N LEU A 139 -0.86 3.22 -8.48
CA LEU A 139 -1.07 3.25 -7.04
C LEU A 139 -2.51 2.93 -6.69
N VAL A 140 -2.70 2.18 -5.63
CA VAL A 140 -4.04 1.86 -5.14
C VAL A 140 -4.42 2.81 -4.00
N LEU A 141 -5.47 3.58 -4.21
CA LEU A 141 -5.97 4.49 -3.18
C LEU A 141 -6.77 3.73 -2.15
N LEU A 142 -6.62 4.09 -0.88
CA LEU A 142 -7.35 3.45 0.20
C LEU A 142 -8.30 4.44 0.87
N GLU A 143 -9.52 3.96 1.13
CA GLU A 143 -10.58 4.75 1.78
C GLU A 143 -11.19 5.77 0.82
N PRO A 144 -12.51 5.96 0.91
CA PRO A 144 -13.25 6.85 0.03
C PRO A 144 -13.11 8.31 0.42
N GLY A 145 -11.96 8.90 0.10
CA GLY A 145 -11.73 10.30 0.40
C GLY A 145 -12.43 11.23 -0.58
N GLU A 146 -13.73 11.00 -0.77
CA GLU A 146 -14.59 11.82 -1.60
C GLU A 146 -14.29 11.58 -3.08
N ALA A 147 -15.24 11.95 -3.94
CA ALA A 147 -15.10 11.74 -5.37
C ALA A 147 -15.12 10.25 -5.70
N PHE A 148 -15.75 9.47 -4.84
CA PHE A 148 -15.83 8.03 -5.03
C PHE A 148 -17.21 7.65 -5.56
N GLN A 149 -18.15 8.58 -5.47
CA GLN A 149 -19.51 8.34 -5.92
C GLN A 149 -19.59 8.48 -7.44
N LYS A 150 -18.94 9.51 -7.96
CA LYS A 150 -18.89 9.75 -9.40
C LYS A 150 -17.47 10.12 -9.79
N GLY A 151 -17.11 9.85 -11.04
CA GLY A 151 -15.76 10.13 -11.49
C GLY A 151 -15.47 9.52 -12.84
N LEU B 1 -10.91 12.49 -3.74
CA LEU B 1 -9.74 11.81 -4.35
C LEU B 1 -9.90 11.72 -5.87
N ASN B 2 -9.95 12.86 -6.53
CA ASN B 2 -9.90 12.89 -7.99
C ASN B 2 -8.46 13.11 -8.43
N ILE B 3 -7.76 12.01 -8.60
CA ILE B 3 -6.33 12.05 -8.84
C ILE B 3 -6.00 11.79 -10.31
N GLY B 4 -6.88 11.08 -10.98
CA GLY B 4 -6.67 10.77 -12.38
C GLY B 4 -7.55 9.63 -12.86
N ARG B 5 -7.00 8.76 -13.68
CA ARG B 5 -7.75 7.64 -14.22
C ARG B 5 -7.32 6.32 -13.64
N GLU B 6 -8.29 5.42 -13.53
CA GLU B 6 -8.08 4.08 -13.02
C GLU B 6 -7.90 3.12 -14.18
N LEU B 7 -7.08 2.10 -13.98
CA LEU B 7 -6.79 1.15 -15.05
C LEU B 7 -7.87 0.09 -15.16
N THR B 8 -7.54 -0.96 -15.89
CA THR B 8 -8.42 -2.09 -16.04
C THR B 8 -8.01 -3.19 -15.05
N ASP B 9 -8.86 -4.19 -14.88
CA ASP B 9 -8.57 -5.28 -13.95
C ASP B 9 -7.32 -6.02 -14.40
N GLU B 10 -7.15 -6.11 -15.71
CA GLU B 10 -6.02 -6.81 -16.31
C GLU B 10 -4.69 -6.24 -15.82
N GLU B 11 -4.62 -4.92 -15.72
CA GLU B 11 -3.41 -4.24 -15.26
C GLU B 11 -3.07 -4.64 -13.84
N LEU B 12 -4.11 -4.81 -13.03
CA LEU B 12 -3.93 -5.13 -11.62
C LEU B 12 -3.39 -6.54 -11.45
N MET B 13 -3.70 -7.44 -12.39
CA MET B 13 -3.14 -8.78 -12.37
C MET B 13 -1.65 -8.75 -12.67
N GLU B 14 -1.25 -7.80 -13.52
CA GLU B 14 0.15 -7.65 -13.88
C GLU B 14 0.92 -6.94 -12.78
N MET B 15 0.26 -6.02 -12.09
CA MET B 15 0.88 -5.33 -10.98
C MET B 15 0.96 -6.28 -9.79
N THR B 16 2.13 -6.41 -9.21
CA THR B 16 2.37 -7.43 -8.20
C THR B 16 3.35 -6.94 -7.15
N GLY B 17 3.24 -7.48 -5.95
CA GLY B 17 4.05 -7.03 -4.85
C GLY B 17 5.18 -7.97 -4.51
N GLY B 18 5.07 -9.22 -4.93
CA GLY B 18 6.10 -10.18 -4.63
C GLY B 18 6.44 -11.04 -5.82
N SER B 19 6.37 -10.45 -7.00
CA SER B 19 6.63 -11.18 -8.23
C SER B 19 7.69 -10.45 -9.05
N THR B 20 7.94 -10.94 -10.25
CA THR B 20 8.96 -10.38 -11.10
C THR B 20 8.59 -10.57 -12.57
N PHE B 21 8.84 -9.54 -13.37
CA PHE B 21 8.49 -9.58 -14.78
C PHE B 21 9.62 -10.20 -15.60
N SER B 22 9.37 -11.40 -16.09
CA SER B 22 10.35 -12.10 -16.89
C SER B 22 9.97 -12.01 -18.38
N ILE B 23 10.13 -10.82 -18.93
CA ILE B 23 9.80 -10.59 -20.33
C ILE B 23 10.98 -10.88 -21.24
N GLN B 24 10.68 -11.40 -22.41
CA GLN B 24 11.72 -11.72 -23.39
C GLN B 24 12.13 -10.45 -24.13
N SER A 1 -1.85 19.42 36.72
CA SER A 1 -2.09 19.61 38.17
C SER A 1 -2.70 18.35 38.78
N ASN A 2 -1.82 17.41 39.14
CA ASN A 2 -2.23 16.16 39.80
C ASN A 2 -3.09 15.30 38.87
N ALA A 3 -2.87 15.45 37.57
CA ALA A 3 -3.60 14.68 36.59
C ALA A 3 -2.88 13.36 36.32
N MET A 4 -3.25 12.34 37.08
CA MET A 4 -2.66 11.03 36.93
C MET A 4 -3.65 10.05 36.33
N LEU A 5 -3.25 9.39 35.25
CA LEU A 5 -4.07 8.34 34.65
C LEU A 5 -3.89 7.05 35.44
N ARG A 6 -4.81 6.82 36.37
CA ARG A 6 -4.76 5.63 37.22
C ARG A 6 -5.21 4.41 36.45
N ARG A 7 -4.76 3.24 36.89
CA ARG A 7 -5.12 1.96 36.29
C ARG A 7 -4.47 1.79 34.91
N LEU A 8 -3.87 0.64 34.71
CA LEU A 8 -3.29 0.33 33.41
C LEU A 8 -4.41 -0.10 32.46
N PHE A 9 -4.72 0.77 31.52
CA PHE A 9 -5.81 0.54 30.57
C PHE A 9 -5.54 -0.69 29.71
N LYS A 10 -4.25 -1.00 29.54
CA LYS A 10 -3.80 -2.22 28.87
C LYS A 10 -4.10 -2.17 27.37
N LYS A 11 -4.47 -1.00 26.88
CA LYS A 11 -4.78 -0.84 25.47
C LYS A 11 -3.53 -0.99 24.62
N LYS A 12 -3.66 -1.73 23.52
CA LYS A 12 -2.55 -1.94 22.61
C LYS A 12 -2.75 -1.09 21.37
N TYR A 13 -1.65 -0.69 20.75
CA TYR A 13 -1.71 0.04 19.50
C TYR A 13 -1.73 -0.92 18.33
N VAL A 14 -2.82 -0.91 17.58
CA VAL A 14 -2.98 -1.81 16.46
C VAL A 14 -2.16 -1.34 15.27
N CYS A 15 -1.05 -2.03 15.02
CA CYS A 15 -0.20 -1.73 13.88
C CYS A 15 0.92 -2.78 13.82
N VAL A 16 0.56 -4.02 14.11
CA VAL A 16 1.53 -5.11 14.10
C VAL A 16 1.85 -5.50 12.66
N ARG A 17 3.01 -5.09 12.18
CA ARG A 17 3.34 -5.31 10.79
C ARG A 17 4.62 -6.11 10.64
N GLN A 18 4.44 -7.37 10.28
CA GLN A 18 5.46 -8.18 9.62
C GLN A 18 4.90 -8.49 8.25
N TYR A 19 5.65 -8.32 7.18
CA TYR A 19 4.99 -8.43 5.89
C TYR A 19 5.37 -9.72 5.17
N ASP A 20 6.46 -9.70 4.41
CA ASP A 20 6.99 -10.89 3.76
C ASP A 20 8.19 -10.49 2.91
N LEU A 21 8.78 -11.45 2.20
CA LEU A 21 9.62 -11.10 1.09
C LEU A 21 8.75 -10.79 -0.14
N THR A 22 7.98 -11.78 -0.60
CA THR A 22 7.11 -11.62 -1.76
C THR A 22 5.65 -11.29 -1.38
N ASP A 23 5.12 -12.05 -0.41
CA ASP A 23 3.72 -11.93 0.03
C ASP A 23 3.39 -10.55 0.59
N ALA A 24 4.43 -9.75 0.80
CA ALA A 24 4.31 -8.42 1.41
C ALA A 24 3.13 -7.62 0.89
N GLY A 25 2.77 -7.82 -0.37
CA GLY A 25 1.64 -7.12 -0.96
C GLY A 25 0.38 -7.19 -0.11
N ALA A 26 0.09 -8.38 0.41
CA ALA A 26 -1.08 -8.57 1.27
C ALA A 26 -0.91 -7.79 2.56
N ALA A 27 0.26 -7.90 3.15
CA ALA A 27 0.53 -7.25 4.42
C ALA A 27 0.54 -5.73 4.28
N CYS A 28 0.88 -5.24 3.09
CA CYS A 28 0.84 -3.81 2.81
C CYS A 28 -0.58 -3.27 2.97
N LEU A 29 -1.56 -4.08 2.58
CA LEU A 29 -2.95 -3.71 2.75
C LEU A 29 -3.33 -3.71 4.24
N SER A 30 -2.82 -4.70 4.95
CA SER A 30 -3.07 -4.82 6.38
C SER A 30 -2.45 -3.63 7.12
N SER A 31 -1.37 -3.10 6.56
CA SER A 31 -0.64 -2.00 7.18
C SER A 31 -1.52 -0.76 7.26
N ILE A 32 -2.44 -0.65 6.32
CA ILE A 32 -3.38 0.46 6.29
C ILE A 32 -4.56 0.18 7.22
N ALA A 33 -5.09 -1.05 7.13
CA ALA A 33 -6.22 -1.47 7.93
C ALA A 33 -5.93 -1.34 9.42
N GLN A 34 -4.80 -1.92 9.85
CA GLN A 34 -4.40 -1.88 11.24
C GLN A 34 -4.22 -0.46 11.73
N TYR A 35 -3.67 0.38 10.86
CA TYR A 35 -3.38 1.78 11.18
C TYR A 35 -4.64 2.53 11.62
N TYR A 36 -5.77 2.18 11.01
CA TYR A 36 -7.03 2.84 11.33
C TYR A 36 -7.74 2.15 12.50
N GLY A 37 -7.04 1.23 13.15
CA GLY A 37 -7.58 0.61 14.35
C GLY A 37 -8.20 -0.75 14.08
N LEU A 38 -8.18 -1.18 12.82
CA LEU A 38 -8.76 -2.46 12.46
C LEU A 38 -7.78 -3.59 12.75
N LYS A 39 -8.15 -4.46 13.68
CA LYS A 39 -7.28 -5.54 14.09
C LYS A 39 -7.36 -6.70 13.09
N MET A 40 -6.68 -6.54 11.98
CA MET A 40 -6.68 -7.54 10.93
C MET A 40 -5.37 -8.31 10.95
N SER A 41 -5.46 -9.62 10.81
CA SER A 41 -4.29 -10.46 10.79
C SER A 41 -3.68 -10.50 9.40
N LEU A 42 -2.35 -10.56 9.34
CA LEU A 42 -1.63 -10.62 8.06
C LEU A 42 -2.08 -11.83 7.27
N ALA A 43 -2.19 -12.95 7.98
CA ALA A 43 -2.61 -14.21 7.39
C ALA A 43 -4.01 -14.09 6.79
N LYS A 44 -4.90 -13.41 7.51
CA LYS A 44 -6.27 -13.20 7.06
C LYS A 44 -6.30 -12.42 5.74
N ILE A 45 -5.45 -11.42 5.63
CA ILE A 45 -5.41 -10.60 4.44
C ILE A 45 -4.84 -11.39 3.25
N ARG A 46 -3.90 -12.28 3.54
CA ARG A 46 -3.28 -13.11 2.49
C ARG A 46 -4.32 -14.02 1.83
N GLU A 47 -5.18 -14.60 2.64
CA GLU A 47 -6.20 -15.51 2.13
C GLU A 47 -7.36 -14.72 1.51
N MET A 48 -7.53 -13.48 1.91
CA MET A 48 -8.56 -12.62 1.36
C MET A 48 -8.12 -11.99 0.04
N THR A 49 -6.81 -11.92 -0.18
CA THR A 49 -6.29 -11.31 -1.39
C THR A 49 -6.17 -12.33 -2.52
N GLY A 50 -6.48 -13.58 -2.22
CA GLY A 50 -6.45 -14.62 -3.23
C GLY A 50 -5.06 -14.87 -3.74
N THR A 51 -4.12 -15.08 -2.81
CA THR A 51 -2.69 -15.14 -3.14
C THR A 51 -2.42 -15.94 -4.40
N ASP A 52 -1.86 -15.25 -5.39
CA ASP A 52 -1.53 -15.85 -6.68
C ASP A 52 -0.22 -16.60 -6.57
N THR A 53 -0.19 -17.80 -7.14
CA THR A 53 0.97 -18.67 -7.06
C THR A 53 2.23 -18.02 -7.64
N GLN A 54 2.05 -17.05 -8.53
CA GLN A 54 3.19 -16.35 -9.12
C GLN A 54 3.60 -15.17 -8.25
N GLY A 55 2.73 -14.81 -7.32
CA GLY A 55 3.04 -13.73 -6.40
C GLY A 55 1.82 -12.87 -6.12
N THR A 56 1.89 -12.07 -5.07
CA THR A 56 0.78 -11.19 -4.71
C THR A 56 0.64 -10.07 -5.74
N ASN A 57 -0.51 -10.01 -6.39
CA ASN A 57 -0.77 -8.99 -7.39
C ASN A 57 -1.63 -7.86 -6.83
N ALA A 58 -1.78 -6.79 -7.58
CA ALA A 58 -2.56 -5.64 -7.13
C ALA A 58 -4.05 -5.96 -7.06
N TYR A 59 -4.51 -6.83 -7.94
CA TYR A 59 -5.91 -7.22 -7.98
C TYR A 59 -6.33 -7.88 -6.66
N GLY A 60 -5.41 -8.64 -6.06
CA GLY A 60 -5.69 -9.27 -4.80
C GLY A 60 -5.93 -8.27 -3.68
N LEU A 61 -5.14 -7.19 -3.70
CA LEU A 61 -5.23 -6.15 -2.69
C LEU A 61 -6.61 -5.50 -2.69
N ILE A 62 -7.05 -5.04 -3.85
CA ILE A 62 -8.36 -4.41 -3.97
C ILE A 62 -9.47 -5.41 -3.64
N HIS A 63 -9.21 -6.68 -3.98
CA HIS A 63 -10.16 -7.76 -3.71
C HIS A 63 -10.44 -7.89 -2.21
N ALA A 64 -9.39 -7.82 -1.41
CA ALA A 64 -9.53 -7.97 0.03
C ALA A 64 -9.96 -6.66 0.68
N ALA A 65 -9.44 -5.55 0.15
CA ALA A 65 -9.68 -4.23 0.71
C ALA A 65 -11.16 -3.91 0.81
N LYS A 66 -11.89 -4.13 -0.27
CA LYS A 66 -13.31 -3.81 -0.32
C LYS A 66 -14.10 -4.72 0.62
N GLN A 67 -13.54 -5.87 0.96
CA GLN A 67 -14.17 -6.79 1.90
C GLN A 67 -13.85 -6.38 3.34
N LEU A 68 -12.97 -5.41 3.48
CA LEU A 68 -12.62 -4.87 4.80
C LEU A 68 -13.50 -3.67 5.13
N GLY A 69 -14.32 -3.30 4.17
CA GLY A 69 -15.14 -2.11 4.32
C GLY A 69 -14.43 -0.90 3.72
N PHE A 70 -13.23 -1.13 3.19
CA PHE A 70 -12.50 -0.08 2.50
C PHE A 70 -13.02 0.08 1.08
N SER A 71 -12.97 1.29 0.58
CA SER A 71 -13.24 1.55 -0.81
C SER A 71 -11.91 1.64 -1.56
N ALA A 72 -11.50 0.52 -2.14
CA ALA A 72 -10.21 0.44 -2.80
C ALA A 72 -10.34 0.69 -4.29
N LYS A 73 -9.39 1.41 -4.84
CA LYS A 73 -9.44 1.79 -6.24
C LYS A 73 -8.04 1.81 -6.84
N GLY A 74 -7.84 1.03 -7.89
CA GLY A 74 -6.53 0.97 -8.52
C GLY A 74 -6.33 2.11 -9.50
N VAL A 75 -5.19 2.78 -9.38
CA VAL A 75 -4.86 3.89 -10.27
C VAL A 75 -3.36 3.92 -10.57
N LYS A 76 -3.02 4.22 -11.82
CA LYS A 76 -1.62 4.38 -12.17
C LYS A 76 -1.28 5.86 -12.15
N ALA A 77 -0.89 6.35 -10.98
CA ALA A 77 -0.61 7.76 -10.81
C ALA A 77 0.88 8.06 -10.92
N SER A 78 1.23 9.33 -10.79
CA SER A 78 2.61 9.75 -10.93
C SER A 78 3.09 10.46 -9.66
N LYS A 79 4.36 10.83 -9.63
CA LYS A 79 4.94 11.51 -8.48
C LYS A 79 4.22 12.83 -8.22
N GLU A 80 3.74 13.47 -9.29
CA GLU A 80 3.06 14.74 -9.19
C GLU A 80 1.72 14.60 -8.47
N ASP A 81 1.14 13.41 -8.52
CA ASP A 81 -0.14 13.14 -7.87
C ASP A 81 0.04 12.97 -6.37
N LEU A 82 1.26 12.64 -5.97
CA LEU A 82 1.57 12.37 -4.58
C LEU A 82 1.53 13.66 -3.76
N LEU A 83 1.77 14.77 -4.43
CA LEU A 83 1.84 16.06 -3.78
C LEU A 83 0.50 16.77 -3.80
N LYS A 84 -0.43 16.27 -4.63
CA LYS A 84 -1.71 16.93 -4.80
C LYS A 84 -2.79 16.32 -3.92
N ASP A 85 -3.14 15.07 -4.20
CA ASP A 85 -4.29 14.43 -3.54
C ASP A 85 -3.85 13.50 -2.43
N PHE A 86 -2.58 13.16 -2.39
CA PHE A 86 -2.09 12.17 -1.45
C PHE A 86 -1.66 12.76 -0.14
N ARG A 87 -2.38 12.36 0.88
CA ARG A 87 -2.05 12.66 2.25
C ARG A 87 -2.70 11.59 3.12
N LEU A 88 -2.90 10.44 2.48
CA LEU A 88 -3.55 9.28 3.08
C LEU A 88 -2.69 8.05 2.86
N PRO A 89 -2.71 7.10 3.80
CA PRO A 89 -2.01 5.82 3.64
C PRO A 89 -2.53 5.03 2.45
N ALA A 90 -1.63 4.72 1.53
CA ALA A 90 -1.98 3.99 0.31
C ALA A 90 -0.87 3.04 -0.07
N ILE A 91 -1.12 2.20 -1.07
CA ILE A 91 -0.14 1.20 -1.49
C ILE A 91 0.47 1.58 -2.83
N ALA A 92 1.80 1.58 -2.88
CA ALA A 92 2.50 1.90 -4.10
C ALA A 92 3.22 0.68 -4.65
N ASN A 93 3.20 0.53 -5.97
CA ASN A 93 3.86 -0.60 -6.61
C ASN A 93 5.22 -0.20 -7.14
N VAL A 94 6.26 -0.57 -6.40
CA VAL A 94 7.62 -0.23 -6.77
C VAL A 94 8.33 -1.42 -7.41
N ILE A 95 9.16 -1.14 -8.39
CA ILE A 95 9.91 -2.17 -9.08
C ILE A 95 11.41 -1.94 -8.93
N VAL A 96 12.06 -2.78 -8.15
CA VAL A 96 13.48 -2.59 -7.87
C VAL A 96 14.33 -3.10 -9.02
N ASP A 97 15.23 -2.22 -9.49
CA ASP A 97 16.12 -2.52 -10.61
C ASP A 97 15.33 -2.87 -11.87
N ASN A 98 14.08 -2.40 -11.91
CA ASN A 98 13.19 -2.63 -13.05
C ASN A 98 13.04 -4.12 -13.33
N ARG A 99 13.11 -4.93 -12.27
CA ARG A 99 12.96 -6.36 -12.39
C ARG A 99 11.96 -6.90 -11.38
N LEU A 100 12.29 -6.80 -10.10
CA LEU A 100 11.44 -7.33 -9.05
C LEU A 100 10.36 -6.32 -8.66
N ALA A 101 9.11 -6.75 -8.75
CA ALA A 101 7.98 -5.91 -8.43
C ALA A 101 7.58 -6.12 -6.97
N HIS A 102 7.40 -5.03 -6.24
CA HIS A 102 7.18 -5.10 -4.80
C HIS A 102 6.19 -4.01 -4.37
N PHE A 103 5.44 -4.28 -3.32
CA PHE A 103 4.53 -3.29 -2.78
C PHE A 103 5.10 -2.63 -1.54
N VAL A 104 5.00 -1.31 -1.49
CA VAL A 104 5.35 -0.55 -0.30
C VAL A 104 4.17 0.34 0.10
N VAL A 105 4.09 0.68 1.38
CA VAL A 105 2.97 1.49 1.88
C VAL A 105 3.40 2.94 2.05
N ILE A 106 2.64 3.85 1.49
CA ILE A 106 2.91 5.27 1.65
C ILE A 106 1.94 5.88 2.64
N TYR A 107 2.47 6.55 3.65
CA TYR A 107 1.63 7.16 4.67
C TYR A 107 1.45 8.65 4.43
N SER A 108 2.47 9.30 3.86
CA SER A 108 2.41 10.73 3.60
C SER A 108 3.45 11.12 2.55
N ILE A 109 3.18 12.19 1.81
CA ILE A 109 4.16 12.74 0.87
C ILE A 109 4.24 14.24 1.03
N LYS A 110 5.41 14.73 1.40
CA LYS A 110 5.60 16.16 1.62
C LYS A 110 7.07 16.54 1.50
N ASN A 111 7.31 17.75 0.99
CA ASN A 111 8.67 18.30 0.85
C ASN A 111 9.51 17.42 -0.06
N ARG A 112 8.88 16.89 -1.12
CA ARG A 112 9.54 16.01 -2.09
C ARG A 112 9.87 14.65 -1.47
N ILE A 113 9.46 14.46 -0.23
CA ILE A 113 9.82 13.25 0.51
C ILE A 113 8.59 12.36 0.69
N ILE A 114 8.74 11.09 0.36
CA ILE A 114 7.66 10.12 0.51
C ILE A 114 7.89 9.28 1.75
N THR A 115 6.92 9.29 2.65
CA THR A 115 6.98 8.48 3.86
C THR A 115 6.51 7.05 3.56
N VAL A 116 7.46 6.13 3.46
CA VAL A 116 7.16 4.77 3.05
C VAL A 116 7.37 3.78 4.20
N ALA A 117 6.56 2.75 4.24
CA ALA A 117 6.74 1.65 5.16
C ALA A 117 7.21 0.43 4.40
N ASP A 118 8.43 0.00 4.67
CA ASP A 118 9.03 -1.10 3.94
C ASP A 118 8.69 -2.43 4.60
N PRO A 119 8.38 -3.45 3.78
CA PRO A 119 8.07 -4.82 4.25
C PRO A 119 9.17 -5.45 5.10
N GLY A 120 10.37 -4.89 5.03
CA GLY A 120 11.46 -5.41 5.83
C GLY A 120 12.05 -4.36 6.75
N LYS A 121 12.27 -3.18 6.21
CA LYS A 121 12.82 -2.07 7.00
C LYS A 121 11.72 -1.40 7.80
N GLY A 122 12.04 -0.31 8.48
CA GLY A 122 11.05 0.39 9.26
C GLY A 122 10.27 1.39 8.42
N ILE A 123 10.09 2.58 8.96
CA ILE A 123 9.46 3.65 8.22
C ILE A 123 10.53 4.49 7.53
N VAL A 124 10.68 4.27 6.24
CA VAL A 124 11.77 4.84 5.49
C VAL A 124 11.27 5.94 4.56
N ARG A 125 12.05 6.99 4.41
CA ARG A 125 11.66 8.09 3.55
C ARG A 125 12.53 8.12 2.30
N TYR A 126 11.91 8.40 1.17
CA TYR A 126 12.62 8.50 -0.08
C TYR A 126 12.28 9.83 -0.76
N SER A 127 13.28 10.45 -1.36
CA SER A 127 13.04 11.61 -2.18
C SER A 127 12.44 11.16 -3.51
N MET A 128 11.79 12.06 -4.25
CA MET A 128 11.15 11.70 -5.50
C MET A 128 12.13 10.97 -6.42
N ASP A 129 13.35 11.47 -6.51
CA ASP A 129 14.39 10.86 -7.35
C ASP A 129 14.71 9.45 -6.89
N ASP A 130 14.75 9.24 -5.58
CA ASP A 130 15.05 7.93 -5.02
C ASP A 130 13.88 6.98 -5.24
N PHE A 131 12.68 7.51 -5.02
CA PHE A 131 11.47 6.70 -5.09
C PHE A 131 11.15 6.32 -6.53
N CYS A 132 11.14 7.29 -7.43
CA CYS A 132 10.80 7.06 -8.82
C CYS A 132 11.83 6.16 -9.51
N SER A 133 13.03 6.09 -8.93
CA SER A 133 14.09 5.24 -9.45
C SER A 133 13.64 3.78 -9.48
N ILE A 134 12.77 3.41 -8.54
CA ILE A 134 12.20 2.06 -8.52
C ILE A 134 10.71 2.10 -8.84
N TRP A 135 10.07 3.21 -8.54
CA TRP A 135 8.64 3.35 -8.77
C TRP A 135 8.38 3.84 -10.18
N THR A 136 8.08 2.91 -11.08
CA THR A 136 7.75 3.25 -12.45
C THR A 136 6.34 3.83 -12.54
N GLY A 137 5.49 3.39 -11.63
CA GLY A 137 4.11 3.85 -11.60
C GLY A 137 3.17 2.77 -11.14
N GLY A 138 2.22 3.14 -10.30
CA GLY A 138 1.27 2.18 -9.79
C GLY A 138 0.90 2.46 -8.35
N LEU A 139 -0.39 2.66 -8.11
CA LEU A 139 -0.89 3.00 -6.78
C LEU A 139 -2.28 2.43 -6.55
N VAL A 140 -2.61 2.21 -5.28
CA VAL A 140 -3.93 1.77 -4.90
C VAL A 140 -4.53 2.75 -3.90
N LEU A 141 -5.65 3.35 -4.27
CA LEU A 141 -6.34 4.29 -3.39
C LEU A 141 -7.13 3.53 -2.34
N LEU A 142 -6.95 3.92 -1.09
CA LEU A 142 -7.72 3.33 0.01
C LEU A 142 -8.54 4.40 0.71
N GLU A 143 -9.83 4.16 0.79
CA GLU A 143 -10.72 5.01 1.56
C GLU A 143 -11.36 4.19 2.67
N PRO A 144 -11.15 4.58 3.94
CA PRO A 144 -11.70 3.85 5.09
C PRO A 144 -13.21 3.79 5.08
N GLY A 145 -13.84 4.72 4.36
CA GLY A 145 -15.27 4.73 4.26
C GLY A 145 -15.88 5.99 4.81
N GLU A 146 -16.41 5.92 6.02
CA GLU A 146 -17.07 7.05 6.65
C GLU A 146 -17.12 6.89 8.17
N ALA A 147 -17.31 5.65 8.61
CA ALA A 147 -17.47 5.36 10.03
C ALA A 147 -16.18 5.57 10.82
N PHE A 148 -15.09 5.81 10.11
CA PHE A 148 -13.81 6.12 10.75
C PHE A 148 -13.86 7.54 11.33
N GLN A 149 -14.76 8.35 10.78
CA GLN A 149 -14.99 9.74 11.20
C GLN A 149 -13.83 10.65 10.83
N LYS A 150 -12.66 10.40 11.41
CA LYS A 150 -11.50 11.26 11.20
C LYS A 150 -10.23 10.44 11.02
N GLY A 151 -9.16 11.11 10.61
CA GLY A 151 -7.88 10.45 10.44
C GLY A 151 -6.75 11.29 10.99
N LEU B 1 -10.16 12.23 -1.98
CA LEU B 1 -9.10 11.36 -2.54
C LEU B 1 -9.54 10.77 -3.87
N ASN B 2 -9.43 11.57 -4.92
CA ASN B 2 -9.76 11.12 -6.27
C ASN B 2 -8.59 11.39 -7.18
N ILE B 3 -8.28 10.45 -8.05
CA ILE B 3 -7.11 10.55 -8.89
C ILE B 3 -7.45 10.20 -10.34
N GLY B 4 -7.16 11.12 -11.25
CA GLY B 4 -7.50 10.93 -12.65
C GLY B 4 -6.46 10.12 -13.39
N ARG B 5 -6.49 8.82 -13.14
CA ARG B 5 -5.49 7.89 -13.67
C ARG B 5 -6.16 6.58 -14.06
N GLU B 6 -5.46 5.78 -14.86
CA GLU B 6 -6.01 4.53 -15.37
C GLU B 6 -6.45 3.63 -14.21
N LEU B 7 -7.54 2.89 -14.46
CA LEU B 7 -8.35 2.29 -13.42
C LEU B 7 -8.29 0.78 -13.34
N THR B 8 -9.29 0.15 -13.97
CA THR B 8 -9.73 -1.21 -13.68
C THR B 8 -8.65 -2.31 -13.82
N ASP B 9 -9.12 -3.56 -13.63
CA ASP B 9 -8.30 -4.75 -13.44
C ASP B 9 -7.17 -4.91 -14.44
N GLU B 10 -7.41 -4.48 -15.68
CA GLU B 10 -6.41 -4.58 -16.73
C GLU B 10 -5.09 -3.95 -16.29
N GLU B 11 -5.20 -2.85 -15.55
CA GLU B 11 -4.04 -2.14 -15.03
C GLU B 11 -3.44 -2.86 -13.83
N LEU B 12 -4.30 -3.28 -12.90
CA LEU B 12 -3.86 -3.91 -11.65
C LEU B 12 -3.18 -5.25 -11.88
N MET B 13 -3.56 -5.94 -12.95
CA MET B 13 -3.01 -7.26 -13.23
C MET B 13 -1.54 -7.20 -13.63
N GLU B 14 -1.09 -6.05 -14.09
CA GLU B 14 0.33 -5.86 -14.37
C GLU B 14 1.07 -5.59 -13.07
N MET B 15 0.42 -4.87 -12.18
CA MET B 15 1.02 -4.49 -10.91
C MET B 15 1.09 -5.68 -9.97
N THR B 16 2.26 -5.91 -9.41
CA THR B 16 2.49 -7.04 -8.53
C THR B 16 3.51 -6.66 -7.47
N GLY B 17 3.36 -7.24 -6.29
CA GLY B 17 4.24 -6.88 -5.19
C GLY B 17 5.04 -8.05 -4.69
N GLY B 18 4.84 -9.19 -5.31
CA GLY B 18 5.58 -10.38 -4.95
C GLY B 18 5.95 -11.19 -6.17
N SER B 19 6.12 -10.49 -7.28
CA SER B 19 6.41 -11.14 -8.55
C SER B 19 7.46 -10.35 -9.31
N THR B 20 7.92 -10.91 -10.43
CA THR B 20 8.83 -10.20 -11.29
C THR B 20 8.40 -10.39 -12.74
N PHE B 21 8.03 -9.28 -13.39
CA PHE B 21 7.56 -9.34 -14.76
C PHE B 21 8.45 -8.50 -15.67
N SER B 22 9.11 -9.16 -16.60
CA SER B 22 9.86 -8.49 -17.63
C SER B 22 9.33 -8.94 -18.99
N ILE B 23 8.09 -9.39 -18.97
CA ILE B 23 7.40 -9.88 -20.15
C ILE B 23 6.17 -9.03 -20.44
N GLN B 24 5.39 -9.46 -21.41
CA GLN B 24 4.18 -8.74 -21.78
C GLN B 24 2.99 -9.69 -21.79
#